data_1XSF
#
_entry.id   1XSF
#
_entity_poly.entity_id   1
_entity_poly.type   'polypeptide(L)'
_entity_poly.pdbx_seq_one_letter_code
;NVVVTPAHEAVVRVGTKPGTEVPPVIDGSIWDAIAGCEAGGNWAINTGNGYYGGVQFDQGTWEANGGLRYAPRADLATRE
EQIAVAEVTRLRQGWGAWPVCAARAGAR
;
_entity_poly.pdbx_strand_id   A
#
# COMPACT_ATOMS: atom_id res chain seq x y z
N ASN A 1 12.40 -27.67 18.62
CA ASN A 1 13.26 -26.47 18.51
C ASN A 1 12.47 -25.22 18.89
N VAL A 2 12.98 -24.50 19.88
CA VAL A 2 12.36 -23.26 20.33
C VAL A 2 12.52 -22.16 19.28
N VAL A 3 13.43 -22.39 18.33
CA VAL A 3 13.64 -21.50 17.22
C VAL A 3 12.37 -21.39 16.37
N VAL A 4 11.71 -20.25 16.46
CA VAL A 4 10.46 -20.04 15.75
C VAL A 4 10.70 -19.83 14.26
N THR A 5 9.81 -20.42 13.48
CA THR A 5 9.91 -20.38 12.04
C THR A 5 8.82 -19.51 11.44
N PRO A 6 9.20 -18.40 10.79
CA PRO A 6 8.27 -17.49 10.14
C PRO A 6 8.02 -17.90 8.71
N ALA A 7 7.03 -17.27 8.13
CA ALA A 7 6.66 -17.51 6.74
C ALA A 7 7.62 -16.82 5.80
N HIS A 8 8.66 -17.54 5.47
CA HIS A 8 9.61 -17.11 4.47
C HIS A 8 9.05 -17.48 3.11
N GLU A 9 8.00 -18.31 3.12
CA GLU A 9 7.40 -18.76 1.88
C GLU A 9 6.49 -17.68 1.29
N ALA A 10 6.57 -17.54 -0.02
CA ALA A 10 5.76 -16.57 -0.73
C ALA A 10 5.43 -17.10 -2.11
N VAL A 11 4.48 -18.01 -2.14
CA VAL A 11 4.06 -18.63 -3.37
C VAL A 11 3.38 -17.62 -4.28
N VAL A 12 2.16 -17.21 -3.90
CA VAL A 12 1.35 -16.24 -4.62
C VAL A 12 1.68 -16.18 -6.10
N ARG A 13 1.16 -17.17 -6.79
CA ARG A 13 1.48 -17.36 -8.19
C ARG A 13 0.71 -16.42 -9.07
N VAL A 14 1.44 -15.49 -9.61
CA VAL A 14 0.93 -14.59 -10.62
C VAL A 14 1.32 -15.15 -11.96
N GLY A 15 0.55 -14.79 -12.95
CA GLY A 15 0.72 -15.36 -14.26
C GLY A 15 1.41 -14.40 -15.18
N THR A 16 0.76 -13.30 -15.43
CA THR A 16 1.28 -12.28 -16.26
C THR A 16 0.80 -10.91 -15.79
N LYS A 17 -0.48 -10.84 -15.52
CA LYS A 17 -1.12 -9.63 -15.06
C LYS A 17 -0.61 -9.29 -13.67
N PRO A 18 0.20 -8.24 -13.57
CA PRO A 18 0.78 -7.80 -12.30
C PRO A 18 -0.26 -7.19 -11.41
N GLY A 19 -0.59 -7.96 -10.42
CA GLY A 19 -1.67 -7.62 -9.53
C GLY A 19 -2.99 -8.02 -10.12
N THR A 20 -3.10 -9.31 -10.44
CA THR A 20 -4.32 -9.87 -11.00
C THR A 20 -5.51 -9.58 -10.08
N GLU A 21 -5.36 -9.95 -8.82
CA GLU A 21 -6.35 -9.64 -7.81
C GLU A 21 -5.68 -9.38 -6.47
N VAL A 22 -5.72 -8.14 -6.04
CA VAL A 22 -5.22 -7.76 -4.73
C VAL A 22 -6.40 -7.40 -3.84
N PRO A 23 -6.66 -8.20 -2.79
CA PRO A 23 -7.75 -7.96 -1.85
C PRO A 23 -7.67 -6.57 -1.23
N PRO A 24 -8.78 -5.81 -1.29
CA PRO A 24 -8.87 -4.50 -0.67
C PRO A 24 -8.57 -4.56 0.82
N VAL A 25 -7.87 -3.55 1.27
CA VAL A 25 -7.46 -3.47 2.66
C VAL A 25 -8.11 -2.25 3.33
N ILE A 26 -8.78 -2.49 4.44
CA ILE A 26 -9.56 -1.46 5.12
C ILE A 26 -8.65 -0.41 5.75
N ASP A 27 -7.41 -0.79 6.00
CA ASP A 27 -6.46 0.08 6.63
C ASP A 27 -5.69 0.83 5.57
N GLY A 28 -6.13 0.63 4.33
CA GLY A 28 -5.59 1.37 3.22
C GLY A 28 -5.88 2.84 3.36
N SER A 29 -6.75 3.15 4.32
CA SER A 29 -7.06 4.53 4.65
C SER A 29 -5.92 5.14 5.44
N ILE A 30 -5.34 4.34 6.32
CA ILE A 30 -4.17 4.73 7.09
C ILE A 30 -3.01 4.86 6.13
N TRP A 31 -3.01 3.96 5.16
CA TRP A 31 -1.95 3.91 4.17
C TRP A 31 -2.07 5.10 3.22
N ASP A 32 -3.29 5.50 2.92
CA ASP A 32 -3.53 6.63 2.05
C ASP A 32 -3.30 7.94 2.78
N ALA A 33 -3.67 7.98 4.07
CA ALA A 33 -3.44 9.17 4.86
C ALA A 33 -1.95 9.37 5.12
N ILE A 34 -1.22 8.27 5.27
CA ILE A 34 0.24 8.34 5.36
C ILE A 34 0.82 8.87 4.06
N ALA A 35 0.35 8.31 2.95
CA ALA A 35 0.77 8.75 1.63
C ALA A 35 0.47 10.23 1.45
N GLY A 36 -0.69 10.64 1.95
CA GLY A 36 -1.10 12.03 1.87
C GLY A 36 -0.27 12.93 2.75
N CYS A 37 0.40 12.32 3.72
CA CYS A 37 1.22 13.05 4.67
C CYS A 37 2.66 13.19 4.20
N GLU A 38 3.26 12.06 3.84
CA GLU A 38 4.68 12.02 3.56
C GLU A 38 4.94 12.35 2.10
N ALA A 39 4.00 11.96 1.25
CA ALA A 39 4.16 12.17 -0.18
C ALA A 39 3.27 13.30 -0.67
N GLY A 40 2.36 13.74 0.18
CA GLY A 40 1.40 14.74 -0.23
C GLY A 40 0.30 14.09 -1.02
N GLY A 41 0.26 12.77 -0.92
CA GLY A 41 -0.65 11.97 -1.67
C GLY A 41 -0.19 11.79 -3.09
N ASN A 42 0.95 11.14 -3.26
CA ASN A 42 1.52 10.95 -4.58
C ASN A 42 2.23 9.62 -4.64
N TRP A 43 1.54 8.63 -5.16
CA TRP A 43 2.04 7.27 -5.19
C TRP A 43 2.94 7.07 -6.39
N ALA A 44 3.02 8.09 -7.20
CA ALA A 44 3.87 8.10 -8.37
C ALA A 44 5.06 9.03 -8.16
N ILE A 45 5.29 9.42 -6.92
CA ILE A 45 6.37 10.31 -6.60
C ILE A 45 7.69 9.55 -6.57
N ASN A 46 8.70 10.18 -7.12
CA ASN A 46 10.04 9.61 -7.13
C ASN A 46 11.03 10.71 -6.84
N THR A 47 11.10 11.07 -5.58
CA THR A 47 11.98 12.12 -5.10
C THR A 47 13.43 11.82 -5.44
N GLY A 48 13.74 10.53 -5.53
CA GLY A 48 15.07 10.11 -5.88
C GLY A 48 15.89 9.82 -4.66
N ASN A 49 15.19 9.52 -3.57
CA ASN A 49 15.85 9.27 -2.30
C ASN A 49 15.91 7.77 -2.00
N GLY A 50 15.44 6.96 -2.95
CA GLY A 50 15.47 5.53 -2.79
C GLY A 50 14.17 5.00 -2.25
N TYR A 51 13.30 5.92 -1.86
CA TYR A 51 12.02 5.58 -1.30
C TYR A 51 10.98 6.03 -2.29
N TYR A 52 10.04 5.17 -2.58
CA TYR A 52 9.19 5.38 -3.74
C TYR A 52 7.79 5.87 -3.37
N GLY A 53 7.04 6.24 -4.40
CA GLY A 53 5.77 6.91 -4.25
C GLY A 53 4.81 6.30 -3.26
N GLY A 54 3.92 7.13 -2.75
CA GLY A 54 2.87 6.67 -1.89
C GLY A 54 3.24 6.78 -0.43
N VAL A 55 3.52 5.65 0.20
CA VAL A 55 3.87 5.62 1.62
C VAL A 55 5.35 5.91 1.83
N GLN A 56 6.05 6.09 0.71
CA GLN A 56 7.41 6.64 0.69
C GLN A 56 8.42 5.82 1.49
N PHE A 57 8.47 4.51 1.27
CA PHE A 57 9.51 3.72 1.90
C PHE A 57 10.45 3.10 0.88
N ASP A 58 11.63 2.72 1.36
CA ASP A 58 12.77 2.44 0.50
C ASP A 58 12.63 1.17 -0.32
N GLN A 59 13.44 1.11 -1.37
CA GLN A 59 13.52 -0.01 -2.27
C GLN A 59 13.82 -1.30 -1.52
N GLY A 60 14.69 -1.20 -0.54
CA GLY A 60 15.14 -2.37 0.20
C GLY A 60 14.04 -2.96 1.04
N THR A 61 13.35 -2.11 1.79
CA THR A 61 12.23 -2.54 2.60
C THR A 61 11.07 -2.99 1.71
N TRP A 62 10.85 -2.27 0.63
CA TRP A 62 9.84 -2.64 -0.35
C TRP A 62 10.13 -4.04 -0.86
N GLU A 63 11.38 -4.25 -1.23
CA GLU A 63 11.83 -5.52 -1.75
C GLU A 63 11.80 -6.60 -0.66
N ALA A 64 12.07 -6.19 0.58
CA ALA A 64 12.12 -7.11 1.71
C ALA A 64 10.76 -7.74 1.97
N ASN A 65 9.71 -6.94 1.88
CA ASN A 65 8.35 -7.43 2.01
C ASN A 65 7.88 -8.03 0.69
N GLY A 66 8.70 -7.85 -0.35
CA GLY A 66 8.44 -8.44 -1.64
C GLY A 66 7.47 -7.63 -2.47
N GLY A 67 7.71 -6.33 -2.56
CA GLY A 67 6.80 -5.45 -3.27
C GLY A 67 7.00 -5.52 -4.75
N LEU A 68 8.13 -6.07 -5.14
CA LEU A 68 8.58 -6.09 -6.52
C LEU A 68 7.61 -6.87 -7.41
N ARG A 69 6.92 -7.83 -6.83
CA ARG A 69 5.94 -8.63 -7.55
C ARG A 69 4.76 -7.77 -7.93
N TYR A 70 4.51 -6.75 -7.12
CA TYR A 70 3.47 -5.80 -7.37
C TYR A 70 3.99 -4.80 -8.36
N ALA A 71 5.28 -4.55 -8.20
CA ALA A 71 6.06 -3.62 -9.00
C ALA A 71 7.35 -3.38 -8.26
N PRO A 72 8.49 -3.59 -8.93
CA PRO A 72 9.82 -3.42 -8.33
C PRO A 72 10.04 -2.05 -7.68
N ARG A 73 9.09 -1.17 -7.85
CA ARG A 73 9.14 0.14 -7.22
C ARG A 73 7.71 0.59 -6.90
N ALA A 74 7.54 1.21 -5.76
CA ALA A 74 6.23 1.66 -5.28
C ALA A 74 5.58 2.65 -6.21
N ASP A 75 6.35 3.41 -6.96
CA ASP A 75 5.78 4.42 -7.85
C ASP A 75 5.25 3.78 -9.12
N LEU A 76 5.52 2.49 -9.28
CA LEU A 76 4.99 1.75 -10.40
C LEU A 76 3.74 0.99 -9.95
N ALA A 77 3.74 0.59 -8.69
CA ALA A 77 2.60 -0.03 -8.06
C ALA A 77 1.59 1.03 -7.65
N THR A 78 0.38 0.61 -7.36
CA THR A 78 -0.67 1.54 -7.00
C THR A 78 -0.88 1.56 -5.48
N ARG A 79 -1.91 2.28 -5.04
CA ARG A 79 -2.21 2.42 -3.62
C ARG A 79 -2.25 1.07 -2.93
N GLU A 80 -3.04 0.19 -3.49
CA GLU A 80 -3.30 -1.11 -2.88
C GLU A 80 -2.05 -1.98 -2.84
N GLU A 81 -1.13 -1.77 -3.78
CA GLU A 81 0.14 -2.47 -3.74
C GLU A 81 1.04 -1.94 -2.64
N GLN A 82 1.16 -0.62 -2.53
CA GLN A 82 1.92 -0.03 -1.43
C GLN A 82 1.33 -0.47 -0.13
N ILE A 83 0.01 -0.61 -0.14
CA ILE A 83 -0.71 -1.16 0.99
C ILE A 83 -0.24 -2.58 1.27
N ALA A 84 -0.17 -3.42 0.24
CA ALA A 84 0.18 -4.84 0.44
C ALA A 84 1.59 -5.01 0.99
N VAL A 85 2.53 -4.29 0.42
CA VAL A 85 3.92 -4.36 0.83
C VAL A 85 4.09 -3.82 2.25
N ALA A 86 3.51 -2.65 2.47
CA ALA A 86 3.49 -2.05 3.80
C ALA A 86 2.74 -2.95 4.78
N GLU A 87 1.81 -3.72 4.25
CA GLU A 87 1.01 -4.65 5.07
C GLU A 87 1.90 -5.63 5.78
N VAL A 88 2.90 -6.18 5.07
CA VAL A 88 3.85 -7.07 5.71
C VAL A 88 4.66 -6.30 6.74
N THR A 89 5.07 -5.10 6.37
CA THR A 89 5.95 -4.30 7.21
C THR A 89 5.24 -3.86 8.50
N ARG A 90 4.02 -3.37 8.34
CA ARG A 90 3.22 -2.90 9.48
C ARG A 90 2.89 -4.07 10.38
N LEU A 91 2.76 -5.21 9.74
CA LEU A 91 2.34 -6.42 10.43
C LEU A 91 3.34 -6.83 11.50
N ARG A 92 4.60 -6.50 11.27
CA ARG A 92 5.68 -6.90 12.15
C ARG A 92 5.90 -5.84 13.22
N GLN A 93 5.92 -4.60 12.77
CA GLN A 93 6.34 -3.49 13.63
C GLN A 93 5.17 -2.65 14.12
N GLY A 94 4.09 -2.63 13.36
CA GLY A 94 2.96 -1.78 13.68
C GLY A 94 2.93 -0.62 12.72
N TRP A 95 3.27 0.54 13.21
CA TRP A 95 3.43 1.71 12.39
C TRP A 95 4.66 2.42 12.90
N GLY A 96 5.50 1.66 13.60
CA GLY A 96 6.74 2.19 14.14
C GLY A 96 7.63 2.84 13.09
N ALA A 97 7.63 2.28 11.89
CA ALA A 97 8.40 2.84 10.79
C ALA A 97 7.68 4.02 10.17
N TRP A 98 6.40 4.16 10.50
CA TRP A 98 5.61 5.27 9.99
C TRP A 98 5.39 6.28 11.11
N PRO A 99 6.06 7.44 11.00
CA PRO A 99 6.07 8.48 12.04
C PRO A 99 4.71 9.14 12.29
N VAL A 100 4.74 10.46 12.49
CA VAL A 100 3.55 11.25 12.77
C VAL A 100 2.49 11.05 11.68
N CYS A 101 2.94 10.70 10.48
CA CYS A 101 2.04 10.42 9.37
C CYS A 101 1.10 9.26 9.70
N ALA A 102 1.62 8.23 10.38
CA ALA A 102 0.80 7.10 10.78
C ALA A 102 -0.18 7.51 11.87
N ALA A 103 0.30 8.31 12.81
CA ALA A 103 -0.56 8.80 13.89
C ALA A 103 -1.72 9.59 13.31
N ARG A 104 -1.40 10.45 12.36
CA ARG A 104 -2.41 11.24 11.66
C ARG A 104 -3.38 10.35 10.89
N ALA A 105 -2.84 9.27 10.33
CA ALA A 105 -3.61 8.36 9.50
C ALA A 105 -4.47 7.41 10.34
N GLY A 106 -4.07 7.22 11.60
CA GLY A 106 -4.79 6.31 12.47
C GLY A 106 -3.94 5.10 12.87
N ALA A 107 -2.84 5.37 13.55
CA ALA A 107 -1.92 4.32 14.00
C ALA A 107 -2.61 3.36 14.95
N ARG A 108 -2.30 2.08 14.80
CA ARG A 108 -2.99 1.03 15.51
C ARG A 108 -2.22 -0.29 15.40
N ASN A 1 -16.24 -43.80 -6.68
CA ASN A 1 -15.36 -43.83 -7.88
C ASN A 1 -15.14 -45.27 -8.33
N VAL A 2 -15.48 -45.54 -9.59
CA VAL A 2 -15.39 -46.88 -10.14
C VAL A 2 -13.96 -47.24 -10.50
N VAL A 3 -13.17 -46.22 -10.82
CA VAL A 3 -11.76 -46.41 -11.09
C VAL A 3 -11.02 -46.69 -9.78
N VAL A 4 -10.15 -47.69 -9.79
CA VAL A 4 -9.39 -48.02 -8.61
C VAL A 4 -8.18 -47.09 -8.51
N THR A 5 -7.91 -46.63 -7.32
CA THR A 5 -6.85 -45.68 -7.08
C THR A 5 -5.57 -46.37 -6.63
N PRO A 6 -4.54 -46.38 -7.50
CA PRO A 6 -3.26 -46.99 -7.21
C PRO A 6 -2.37 -46.07 -6.38
N ALA A 7 -1.26 -46.64 -5.95
CA ALA A 7 -0.30 -45.92 -5.13
C ALA A 7 1.08 -45.98 -5.77
N HIS A 8 2.11 -45.64 -4.99
CA HIS A 8 3.48 -45.48 -5.47
C HIS A 8 3.61 -44.15 -6.22
N GLU A 9 2.47 -43.52 -6.47
CA GLU A 9 2.45 -42.22 -7.12
C GLU A 9 2.50 -41.11 -6.08
N ALA A 10 3.29 -40.09 -6.37
CA ALA A 10 3.42 -38.95 -5.48
C ALA A 10 3.57 -37.67 -6.29
N VAL A 11 2.47 -37.25 -6.88
CA VAL A 11 2.45 -36.05 -7.69
C VAL A 11 2.73 -34.83 -6.81
N VAL A 12 1.97 -34.73 -5.70
CA VAL A 12 2.07 -33.69 -4.72
C VAL A 12 2.58 -32.36 -5.30
N ARG A 13 1.65 -31.62 -5.84
CA ARG A 13 1.94 -30.35 -6.43
C ARG A 13 1.42 -29.24 -5.54
N VAL A 14 2.35 -28.46 -5.04
CA VAL A 14 2.05 -27.37 -4.15
C VAL A 14 2.34 -26.06 -4.87
N GLY A 15 1.77 -25.02 -4.35
CA GLY A 15 1.93 -23.71 -4.94
C GLY A 15 0.70 -23.30 -5.69
N THR A 16 -0.31 -22.90 -4.93
CA THR A 16 -1.56 -22.43 -5.49
C THR A 16 -1.39 -21.06 -6.10
N LYS A 17 -0.37 -20.37 -5.60
CA LYS A 17 -0.02 -19.03 -6.03
C LYS A 17 -1.21 -18.08 -5.98
N PRO A 18 -1.74 -17.80 -4.76
CA PRO A 18 -2.78 -16.81 -4.55
C PRO A 18 -2.29 -15.41 -4.78
N GLY A 19 -2.86 -14.81 -5.78
CA GLY A 19 -2.51 -13.46 -6.14
C GLY A 19 -3.11 -13.04 -7.44
N THR A 20 -4.34 -13.46 -7.66
CA THR A 20 -5.10 -13.06 -8.83
C THR A 20 -5.46 -11.58 -8.73
N GLU A 21 -5.79 -11.17 -7.52
CA GLU A 21 -6.17 -9.81 -7.20
C GLU A 21 -5.72 -9.53 -5.78
N VAL A 22 -5.41 -8.28 -5.52
CA VAL A 22 -5.08 -7.85 -4.16
C VAL A 22 -6.35 -7.54 -3.39
N PRO A 23 -6.67 -8.38 -2.39
CA PRO A 23 -7.87 -8.21 -1.56
C PRO A 23 -7.91 -6.83 -0.91
N PRO A 24 -9.11 -6.23 -0.81
CA PRO A 24 -9.30 -4.92 -0.20
C PRO A 24 -8.75 -4.88 1.21
N VAL A 25 -8.13 -3.77 1.54
CA VAL A 25 -7.44 -3.61 2.80
C VAL A 25 -8.09 -2.51 3.63
N ILE A 26 -8.34 -2.83 4.89
CA ILE A 26 -9.02 -1.92 5.81
C ILE A 26 -8.09 -0.79 6.20
N ASP A 27 -6.80 -1.07 6.14
CA ASP A 27 -5.78 -0.15 6.56
C ASP A 27 -5.34 0.70 5.40
N GLY A 28 -5.95 0.45 4.26
CA GLY A 28 -5.67 1.21 3.06
C GLY A 28 -6.02 2.66 3.27
N SER A 29 -6.77 2.90 4.32
CA SER A 29 -7.17 4.24 4.70
C SER A 29 -6.02 4.94 5.39
N ILE A 30 -5.29 4.17 6.17
CA ILE A 30 -4.12 4.64 6.90
C ILE A 30 -3.04 4.89 5.87
N TRP A 31 -2.99 3.98 4.92
CA TRP A 31 -1.97 3.98 3.90
C TRP A 31 -2.15 5.17 2.97
N ASP A 32 -3.40 5.52 2.69
CA ASP A 32 -3.71 6.66 1.86
C ASP A 32 -3.49 7.96 2.63
N ALA A 33 -3.80 7.95 3.94
CA ALA A 33 -3.61 9.13 4.75
C ALA A 33 -2.12 9.40 4.98
N ILE A 34 -1.34 8.32 5.12
CA ILE A 34 0.11 8.43 5.24
C ILE A 34 0.70 8.94 3.93
N ALA A 35 0.25 8.36 2.83
CA ALA A 35 0.66 8.78 1.50
C ALA A 35 0.35 10.24 1.30
N GLY A 36 -0.80 10.66 1.81
CA GLY A 36 -1.22 12.04 1.70
C GLY A 36 -0.50 12.94 2.70
N CYS A 37 0.35 12.32 3.50
CA CYS A 37 1.06 13.04 4.54
C CYS A 37 2.54 13.22 4.18
N GLU A 38 3.24 12.11 3.92
CA GLU A 38 4.67 12.17 3.67
C GLU A 38 4.95 12.40 2.20
N ALA A 39 4.06 11.91 1.34
CA ALA A 39 4.26 12.05 -0.08
C ALA A 39 3.48 13.24 -0.63
N GLY A 40 2.65 13.83 0.21
CA GLY A 40 1.83 14.95 -0.22
C GLY A 40 0.60 14.44 -0.91
N GLY A 41 0.49 13.12 -0.93
CA GLY A 41 -0.60 12.46 -1.58
C GLY A 41 -0.28 12.16 -3.03
N ASN A 42 0.82 11.48 -3.26
CA ASN A 42 1.26 11.15 -4.60
C ASN A 42 1.99 9.84 -4.58
N TRP A 43 1.51 8.92 -5.38
CA TRP A 43 2.03 7.58 -5.39
C TRP A 43 3.01 7.41 -6.54
N ALA A 44 3.22 8.49 -7.26
CA ALA A 44 4.18 8.52 -8.36
C ALA A 44 5.39 9.40 -8.03
N ILE A 45 5.43 9.89 -6.80
CA ILE A 45 6.50 10.76 -6.35
C ILE A 45 7.76 9.95 -6.09
N ASN A 46 8.90 10.52 -6.41
CA ASN A 46 10.17 9.84 -6.19
C ASN A 46 11.29 10.86 -6.07
N THR A 47 11.63 11.19 -4.84
CA THR A 47 12.64 12.20 -4.58
C THR A 47 14.04 11.66 -4.80
N GLY A 48 14.15 10.33 -4.74
CA GLY A 48 15.43 9.68 -4.91
C GLY A 48 16.06 9.34 -3.58
N ASN A 49 15.23 9.26 -2.55
CA ASN A 49 15.71 8.99 -1.19
C ASN A 49 15.74 7.49 -0.91
N GLY A 50 15.56 6.70 -1.96
CA GLY A 50 15.52 5.26 -1.83
C GLY A 50 14.14 4.77 -1.46
N TYR A 51 13.31 5.71 -1.04
CA TYR A 51 11.92 5.47 -0.78
C TYR A 51 11.12 5.92 -1.99
N TYR A 52 10.09 5.18 -2.32
CA TYR A 52 9.34 5.44 -3.52
C TYR A 52 7.95 6.00 -3.20
N GLY A 53 7.26 6.45 -4.23
CA GLY A 53 6.04 7.22 -4.07
C GLY A 53 4.94 6.50 -3.31
N GLY A 54 3.88 7.25 -3.03
CA GLY A 54 2.76 6.69 -2.30
C GLY A 54 2.96 6.80 -0.82
N VAL A 55 3.13 5.66 -0.17
CA VAL A 55 3.34 5.64 1.27
C VAL A 55 4.81 5.88 1.60
N GLN A 56 5.56 6.20 0.54
CA GLN A 56 6.90 6.78 0.65
C GLN A 56 7.83 5.96 1.53
N PHE A 57 7.95 4.67 1.26
CA PHE A 57 8.91 3.87 1.98
C PHE A 57 9.93 3.23 1.05
N ASP A 58 10.96 2.70 1.67
CA ASP A 58 12.19 2.31 0.98
C ASP A 58 12.01 1.09 0.11
N GLN A 59 12.69 1.16 -1.03
CA GLN A 59 12.72 0.10 -2.02
C GLN A 59 13.21 -1.21 -1.42
N GLY A 60 14.18 -1.11 -0.53
CA GLY A 60 14.70 -2.27 0.14
C GLY A 60 13.65 -2.95 1.00
N THR A 61 12.97 -2.15 1.82
CA THR A 61 11.86 -2.63 2.64
C THR A 61 10.74 -3.15 1.75
N TRP A 62 10.47 -2.43 0.68
CA TRP A 62 9.51 -2.81 -0.33
C TRP A 62 9.86 -4.19 -0.88
N GLU A 63 11.11 -4.34 -1.26
CA GLU A 63 11.60 -5.57 -1.83
C GLU A 63 11.59 -6.69 -0.79
N ALA A 64 11.95 -6.35 0.43
CA ALA A 64 12.06 -7.31 1.51
C ALA A 64 10.71 -7.94 1.80
N ASN A 65 9.65 -7.14 1.75
CA ASN A 65 8.31 -7.65 1.94
C ASN A 65 7.84 -8.39 0.69
N GLY A 66 8.48 -8.09 -0.44
CA GLY A 66 8.14 -8.76 -1.68
C GLY A 66 7.28 -7.90 -2.57
N GLY A 67 7.58 -6.62 -2.62
CA GLY A 67 6.74 -5.69 -3.33
C GLY A 67 7.00 -5.73 -4.81
N LEU A 68 8.13 -6.30 -5.18
CA LEU A 68 8.59 -6.29 -6.54
C LEU A 68 7.63 -7.04 -7.47
N ARG A 69 6.86 -7.96 -6.91
CA ARG A 69 5.85 -8.68 -7.68
C ARG A 69 4.70 -7.74 -8.04
N TYR A 70 4.43 -6.80 -7.14
CA TYR A 70 3.36 -5.84 -7.36
C TYR A 70 3.86 -4.83 -8.34
N ALA A 71 5.15 -4.61 -8.23
CA ALA A 71 5.92 -3.70 -9.05
C ALA A 71 7.22 -3.46 -8.32
N PRO A 72 8.36 -3.69 -8.98
CA PRO A 72 9.68 -3.50 -8.38
C PRO A 72 9.89 -2.10 -7.82
N ARG A 73 8.93 -1.22 -8.01
CA ARG A 73 8.98 0.11 -7.46
C ARG A 73 7.57 0.56 -7.07
N ALA A 74 7.47 1.19 -5.91
CA ALA A 74 6.19 1.64 -5.37
C ALA A 74 5.54 2.70 -6.25
N ASP A 75 6.36 3.42 -7.01
CA ASP A 75 5.84 4.49 -7.84
C ASP A 75 5.42 3.96 -9.21
N LEU A 76 5.41 2.64 -9.33
CA LEU A 76 4.79 1.97 -10.47
C LEU A 76 3.57 1.20 -10.00
N ALA A 77 3.65 0.69 -8.78
CA ALA A 77 2.55 -0.03 -8.16
C ALA A 77 1.53 0.96 -7.64
N THR A 78 0.29 0.53 -7.56
CA THR A 78 -0.79 1.41 -7.13
C THR A 78 -1.06 1.22 -5.65
N ARG A 79 -2.10 1.87 -5.16
CA ARG A 79 -2.46 1.83 -3.75
C ARG A 79 -2.54 0.41 -3.23
N GLU A 80 -3.30 -0.42 -3.93
CA GLU A 80 -3.52 -1.79 -3.51
C GLU A 80 -2.21 -2.58 -3.41
N GLU A 81 -1.32 -2.42 -4.39
CA GLU A 81 0.00 -3.03 -4.30
C GLU A 81 0.82 -2.48 -3.14
N GLN A 82 0.92 -1.15 -3.06
CA GLN A 82 1.74 -0.50 -2.04
C GLN A 82 1.25 -0.89 -0.66
N ILE A 83 -0.05 -0.88 -0.50
CA ILE A 83 -0.68 -1.20 0.76
C ILE A 83 -0.30 -2.60 1.19
N ALA A 84 -0.29 -3.53 0.24
CA ALA A 84 0.02 -4.93 0.54
C ALA A 84 1.46 -5.09 1.02
N VAL A 85 2.36 -4.39 0.36
CA VAL A 85 3.77 -4.41 0.73
C VAL A 85 3.97 -3.78 2.11
N ALA A 86 3.40 -2.60 2.30
CA ALA A 86 3.40 -1.93 3.59
C ALA A 86 2.74 -2.81 4.64
N GLU A 87 1.79 -3.62 4.20
CA GLU A 87 1.05 -4.50 5.10
C GLU A 87 2.00 -5.44 5.82
N VAL A 88 2.94 -6.01 5.08
CA VAL A 88 3.88 -6.94 5.67
C VAL A 88 4.76 -6.23 6.69
N THR A 89 5.33 -5.11 6.30
CA THR A 89 6.27 -4.42 7.16
C THR A 89 5.56 -3.71 8.32
N ARG A 90 4.35 -3.17 8.08
CA ARG A 90 3.62 -2.45 9.13
C ARG A 90 3.32 -3.37 10.30
N LEU A 91 2.94 -4.60 9.99
CA LEU A 91 2.46 -5.54 10.99
C LEU A 91 3.59 -5.99 11.92
N ARG A 92 4.82 -5.91 11.42
CA ARG A 92 5.97 -6.33 12.19
C ARG A 92 6.36 -5.23 13.16
N GLN A 93 6.45 -4.03 12.61
CA GLN A 93 7.07 -2.93 13.31
C GLN A 93 6.05 -2.06 14.04
N GLY A 94 4.83 -2.00 13.54
CA GLY A 94 3.75 -1.37 14.28
C GLY A 94 3.60 0.08 13.92
N TRP A 95 3.74 0.37 12.62
CA TRP A 95 3.65 1.72 12.08
C TRP A 95 4.78 2.57 12.66
N GLY A 96 5.79 1.89 13.21
CA GLY A 96 6.94 2.57 13.75
C GLY A 96 7.81 3.19 12.69
N ALA A 97 7.82 2.58 11.50
CA ALA A 97 8.58 3.13 10.38
C ALA A 97 7.93 4.40 9.88
N TRP A 98 6.62 4.48 10.03
CA TRP A 98 5.88 5.67 9.65
C TRP A 98 5.64 6.52 10.89
N PRO A 99 6.38 7.62 11.05
CA PRO A 99 6.36 8.42 12.27
C PRO A 99 5.07 9.23 12.48
N VAL A 100 5.07 10.49 12.05
CA VAL A 100 3.95 11.38 12.31
C VAL A 100 2.75 10.97 11.49
N CYS A 101 3.03 10.42 10.33
CA CYS A 101 2.00 10.19 9.32
C CYS A 101 1.17 8.97 9.63
N ALA A 102 1.73 8.01 10.36
CA ALA A 102 0.97 6.84 10.76
C ALA A 102 -0.07 7.22 11.79
N ALA A 103 0.34 8.00 12.78
CA ALA A 103 -0.55 8.43 13.85
C ALA A 103 -1.65 9.33 13.30
N ARG A 104 -1.29 10.14 12.32
CA ARG A 104 -2.21 11.06 11.69
C ARG A 104 -3.19 10.30 10.78
N ALA A 105 -2.77 9.10 10.37
CA ALA A 105 -3.57 8.27 9.47
C ALA A 105 -4.40 7.25 10.24
N GLY A 106 -3.97 6.94 11.45
CA GLY A 106 -4.63 5.93 12.26
C GLY A 106 -3.72 4.76 12.59
N ALA A 107 -2.66 5.05 13.34
CA ALA A 107 -1.70 4.02 13.75
C ALA A 107 -2.36 3.00 14.66
N ARG A 108 -1.93 1.75 14.54
CA ARG A 108 -2.58 0.65 15.23
C ARG A 108 -1.55 -0.26 15.88
N ASN A 1 12.92 21.00 18.16
CA ASN A 1 13.07 22.40 17.69
C ASN A 1 12.06 23.30 18.37
N VAL A 2 12.55 24.40 18.94
CA VAL A 2 11.69 25.38 19.58
C VAL A 2 10.99 26.22 18.51
N VAL A 3 11.75 26.61 17.51
CA VAL A 3 11.21 27.29 16.36
C VAL A 3 10.54 26.28 15.44
N VAL A 4 9.22 26.14 15.60
CA VAL A 4 8.47 25.17 14.81
C VAL A 4 8.28 25.68 13.40
N THR A 5 8.31 24.78 12.45
CA THR A 5 8.18 25.13 11.05
C THR A 5 6.79 24.82 10.53
N PRO A 6 5.97 25.85 10.28
CA PRO A 6 4.64 25.71 9.73
C PRO A 6 4.68 25.66 8.21
N ALA A 7 3.55 25.34 7.64
CA ALA A 7 3.43 25.24 6.20
C ALA A 7 3.18 26.60 5.59
N HIS A 8 4.27 27.31 5.39
CA HIS A 8 4.25 28.53 4.62
C HIS A 8 4.15 28.15 3.16
N GLU A 9 4.48 26.90 2.89
CA GLU A 9 4.36 26.34 1.56
C GLU A 9 3.31 25.24 1.58
N ALA A 10 2.41 25.27 0.62
CA ALA A 10 1.35 24.28 0.53
C ALA A 10 0.98 24.02 -0.92
N VAL A 11 1.87 23.33 -1.60
CA VAL A 11 1.67 23.01 -3.01
C VAL A 11 0.64 21.90 -3.16
N VAL A 12 0.91 20.77 -2.49
CA VAL A 12 0.05 19.60 -2.44
C VAL A 12 -0.93 19.51 -3.59
N ARG A 13 -0.45 18.98 -4.68
CA ARG A 13 -1.24 18.83 -5.87
C ARG A 13 -2.30 17.77 -5.67
N VAL A 14 -3.52 18.23 -5.66
CA VAL A 14 -4.67 17.37 -5.51
C VAL A 14 -4.90 16.58 -6.78
N GLY A 15 -5.68 15.56 -6.61
CA GLY A 15 -5.97 14.63 -7.68
C GLY A 15 -7.19 15.07 -8.44
N THR A 16 -8.35 14.83 -7.83
CA THR A 16 -9.62 15.22 -8.35
C THR A 16 -10.03 14.53 -9.67
N LYS A 17 -9.06 14.03 -10.42
CA LYS A 17 -9.33 13.33 -11.67
C LYS A 17 -8.94 11.84 -11.60
N PRO A 18 -9.75 11.01 -10.92
CA PRO A 18 -9.53 9.57 -10.81
C PRO A 18 -9.69 8.86 -12.14
N GLY A 19 -8.60 8.33 -12.58
CA GLY A 19 -8.55 7.62 -13.83
C GLY A 19 -8.29 6.14 -13.61
N THR A 20 -7.23 5.85 -12.87
CA THR A 20 -6.86 4.49 -12.54
C THR A 20 -7.87 3.89 -11.57
N GLU A 21 -8.27 4.68 -10.57
CA GLU A 21 -9.16 4.24 -9.51
C GLU A 21 -8.74 2.89 -8.92
N VAL A 22 -7.88 2.97 -7.93
CA VAL A 22 -7.35 1.77 -7.27
C VAL A 22 -8.23 1.43 -6.07
N PRO A 23 -8.76 0.20 -6.02
CA PRO A 23 -9.64 -0.23 -4.94
C PRO A 23 -8.99 -0.11 -3.55
N PRO A 24 -9.67 0.56 -2.63
CA PRO A 24 -9.22 0.72 -1.27
C PRO A 24 -9.23 -0.58 -0.48
N VAL A 25 -8.24 -0.71 0.36
CA VAL A 25 -8.14 -1.81 1.30
C VAL A 25 -8.55 -1.30 2.68
N ILE A 26 -8.95 -2.17 3.57
CA ILE A 26 -9.49 -1.75 4.86
C ILE A 26 -8.54 -0.83 5.61
N ASP A 27 -7.26 -1.13 5.52
CA ASP A 27 -6.25 -0.33 6.20
C ASP A 27 -5.55 0.55 5.20
N GLY A 28 -6.03 0.48 3.98
CA GLY A 28 -5.51 1.32 2.92
C GLY A 28 -5.91 2.75 3.14
N SER A 29 -6.74 2.94 4.15
CA SER A 29 -7.15 4.27 4.57
C SER A 29 -6.03 4.90 5.37
N ILE A 30 -5.40 4.07 6.19
CA ILE A 30 -4.25 4.47 6.99
C ILE A 30 -3.10 4.72 6.05
N TRP A 31 -3.03 3.86 5.05
CA TRP A 31 -1.97 3.89 4.06
C TRP A 31 -2.13 5.09 3.14
N ASP A 32 -3.37 5.43 2.83
CA ASP A 32 -3.66 6.58 2.00
C ASP A 32 -3.43 7.87 2.78
N ALA A 33 -3.73 7.84 4.07
CA ALA A 33 -3.51 9.00 4.90
C ALA A 33 -2.02 9.23 5.10
N ILE A 34 -1.26 8.15 5.16
CA ILE A 34 0.20 8.24 5.23
C ILE A 34 0.75 8.78 3.92
N ALA A 35 0.27 8.22 2.81
CA ALA A 35 0.68 8.68 1.49
C ALA A 35 0.34 10.15 1.31
N GLY A 36 -0.82 10.53 1.83
CA GLY A 36 -1.25 11.92 1.73
C GLY A 36 -0.52 12.81 2.70
N CYS A 37 0.24 12.20 3.59
CA CYS A 37 0.99 12.91 4.61
C CYS A 37 2.43 13.14 4.19
N GLU A 38 3.15 12.06 3.91
CA GLU A 38 4.58 12.13 3.68
C GLU A 38 4.85 12.41 2.22
N ALA A 39 3.99 11.89 1.35
CA ALA A 39 4.15 12.07 -0.07
C ALA A 39 3.33 13.24 -0.58
N GLY A 40 2.43 13.73 0.26
CA GLY A 40 1.55 14.80 -0.14
C GLY A 40 0.39 14.26 -0.91
N GLY A 41 0.38 12.94 -1.05
CA GLY A 41 -0.61 12.25 -1.82
C GLY A 41 -0.15 12.02 -3.24
N ASN A 42 1.00 11.38 -3.38
CA ASN A 42 1.58 11.13 -4.68
C ASN A 42 2.24 9.77 -4.68
N TRP A 43 1.50 8.77 -5.12
CA TRP A 43 1.97 7.39 -5.08
C TRP A 43 2.97 7.14 -6.19
N ALA A 44 3.07 8.10 -7.08
CA ALA A 44 3.98 8.00 -8.22
C ALA A 44 5.18 8.94 -8.07
N ILE A 45 5.42 9.43 -6.86
CA ILE A 45 6.47 10.39 -6.62
C ILE A 45 7.83 9.70 -6.43
N ASN A 46 8.87 10.31 -6.96
CA ASN A 46 10.23 9.82 -6.80
C ASN A 46 11.11 10.97 -6.40
N THR A 47 11.20 11.20 -5.12
CA THR A 47 12.03 12.27 -4.61
C THR A 47 13.51 11.95 -4.82
N GLY A 48 13.82 10.68 -4.92
CA GLY A 48 15.17 10.24 -5.20
C GLY A 48 15.90 9.92 -3.93
N ASN A 49 15.14 9.70 -2.87
CA ASN A 49 15.73 9.47 -1.56
C ASN A 49 15.91 7.98 -1.27
N GLY A 50 15.73 7.17 -2.31
CA GLY A 50 15.83 5.74 -2.17
C GLY A 50 14.48 5.14 -1.84
N TYR A 51 13.54 6.02 -1.50
CA TYR A 51 12.19 5.60 -1.17
C TYR A 51 11.29 6.06 -2.30
N TYR A 52 10.20 5.35 -2.52
CA TYR A 52 9.38 5.59 -3.69
C TYR A 52 8.00 6.08 -3.30
N GLY A 53 7.25 6.51 -4.30
CA GLY A 53 6.00 7.22 -4.07
C GLY A 53 4.99 6.46 -3.23
N GLY A 54 3.98 7.18 -2.78
CA GLY A 54 2.91 6.58 -2.02
C GLY A 54 3.21 6.55 -0.54
N VAL A 55 3.57 5.38 -0.03
CA VAL A 55 3.85 5.21 1.38
C VAL A 55 5.28 5.64 1.70
N GLN A 56 5.99 6.02 0.62
CA GLN A 56 7.30 6.67 0.72
C GLN A 56 8.31 5.86 1.52
N PHE A 57 8.35 4.56 1.30
CA PHE A 57 9.36 3.75 1.95
C PHE A 57 10.31 3.14 0.93
N ASP A 58 11.42 2.64 1.43
CA ASP A 58 12.57 2.34 0.60
C ASP A 58 12.39 1.07 -0.22
N GLN A 59 13.12 1.04 -1.31
CA GLN A 59 13.13 -0.07 -2.24
C GLN A 59 13.60 -1.35 -1.57
N GLY A 60 14.48 -1.20 -0.62
CA GLY A 60 15.01 -2.33 0.10
C GLY A 60 13.96 -3.03 0.92
N THR A 61 13.23 -2.25 1.70
CA THR A 61 12.11 -2.75 2.49
C THR A 61 10.98 -3.23 1.58
N TRP A 62 10.72 -2.46 0.52
CA TRP A 62 9.72 -2.84 -0.46
C TRP A 62 10.06 -4.22 -1.03
N GLU A 63 11.31 -4.36 -1.42
CA GLU A 63 11.79 -5.61 -1.97
C GLU A 63 11.83 -6.70 -0.90
N ALA A 64 12.08 -6.29 0.34
CA ALA A 64 12.16 -7.22 1.46
C ALA A 64 10.81 -7.89 1.70
N ASN A 65 9.74 -7.12 1.57
CA ASN A 65 8.38 -7.65 1.67
C ASN A 65 8.01 -8.35 0.37
N GLY A 66 8.82 -8.09 -0.67
CA GLY A 66 8.60 -8.67 -1.96
C GLY A 66 7.57 -7.90 -2.76
N GLY A 67 7.74 -6.58 -2.81
CA GLY A 67 6.76 -5.73 -3.43
C GLY A 67 6.87 -5.74 -4.94
N LEU A 68 8.00 -6.23 -5.44
CA LEU A 68 8.27 -6.22 -6.86
C LEU A 68 7.22 -6.97 -7.66
N ARG A 69 6.58 -7.94 -7.02
CA ARG A 69 5.50 -8.69 -7.65
C ARG A 69 4.32 -7.77 -7.94
N TYR A 70 4.17 -6.77 -7.10
CA TYR A 70 3.14 -5.76 -7.26
C TYR A 70 3.66 -4.77 -8.28
N ALA A 71 4.97 -4.57 -8.20
CA ALA A 71 5.73 -3.67 -9.03
C ALA A 71 7.06 -3.44 -8.34
N PRO A 72 8.17 -3.61 -9.05
CA PRO A 72 9.51 -3.48 -8.47
C PRO A 72 9.76 -2.12 -7.83
N ARG A 73 8.82 -1.22 -7.96
CA ARG A 73 8.91 0.08 -7.33
C ARG A 73 7.50 0.56 -6.95
N ALA A 74 7.42 1.16 -5.78
CA ALA A 74 6.16 1.63 -5.21
C ALA A 74 5.44 2.59 -6.14
N ASP A 75 6.19 3.35 -6.94
CA ASP A 75 5.59 4.36 -7.80
C ASP A 75 5.08 3.76 -9.09
N LEU A 76 5.34 2.48 -9.28
CA LEU A 76 4.78 1.73 -10.40
C LEU A 76 3.58 0.94 -9.90
N ALA A 77 3.65 0.57 -8.63
CA ALA A 77 2.57 -0.09 -7.95
C ALA A 77 1.52 0.92 -7.54
N THR A 78 0.32 0.43 -7.32
CA THR A 78 -0.78 1.30 -6.98
C THR A 78 -1.03 1.28 -5.47
N ARG A 79 -2.09 1.96 -5.06
CA ARG A 79 -2.46 2.01 -3.64
C ARG A 79 -2.51 0.61 -3.03
N GLU A 80 -3.26 -0.28 -3.68
CA GLU A 80 -3.50 -1.61 -3.16
C GLU A 80 -2.19 -2.38 -2.99
N GLU A 81 -1.27 -2.20 -3.94
CA GLU A 81 0.02 -2.89 -3.90
C GLU A 81 0.86 -2.36 -2.76
N GLN A 82 0.98 -1.04 -2.70
CA GLN A 82 1.77 -0.38 -1.68
C GLN A 82 1.23 -0.73 -0.30
N ILE A 83 -0.08 -0.87 -0.22
CA ILE A 83 -0.72 -1.27 1.01
C ILE A 83 -0.20 -2.65 1.40
N ALA A 84 -0.21 -3.58 0.45
CA ALA A 84 0.19 -4.96 0.73
C ALA A 84 1.64 -5.05 1.17
N VAL A 85 2.51 -4.33 0.49
CA VAL A 85 3.93 -4.32 0.83
C VAL A 85 4.16 -3.69 2.20
N ALA A 86 3.58 -2.51 2.41
CA ALA A 86 3.60 -1.85 3.69
C ALA A 86 2.98 -2.73 4.76
N GLU A 87 2.02 -3.55 4.34
CA GLU A 87 1.30 -4.45 5.26
C GLU A 87 2.26 -5.38 5.96
N VAL A 88 3.20 -5.96 5.21
CA VAL A 88 4.16 -6.86 5.82
C VAL A 88 4.98 -6.14 6.88
N THR A 89 5.49 -4.99 6.51
CA THR A 89 6.32 -4.21 7.40
C THR A 89 5.54 -3.70 8.61
N ARG A 90 4.33 -3.20 8.37
CA ARG A 90 3.50 -2.60 9.42
C ARG A 90 3.16 -3.60 10.52
N LEU A 91 2.98 -4.87 10.14
CA LEU A 91 2.61 -5.91 11.10
C LEU A 91 3.70 -6.09 12.13
N ARG A 92 4.92 -5.88 11.68
CA ARG A 92 6.09 -6.21 12.48
C ARG A 92 6.37 -5.11 13.48
N GLN A 93 6.41 -3.89 12.97
CA GLN A 93 6.85 -2.80 13.79
C GLN A 93 5.68 -2.02 14.44
N GLY A 94 4.51 -2.09 13.83
CA GLY A 94 3.31 -1.53 14.45
C GLY A 94 3.12 -0.08 14.09
N TRP A 95 3.38 0.24 12.83
CA TRP A 95 3.27 1.60 12.30
C TRP A 95 4.33 2.49 12.93
N GLY A 96 5.25 1.88 13.66
CA GLY A 96 6.33 2.62 14.28
C GLY A 96 7.36 3.09 13.27
N ALA A 97 7.43 2.42 12.13
CA ALA A 97 8.34 2.81 11.06
C ALA A 97 7.82 4.07 10.39
N TRP A 98 6.51 4.24 10.43
CA TRP A 98 5.89 5.43 9.89
C TRP A 98 5.54 6.38 11.06
N PRO A 99 6.33 7.45 11.22
CA PRO A 99 6.24 8.33 12.38
C PRO A 99 5.03 9.26 12.41
N VAL A 100 5.16 10.44 11.80
CA VAL A 100 4.13 11.45 11.91
C VAL A 100 2.89 11.04 11.14
N CYS A 101 3.10 10.27 10.09
CA CYS A 101 2.03 9.98 9.15
C CYS A 101 1.09 8.89 9.65
N ALA A 102 1.62 7.88 10.33
CA ALA A 102 0.79 6.79 10.81
C ALA A 102 -0.11 7.25 11.96
N ALA A 103 0.43 8.08 12.83
CA ALA A 103 -0.35 8.64 13.93
C ALA A 103 -1.50 9.48 13.38
N ARG A 104 -1.22 10.21 12.31
CA ARG A 104 -2.21 11.02 11.62
C ARG A 104 -3.16 10.15 10.78
N ALA A 105 -2.76 8.92 10.52
CA ALA A 105 -3.50 8.04 9.62
C ALA A 105 -4.44 7.09 10.38
N GLY A 106 -4.12 6.83 11.65
CA GLY A 106 -4.92 5.89 12.43
C GLY A 106 -4.21 4.57 12.64
N ALA A 107 -3.10 4.62 13.36
CA ALA A 107 -2.23 3.47 13.57
C ALA A 107 -2.87 2.47 14.52
N ARG A 108 -2.56 1.19 14.31
CA ARG A 108 -3.18 0.14 15.10
C ARG A 108 -2.33 -1.13 15.11
N ASN A 1 -1.25 9.83 -37.94
CA ASN A 1 -2.23 9.29 -38.89
C ASN A 1 -3.58 9.92 -38.62
N VAL A 2 -4.25 10.32 -39.68
CA VAL A 2 -5.50 11.07 -39.61
C VAL A 2 -6.63 10.28 -38.94
N VAL A 3 -6.66 8.97 -39.16
CA VAL A 3 -7.69 8.12 -38.58
C VAL A 3 -7.63 8.14 -37.05
N VAL A 4 -8.61 8.78 -36.43
CA VAL A 4 -8.69 8.82 -34.98
C VAL A 4 -9.48 7.61 -34.48
N THR A 5 -9.12 7.13 -33.31
CA THR A 5 -9.79 5.99 -32.74
C THR A 5 -10.94 6.42 -31.83
N PRO A 6 -12.18 6.05 -32.16
CA PRO A 6 -13.33 6.36 -31.35
C PRO A 6 -13.48 5.39 -30.19
N ALA A 7 -14.24 5.82 -29.23
CA ALA A 7 -14.41 5.06 -27.99
C ALA A 7 -15.79 5.24 -27.41
N HIS A 8 -16.69 4.40 -27.85
CA HIS A 8 -17.97 4.21 -27.18
C HIS A 8 -17.89 2.89 -26.45
N GLU A 9 -16.86 2.13 -26.80
CA GLU A 9 -16.64 0.80 -26.27
C GLU A 9 -15.90 0.85 -24.94
N ALA A 10 -16.04 -0.21 -24.18
CA ALA A 10 -15.29 -0.40 -22.96
C ALA A 10 -14.85 -1.86 -22.89
N VAL A 11 -13.94 -2.20 -23.78
CA VAL A 11 -13.47 -3.56 -23.90
C VAL A 11 -12.13 -3.73 -23.19
N VAL A 12 -11.09 -3.16 -23.82
CA VAL A 12 -9.70 -3.30 -23.40
C VAL A 12 -9.49 -4.51 -22.52
N ARG A 13 -9.48 -5.65 -23.17
CA ARG A 13 -9.42 -6.91 -22.48
C ARG A 13 -7.98 -7.34 -22.25
N VAL A 14 -7.53 -7.02 -21.08
CA VAL A 14 -6.20 -7.31 -20.63
C VAL A 14 -6.27 -8.02 -19.29
N GLY A 15 -5.20 -8.68 -18.93
CA GLY A 15 -5.15 -9.43 -17.70
C GLY A 15 -5.49 -10.86 -17.93
N THR A 16 -4.64 -11.51 -18.71
CA THR A 16 -4.86 -12.86 -19.14
C THR A 16 -4.53 -13.85 -18.03
N LYS A 17 -3.71 -13.40 -17.11
CA LYS A 17 -3.26 -14.19 -15.99
C LYS A 17 -3.39 -13.39 -14.69
N PRO A 18 -4.27 -13.84 -13.79
CA PRO A 18 -4.50 -13.18 -12.50
C PRO A 18 -3.37 -13.41 -11.51
N GLY A 19 -3.49 -12.73 -10.39
CA GLY A 19 -2.51 -12.82 -9.34
C GLY A 19 -2.16 -11.47 -8.78
N THR A 20 -2.08 -10.51 -9.70
CA THR A 20 -1.70 -9.14 -9.37
C THR A 20 -2.68 -8.49 -8.38
N GLU A 21 -3.96 -8.84 -8.49
CA GLU A 21 -5.01 -8.26 -7.66
C GLU A 21 -4.72 -8.47 -6.19
N VAL A 22 -4.61 -7.37 -5.50
CA VAL A 22 -4.36 -7.35 -4.08
C VAL A 22 -5.69 -7.40 -3.32
N PRO A 23 -5.80 -8.32 -2.34
CA PRO A 23 -7.00 -8.43 -1.50
C PRO A 23 -7.34 -7.10 -0.82
N PRO A 24 -8.64 -6.80 -0.69
CA PRO A 24 -9.12 -5.52 -0.17
C PRO A 24 -8.54 -5.19 1.20
N VAL A 25 -8.20 -3.93 1.35
CA VAL A 25 -7.59 -3.45 2.57
C VAL A 25 -8.57 -2.60 3.37
N ILE A 26 -8.71 -2.94 4.64
CA ILE A 26 -9.57 -2.18 5.55
C ILE A 26 -8.83 -0.97 6.08
N ASP A 27 -7.51 -1.07 6.11
CA ASP A 27 -6.67 -0.06 6.73
C ASP A 27 -5.93 0.72 5.67
N GLY A 28 -6.41 0.60 4.44
CA GLY A 28 -5.83 1.34 3.35
C GLY A 28 -6.13 2.81 3.48
N SER A 29 -6.98 3.11 4.44
CA SER A 29 -7.31 4.48 4.76
C SER A 29 -6.17 5.09 5.56
N ILE A 30 -5.56 4.25 6.38
CA ILE A 30 -4.41 4.64 7.18
C ILE A 30 -3.24 4.80 6.23
N TRP A 31 -3.22 3.92 5.24
CA TRP A 31 -2.15 3.86 4.27
C TRP A 31 -2.23 5.05 3.32
N ASP A 32 -3.42 5.47 2.99
CA ASP A 32 -3.63 6.60 2.11
C ASP A 32 -3.34 7.90 2.85
N ALA A 33 -3.71 7.96 4.13
CA ALA A 33 -3.45 9.14 4.93
C ALA A 33 -1.95 9.30 5.20
N ILE A 34 -1.26 8.16 5.35
CA ILE A 34 0.20 8.19 5.49
C ILE A 34 0.83 8.69 4.21
N ALA A 35 0.34 8.19 3.09
CA ALA A 35 0.80 8.64 1.78
C ALA A 35 0.54 10.13 1.61
N GLY A 36 -0.57 10.58 2.19
CA GLY A 36 -0.93 11.98 2.13
C GLY A 36 -0.15 12.82 3.11
N CYS A 37 0.79 12.20 3.80
CA CYS A 37 1.61 12.89 4.79
C CYS A 37 3.04 13.07 4.28
N GLU A 38 3.67 11.97 3.88
CA GLU A 38 5.06 12.01 3.44
C GLU A 38 5.15 12.34 1.96
N ALA A 39 4.16 11.88 1.20
CA ALA A 39 4.20 12.04 -0.23
C ALA A 39 3.24 13.12 -0.71
N GLY A 40 2.40 13.60 0.19
CA GLY A 40 1.41 14.59 -0.18
C GLY A 40 0.29 13.94 -0.96
N GLY A 41 0.25 12.62 -0.82
CA GLY A 41 -0.67 11.81 -1.56
C GLY A 41 -0.23 11.65 -3.00
N ASN A 42 0.94 11.06 -3.19
CA ASN A 42 1.50 10.89 -4.51
C ASN A 42 2.27 9.59 -4.55
N TRP A 43 1.65 8.57 -5.10
CA TRP A 43 2.17 7.21 -5.02
C TRP A 43 3.19 6.99 -6.12
N ALA A 44 3.34 7.98 -6.96
CA ALA A 44 4.29 7.94 -8.05
C ALA A 44 5.44 8.92 -7.83
N ILE A 45 5.56 9.40 -6.59
CA ILE A 45 6.58 10.37 -6.26
C ILE A 45 7.94 9.69 -6.08
N ASN A 46 8.97 10.33 -6.62
CA ASN A 46 10.33 9.81 -6.51
C ASN A 46 11.32 10.83 -7.02
N THR A 47 12.00 11.48 -6.09
CA THR A 47 13.02 12.45 -6.44
C THR A 47 14.35 11.76 -6.73
N GLY A 48 14.43 10.48 -6.40
CA GLY A 48 15.67 9.75 -6.54
C GLY A 48 16.34 9.53 -5.20
N ASN A 49 15.54 9.62 -4.14
CA ASN A 49 16.06 9.47 -2.78
C ASN A 49 16.19 8.00 -2.40
N GLY A 50 15.75 7.12 -3.29
CA GLY A 50 15.87 5.70 -3.06
C GLY A 50 14.60 5.10 -2.49
N TYR A 51 13.70 5.97 -2.06
CA TYR A 51 12.41 5.53 -1.56
C TYR A 51 11.35 6.00 -2.54
N TYR A 52 10.25 5.28 -2.61
CA TYR A 52 9.33 5.46 -3.70
C TYR A 52 7.97 5.95 -3.23
N GLY A 53 7.13 6.33 -4.18
CA GLY A 53 5.92 7.05 -3.89
C GLY A 53 4.93 6.35 -2.99
N GLY A 54 3.90 7.09 -2.62
CA GLY A 54 2.86 6.54 -1.80
C GLY A 54 3.18 6.65 -0.33
N VAL A 55 3.46 5.52 0.30
CA VAL A 55 3.81 5.51 1.71
C VAL A 55 5.29 5.79 1.90
N GLN A 56 5.94 6.04 0.77
CA GLN A 56 7.27 6.64 0.74
C GLN A 56 8.33 5.82 1.49
N PHE A 57 8.44 4.54 1.18
CA PHE A 57 9.51 3.75 1.77
C PHE A 57 10.43 3.17 0.72
N ASP A 58 11.57 2.64 1.17
CA ASP A 58 12.71 2.37 0.31
C ASP A 58 12.56 1.09 -0.51
N GLN A 59 13.43 0.97 -1.50
CA GLN A 59 13.49 -0.20 -2.36
C GLN A 59 13.80 -1.45 -1.57
N GLY A 60 14.69 -1.32 -0.61
CA GLY A 60 15.14 -2.46 0.15
C GLY A 60 14.02 -3.08 0.96
N THR A 61 13.32 -2.23 1.69
CA THR A 61 12.16 -2.65 2.46
C THR A 61 11.02 -3.09 1.55
N TRP A 62 10.81 -2.36 0.46
CA TRP A 62 9.79 -2.71 -0.52
C TRP A 62 10.06 -4.12 -1.03
N GLU A 63 11.31 -4.35 -1.39
CA GLU A 63 11.74 -5.63 -1.91
C GLU A 63 11.67 -6.71 -0.84
N ALA A 64 11.95 -6.31 0.41
CA ALA A 64 12.00 -7.25 1.52
C ALA A 64 10.62 -7.85 1.79
N ASN A 65 9.59 -7.02 1.71
CA ASN A 65 8.22 -7.49 1.89
C ASN A 65 7.69 -8.07 0.58
N GLY A 66 8.44 -7.88 -0.50
CA GLY A 66 8.11 -8.50 -1.77
C GLY A 66 7.22 -7.64 -2.65
N GLY A 67 7.61 -6.38 -2.83
CA GLY A 67 6.81 -5.46 -3.61
C GLY A 67 7.00 -5.63 -5.09
N LEU A 68 8.18 -6.09 -5.50
CA LEU A 68 8.55 -6.14 -6.90
C LEU A 68 7.57 -6.97 -7.72
N ARG A 69 6.86 -7.87 -7.05
CA ARG A 69 5.87 -8.70 -7.72
C ARG A 69 4.70 -7.84 -8.18
N TYR A 70 4.43 -6.79 -7.42
CA TYR A 70 3.39 -5.85 -7.78
C TYR A 70 3.99 -4.87 -8.75
N ALA A 71 5.24 -4.57 -8.48
CA ALA A 71 6.02 -3.59 -9.20
C ALA A 71 7.29 -3.36 -8.42
N PRO A 72 8.45 -3.48 -9.07
CA PRO A 72 9.74 -3.32 -8.41
C PRO A 72 9.93 -1.98 -7.70
N ARG A 73 8.97 -1.09 -7.88
CA ARG A 73 9.00 0.20 -7.20
C ARG A 73 7.59 0.69 -6.94
N ALA A 74 7.41 1.28 -5.76
CA ALA A 74 6.13 1.79 -5.31
C ALA A 74 5.53 2.84 -6.26
N ASP A 75 6.37 3.49 -7.06
CA ASP A 75 5.87 4.51 -7.97
C ASP A 75 5.19 3.88 -9.18
N LEU A 76 5.56 2.64 -9.46
CA LEU A 76 4.94 1.88 -10.53
C LEU A 76 3.71 1.17 -9.98
N ALA A 77 3.79 0.77 -8.72
CA ALA A 77 2.69 0.16 -8.03
C ALA A 77 1.68 1.21 -7.56
N THR A 78 0.45 0.77 -7.32
CA THR A 78 -0.62 1.66 -6.91
C THR A 78 -0.86 1.57 -5.40
N ARG A 79 -1.93 2.22 -4.93
CA ARG A 79 -2.26 2.26 -3.50
C ARG A 79 -2.25 0.85 -2.89
N GLU A 80 -2.98 -0.04 -3.51
CA GLU A 80 -3.16 -1.40 -2.99
C GLU A 80 -1.83 -2.15 -2.93
N GLU A 81 -0.94 -1.86 -3.87
CA GLU A 81 0.36 -2.48 -3.89
C GLU A 81 1.25 -1.95 -2.77
N GLN A 82 1.29 -0.63 -2.63
CA GLN A 82 2.02 -0.04 -1.50
C GLN A 82 1.43 -0.53 -0.21
N ILE A 83 0.12 -0.63 -0.19
CA ILE A 83 -0.59 -1.14 0.95
C ILE A 83 -0.16 -2.57 1.27
N ALA A 84 -0.14 -3.44 0.26
CA ALA A 84 0.20 -4.86 0.48
C ALA A 84 1.63 -5.02 1.03
N VAL A 85 2.56 -4.31 0.43
CA VAL A 85 3.95 -4.38 0.85
C VAL A 85 4.12 -3.80 2.24
N ALA A 86 3.55 -2.62 2.45
CA ALA A 86 3.50 -1.98 3.75
C ALA A 86 2.77 -2.86 4.75
N GLU A 87 1.85 -3.66 4.25
CA GLU A 87 1.04 -4.55 5.11
C GLU A 87 1.96 -5.50 5.87
N VAL A 88 2.92 -6.08 5.16
CA VAL A 88 3.88 -6.95 5.84
C VAL A 88 4.73 -6.12 6.78
N THR A 89 5.13 -4.95 6.32
CA THR A 89 6.01 -4.09 7.08
C THR A 89 5.34 -3.61 8.38
N ARG A 90 4.10 -3.19 8.27
CA ARG A 90 3.37 -2.62 9.40
C ARG A 90 3.06 -3.67 10.44
N LEU A 91 2.83 -4.90 10.01
CA LEU A 91 2.38 -5.93 10.94
C LEU A 91 3.50 -6.30 11.92
N ARG A 92 4.72 -6.05 11.48
CA ARG A 92 5.89 -6.27 12.31
C ARG A 92 6.11 -5.05 13.19
N GLN A 93 5.97 -3.91 12.55
CA GLN A 93 6.39 -2.64 13.11
C GLN A 93 5.33 -1.93 13.97
N GLY A 94 4.06 -2.19 13.67
CA GLY A 94 2.96 -1.58 14.41
C GLY A 94 2.78 -0.13 14.06
N TRP A 95 3.07 0.19 12.79
CA TRP A 95 3.00 1.57 12.28
C TRP A 95 4.08 2.41 12.93
N GLY A 96 4.93 1.78 13.73
CA GLY A 96 5.98 2.48 14.43
C GLY A 96 6.95 3.19 13.50
N ALA A 97 7.36 2.52 12.43
CA ALA A 97 8.30 3.10 11.48
C ALA A 97 7.65 4.24 10.70
N TRP A 98 6.32 4.22 10.67
CA TRP A 98 5.57 5.30 10.06
C TRP A 98 5.27 6.33 11.14
N PRO A 99 5.93 7.48 11.04
CA PRO A 99 5.90 8.52 12.08
C PRO A 99 4.52 9.13 12.34
N VAL A 100 4.49 10.45 12.52
CA VAL A 100 3.25 11.16 12.84
C VAL A 100 2.18 10.87 11.80
N CYS A 101 2.64 10.55 10.60
CA CYS A 101 1.78 10.20 9.49
C CYS A 101 0.84 9.04 9.86
N ALA A 102 1.37 8.06 10.59
CA ALA A 102 0.57 6.91 11.01
C ALA A 102 -0.46 7.32 12.05
N ALA A 103 -0.04 8.16 12.99
CA ALA A 103 -0.93 8.66 14.02
C ALA A 103 -2.04 9.50 13.41
N ARG A 104 -1.65 10.34 12.46
CA ARG A 104 -2.59 11.17 11.72
C ARG A 104 -3.56 10.31 10.92
N ALA A 105 -3.07 9.16 10.48
CA ALA A 105 -3.86 8.25 9.66
C ALA A 105 -4.74 7.34 10.52
N GLY A 106 -4.36 7.19 11.78
CA GLY A 106 -5.09 6.33 12.70
C GLY A 106 -4.40 4.99 12.93
N ALA A 107 -3.24 5.04 13.59
CA ALA A 107 -2.42 3.85 13.84
C ALA A 107 -3.20 2.78 14.59
N ARG A 108 -2.89 1.52 14.32
CA ARG A 108 -3.67 0.41 14.83
C ARG A 108 -2.89 -0.90 14.69
N ASN A 1 -20.27 -14.94 -13.50
CA ASN A 1 -20.23 -15.37 -12.08
C ASN A 1 -20.26 -16.88 -11.97
N VAL A 2 -19.18 -17.44 -11.46
CA VAL A 2 -19.11 -18.87 -11.21
C VAL A 2 -19.47 -19.13 -9.76
N VAL A 3 -19.02 -18.23 -8.89
CA VAL A 3 -19.33 -18.30 -7.48
C VAL A 3 -20.83 -18.09 -7.25
N VAL A 4 -21.45 -19.05 -6.58
CA VAL A 4 -22.88 -18.98 -6.27
C VAL A 4 -23.14 -17.97 -5.17
N THR A 5 -24.29 -17.34 -5.25
CA THR A 5 -24.72 -16.35 -4.27
C THR A 5 -26.03 -16.78 -3.63
N PRO A 6 -26.00 -17.12 -2.33
CA PRO A 6 -27.16 -17.57 -1.57
C PRO A 6 -28.44 -16.84 -1.92
N ALA A 7 -29.32 -17.59 -2.53
CA ALA A 7 -30.59 -17.08 -2.98
C ALA A 7 -31.71 -17.62 -2.13
N HIS A 8 -31.34 -18.01 -0.93
CA HIS A 8 -32.30 -18.37 0.08
C HIS A 8 -32.88 -17.08 0.67
N GLU A 9 -32.29 -15.96 0.28
CA GLU A 9 -32.70 -14.67 0.79
C GLU A 9 -33.90 -14.14 0.00
N ALA A 10 -34.82 -13.50 0.69
CA ALA A 10 -35.96 -12.89 0.04
C ALA A 10 -35.83 -11.38 0.11
N VAL A 11 -34.69 -10.92 -0.38
CA VAL A 11 -34.36 -9.53 -0.38
C VAL A 11 -34.04 -9.09 -1.81
N VAL A 12 -32.92 -9.62 -2.32
CA VAL A 12 -32.41 -9.36 -3.65
C VAL A 12 -32.82 -7.99 -4.19
N ARG A 13 -32.09 -7.01 -3.74
CA ARG A 13 -32.28 -5.66 -4.14
C ARG A 13 -31.01 -5.15 -4.81
N VAL A 14 -31.19 -4.56 -5.96
CA VAL A 14 -30.10 -4.06 -6.73
C VAL A 14 -29.93 -2.57 -6.45
N GLY A 15 -28.76 -2.08 -6.77
CA GLY A 15 -28.44 -0.71 -6.56
C GLY A 15 -26.99 -0.47 -6.89
N THR A 16 -26.14 -0.76 -5.93
CA THR A 16 -24.72 -0.70 -6.15
C THR A 16 -24.19 -2.06 -6.57
N LYS A 17 -24.58 -3.06 -5.78
CA LYS A 17 -24.17 -4.45 -5.94
C LYS A 17 -22.75 -4.58 -6.50
N PRO A 18 -21.74 -4.37 -5.63
CA PRO A 18 -20.31 -4.38 -5.98
C PRO A 18 -19.93 -5.36 -7.07
N GLY A 19 -19.42 -4.78 -8.13
CA GLY A 19 -18.98 -5.52 -9.28
C GLY A 19 -18.12 -4.68 -10.18
N THR A 20 -18.64 -3.52 -10.54
CA THR A 20 -17.93 -2.57 -11.36
C THR A 20 -16.76 -1.95 -10.58
N GLU A 21 -16.96 -1.80 -9.29
CA GLU A 21 -15.94 -1.25 -8.40
C GLU A 21 -15.33 -2.36 -7.60
N VAL A 22 -14.04 -2.54 -7.76
CA VAL A 22 -13.30 -3.50 -6.97
C VAL A 22 -13.05 -2.93 -5.57
N PRO A 23 -13.47 -3.67 -4.53
CA PRO A 23 -13.36 -3.22 -3.14
C PRO A 23 -11.94 -2.82 -2.76
N PRO A 24 -11.79 -1.61 -2.20
CA PRO A 24 -10.51 -1.09 -1.71
C PRO A 24 -9.87 -1.99 -0.66
N VAL A 25 -8.58 -1.80 -0.48
CA VAL A 25 -7.84 -2.54 0.52
C VAL A 25 -8.06 -1.91 1.88
N ILE A 26 -8.51 -2.73 2.81
CA ILE A 26 -9.15 -2.29 4.06
C ILE A 26 -8.31 -1.34 4.90
N ASP A 27 -7.01 -1.54 4.93
CA ASP A 27 -6.16 -0.78 5.81
C ASP A 27 -5.44 0.28 5.02
N GLY A 28 -5.81 0.37 3.76
CA GLY A 28 -5.24 1.35 2.89
C GLY A 28 -5.75 2.72 3.22
N SER A 29 -6.62 2.79 4.21
CA SER A 29 -7.11 4.05 4.70
C SER A 29 -6.03 4.74 5.51
N ILE A 30 -5.35 3.94 6.30
CA ILE A 30 -4.24 4.41 7.09
C ILE A 30 -3.08 4.72 6.15
N TRP A 31 -2.97 3.89 5.13
CA TRP A 31 -1.91 4.02 4.14
C TRP A 31 -2.15 5.23 3.25
N ASP A 32 -3.40 5.50 2.93
CA ASP A 32 -3.75 6.65 2.13
C ASP A 32 -3.56 7.94 2.94
N ALA A 33 -3.83 7.87 4.24
CA ALA A 33 -3.63 9.02 5.08
C ALA A 33 -2.14 9.30 5.29
N ILE A 34 -1.35 8.24 5.38
CA ILE A 34 0.10 8.38 5.46
C ILE A 34 0.65 8.92 4.15
N ALA A 35 0.20 8.34 3.05
CA ALA A 35 0.59 8.79 1.72
C ALA A 35 0.20 10.25 1.54
N GLY A 36 -0.94 10.61 2.07
CA GLY A 36 -1.42 11.98 1.96
C GLY A 36 -0.64 12.92 2.86
N CYS A 37 0.13 12.35 3.76
CA CYS A 37 0.89 13.10 4.73
C CYS A 37 2.33 13.32 4.26
N GLU A 38 3.06 12.23 4.03
CA GLU A 38 4.47 12.32 3.71
C GLU A 38 4.70 12.47 2.22
N ALA A 39 3.74 12.04 1.42
CA ALA A 39 3.90 12.13 -0.02
C ALA A 39 3.04 13.23 -0.61
N GLY A 40 2.12 13.76 0.19
CA GLY A 40 1.21 14.76 -0.29
C GLY A 40 0.10 14.12 -1.10
N GLY A 41 0.01 12.82 -0.93
CA GLY A 41 -0.91 12.01 -1.68
C GLY A 41 -0.44 11.84 -3.11
N ASN A 42 0.76 11.32 -3.26
CA ASN A 42 1.36 11.14 -4.57
C ASN A 42 2.08 9.81 -4.62
N TRP A 43 1.42 8.82 -5.18
CA TRP A 43 1.94 7.46 -5.19
C TRP A 43 2.89 7.28 -6.35
N ALA A 44 3.10 8.36 -7.07
CA ALA A 44 4.03 8.38 -8.20
C ALA A 44 5.26 9.24 -7.90
N ILE A 45 5.32 9.80 -6.69
CA ILE A 45 6.40 10.68 -6.30
C ILE A 45 7.70 9.90 -6.23
N ASN A 46 8.78 10.53 -6.62
CA ASN A 46 10.08 9.89 -6.62
C ASN A 46 11.16 10.92 -6.43
N THR A 47 11.62 11.04 -5.20
CA THR A 47 12.67 11.98 -4.87
C THR A 47 14.01 11.45 -5.36
N GLY A 48 14.08 10.14 -5.57
CA GLY A 48 15.29 9.52 -6.06
C GLY A 48 16.17 9.08 -4.93
N ASN A 49 15.58 8.97 -3.75
CA ASN A 49 16.36 8.66 -2.55
C ASN A 49 16.35 7.17 -2.24
N GLY A 50 15.75 6.39 -3.12
CA GLY A 50 15.66 4.96 -2.89
C GLY A 50 14.35 4.57 -2.25
N TYR A 51 13.58 5.58 -1.84
CA TYR A 51 12.26 5.35 -1.30
C TYR A 51 11.26 5.94 -2.28
N TYR A 52 10.13 5.31 -2.41
CA TYR A 52 9.27 5.60 -3.55
C TYR A 52 7.93 6.18 -3.15
N GLY A 53 7.22 6.67 -4.16
CA GLY A 53 5.99 7.41 -3.95
C GLY A 53 4.90 6.61 -3.30
N GLY A 54 3.96 7.32 -2.71
CA GLY A 54 2.88 6.68 -2.00
C GLY A 54 3.11 6.72 -0.51
N VAL A 55 3.52 5.60 0.06
CA VAL A 55 3.73 5.52 1.49
C VAL A 55 5.19 5.84 1.82
N GLN A 56 5.95 6.14 0.75
CA GLN A 56 7.29 6.73 0.86
C GLN A 56 8.27 5.86 1.64
N PHE A 57 8.38 4.59 1.28
CA PHE A 57 9.37 3.74 1.91
C PHE A 57 10.34 3.15 0.89
N ASP A 58 11.39 2.51 1.41
CA ASP A 58 12.57 2.21 0.62
C ASP A 58 12.43 0.95 -0.21
N GLN A 59 13.28 0.91 -1.24
CA GLN A 59 13.37 -0.19 -2.18
C GLN A 59 13.66 -1.51 -1.48
N GLY A 60 14.53 -1.45 -0.49
CA GLY A 60 14.99 -2.65 0.19
C GLY A 60 13.88 -3.30 0.99
N THR A 61 13.19 -2.49 1.79
CA THR A 61 12.05 -2.96 2.56
C THR A 61 10.93 -3.43 1.64
N TRP A 62 10.73 -2.67 0.57
CA TRP A 62 9.76 -3.02 -0.45
C TRP A 62 10.07 -4.39 -1.00
N GLU A 63 11.33 -4.58 -1.38
CA GLU A 63 11.78 -5.81 -1.96
C GLU A 63 11.73 -6.95 -0.95
N ALA A 64 12.09 -6.63 0.29
CA ALA A 64 12.16 -7.62 1.35
C ALA A 64 10.80 -8.24 1.62
N ASN A 65 9.76 -7.40 1.61
CA ASN A 65 8.42 -7.89 1.83
C ASN A 65 7.83 -8.44 0.53
N GLY A 66 8.54 -8.23 -0.58
CA GLY A 66 8.16 -8.82 -1.84
C GLY A 66 7.28 -7.92 -2.67
N GLY A 67 7.67 -6.66 -2.80
CA GLY A 67 6.85 -5.68 -3.47
C GLY A 67 6.96 -5.76 -4.97
N LEU A 68 8.07 -6.32 -5.46
CA LEU A 68 8.36 -6.32 -6.88
C LEU A 68 7.31 -7.06 -7.70
N ARG A 69 6.58 -7.97 -7.06
CA ARG A 69 5.49 -8.67 -7.73
C ARG A 69 4.34 -7.72 -8.00
N TYR A 70 4.20 -6.73 -7.12
CA TYR A 70 3.19 -5.71 -7.28
C TYR A 70 3.70 -4.71 -8.28
N ALA A 71 5.02 -4.53 -8.20
CA ALA A 71 5.79 -3.62 -9.01
C ALA A 71 7.10 -3.40 -8.30
N PRO A 72 8.23 -3.57 -9.00
CA PRO A 72 9.56 -3.46 -8.40
C PRO A 72 9.82 -2.14 -7.68
N ARG A 73 8.89 -1.22 -7.78
CA ARG A 73 8.99 0.06 -7.08
C ARG A 73 7.59 0.57 -6.74
N ALA A 74 7.48 1.18 -5.57
CA ALA A 74 6.20 1.65 -5.02
C ALA A 74 5.53 2.70 -5.90
N ASP A 75 6.32 3.40 -6.72
CA ASP A 75 5.76 4.43 -7.59
C ASP A 75 5.31 3.84 -8.91
N LEU A 76 5.51 2.54 -9.06
CA LEU A 76 4.99 1.82 -10.21
C LEU A 76 3.76 1.01 -9.79
N ALA A 77 3.77 0.60 -8.52
CA ALA A 77 2.64 -0.07 -7.92
C ALA A 77 1.62 0.96 -7.50
N THR A 78 0.41 0.52 -7.27
CA THR A 78 -0.67 1.42 -6.93
C THR A 78 -0.94 1.40 -5.43
N ARG A 79 -1.97 2.12 -5.01
CA ARG A 79 -2.36 2.19 -3.60
C ARG A 79 -2.46 0.80 -3.00
N GLU A 80 -3.27 -0.04 -3.63
CA GLU A 80 -3.58 -1.37 -3.11
C GLU A 80 -2.33 -2.24 -3.03
N GLU A 81 -1.51 -2.14 -4.05
CA GLU A 81 -0.23 -2.85 -4.13
C GLU A 81 0.74 -2.40 -3.05
N GLN A 82 0.94 -1.09 -2.98
CA GLN A 82 1.88 -0.51 -2.07
C GLN A 82 1.41 -0.68 -0.63
N ILE A 83 0.10 -0.69 -0.47
CA ILE A 83 -0.51 -0.98 0.81
C ILE A 83 -0.10 -2.37 1.27
N ALA A 84 -0.16 -3.34 0.35
CA ALA A 84 0.12 -4.73 0.68
C ALA A 84 1.56 -4.91 1.15
N VAL A 85 2.48 -4.21 0.50
CA VAL A 85 3.88 -4.25 0.88
C VAL A 85 4.10 -3.55 2.22
N ALA A 86 3.54 -2.35 2.36
CA ALA A 86 3.54 -1.65 3.64
C ALA A 86 2.89 -2.50 4.72
N GLU A 87 1.94 -3.33 4.29
CA GLU A 87 1.21 -4.20 5.21
C GLU A 87 2.17 -5.14 5.91
N VAL A 88 3.09 -5.74 5.16
CA VAL A 88 4.06 -6.64 5.77
C VAL A 88 4.92 -5.87 6.77
N THR A 89 5.36 -4.70 6.35
CA THR A 89 6.21 -3.87 7.19
C THR A 89 5.49 -3.46 8.48
N ARG A 90 4.26 -2.99 8.34
CA ARG A 90 3.51 -2.46 9.47
C ARG A 90 3.27 -3.53 10.53
N LEU A 91 3.14 -4.77 10.09
CA LEU A 91 2.85 -5.88 11.00
C LEU A 91 3.96 -6.04 12.01
N ARG A 92 5.17 -5.76 11.57
CA ARG A 92 6.34 -6.07 12.35
C ARG A 92 6.65 -4.96 13.32
N GLN A 93 6.59 -3.73 12.81
CA GLN A 93 7.04 -2.60 13.61
C GLN A 93 5.88 -1.84 14.27
N GLY A 94 4.66 -1.99 13.73
CA GLY A 94 3.48 -1.46 14.40
C GLY A 94 3.27 0.01 14.12
N TRP A 95 3.55 0.40 12.87
CA TRP A 95 3.41 1.79 12.41
C TRP A 95 4.43 2.67 13.11
N GLY A 96 5.38 2.04 13.80
CA GLY A 96 6.45 2.77 14.45
C GLY A 96 7.40 3.41 13.45
N ALA A 97 7.63 2.72 12.33
CA ALA A 97 8.50 3.23 11.28
C ALA A 97 7.90 4.46 10.63
N TRP A 98 6.57 4.50 10.63
CA TRP A 98 5.85 5.63 10.10
C TRP A 98 5.56 6.60 11.24
N PRO A 99 6.24 7.74 11.23
CA PRO A 99 6.16 8.74 12.31
C PRO A 99 4.78 9.36 12.49
N VAL A 100 4.72 10.70 12.58
CA VAL A 100 3.48 11.41 12.87
C VAL A 100 2.38 11.05 11.88
N CYS A 101 2.77 10.71 10.66
CA CYS A 101 1.80 10.45 9.60
C CYS A 101 1.01 9.18 9.87
N ALA A 102 1.62 8.20 10.52
CA ALA A 102 0.91 6.99 10.88
C ALA A 102 -0.09 7.28 11.98
N ALA A 103 0.33 8.05 12.98
CA ALA A 103 -0.54 8.44 14.08
C ALA A 103 -1.72 9.24 13.56
N ARG A 104 -1.44 10.12 12.61
CA ARG A 104 -2.46 10.93 11.97
C ARG A 104 -3.38 10.09 11.10
N ALA A 105 -2.87 8.97 10.62
CA ALA A 105 -3.62 8.09 9.73
C ALA A 105 -4.54 7.14 10.50
N GLY A 106 -4.24 6.92 11.77
CA GLY A 106 -5.00 5.99 12.58
C GLY A 106 -4.25 4.69 12.82
N ALA A 107 -2.99 4.82 13.21
CA ALA A 107 -2.10 3.70 13.47
C ALA A 107 -2.65 2.75 14.53
N ARG A 108 -2.30 1.47 14.39
CA ARG A 108 -2.81 0.44 15.28
C ARG A 108 -2.04 -0.87 15.06
N ASN A 1 -34.23 -5.10 -14.03
CA ASN A 1 -35.51 -5.21 -13.29
C ASN A 1 -36.70 -5.04 -14.22
N VAL A 2 -37.51 -6.08 -14.34
CA VAL A 2 -38.72 -6.04 -15.15
C VAL A 2 -39.92 -5.74 -14.29
N VAL A 3 -39.94 -6.34 -13.11
CA VAL A 3 -40.95 -6.07 -12.10
C VAL A 3 -40.99 -4.58 -11.78
N VAL A 4 -42.20 -4.04 -11.65
CA VAL A 4 -42.37 -2.63 -11.33
C VAL A 4 -41.77 -2.30 -9.97
N THR A 5 -41.08 -1.18 -9.94
CA THR A 5 -40.35 -0.78 -8.75
C THR A 5 -41.09 0.34 -8.03
N PRO A 6 -41.21 0.21 -6.70
CA PRO A 6 -41.93 1.18 -5.87
C PRO A 6 -41.03 2.29 -5.38
N ALA A 7 -41.65 3.21 -4.68
CA ALA A 7 -40.96 4.34 -4.09
C ALA A 7 -41.02 4.25 -2.59
N HIS A 8 -40.21 5.07 -1.92
CA HIS A 8 -40.02 4.99 -0.47
C HIS A 8 -39.24 3.72 -0.13
N GLU A 9 -38.92 2.95 -1.16
CA GLU A 9 -38.16 1.72 -0.98
C GLU A 9 -36.78 2.02 -0.39
N ALA A 10 -36.36 1.19 0.54
CA ALA A 10 -35.06 1.34 1.16
C ALA A 10 -34.28 0.05 1.03
N VAL A 11 -33.99 -0.29 -0.21
CA VAL A 11 -33.24 -1.48 -0.52
C VAL A 11 -31.77 -1.20 -0.28
N VAL A 12 -31.31 -0.09 -0.86
CA VAL A 12 -29.95 0.39 -0.80
C VAL A 12 -28.93 -0.72 -0.56
N ARG A 13 -28.62 -1.38 -1.64
CA ARG A 13 -27.66 -2.46 -1.64
C ARG A 13 -26.83 -2.42 -2.89
N VAL A 14 -25.55 -2.54 -2.70
CA VAL A 14 -24.60 -2.51 -3.78
C VAL A 14 -23.91 -3.86 -3.90
N GLY A 15 -23.38 -4.11 -5.06
CA GLY A 15 -22.67 -5.31 -5.32
C GLY A 15 -21.76 -5.17 -6.49
N THR A 16 -20.79 -4.29 -6.34
CA THR A 16 -19.85 -3.96 -7.39
C THR A 16 -18.95 -5.13 -7.69
N LYS A 17 -18.48 -5.74 -6.61
CA LYS A 17 -17.56 -6.87 -6.66
C LYS A 17 -16.52 -6.71 -7.77
N PRO A 18 -15.57 -5.78 -7.58
CA PRO A 18 -14.59 -5.42 -8.60
C PRO A 18 -13.60 -6.54 -8.88
N GLY A 19 -12.87 -6.33 -9.96
CA GLY A 19 -11.88 -7.27 -10.40
C GLY A 19 -10.71 -6.57 -11.04
N THR A 20 -11.04 -5.60 -11.88
CA THR A 20 -10.04 -4.78 -12.53
C THR A 20 -9.29 -3.92 -11.52
N GLU A 21 -10.01 -3.49 -10.50
CA GLU A 21 -9.45 -2.72 -9.42
C GLU A 21 -9.57 -3.54 -8.15
N VAL A 22 -8.53 -3.47 -7.34
CA VAL A 22 -8.39 -4.33 -6.19
C VAL A 22 -9.22 -3.83 -5.01
N PRO A 23 -10.04 -4.72 -4.42
CA PRO A 23 -10.86 -4.42 -3.24
C PRO A 23 -10.02 -3.88 -2.09
N PRO A 24 -10.46 -2.76 -1.50
CA PRO A 24 -9.75 -2.04 -0.46
C PRO A 24 -9.39 -2.90 0.73
N VAL A 25 -8.21 -2.65 1.26
CA VAL A 25 -7.73 -3.30 2.46
C VAL A 25 -8.02 -2.40 3.65
N ILE A 26 -8.26 -3.01 4.79
CA ILE A 26 -8.74 -2.33 6.00
C ILE A 26 -7.75 -1.26 6.48
N ASP A 27 -6.49 -1.44 6.15
CA ASP A 27 -5.45 -0.50 6.57
C ASP A 27 -5.12 0.46 5.46
N GLY A 28 -5.79 0.25 4.34
CA GLY A 28 -5.54 1.06 3.17
C GLY A 28 -5.90 2.50 3.42
N SER A 29 -6.58 2.73 4.53
CA SER A 29 -6.96 4.07 4.92
C SER A 29 -5.75 4.79 5.50
N ILE A 30 -5.02 4.05 6.31
CA ILE A 30 -3.84 4.56 6.95
C ILE A 30 -2.78 4.76 5.89
N TRP A 31 -2.75 3.83 4.96
CA TRP A 31 -1.77 3.83 3.89
C TRP A 31 -2.02 5.01 2.97
N ASP A 32 -3.29 5.33 2.74
CA ASP A 32 -3.66 6.43 1.89
C ASP A 32 -3.43 7.76 2.61
N ALA A 33 -3.73 7.80 3.91
CA ALA A 33 -3.52 9.02 4.67
C ALA A 33 -2.04 9.28 4.87
N ILE A 34 -1.25 8.22 5.05
CA ILE A 34 0.21 8.34 5.11
C ILE A 34 0.73 8.90 3.80
N ALA A 35 0.24 8.34 2.71
CA ALA A 35 0.59 8.80 1.38
C ALA A 35 0.26 10.28 1.24
N GLY A 36 -0.87 10.65 1.81
CA GLY A 36 -1.31 12.04 1.76
C GLY A 36 -0.48 12.93 2.65
N CYS A 37 0.15 12.32 3.64
CA CYS A 37 0.95 13.05 4.61
C CYS A 37 2.37 13.27 4.10
N GLU A 38 3.04 12.19 3.75
CA GLU A 38 4.46 12.25 3.45
C GLU A 38 4.68 12.57 1.98
N ALA A 39 3.74 12.15 1.15
CA ALA A 39 3.88 12.33 -0.28
C ALA A 39 2.93 13.40 -0.81
N GLY A 40 2.03 13.87 0.07
CA GLY A 40 1.04 14.85 -0.35
C GLY A 40 -0.09 14.17 -1.08
N GLY A 41 0.00 12.86 -1.10
CA GLY A 41 -0.95 12.05 -1.82
C GLY A 41 -0.50 11.82 -3.25
N ASN A 42 0.70 11.27 -3.39
CA ASN A 42 1.30 11.09 -4.70
C ASN A 42 2.05 9.76 -4.69
N TRP A 43 1.41 8.75 -5.25
CA TRP A 43 1.94 7.40 -5.19
C TRP A 43 2.94 7.20 -6.31
N ALA A 44 3.07 8.21 -7.15
CA ALA A 44 4.02 8.17 -8.27
C ALA A 44 5.19 9.11 -8.02
N ILE A 45 5.30 9.62 -6.80
CA ILE A 45 6.35 10.52 -6.41
C ILE A 45 7.66 9.75 -6.21
N ASN A 46 8.76 10.37 -6.56
CA ASN A 46 10.07 9.75 -6.37
C ASN A 46 11.06 10.81 -5.95
N THR A 47 11.28 10.90 -4.66
CA THR A 47 12.09 11.95 -4.08
C THR A 47 13.55 11.77 -4.43
N GLY A 48 13.92 10.54 -4.76
CA GLY A 48 15.29 10.23 -5.04
C GLY A 48 16.00 9.80 -3.77
N ASN A 49 15.21 9.45 -2.78
CA ASN A 49 15.73 9.12 -1.46
C ASN A 49 16.00 7.63 -1.35
N GLY A 50 15.62 6.89 -2.37
CA GLY A 50 15.69 5.45 -2.32
C GLY A 50 14.36 4.88 -1.87
N TYR A 51 13.46 5.80 -1.53
CA TYR A 51 12.12 5.44 -1.12
C TYR A 51 11.18 5.92 -2.20
N TYR A 52 10.09 5.23 -2.38
CA TYR A 52 9.26 5.46 -3.55
C TYR A 52 7.90 6.01 -3.16
N GLY A 53 7.15 6.44 -4.17
CA GLY A 53 5.94 7.21 -3.95
C GLY A 53 4.89 6.52 -3.10
N GLY A 54 3.85 7.27 -2.77
CA GLY A 54 2.76 6.74 -2.00
C GLY A 54 3.08 6.67 -0.52
N VAL A 55 3.41 5.48 -0.04
CA VAL A 55 3.67 5.26 1.38
C VAL A 55 5.10 5.65 1.72
N GLN A 56 5.83 6.03 0.66
CA GLN A 56 7.14 6.67 0.77
C GLN A 56 8.14 5.84 1.59
N PHE A 57 8.27 4.57 1.26
CA PHE A 57 9.25 3.73 1.96
C PHE A 57 10.25 3.13 1.00
N ASP A 58 11.37 2.65 1.55
CA ASP A 58 12.57 2.36 0.78
C ASP A 58 12.45 1.13 -0.10
N GLN A 59 13.36 1.06 -1.07
CA GLN A 59 13.46 -0.06 -1.98
C GLN A 59 13.61 -1.37 -1.21
N GLY A 60 14.43 -1.33 -0.17
CA GLY A 60 14.80 -2.53 0.56
C GLY A 60 13.64 -3.13 1.32
N THR A 61 12.95 -2.30 2.09
CA THR A 61 11.77 -2.73 2.83
C THR A 61 10.68 -3.20 1.87
N TRP A 62 10.52 -2.47 0.78
CA TRP A 62 9.59 -2.83 -0.27
C TRP A 62 9.94 -4.21 -0.81
N GLU A 63 11.22 -4.38 -1.13
CA GLU A 63 11.71 -5.62 -1.69
C GLU A 63 11.63 -6.76 -0.67
N ALA A 64 11.88 -6.42 0.58
CA ALA A 64 11.90 -7.40 1.67
C ALA A 64 10.53 -8.04 1.85
N ASN A 65 9.48 -7.23 1.78
CA ASN A 65 8.13 -7.74 1.89
C ASN A 65 7.67 -8.32 0.55
N GLY A 66 8.48 -8.09 -0.48
CA GLY A 66 8.22 -8.68 -1.78
C GLY A 66 7.34 -7.80 -2.65
N GLY A 67 7.68 -6.53 -2.73
CA GLY A 67 6.85 -5.59 -3.43
C GLY A 67 7.04 -5.65 -4.93
N LEU A 68 8.19 -6.16 -5.37
CA LEU A 68 8.56 -6.15 -6.76
C LEU A 68 7.57 -6.88 -7.65
N ARG A 69 6.85 -7.83 -7.08
CA ARG A 69 5.82 -8.55 -7.81
C ARG A 69 4.63 -7.65 -8.08
N TYR A 70 4.42 -6.68 -7.19
CA TYR A 70 3.37 -5.69 -7.38
C TYR A 70 3.90 -4.67 -8.36
N ALA A 71 5.21 -4.49 -8.22
CA ALA A 71 6.01 -3.55 -9.00
C ALA A 71 7.29 -3.33 -8.23
N PRO A 72 8.44 -3.45 -8.89
CA PRO A 72 9.75 -3.33 -8.23
C PRO A 72 9.97 -1.98 -7.54
N ARG A 73 8.99 -1.10 -7.66
CA ARG A 73 9.04 0.18 -7.00
C ARG A 73 7.62 0.68 -6.74
N ALA A 74 7.45 1.32 -5.61
CA ALA A 74 6.14 1.77 -5.14
C ALA A 74 5.49 2.75 -6.11
N ASP A 75 6.29 3.49 -6.86
CA ASP A 75 5.74 4.50 -7.76
C ASP A 75 5.38 3.89 -9.11
N LEU A 76 5.56 2.58 -9.22
CA LEU A 76 5.08 1.85 -10.37
C LEU A 76 3.83 1.09 -9.98
N ALA A 77 3.80 0.65 -8.73
CA ALA A 77 2.64 -0.01 -8.16
C ALA A 77 1.60 1.02 -7.75
N THR A 78 0.37 0.59 -7.57
CA THR A 78 -0.69 1.50 -7.18
C THR A 78 -0.97 1.38 -5.69
N ARG A 79 -2.02 2.06 -5.24
CA ARG A 79 -2.36 2.14 -3.83
C ARG A 79 -2.46 0.76 -3.22
N GLU A 80 -3.24 -0.08 -3.86
CA GLU A 80 -3.50 -1.43 -3.38
C GLU A 80 -2.22 -2.26 -3.25
N GLU A 81 -1.32 -2.16 -4.22
CA GLU A 81 -0.03 -2.81 -4.11
C GLU A 81 0.77 -2.28 -2.94
N GLN A 82 0.90 -0.95 -2.87
CA GLN A 82 1.68 -0.33 -1.81
C GLN A 82 1.10 -0.66 -0.44
N ILE A 83 -0.21 -0.73 -0.39
CA ILE A 83 -0.92 -1.10 0.82
C ILE A 83 -0.49 -2.49 1.25
N ALA A 84 -0.43 -3.41 0.30
CA ALA A 84 -0.07 -4.79 0.57
C ALA A 84 1.38 -4.92 1.05
N VAL A 85 2.28 -4.25 0.36
CA VAL A 85 3.70 -4.30 0.72
C VAL A 85 3.96 -3.64 2.08
N ALA A 86 3.43 -2.44 2.26
CA ALA A 86 3.60 -1.71 3.50
C ALA A 86 2.89 -2.40 4.63
N GLU A 87 1.79 -3.07 4.31
CA GLU A 87 0.99 -3.71 5.35
C GLU A 87 1.73 -4.90 5.93
N VAL A 88 2.56 -5.58 5.13
CA VAL A 88 3.41 -6.63 5.66
C VAL A 88 4.35 -6.02 6.69
N THR A 89 4.87 -4.84 6.36
CA THR A 89 5.76 -4.13 7.24
C THR A 89 5.05 -3.73 8.54
N ARG A 90 3.81 -3.24 8.39
CA ARG A 90 2.99 -2.83 9.54
C ARG A 90 2.73 -4.00 10.47
N LEU A 91 2.65 -5.18 9.91
CA LEU A 91 2.40 -6.38 10.70
C LEU A 91 3.55 -6.61 11.67
N ARG A 92 4.73 -6.25 11.22
CA ARG A 92 5.95 -6.61 11.92
C ARG A 92 6.35 -5.51 12.89
N GLN A 93 6.40 -4.29 12.38
CA GLN A 93 6.85 -3.16 13.16
C GLN A 93 5.70 -2.25 13.57
N GLY A 94 4.55 -2.42 12.93
CA GLY A 94 3.40 -1.62 13.25
C GLY A 94 3.41 -0.34 12.48
N TRP A 95 3.65 0.73 13.19
CA TRP A 95 3.69 2.06 12.61
C TRP A 95 4.82 2.81 13.27
N GLY A 96 5.77 2.03 13.78
CA GLY A 96 6.96 2.59 14.38
C GLY A 96 7.95 3.06 13.32
N ALA A 97 7.80 2.52 12.11
CA ALA A 97 8.63 2.94 10.99
C ALA A 97 7.96 4.08 10.25
N TRP A 98 6.64 4.17 10.39
CA TRP A 98 5.91 5.31 9.85
C TRP A 98 5.70 6.33 10.95
N PRO A 99 6.47 7.43 10.92
CA PRO A 99 6.52 8.42 11.99
C PRO A 99 5.22 9.22 12.18
N VAL A 100 5.25 10.51 11.85
CA VAL A 100 4.11 11.38 12.09
C VAL A 100 2.93 10.98 11.23
N CYS A 101 3.25 10.47 10.05
CA CYS A 101 2.24 10.19 9.04
C CYS A 101 1.32 9.06 9.45
N ALA A 102 1.84 8.09 10.18
CA ALA A 102 1.02 6.97 10.63
C ALA A 102 0.03 7.44 11.68
N ALA A 103 0.51 8.25 12.61
CA ALA A 103 -0.34 8.80 13.66
C ALA A 103 -1.37 9.74 13.06
N ARG A 104 -0.97 10.45 12.01
CA ARG A 104 -1.87 11.34 11.29
C ARG A 104 -2.91 10.52 10.51
N ALA A 105 -2.51 9.32 10.12
CA ALA A 105 -3.34 8.44 9.29
C ALA A 105 -4.25 7.54 10.12
N GLY A 106 -3.89 7.36 11.39
CA GLY A 106 -4.65 6.48 12.25
C GLY A 106 -3.87 5.22 12.58
N ALA A 107 -2.75 5.39 13.29
CA ALA A 107 -1.86 4.30 13.63
C ALA A 107 -2.55 3.29 14.53
N ARG A 108 -2.16 2.04 14.42
CA ARG A 108 -2.84 0.96 15.11
C ARG A 108 -1.83 0.09 15.81
N ASN A 1 -16.04 -45.07 -31.82
CA ASN A 1 -16.87 -43.88 -31.58
C ASN A 1 -15.96 -42.68 -31.33
N VAL A 2 -15.81 -41.89 -32.35
CA VAL A 2 -14.91 -40.74 -32.34
C VAL A 2 -15.56 -39.57 -31.59
N VAL A 3 -15.78 -39.79 -30.32
CA VAL A 3 -16.27 -38.75 -29.43
C VAL A 3 -15.22 -37.67 -29.26
N VAL A 4 -15.49 -36.51 -29.85
CA VAL A 4 -14.58 -35.38 -29.78
C VAL A 4 -15.08 -34.40 -28.74
N THR A 5 -14.17 -33.69 -28.10
CA THR A 5 -14.53 -32.74 -27.08
C THR A 5 -14.26 -31.31 -27.54
N PRO A 6 -15.29 -30.47 -27.56
CA PRO A 6 -15.15 -29.04 -27.77
C PRO A 6 -14.74 -28.37 -26.49
N ALA A 7 -14.54 -27.07 -26.57
CA ALA A 7 -14.12 -26.29 -25.40
C ALA A 7 -15.30 -26.05 -24.46
N HIS A 8 -16.27 -26.93 -24.55
CA HIS A 8 -17.34 -27.03 -23.59
C HIS A 8 -16.79 -27.76 -22.35
N GLU A 9 -15.59 -28.32 -22.49
CA GLU A 9 -14.97 -29.00 -21.37
C GLU A 9 -14.30 -27.96 -20.47
N ALA A 10 -14.33 -28.22 -19.18
CA ALA A 10 -13.77 -27.28 -18.21
C ALA A 10 -12.28 -27.45 -18.09
N VAL A 11 -11.65 -27.36 -19.24
CA VAL A 11 -10.21 -27.48 -19.37
C VAL A 11 -9.53 -26.27 -18.74
N VAL A 12 -10.29 -25.19 -18.57
CA VAL A 12 -9.82 -23.96 -17.98
C VAL A 12 -8.58 -23.41 -18.66
N ARG A 13 -8.82 -22.37 -19.43
CA ARG A 13 -7.78 -21.64 -20.10
C ARG A 13 -7.03 -20.81 -19.08
N VAL A 14 -5.85 -20.44 -19.47
CA VAL A 14 -4.93 -19.75 -18.60
C VAL A 14 -5.32 -18.29 -18.46
N GLY A 15 -4.85 -17.71 -17.40
CA GLY A 15 -5.06 -16.32 -17.13
C GLY A 15 -3.76 -15.57 -17.13
N THR A 16 -3.15 -15.56 -18.30
CA THR A 16 -1.85 -14.95 -18.51
C THR A 16 -1.86 -13.46 -18.25
N LYS A 17 -2.99 -12.86 -18.53
CA LYS A 17 -3.17 -11.43 -18.43
C LYS A 17 -3.43 -11.01 -16.99
N PRO A 18 -2.52 -10.20 -16.44
CA PRO A 18 -2.69 -9.56 -15.16
C PRO A 18 -3.84 -8.58 -15.18
N GLY A 19 -4.14 -8.07 -14.04
CA GLY A 19 -5.32 -7.25 -13.85
C GLY A 19 -6.20 -7.87 -12.80
N THR A 20 -5.59 -8.16 -11.67
CA THR A 20 -6.26 -8.79 -10.56
C THR A 20 -7.30 -7.85 -9.96
N GLU A 21 -7.01 -6.55 -10.01
CA GLU A 21 -7.77 -5.55 -9.28
C GLU A 21 -7.99 -6.00 -7.85
N VAL A 22 -7.01 -5.72 -7.04
CA VAL A 22 -6.99 -6.15 -5.66
C VAL A 22 -7.96 -5.31 -4.83
N PRO A 23 -8.96 -5.95 -4.22
CA PRO A 23 -9.91 -5.27 -3.37
C PRO A 23 -9.19 -4.49 -2.27
N PRO A 24 -9.52 -3.20 -2.11
CA PRO A 24 -8.84 -2.32 -1.17
C PRO A 24 -8.84 -2.88 0.23
N VAL A 25 -7.72 -2.72 0.88
CA VAL A 25 -7.52 -3.22 2.22
C VAL A 25 -8.03 -2.18 3.21
N ILE A 26 -8.58 -2.66 4.31
CA ILE A 26 -9.25 -1.83 5.29
C ILE A 26 -8.30 -0.80 5.91
N ASP A 27 -7.01 -1.09 5.87
CA ASP A 27 -6.02 -0.20 6.45
C ASP A 27 -5.44 0.68 5.36
N GLY A 28 -5.98 0.50 4.18
CA GLY A 28 -5.57 1.31 3.05
C GLY A 28 -5.96 2.76 3.26
N SER A 29 -6.74 2.97 4.29
CA SER A 29 -7.12 4.31 4.70
C SER A 29 -5.96 4.96 5.43
N ILE A 30 -5.33 4.18 6.27
CA ILE A 30 -4.15 4.61 7.01
C ILE A 30 -3.04 4.84 6.01
N TRP A 31 -2.99 3.96 5.04
CA TRP A 31 -1.96 3.99 4.02
C TRP A 31 -2.17 5.17 3.08
N ASP A 32 -3.42 5.51 2.81
CA ASP A 32 -3.74 6.64 1.97
C ASP A 32 -3.47 7.94 2.72
N ALA A 33 -3.74 7.95 4.02
CA ALA A 33 -3.48 9.14 4.82
C ALA A 33 -1.98 9.34 4.98
N ILE A 34 -1.24 8.24 5.09
CA ILE A 34 0.21 8.29 5.11
C ILE A 34 0.76 8.76 3.77
N ALA A 35 0.19 8.23 2.69
CA ALA A 35 0.57 8.65 1.36
C ALA A 35 0.29 10.13 1.18
N GLY A 36 -0.77 10.60 1.82
CA GLY A 36 -1.13 12.00 1.76
C GLY A 36 -0.27 12.83 2.69
N CYS A 37 0.43 12.16 3.59
CA CYS A 37 1.26 12.82 4.58
C CYS A 37 2.72 12.89 4.12
N GLU A 38 3.25 11.77 3.67
CA GLU A 38 4.65 11.68 3.29
C GLU A 38 4.84 12.11 1.86
N ALA A 39 3.85 11.81 1.04
CA ALA A 39 3.97 12.06 -0.39
C ALA A 39 3.10 13.22 -0.84
N GLY A 40 2.20 13.66 0.04
CA GLY A 40 1.27 14.72 -0.33
C GLY A 40 0.19 14.17 -1.21
N GLY A 41 0.09 12.86 -1.20
CA GLY A 41 -0.85 12.15 -2.02
C GLY A 41 -0.30 11.93 -3.41
N ASN A 42 0.83 11.24 -3.49
CA ASN A 42 1.49 10.95 -4.74
C ASN A 42 2.15 9.58 -4.67
N TRP A 43 1.45 8.60 -5.17
CA TRP A 43 1.94 7.23 -5.12
C TRP A 43 2.97 7.01 -6.21
N ALA A 44 3.00 7.95 -7.14
CA ALA A 44 3.93 7.88 -8.26
C ALA A 44 5.11 8.83 -8.06
N ILE A 45 5.20 9.41 -6.87
CA ILE A 45 6.23 10.37 -6.56
C ILE A 45 7.57 9.69 -6.36
N ASN A 46 8.63 10.36 -6.76
CA ASN A 46 9.97 9.83 -6.62
C ASN A 46 10.90 10.97 -6.25
N THR A 47 11.14 11.10 -4.96
CA THR A 47 11.96 12.15 -4.44
C THR A 47 13.42 11.97 -4.83
N GLY A 48 13.77 10.73 -5.17
CA GLY A 48 15.11 10.43 -5.58
C GLY A 48 15.96 10.09 -4.39
N ASN A 49 15.29 9.77 -3.29
CA ASN A 49 15.99 9.54 -2.04
C ASN A 49 16.22 8.05 -1.80
N GLY A 50 15.96 7.25 -2.82
CA GLY A 50 16.10 5.82 -2.70
C GLY A 50 14.81 5.19 -2.27
N TYR A 51 13.87 6.04 -1.84
CA TYR A 51 12.57 5.59 -1.43
C TYR A 51 11.57 6.04 -2.47
N TYR A 52 10.49 5.30 -2.60
CA TYR A 52 9.57 5.50 -3.70
C TYR A 52 8.25 6.03 -3.20
N GLY A 53 7.39 6.45 -4.12
CA GLY A 53 6.20 7.19 -3.77
C GLY A 53 5.18 6.43 -2.96
N GLY A 54 4.02 7.05 -2.79
CA GLY A 54 2.93 6.44 -2.07
C GLY A 54 3.17 6.44 -0.58
N VAL A 55 3.55 5.30 -0.05
CA VAL A 55 3.82 5.16 1.37
C VAL A 55 5.25 5.61 1.67
N GLN A 56 5.96 5.96 0.59
CA GLN A 56 7.26 6.62 0.65
C GLN A 56 8.30 5.82 1.43
N PHE A 57 8.42 4.53 1.16
CA PHE A 57 9.47 3.76 1.79
C PHE A 57 10.45 3.19 0.78
N ASP A 58 11.58 2.72 1.29
CA ASP A 58 12.74 2.39 0.45
C ASP A 58 12.55 1.12 -0.34
N GLN A 59 13.41 0.98 -1.36
CA GLN A 59 13.41 -0.16 -2.24
C GLN A 59 13.76 -1.43 -1.48
N GLY A 60 14.62 -1.29 -0.51
CA GLY A 60 15.08 -2.43 0.26
C GLY A 60 13.94 -3.03 1.07
N THR A 61 13.23 -2.17 1.77
CA THR A 61 12.06 -2.58 2.54
C THR A 61 10.95 -3.05 1.61
N TRP A 62 10.74 -2.32 0.53
CA TRP A 62 9.75 -2.67 -0.46
C TRP A 62 10.02 -4.08 -0.97
N GLU A 63 11.27 -4.31 -1.31
CA GLU A 63 11.71 -5.60 -1.79
C GLU A 63 11.60 -6.66 -0.69
N ALA A 64 11.83 -6.24 0.56
CA ALA A 64 11.82 -7.15 1.70
C ALA A 64 10.43 -7.75 1.90
N ASN A 65 9.40 -6.92 1.78
CA ASN A 65 8.03 -7.40 1.89
C ASN A 65 7.59 -8.02 0.56
N GLY A 66 8.39 -7.84 -0.47
CA GLY A 66 8.13 -8.45 -1.76
C GLY A 66 7.23 -7.61 -2.63
N GLY A 67 7.59 -6.35 -2.80
CA GLY A 67 6.75 -5.44 -3.56
C GLY A 67 6.93 -5.59 -5.05
N LEU A 68 8.08 -6.10 -5.45
CA LEU A 68 8.45 -6.17 -6.85
C LEU A 68 7.49 -7.01 -7.68
N ARG A 69 6.69 -7.83 -7.02
CA ARG A 69 5.66 -8.59 -7.69
C ARG A 69 4.55 -7.66 -8.14
N TYR A 70 4.29 -6.64 -7.32
CA TYR A 70 3.28 -5.67 -7.62
C TYR A 70 3.86 -4.68 -8.60
N ALA A 71 5.15 -4.47 -8.39
CA ALA A 71 5.96 -3.54 -9.16
C ALA A 71 7.26 -3.35 -8.40
N PRO A 72 8.40 -3.54 -9.06
CA PRO A 72 9.72 -3.45 -8.43
C PRO A 72 9.96 -2.10 -7.75
N ARG A 73 9.05 -1.18 -7.93
CA ARG A 73 9.14 0.12 -7.31
C ARG A 73 7.74 0.59 -6.94
N ALA A 74 7.63 1.15 -5.75
CA ALA A 74 6.36 1.59 -5.19
C ALA A 74 5.64 2.58 -6.10
N ASP A 75 6.38 3.38 -6.86
CA ASP A 75 5.75 4.43 -7.65
C ASP A 75 5.19 3.87 -8.96
N LEU A 76 5.53 2.62 -9.24
CA LEU A 76 4.96 1.92 -10.37
C LEU A 76 3.76 1.10 -9.89
N ALA A 77 3.82 0.73 -8.62
CA ALA A 77 2.74 0.06 -7.96
C ALA A 77 1.67 1.05 -7.56
N THR A 78 0.47 0.56 -7.33
CA THR A 78 -0.64 1.41 -7.01
C THR A 78 -0.93 1.39 -5.51
N ARG A 79 -2.01 2.06 -5.09
CA ARG A 79 -2.38 2.15 -3.69
C ARG A 79 -2.40 0.78 -3.05
N GLU A 80 -3.15 -0.13 -3.66
CA GLU A 80 -3.36 -1.46 -3.13
C GLU A 80 -2.05 -2.25 -3.04
N GLU A 81 -1.17 -2.06 -4.02
CA GLU A 81 0.12 -2.75 -4.00
C GLU A 81 0.97 -2.26 -2.84
N GLN A 82 1.09 -0.94 -2.73
CA GLN A 82 1.89 -0.34 -1.68
C GLN A 82 1.29 -0.64 -0.33
N ILE A 83 -0.03 -0.67 -0.29
CA ILE A 83 -0.74 -1.07 0.91
C ILE A 83 -0.34 -2.48 1.29
N ALA A 84 -0.36 -3.40 0.32
CA ALA A 84 -0.04 -4.80 0.59
C ALA A 84 1.39 -4.96 1.09
N VAL A 85 2.32 -4.23 0.48
CA VAL A 85 3.72 -4.29 0.89
C VAL A 85 3.91 -3.69 2.28
N ALA A 86 3.34 -2.50 2.48
CA ALA A 86 3.34 -1.86 3.78
C ALA A 86 2.62 -2.73 4.81
N GLU A 87 1.66 -3.51 4.33
CA GLU A 87 0.87 -4.39 5.20
C GLU A 87 1.77 -5.39 5.90
N VAL A 88 2.71 -5.97 5.15
CA VAL A 88 3.66 -6.88 5.75
C VAL A 88 4.51 -6.14 6.77
N THR A 89 4.89 -4.91 6.42
CA THR A 89 5.77 -4.14 7.27
C THR A 89 5.07 -3.69 8.56
N ARG A 90 3.88 -3.14 8.40
CA ARG A 90 3.14 -2.53 9.51
C ARG A 90 2.83 -3.55 10.59
N LEU A 91 2.60 -4.77 10.18
CA LEU A 91 2.20 -5.82 11.10
C LEU A 91 3.35 -6.22 12.01
N ARG A 92 4.56 -5.94 11.55
CA ARG A 92 5.76 -6.35 12.26
C ARG A 92 6.16 -5.30 13.28
N GLN A 93 6.27 -4.08 12.81
CA GLN A 93 6.83 -3.03 13.66
C GLN A 93 5.75 -2.20 14.38
N GLY A 94 4.53 -2.20 13.86
CA GLY A 94 3.42 -1.59 14.57
C GLY A 94 3.30 -0.13 14.25
N TRP A 95 3.44 0.19 12.96
CA TRP A 95 3.36 1.56 12.46
C TRP A 95 4.48 2.41 13.07
N GLY A 96 5.42 1.73 13.71
CA GLY A 96 6.55 2.43 14.33
C GLY A 96 7.55 2.93 13.31
N ALA A 97 7.51 2.34 12.12
CA ALA A 97 8.37 2.79 11.02
C ALA A 97 7.80 4.04 10.40
N TRP A 98 6.48 4.19 10.50
CA TRP A 98 5.81 5.38 10.01
C TRP A 98 5.51 6.29 11.19
N PRO A 99 6.29 7.37 11.36
CA PRO A 99 6.24 8.22 12.55
C PRO A 99 5.02 9.15 12.62
N VAL A 100 5.15 10.34 12.05
CA VAL A 100 4.14 11.36 12.20
C VAL A 100 2.87 10.99 11.44
N CYS A 101 3.07 10.26 10.37
CA CYS A 101 2.00 10.01 9.41
C CYS A 101 1.10 8.87 9.83
N ALA A 102 1.65 7.88 10.52
CA ALA A 102 0.83 6.77 11.01
C ALA A 102 -0.11 7.27 12.10
N ALA A 103 0.42 8.09 12.99
CA ALA A 103 -0.38 8.68 14.07
C ALA A 103 -1.51 9.52 13.49
N ARG A 104 -1.22 10.19 12.38
CA ARG A 104 -2.20 11.00 11.68
C ARG A 104 -3.22 10.13 10.95
N ALA A 105 -2.72 9.04 10.38
CA ALA A 105 -3.53 8.18 9.52
C ALA A 105 -4.39 7.21 10.33
N GLY A 106 -3.99 6.95 11.57
CA GLY A 106 -4.74 6.02 12.41
C GLY A 106 -3.91 4.79 12.76
N ALA A 107 -2.82 5.03 13.49
CA ALA A 107 -1.93 3.97 13.94
C ALA A 107 -2.65 3.02 14.88
N ARG A 108 -2.24 1.77 14.88
CA ARG A 108 -2.97 0.74 15.58
C ARG A 108 -2.04 -0.10 16.44
N ASN A 1 -51.96 29.57 -6.86
CA ASN A 1 -51.81 28.16 -6.44
C ASN A 1 -50.80 28.05 -5.31
N VAL A 2 -51.31 28.16 -4.10
CA VAL A 2 -50.50 28.04 -2.90
C VAL A 2 -50.57 26.61 -2.37
N VAL A 3 -51.38 25.80 -3.03
CA VAL A 3 -51.52 24.39 -2.71
C VAL A 3 -50.18 23.68 -2.83
N VAL A 4 -49.61 23.32 -1.70
CA VAL A 4 -48.33 22.62 -1.67
C VAL A 4 -48.54 21.13 -1.85
N THR A 5 -47.59 20.50 -2.48
CA THR A 5 -47.64 19.07 -2.72
C THR A 5 -46.81 18.34 -1.67
N PRO A 6 -47.44 17.40 -0.95
CA PRO A 6 -46.81 16.67 0.13
C PRO A 6 -46.04 15.47 -0.38
N ALA A 7 -44.76 15.52 -0.12
CA ALA A 7 -43.85 14.43 -0.43
C ALA A 7 -43.97 13.35 0.61
N HIS A 8 -44.99 12.54 0.43
CA HIS A 8 -45.19 11.38 1.28
C HIS A 8 -44.26 10.28 0.79
N GLU A 9 -43.66 10.53 -0.38
CA GLU A 9 -42.69 9.63 -0.94
C GLU A 9 -41.31 9.93 -0.41
N ALA A 10 -40.69 8.94 0.19
CA ALA A 10 -39.35 9.09 0.71
C ALA A 10 -38.43 8.08 0.08
N VAL A 11 -38.39 8.12 -1.23
CA VAL A 11 -37.48 7.30 -2.00
C VAL A 11 -36.10 7.92 -1.95
N VAL A 12 -36.06 9.22 -2.27
CA VAL A 12 -34.88 10.07 -2.24
C VAL A 12 -33.55 9.31 -2.35
N ARG A 13 -33.30 8.86 -3.54
CA ARG A 13 -32.07 8.16 -3.86
C ARG A 13 -31.62 8.45 -5.27
N VAL A 14 -30.54 9.18 -5.36
CA VAL A 14 -29.91 9.53 -6.60
C VAL A 14 -28.49 9.04 -6.57
N GLY A 15 -27.86 9.03 -7.72
CA GLY A 15 -26.48 8.64 -7.82
C GLY A 15 -26.36 7.16 -7.75
N THR A 16 -26.95 6.52 -8.73
CA THR A 16 -27.08 5.08 -8.75
C THR A 16 -25.80 4.42 -9.19
N LYS A 17 -24.99 5.16 -9.93
CA LYS A 17 -23.73 4.66 -10.45
C LYS A 17 -22.58 4.84 -9.45
N PRO A 18 -22.10 3.73 -8.89
CA PRO A 18 -20.93 3.71 -8.02
C PRO A 18 -19.64 3.63 -8.82
N GLY A 19 -18.56 3.78 -8.11
CA GLY A 19 -17.24 3.73 -8.74
C GLY A 19 -16.76 5.09 -9.14
N THR A 20 -17.15 6.06 -8.34
CA THR A 20 -16.72 7.43 -8.52
C THR A 20 -15.24 7.57 -8.13
N GLU A 21 -14.83 6.72 -7.20
CA GLU A 21 -13.47 6.68 -6.72
C GLU A 21 -13.08 5.22 -6.57
N VAL A 22 -11.86 4.89 -6.94
CA VAL A 22 -11.39 3.52 -6.89
C VAL A 22 -11.18 3.08 -5.45
N PRO A 23 -11.94 2.05 -5.03
CA PRO A 23 -11.97 1.61 -3.64
C PRO A 23 -10.60 1.21 -3.09
N PRO A 24 -10.22 1.82 -1.96
CA PRO A 24 -9.03 1.47 -1.22
C PRO A 24 -9.08 0.07 -0.64
N VAL A 25 -7.91 -0.42 -0.30
CA VAL A 25 -7.78 -1.63 0.47
C VAL A 25 -8.00 -1.25 1.93
N ILE A 26 -8.45 -2.21 2.72
CA ILE A 26 -9.07 -1.94 4.03
C ILE A 26 -8.17 -1.12 4.97
N ASP A 27 -6.88 -1.31 4.87
CA ASP A 27 -5.94 -0.57 5.71
C ASP A 27 -5.26 0.50 4.91
N GLY A 28 -5.63 0.55 3.65
CA GLY A 28 -5.09 1.53 2.75
C GLY A 28 -5.64 2.89 3.05
N SER A 29 -6.48 2.96 4.06
CA SER A 29 -6.99 4.22 4.55
C SER A 29 -5.91 4.89 5.37
N ILE A 30 -5.19 4.07 6.12
CA ILE A 30 -4.06 4.53 6.91
C ILE A 30 -2.93 4.84 5.96
N TRP A 31 -2.82 3.99 4.96
CA TRP A 31 -1.75 4.08 3.98
C TRP A 31 -1.95 5.29 3.09
N ASP A 32 -3.21 5.60 2.78
CA ASP A 32 -3.52 6.74 1.94
C ASP A 32 -3.39 8.04 2.73
N ALA A 33 -3.69 7.99 4.03
CA ALA A 33 -3.50 9.14 4.88
C ALA A 33 -2.00 9.40 5.08
N ILE A 34 -1.22 8.33 5.20
CA ILE A 34 0.23 8.44 5.29
C ILE A 34 0.79 8.99 3.99
N ALA A 35 0.30 8.47 2.88
CA ALA A 35 0.67 8.97 1.56
C ALA A 35 0.33 10.45 1.46
N GLY A 36 -0.80 10.81 2.03
CA GLY A 36 -1.23 12.21 2.00
C GLY A 36 -0.43 13.06 2.96
N CYS A 37 0.37 12.39 3.77
CA CYS A 37 1.17 13.06 4.77
C CYS A 37 2.60 13.29 4.27
N GLU A 38 3.32 12.20 4.00
CA GLU A 38 4.73 12.32 3.64
C GLU A 38 4.92 12.47 2.14
N ALA A 39 3.97 11.95 1.36
CA ALA A 39 4.10 11.99 -0.09
C ALA A 39 3.38 13.19 -0.69
N GLY A 40 2.49 13.79 0.09
CA GLY A 40 1.67 14.87 -0.44
C GLY A 40 0.51 14.29 -1.19
N GLY A 41 0.30 13.01 -0.99
CA GLY A 41 -0.77 12.29 -1.62
C GLY A 41 -0.47 11.96 -3.06
N ASN A 42 0.62 11.25 -3.29
CA ASN A 42 0.99 10.84 -4.63
C ASN A 42 1.77 9.55 -4.56
N TRP A 43 1.32 8.58 -5.31
CA TRP A 43 1.88 7.26 -5.26
C TRP A 43 2.85 7.05 -6.41
N ALA A 44 2.95 8.07 -7.23
CA ALA A 44 3.86 8.05 -8.38
C ALA A 44 5.00 9.05 -8.19
N ILE A 45 5.09 9.62 -6.99
CA ILE A 45 6.11 10.60 -6.68
C ILE A 45 7.47 9.92 -6.51
N ASN A 46 8.52 10.58 -6.94
CA ASN A 46 9.85 10.01 -6.88
C ASN A 46 10.88 11.10 -6.71
N THR A 47 11.10 11.49 -5.46
CA THR A 47 12.08 12.49 -5.14
C THR A 47 13.50 11.96 -5.36
N GLY A 48 13.62 10.63 -5.38
CA GLY A 48 14.88 10.02 -5.69
C GLY A 48 15.69 9.73 -4.46
N ASN A 49 15.00 9.66 -3.33
CA ASN A 49 15.69 9.50 -2.04
C ASN A 49 15.77 8.02 -1.62
N GLY A 50 15.50 7.12 -2.55
CA GLY A 50 15.61 5.70 -2.28
C GLY A 50 14.31 5.10 -1.82
N TYR A 51 13.38 5.98 -1.45
CA TYR A 51 12.03 5.59 -1.11
C TYR A 51 11.13 6.09 -2.23
N TYR A 52 10.00 5.45 -2.41
CA TYR A 52 9.20 5.69 -3.59
C TYR A 52 7.82 6.24 -3.27
N GLY A 53 7.11 6.65 -4.31
CA GLY A 53 5.82 7.29 -4.16
C GLY A 53 4.83 6.48 -3.35
N GLY A 54 3.77 7.15 -2.90
CA GLY A 54 2.75 6.49 -2.14
C GLY A 54 3.02 6.52 -0.65
N VAL A 55 3.35 5.36 -0.09
CA VAL A 55 3.57 5.23 1.35
C VAL A 55 5.01 5.65 1.68
N GLN A 56 5.72 6.03 0.62
CA GLN A 56 7.03 6.65 0.70
C GLN A 56 8.02 5.82 1.51
N PHE A 57 8.13 4.54 1.21
CA PHE A 57 9.14 3.74 1.87
C PHE A 57 10.14 3.16 0.88
N ASP A 58 11.23 2.66 1.44
CA ASP A 58 12.46 2.40 0.71
C ASP A 58 12.40 1.16 -0.17
N GLN A 59 13.28 1.17 -1.17
CA GLN A 59 13.41 0.09 -2.11
C GLN A 59 13.62 -1.26 -1.41
N GLY A 60 14.48 -1.24 -0.40
CA GLY A 60 14.84 -2.44 0.30
C GLY A 60 13.70 -2.99 1.11
N THR A 61 13.07 -2.13 1.89
CA THR A 61 11.94 -2.49 2.73
C THR A 61 10.79 -3.02 1.87
N TRP A 62 10.59 -2.35 0.75
CA TRP A 62 9.62 -2.76 -0.24
C TRP A 62 9.97 -4.14 -0.78
N GLU A 63 11.23 -4.31 -1.16
CA GLU A 63 11.70 -5.54 -1.77
C GLU A 63 11.68 -6.67 -0.73
N ALA A 64 12.00 -6.32 0.50
CA ALA A 64 12.12 -7.29 1.59
C ALA A 64 10.78 -7.92 1.91
N ASN A 65 9.74 -7.09 1.92
CA ASN A 65 8.40 -7.57 2.15
C ASN A 65 7.78 -8.09 0.86
N GLY A 66 8.53 -7.94 -0.22
CA GLY A 66 8.15 -8.56 -1.48
C GLY A 66 7.19 -7.73 -2.29
N GLY A 67 7.50 -6.44 -2.42
CA GLY A 67 6.64 -5.55 -3.17
C GLY A 67 6.88 -5.68 -4.65
N LEU A 68 8.01 -6.27 -5.00
CA LEU A 68 8.49 -6.32 -6.36
C LEU A 68 7.54 -7.11 -7.26
N ARG A 69 6.77 -7.99 -6.65
CA ARG A 69 5.77 -8.77 -7.35
C ARG A 69 4.62 -7.87 -7.78
N TYR A 70 4.33 -6.85 -6.97
CA TYR A 70 3.30 -5.90 -7.26
C TYR A 70 3.86 -4.92 -8.26
N ALA A 71 5.15 -4.70 -8.07
CA ALA A 71 5.97 -3.82 -8.90
C ALA A 71 7.26 -3.60 -8.14
N PRO A 72 8.41 -3.82 -8.77
CA PRO A 72 9.72 -3.68 -8.13
C PRO A 72 9.98 -2.30 -7.53
N ARG A 73 9.01 -1.40 -7.68
CA ARG A 73 9.07 -0.11 -7.03
C ARG A 73 7.65 0.38 -6.76
N ALA A 74 7.47 1.02 -5.61
CA ALA A 74 6.17 1.48 -5.14
C ALA A 74 5.50 2.44 -6.12
N ASP A 75 6.28 3.21 -6.86
CA ASP A 75 5.71 4.21 -7.77
C ASP A 75 5.39 3.61 -9.12
N LEU A 76 5.56 2.30 -9.22
CA LEU A 76 5.07 1.55 -10.36
C LEU A 76 3.84 0.77 -9.93
N ALA A 77 3.83 0.41 -8.66
CA ALA A 77 2.70 -0.26 -8.04
C ALA A 77 1.63 0.75 -7.70
N THR A 78 0.44 0.25 -7.41
CA THR A 78 -0.69 1.09 -7.13
C THR A 78 -0.92 1.19 -5.63
N ARG A 79 -1.95 1.93 -5.22
CA ARG A 79 -2.26 2.12 -3.81
C ARG A 79 -2.36 0.78 -3.10
N GLU A 80 -3.19 -0.08 -3.65
CA GLU A 80 -3.46 -1.39 -3.08
C GLU A 80 -2.22 -2.26 -2.99
N GLU A 81 -1.30 -2.09 -3.93
CA GLU A 81 -0.04 -2.83 -3.92
C GLU A 81 0.84 -2.32 -2.80
N GLN A 82 1.00 -1.01 -2.74
CA GLN A 82 1.82 -0.39 -1.71
C GLN A 82 1.24 -0.70 -0.35
N ILE A 83 -0.08 -0.75 -0.31
CA ILE A 83 -0.80 -1.14 0.88
C ILE A 83 -0.39 -2.55 1.28
N ALA A 84 -0.41 -3.47 0.33
CA ALA A 84 -0.09 -4.88 0.61
C ALA A 84 1.34 -5.02 1.14
N VAL A 85 2.26 -4.30 0.54
CA VAL A 85 3.66 -4.33 0.97
C VAL A 85 3.82 -3.68 2.34
N ALA A 86 3.23 -2.50 2.50
CA ALA A 86 3.17 -1.83 3.79
C ALA A 86 2.47 -2.71 4.81
N GLU A 87 1.55 -3.54 4.32
CA GLU A 87 0.81 -4.46 5.19
C GLU A 87 1.76 -5.41 5.91
N VAL A 88 2.72 -5.94 5.17
CA VAL A 88 3.77 -6.75 5.78
C VAL A 88 4.57 -5.90 6.74
N THR A 89 4.97 -4.73 6.27
CA THR A 89 5.81 -3.85 7.05
C THR A 89 5.14 -3.46 8.37
N ARG A 90 3.89 -3.02 8.29
CA ARG A 90 3.20 -2.46 9.46
C ARG A 90 3.08 -3.49 10.56
N LEU A 91 2.91 -4.74 10.18
CA LEU A 91 2.64 -5.80 11.16
C LEU A 91 3.90 -6.18 11.94
N ARG A 92 5.07 -5.90 11.36
CA ARG A 92 6.32 -6.30 11.97
C ARG A 92 6.70 -5.31 13.03
N GLN A 93 6.72 -4.04 12.66
CA GLN A 93 7.21 -3.03 13.58
C GLN A 93 6.09 -2.22 14.22
N GLY A 94 4.88 -2.28 13.66
CA GLY A 94 3.71 -1.76 14.35
C GLY A 94 3.50 -0.30 14.05
N TRP A 95 3.63 0.04 12.77
CA TRP A 95 3.51 1.40 12.28
C TRP A 95 4.66 2.25 12.83
N GLY A 96 5.57 1.62 13.57
CA GLY A 96 6.68 2.33 14.16
C GLY A 96 7.70 2.79 13.15
N ALA A 97 7.60 2.27 11.93
CA ALA A 97 8.45 2.72 10.85
C ALA A 97 7.90 3.99 10.25
N TRP A 98 6.60 4.20 10.43
CA TRP A 98 5.95 5.41 10.01
C TRP A 98 5.70 6.29 11.24
N PRO A 99 6.51 7.35 11.41
CA PRO A 99 6.49 8.18 12.60
C PRO A 99 5.28 9.11 12.72
N VAL A 100 5.40 10.29 12.14
CA VAL A 100 4.42 11.35 12.33
C VAL A 100 3.12 11.02 11.61
N CYS A 101 3.22 10.25 10.55
CA CYS A 101 2.09 10.07 9.65
C CYS A 101 1.24 8.88 10.03
N ALA A 102 1.81 7.87 10.68
CA ALA A 102 1.04 6.68 11.05
C ALA A 102 0.00 7.02 12.11
N ALA A 103 0.41 7.75 13.14
CA ALA A 103 -0.50 8.15 14.20
C ALA A 103 -1.63 9.01 13.65
N ARG A 104 -1.27 9.88 12.70
CA ARG A 104 -2.24 10.72 12.02
C ARG A 104 -3.19 9.90 11.15
N ALA A 105 -2.64 8.89 10.49
CA ALA A 105 -3.41 8.07 9.55
C ALA A 105 -4.30 7.06 10.28
N GLY A 106 -3.95 6.74 11.51
CA GLY A 106 -4.71 5.77 12.28
C GLY A 106 -3.92 4.52 12.60
N ALA A 107 -2.77 4.72 13.24
CA ALA A 107 -1.88 3.63 13.65
C ALA A 107 -2.63 2.65 14.54
N ARG A 108 -2.23 1.39 14.48
CA ARG A 108 -3.00 0.34 15.12
C ARG A 108 -2.08 -0.57 15.91
N ASN A 1 -27.73 5.44 1.09
CA ASN A 1 -28.01 6.82 0.66
C ASN A 1 -29.46 6.96 0.23
N VAL A 2 -30.26 7.48 1.14
CA VAL A 2 -31.66 7.78 0.89
C VAL A 2 -31.80 8.87 -0.17
N VAL A 3 -30.94 9.88 -0.07
CA VAL A 3 -30.88 10.93 -1.05
C VAL A 3 -30.24 10.42 -2.34
N VAL A 4 -30.80 10.80 -3.48
CA VAL A 4 -30.24 10.41 -4.76
C VAL A 4 -29.01 11.24 -5.05
N THR A 5 -28.00 10.61 -5.60
CA THR A 5 -26.70 11.23 -5.74
C THR A 5 -26.26 11.30 -7.19
N PRO A 6 -25.74 12.46 -7.62
CA PRO A 6 -25.07 12.64 -8.90
C PRO A 6 -23.71 11.98 -8.90
N ALA A 7 -22.98 12.22 -9.97
CA ALA A 7 -21.65 11.66 -10.16
C ALA A 7 -21.72 10.19 -10.46
N HIS A 8 -21.55 9.88 -11.73
CA HIS A 8 -21.43 8.50 -12.18
C HIS A 8 -20.11 7.94 -11.69
N GLU A 9 -19.27 8.83 -11.19
CA GLU A 9 -17.97 8.45 -10.67
C GLU A 9 -18.11 7.70 -9.35
N ALA A 10 -17.26 6.70 -9.15
CA ALA A 10 -17.34 5.85 -7.97
C ALA A 10 -16.61 6.48 -6.80
N VAL A 11 -17.07 7.66 -6.47
CA VAL A 11 -16.61 8.37 -5.29
C VAL A 11 -17.51 8.04 -4.11
N VAL A 12 -18.82 8.11 -4.35
CA VAL A 12 -19.80 7.64 -3.43
C VAL A 12 -19.72 6.13 -3.32
N ARG A 13 -18.69 5.70 -2.66
CA ARG A 13 -18.36 4.31 -2.50
C ARG A 13 -19.42 3.57 -1.70
N VAL A 14 -20.09 2.70 -2.40
CA VAL A 14 -21.01 1.76 -1.83
C VAL A 14 -20.54 0.38 -2.21
N GLY A 15 -21.03 -0.61 -1.52
CA GLY A 15 -20.65 -1.97 -1.78
C GLY A 15 -20.18 -2.69 -0.53
N THR A 16 -21.12 -3.34 0.14
CA THR A 16 -20.82 -4.04 1.37
C THR A 16 -20.54 -5.51 1.11
N LYS A 17 -21.05 -6.00 0.01
CA LYS A 17 -20.87 -7.39 -0.40
C LYS A 17 -19.67 -7.53 -1.32
N PRO A 18 -18.54 -8.00 -0.79
CA PRO A 18 -17.32 -8.20 -1.54
C PRO A 18 -17.37 -9.48 -2.35
N GLY A 19 -16.97 -9.35 -3.59
CA GLY A 19 -16.98 -10.46 -4.50
C GLY A 19 -17.78 -10.13 -5.73
N THR A 20 -18.99 -9.65 -5.48
CA THR A 20 -19.83 -9.12 -6.53
C THR A 20 -19.17 -7.90 -7.17
N GLU A 21 -18.55 -7.09 -6.32
CA GLU A 21 -17.84 -5.92 -6.72
C GLU A 21 -16.53 -5.89 -5.95
N VAL A 22 -15.58 -5.16 -6.50
CA VAL A 22 -14.23 -5.12 -5.95
C VAL A 22 -14.08 -4.02 -4.91
N PRO A 23 -13.93 -4.42 -3.64
CA PRO A 23 -13.79 -3.49 -2.51
C PRO A 23 -12.49 -2.70 -2.53
N PRO A 24 -12.54 -1.43 -2.09
CA PRO A 24 -11.38 -0.60 -1.78
C PRO A 24 -10.49 -1.25 -0.73
N VAL A 25 -9.28 -0.73 -0.63
CA VAL A 25 -8.29 -1.29 0.28
C VAL A 25 -8.63 -0.92 1.73
N ILE A 26 -8.76 -1.95 2.55
CA ILE A 26 -9.29 -1.83 3.92
C ILE A 26 -8.38 -1.02 4.83
N ASP A 27 -7.08 -1.28 4.78
CA ASP A 27 -6.14 -0.63 5.65
C ASP A 27 -5.44 0.47 4.90
N GLY A 28 -5.86 0.63 3.66
CA GLY A 28 -5.26 1.62 2.81
C GLY A 28 -5.75 2.99 3.15
N SER A 29 -6.59 3.05 4.17
CA SER A 29 -7.02 4.34 4.69
C SER A 29 -5.91 4.95 5.50
N ILE A 30 -5.24 4.09 6.26
CA ILE A 30 -4.09 4.49 7.04
C ILE A 30 -2.96 4.75 6.09
N TRP A 31 -2.91 3.91 5.07
CA TRP A 31 -1.85 3.96 4.09
C TRP A 31 -1.99 5.18 3.21
N ASP A 32 -3.22 5.53 2.89
CA ASP A 32 -3.49 6.71 2.08
C ASP A 32 -3.33 7.98 2.90
N ALA A 33 -3.69 7.94 4.19
CA ALA A 33 -3.52 9.10 5.03
C ALA A 33 -2.04 9.34 5.30
N ILE A 34 -1.26 8.27 5.39
CA ILE A 34 0.18 8.38 5.48
C ILE A 34 0.75 8.89 4.16
N ALA A 35 0.29 8.31 3.06
CA ALA A 35 0.70 8.76 1.74
C ALA A 35 0.34 10.22 1.55
N GLY A 36 -0.81 10.61 2.06
CA GLY A 36 -1.25 11.99 1.97
C GLY A 36 -0.50 12.88 2.93
N CYS A 37 0.21 12.25 3.86
CA CYS A 37 0.94 12.95 4.88
C CYS A 37 2.36 13.26 4.42
N GLU A 38 3.13 12.22 4.11
CA GLU A 38 4.54 12.39 3.77
C GLU A 38 4.73 12.60 2.28
N ALA A 39 3.83 12.07 1.48
CA ALA A 39 3.95 12.19 0.04
C ALA A 39 3.03 13.26 -0.52
N GLY A 40 2.11 13.74 0.31
CA GLY A 40 1.14 14.73 -0.13
C GLY A 40 0.02 14.06 -0.89
N GLY A 41 0.07 12.75 -0.87
CA GLY A 41 -0.89 11.93 -1.58
C GLY A 41 -0.50 11.73 -3.03
N ASN A 42 0.72 11.23 -3.23
CA ASN A 42 1.26 11.07 -4.56
C ASN A 42 2.00 9.76 -4.63
N TRP A 43 1.33 8.76 -5.17
CA TRP A 43 1.84 7.41 -5.16
C TRP A 43 2.83 7.20 -6.29
N ALA A 44 2.91 8.17 -7.17
CA ALA A 44 3.81 8.12 -8.31
C ALA A 44 4.99 9.07 -8.11
N ILE A 45 5.10 9.64 -6.91
CA ILE A 45 6.16 10.54 -6.59
C ILE A 45 7.48 9.78 -6.44
N ASN A 46 8.56 10.39 -6.86
CA ASN A 46 9.85 9.76 -6.77
C ASN A 46 10.92 10.81 -6.70
N THR A 47 11.36 11.08 -5.48
CA THR A 47 12.35 12.11 -5.23
C THR A 47 13.72 11.68 -5.70
N GLY A 48 13.91 10.36 -5.78
CA GLY A 48 15.19 9.82 -6.19
C GLY A 48 16.04 9.51 -4.99
N ASN A 49 15.40 9.38 -3.84
CA ASN A 49 16.13 9.16 -2.60
C ASN A 49 16.28 7.68 -2.29
N GLY A 50 15.98 6.84 -3.27
CA GLY A 50 16.03 5.40 -3.08
C GLY A 50 14.74 4.88 -2.49
N TYR A 51 13.90 5.81 -2.04
CA TYR A 51 12.60 5.46 -1.50
C TYR A 51 11.56 5.99 -2.46
N TYR A 52 10.48 5.28 -2.58
CA TYR A 52 9.55 5.51 -3.68
C TYR A 52 8.25 6.10 -3.19
N GLY A 53 7.41 6.53 -4.12
CA GLY A 53 6.24 7.32 -3.79
C GLY A 53 5.16 6.57 -3.05
N GLY A 54 4.04 7.24 -2.85
CA GLY A 54 2.94 6.65 -2.12
C GLY A 54 3.16 6.71 -0.63
N VAL A 55 3.45 5.57 -0.04
CA VAL A 55 3.71 5.51 1.40
C VAL A 55 5.19 5.75 1.66
N GLN A 56 5.91 6.06 0.58
CA GLN A 56 7.25 6.64 0.64
C GLN A 56 8.26 5.85 1.47
N PHE A 57 8.43 4.56 1.19
CA PHE A 57 9.52 3.82 1.83
C PHE A 57 10.49 3.23 0.81
N ASP A 58 11.60 2.72 1.31
CA ASP A 58 12.76 2.37 0.48
C ASP A 58 12.55 1.08 -0.30
N GLN A 59 13.43 0.89 -1.30
CA GLN A 59 13.40 -0.30 -2.13
C GLN A 59 13.69 -1.55 -1.32
N GLY A 60 14.59 -1.41 -0.37
CA GLY A 60 15.01 -2.55 0.43
C GLY A 60 13.87 -3.13 1.23
N THR A 61 13.17 -2.26 1.94
CA THR A 61 12.00 -2.64 2.70
C THR A 61 10.89 -3.15 1.79
N TRP A 62 10.67 -2.43 0.70
CA TRP A 62 9.68 -2.81 -0.29
C TRP A 62 9.97 -4.22 -0.81
N GLU A 63 11.21 -4.42 -1.17
CA GLU A 63 11.68 -5.67 -1.71
C GLU A 63 11.63 -6.77 -0.65
N ALA A 64 11.89 -6.38 0.59
CA ALA A 64 11.91 -7.31 1.71
C ALA A 64 10.53 -7.89 1.95
N ASN A 65 9.51 -7.04 1.87
CA ASN A 65 8.14 -7.49 2.04
C ASN A 65 7.61 -8.08 0.72
N GLY A 66 8.45 -8.02 -0.32
CA GLY A 66 8.14 -8.65 -1.57
C GLY A 66 7.26 -7.80 -2.45
N GLY A 67 7.62 -6.55 -2.60
CA GLY A 67 6.80 -5.62 -3.33
C GLY A 67 6.97 -5.73 -4.83
N LEU A 68 8.10 -6.28 -5.25
CA LEU A 68 8.45 -6.31 -6.66
C LEU A 68 7.44 -7.09 -7.49
N ARG A 69 6.70 -7.98 -6.85
CA ARG A 69 5.65 -8.72 -7.52
C ARG A 69 4.52 -7.79 -7.90
N TYR A 70 4.30 -6.78 -7.06
CA TYR A 70 3.28 -5.78 -7.32
C TYR A 70 3.85 -4.81 -8.32
N ALA A 71 5.15 -4.61 -8.15
CA ALA A 71 5.96 -3.72 -8.95
C ALA A 71 7.25 -3.49 -8.21
N PRO A 72 8.40 -3.68 -8.87
CA PRO A 72 9.71 -3.53 -8.22
C PRO A 72 9.94 -2.14 -7.62
N ARG A 73 8.98 -1.26 -7.81
CA ARG A 73 9.04 0.08 -7.23
C ARG A 73 7.63 0.53 -6.88
N ALA A 74 7.50 1.16 -5.71
CA ALA A 74 6.22 1.62 -5.20
C ALA A 74 5.53 2.61 -6.14
N ASP A 75 6.31 3.36 -6.90
CA ASP A 75 5.74 4.39 -7.77
C ASP A 75 5.36 3.80 -9.13
N LEU A 76 5.42 2.48 -9.22
CA LEU A 76 4.89 1.76 -10.36
C LEU A 76 3.66 0.99 -9.92
N ALA A 77 3.71 0.54 -8.66
CA ALA A 77 2.61 -0.15 -8.04
C ALA A 77 1.54 0.83 -7.60
N THR A 78 0.36 0.31 -7.34
CA THR A 78 -0.78 1.14 -7.01
C THR A 78 -1.00 1.18 -5.50
N ARG A 79 -2.08 1.81 -5.06
CA ARG A 79 -2.40 1.88 -3.64
C ARG A 79 -2.43 0.51 -3.03
N GLU A 80 -3.25 -0.34 -3.58
CA GLU A 80 -3.47 -1.68 -3.08
C GLU A 80 -2.17 -2.48 -3.04
N GLU A 81 -1.38 -2.32 -4.08
CA GLU A 81 -0.06 -2.93 -4.17
C GLU A 81 0.88 -2.41 -3.09
N GLN A 82 1.01 -1.09 -3.00
CA GLN A 82 1.89 -0.48 -2.02
C GLN A 82 1.47 -0.86 -0.62
N ILE A 83 0.17 -0.82 -0.42
CA ILE A 83 -0.43 -1.10 0.85
C ILE A 83 -0.09 -2.51 1.29
N ALA A 84 -0.10 -3.43 0.34
CA ALA A 84 0.20 -4.82 0.65
C ALA A 84 1.62 -4.96 1.19
N VAL A 85 2.55 -4.25 0.57
CA VAL A 85 3.95 -4.29 0.97
C VAL A 85 4.16 -3.60 2.32
N ALA A 86 3.66 -2.37 2.45
CA ALA A 86 3.81 -1.61 3.68
C ALA A 86 3.05 -2.27 4.82
N GLU A 87 1.97 -2.92 4.48
CA GLU A 87 1.14 -3.57 5.49
C GLU A 87 1.86 -4.79 6.06
N VAL A 88 2.72 -5.43 5.26
CA VAL A 88 3.62 -6.44 5.81
C VAL A 88 4.52 -5.80 6.85
N THR A 89 5.09 -4.66 6.50
CA THR A 89 6.01 -3.96 7.35
C THR A 89 5.34 -3.49 8.64
N ARG A 90 4.16 -2.90 8.50
CA ARG A 90 3.44 -2.30 9.62
C ARG A 90 3.16 -3.35 10.69
N LEU A 91 2.89 -4.57 10.26
CA LEU A 91 2.38 -5.60 11.16
C LEU A 91 3.48 -6.12 12.07
N ARG A 92 4.72 -5.98 11.61
CA ARG A 92 5.86 -6.47 12.35
C ARG A 92 6.31 -5.42 13.35
N GLN A 93 6.38 -4.19 12.88
CA GLN A 93 7.00 -3.12 13.65
C GLN A 93 5.98 -2.25 14.39
N GLY A 94 4.78 -2.13 13.85
CA GLY A 94 3.74 -1.38 14.52
C GLY A 94 3.81 0.08 14.17
N TRP A 95 3.94 0.34 12.87
CA TRP A 95 3.97 1.70 12.34
C TRP A 95 5.12 2.48 12.98
N GLY A 96 6.14 1.74 13.39
CA GLY A 96 7.32 2.36 13.96
C GLY A 96 8.14 3.09 12.91
N ALA A 97 8.09 2.59 11.69
CA ALA A 97 8.79 3.25 10.58
C ALA A 97 8.00 4.44 10.08
N TRP A 98 6.69 4.41 10.30
CA TRP A 98 5.85 5.54 9.93
C TRP A 98 5.52 6.35 11.18
N PRO A 99 6.19 7.50 11.37
CA PRO A 99 6.09 8.30 12.59
C PRO A 99 4.74 9.02 12.80
N VAL A 100 4.69 10.31 12.51
CA VAL A 100 3.51 11.12 12.83
C VAL A 100 2.34 10.73 11.94
N CYS A 101 2.67 10.24 10.76
CA CYS A 101 1.66 10.01 9.74
C CYS A 101 0.82 8.79 10.08
N ALA A 102 1.40 7.80 10.73
CA ALA A 102 0.68 6.60 11.09
C ALA A 102 -0.35 6.88 12.18
N ALA A 103 0.07 7.61 13.21
CA ALA A 103 -0.83 7.97 14.30
C ALA A 103 -1.99 8.82 13.80
N ARG A 104 -1.69 9.70 12.85
CA ARG A 104 -2.70 10.56 12.25
C ARG A 104 -3.61 9.78 11.30
N ALA A 105 -3.08 8.73 10.70
CA ALA A 105 -3.82 7.94 9.72
C ALA A 105 -4.72 6.91 10.40
N GLY A 106 -4.40 6.57 11.65
CA GLY A 106 -5.17 5.57 12.37
C GLY A 106 -4.38 4.28 12.57
N ALA A 107 -3.25 4.38 13.26
CA ALA A 107 -2.37 3.26 13.47
C ALA A 107 -3.01 2.20 14.34
N ARG A 108 -2.60 0.95 14.15
CA ARG A 108 -3.07 -0.17 14.94
C ARG A 108 -4.55 -0.41 14.71
N ASN A 1 7.86 15.32 6.34
CA ASN A 1 8.73 16.47 6.03
C ASN A 1 7.88 17.60 5.45
N VAL A 2 8.10 18.80 5.95
CA VAL A 2 7.36 19.97 5.48
C VAL A 2 8.02 20.52 4.21
N VAL A 3 8.20 19.65 3.23
CA VAL A 3 8.75 20.01 1.97
C VAL A 3 7.66 20.51 1.01
N VAL A 4 7.98 21.54 0.24
CA VAL A 4 7.09 22.02 -0.79
C VAL A 4 7.48 21.40 -2.11
N THR A 5 6.49 21.03 -2.90
CA THR A 5 6.71 20.28 -4.12
C THR A 5 6.12 20.98 -5.32
N PRO A 6 6.86 21.05 -6.44
CA PRO A 6 6.37 21.52 -7.71
C PRO A 6 5.51 20.46 -8.37
N ALA A 7 4.79 20.88 -9.38
CA ALA A 7 3.79 20.04 -10.03
C ALA A 7 2.83 19.46 -9.01
N HIS A 8 2.49 20.29 -8.06
CA HIS A 8 1.50 19.96 -7.05
C HIS A 8 0.13 20.19 -7.65
N GLU A 9 0.14 20.67 -8.89
CA GLU A 9 -1.09 20.84 -9.67
C GLU A 9 -1.73 19.49 -9.94
N ALA A 10 -3.04 19.48 -10.02
CA ALA A 10 -3.79 18.24 -10.12
C ALA A 10 -4.39 18.11 -11.49
N VAL A 11 -3.52 17.95 -12.46
CA VAL A 11 -3.92 17.70 -13.83
C VAL A 11 -4.55 16.31 -13.92
N VAL A 12 -3.70 15.28 -13.75
CA VAL A 12 -4.09 13.87 -13.73
C VAL A 12 -5.36 13.60 -14.52
N ARG A 13 -5.19 13.53 -15.81
CA ARG A 13 -6.28 13.40 -16.72
C ARG A 13 -6.50 11.95 -17.09
N VAL A 14 -7.67 11.49 -16.76
CA VAL A 14 -8.13 10.16 -17.06
C VAL A 14 -9.43 10.26 -17.83
N GLY A 15 -9.83 9.17 -18.44
CA GLY A 15 -11.06 9.17 -19.18
C GLY A 15 -11.48 7.79 -19.54
N THR A 16 -10.92 7.29 -20.63
CA THR A 16 -11.33 6.01 -21.15
C THR A 16 -10.78 4.85 -20.34
N LYS A 17 -9.57 5.03 -19.84
CA LYS A 17 -8.92 4.02 -19.01
C LYS A 17 -8.93 4.45 -17.56
N PRO A 18 -9.94 4.01 -16.79
CA PRO A 18 -10.15 4.45 -15.41
C PRO A 18 -9.04 3.99 -14.49
N GLY A 19 -9.09 4.52 -13.30
CA GLY A 19 -8.05 4.25 -12.33
C GLY A 19 -7.31 5.50 -11.92
N THR A 20 -8.07 6.55 -11.72
CA THR A 20 -7.54 7.81 -11.23
C THR A 20 -7.13 7.62 -9.78
N GLU A 21 -8.05 7.05 -9.02
CA GLU A 21 -7.82 6.69 -7.64
C GLU A 21 -8.24 5.24 -7.45
N VAL A 22 -7.26 4.37 -7.24
CA VAL A 22 -7.52 2.95 -7.11
C VAL A 22 -8.24 2.65 -5.80
N PRO A 23 -9.25 1.77 -5.82
CA PRO A 23 -10.01 1.40 -4.63
C PRO A 23 -9.10 0.92 -3.49
N PRO A 24 -9.25 1.55 -2.31
CA PRO A 24 -8.45 1.25 -1.14
C PRO A 24 -8.65 -0.15 -0.61
N VAL A 25 -7.60 -0.66 -0.02
CA VAL A 25 -7.65 -1.83 0.81
C VAL A 25 -8.00 -1.37 2.21
N ILE A 26 -8.49 -2.27 3.04
CA ILE A 26 -9.12 -1.88 4.32
C ILE A 26 -8.19 -1.01 5.17
N ASP A 27 -6.90 -1.27 5.07
CA ASP A 27 -5.93 -0.52 5.85
C ASP A 27 -5.19 0.47 4.99
N GLY A 28 -5.49 0.43 3.72
CA GLY A 28 -4.84 1.32 2.79
C GLY A 28 -5.39 2.71 2.91
N SER A 29 -6.32 2.87 3.84
CA SER A 29 -6.82 4.18 4.21
C SER A 29 -5.79 4.86 5.09
N ILE A 30 -5.22 4.05 5.98
CA ILE A 30 -4.14 4.50 6.86
C ILE A 30 -2.93 4.77 5.99
N TRP A 31 -2.74 3.89 5.03
CA TRP A 31 -1.60 3.96 4.13
C TRP A 31 -1.71 5.17 3.24
N ASP A 32 -2.93 5.49 2.84
CA ASP A 32 -3.17 6.63 1.98
C ASP A 32 -3.10 7.93 2.76
N ALA A 33 -3.51 7.90 4.03
CA ALA A 33 -3.39 9.06 4.87
C ALA A 33 -1.93 9.33 5.20
N ILE A 34 -1.15 8.26 5.33
CA ILE A 34 0.29 8.37 5.47
C ILE A 34 0.90 8.94 4.19
N ALA A 35 0.43 8.44 3.06
CA ALA A 35 0.83 8.95 1.76
C ALA A 35 0.52 10.43 1.67
N GLY A 36 -0.60 10.82 2.25
CA GLY A 36 -1.02 12.21 2.26
C GLY A 36 -0.14 13.05 3.17
N CYS A 37 0.61 12.40 4.04
CA CYS A 37 1.44 13.08 5.01
C CYS A 37 2.79 13.44 4.41
N GLU A 38 3.52 12.43 3.95
CA GLU A 38 4.90 12.64 3.50
C GLU A 38 4.94 13.01 2.03
N ALA A 39 4.02 12.44 1.27
CA ALA A 39 4.01 12.63 -0.17
C ALA A 39 3.04 13.71 -0.59
N GLY A 40 2.17 14.09 0.32
CA GLY A 40 1.11 15.03 0.00
C GLY A 40 -0.07 14.29 -0.57
N GLY A 41 0.12 13.00 -0.75
CA GLY A 41 -0.88 12.15 -1.30
C GLY A 41 -0.62 11.83 -2.75
N ASN A 42 0.55 11.28 -3.03
CA ASN A 42 0.94 10.93 -4.37
C ASN A 42 1.76 9.67 -4.32
N TRP A 43 1.35 8.71 -5.10
CA TRP A 43 1.94 7.39 -5.06
C TRP A 43 2.95 7.22 -6.17
N ALA A 44 2.92 8.13 -7.11
CA ALA A 44 3.79 8.08 -8.27
C ALA A 44 4.96 9.04 -8.09
N ILE A 45 4.90 9.82 -7.03
CA ILE A 45 5.94 10.75 -6.70
C ILE A 45 7.26 10.00 -6.43
N ASN A 46 8.35 10.56 -6.87
CA ASN A 46 9.65 9.91 -6.72
C ASN A 46 10.77 10.93 -6.81
N THR A 47 11.31 11.27 -5.65
CA THR A 47 12.35 12.28 -5.58
C THR A 47 13.74 11.70 -5.90
N GLY A 48 13.83 10.37 -5.89
CA GLY A 48 15.10 9.73 -6.13
C GLY A 48 15.85 9.51 -4.84
N ASN A 49 15.10 9.43 -3.74
CA ASN A 49 15.69 9.33 -2.42
C ASN A 49 16.04 7.88 -2.07
N GLY A 50 15.74 6.97 -3.00
CA GLY A 50 15.93 5.55 -2.76
C GLY A 50 14.66 4.93 -2.26
N TYR A 51 13.70 5.80 -1.97
CA TYR A 51 12.39 5.40 -1.53
C TYR A 51 11.43 5.91 -2.57
N TYR A 52 10.27 5.33 -2.62
CA TYR A 52 9.35 5.64 -3.70
C TYR A 52 8.07 6.23 -3.15
N GLY A 53 7.24 6.76 -4.04
CA GLY A 53 6.09 7.53 -3.62
C GLY A 53 5.06 6.75 -2.86
N GLY A 54 3.94 7.41 -2.59
CA GLY A 54 2.87 6.79 -1.86
C GLY A 54 3.18 6.74 -0.38
N VAL A 55 3.52 5.57 0.11
CA VAL A 55 3.81 5.38 1.52
C VAL A 55 5.27 5.78 1.80
N GLN A 56 5.95 6.16 0.73
CA GLN A 56 7.28 6.78 0.78
C GLN A 56 8.32 5.94 1.50
N PHE A 57 8.37 4.64 1.21
CA PHE A 57 9.40 3.81 1.82
C PHE A 57 10.34 3.21 0.78
N ASP A 58 11.43 2.64 1.27
CA ASP A 58 12.59 2.31 0.45
C ASP A 58 12.41 1.04 -0.36
N GLN A 59 13.28 0.91 -1.35
CA GLN A 59 13.32 -0.24 -2.24
C GLN A 59 13.64 -1.53 -1.48
N GLY A 60 14.50 -1.42 -0.50
CA GLY A 60 14.97 -2.59 0.23
C GLY A 60 13.87 -3.21 1.06
N THR A 61 13.20 -2.38 1.84
CA THR A 61 12.06 -2.82 2.63
C THR A 61 10.95 -3.31 1.72
N TRP A 62 10.75 -2.59 0.64
CA TRP A 62 9.78 -2.94 -0.38
C TRP A 62 10.07 -4.33 -0.93
N GLU A 63 11.32 -4.54 -1.29
CA GLU A 63 11.78 -5.77 -1.89
C GLU A 63 11.69 -6.92 -0.88
N ALA A 64 11.95 -6.59 0.38
CA ALA A 64 11.95 -7.59 1.44
C ALA A 64 10.54 -8.12 1.69
N ASN A 65 9.56 -7.23 1.68
CA ASN A 65 8.16 -7.63 1.81
C ASN A 65 7.71 -8.31 0.51
N GLY A 66 8.50 -8.12 -0.54
CA GLY A 66 8.22 -8.72 -1.83
C GLY A 66 7.32 -7.86 -2.67
N GLY A 67 7.61 -6.56 -2.70
CA GLY A 67 6.73 -5.63 -3.37
C GLY A 67 6.92 -5.68 -4.86
N LEU A 68 8.06 -6.21 -5.25
CA LEU A 68 8.49 -6.25 -6.63
C LEU A 68 7.51 -7.06 -7.48
N ARG A 69 6.81 -7.97 -6.81
CA ARG A 69 5.84 -8.81 -7.47
C ARG A 69 4.64 -7.98 -7.89
N TYR A 70 4.38 -6.93 -7.15
CA TYR A 70 3.33 -6.00 -7.47
C TYR A 70 3.89 -5.01 -8.46
N ALA A 71 5.17 -4.73 -8.22
CA ALA A 71 5.94 -3.78 -8.99
C ALA A 71 7.26 -3.57 -8.26
N PRO A 72 8.39 -3.73 -8.96
CA PRO A 72 9.72 -3.58 -8.37
C PRO A 72 9.96 -2.19 -7.75
N ARG A 73 8.96 -1.33 -7.86
CA ARG A 73 9.01 -0.03 -7.20
C ARG A 73 7.58 0.43 -6.91
N ALA A 74 7.42 1.08 -5.77
CA ALA A 74 6.11 1.49 -5.27
C ALA A 74 5.41 2.45 -6.21
N ASP A 75 6.18 3.18 -7.00
CA ASP A 75 5.62 4.17 -7.91
C ASP A 75 5.29 3.54 -9.27
N LEU A 76 5.34 2.22 -9.32
CA LEU A 76 4.99 1.50 -10.54
C LEU A 76 3.61 0.86 -10.40
N ALA A 77 3.34 0.26 -9.25
CA ALA A 77 2.04 -0.33 -8.99
C ALA A 77 1.20 0.59 -8.13
N THR A 78 -0.06 0.25 -8.00
CA THR A 78 -1.05 1.15 -7.44
C THR A 78 -1.09 1.12 -5.91
N ARG A 79 -1.80 2.08 -5.32
CA ARG A 79 -1.86 2.23 -3.86
C ARG A 79 -2.13 0.91 -3.16
N GLU A 80 -2.95 0.07 -3.77
CA GLU A 80 -3.31 -1.22 -3.18
C GLU A 80 -2.09 -2.13 -3.02
N GLU A 81 -1.10 -1.98 -3.90
CA GLU A 81 0.12 -2.73 -3.80
C GLU A 81 0.96 -2.21 -2.64
N GLN A 82 1.14 -0.89 -2.58
CA GLN A 82 1.90 -0.28 -1.50
C GLN A 82 1.25 -0.60 -0.16
N ILE A 83 -0.07 -0.73 -0.18
CA ILE A 83 -0.79 -1.17 0.99
C ILE A 83 -0.31 -2.55 1.40
N ALA A 84 -0.27 -3.48 0.45
CA ALA A 84 0.08 -4.86 0.74
C ALA A 84 1.51 -4.98 1.27
N VAL A 85 2.41 -4.26 0.61
CA VAL A 85 3.83 -4.30 0.96
C VAL A 85 4.07 -3.65 2.33
N ALA A 86 3.51 -2.46 2.52
CA ALA A 86 3.59 -1.77 3.80
C ALA A 86 2.92 -2.61 4.87
N GLU A 87 1.92 -3.39 4.47
CA GLU A 87 1.19 -4.24 5.40
C GLU A 87 2.13 -5.24 6.06
N VAL A 88 3.03 -5.84 5.30
CA VAL A 88 3.98 -6.79 5.88
C VAL A 88 4.84 -6.11 6.93
N THR A 89 5.39 -4.96 6.55
CA THR A 89 6.27 -4.21 7.43
C THR A 89 5.50 -3.70 8.66
N ARG A 90 4.25 -3.27 8.46
CA ARG A 90 3.42 -2.75 9.54
C ARG A 90 3.21 -3.81 10.63
N LEU A 91 3.08 -5.07 10.22
CA LEU A 91 2.75 -6.16 11.14
C LEU A 91 3.86 -6.34 12.15
N ARG A 92 5.06 -6.00 11.72
CA ARG A 92 6.26 -6.30 12.46
C ARG A 92 6.56 -5.20 13.45
N GLN A 93 6.42 -3.96 13.00
CA GLN A 93 6.81 -2.86 13.84
C GLN A 93 5.62 -2.07 14.45
N GLY A 94 4.43 -2.24 13.88
CA GLY A 94 3.22 -1.69 14.48
C GLY A 94 3.04 -0.21 14.20
N TRP A 95 3.27 0.17 12.94
CA TRP A 95 3.16 1.55 12.49
C TRP A 95 4.17 2.41 13.23
N GLY A 96 5.17 1.76 13.79
CA GLY A 96 6.25 2.46 14.47
C GLY A 96 7.24 3.08 13.50
N ALA A 97 7.45 2.42 12.37
CA ALA A 97 8.36 2.90 11.34
C ALA A 97 7.75 4.10 10.64
N TRP A 98 6.43 4.15 10.67
CA TRP A 98 5.69 5.27 10.15
C TRP A 98 5.39 6.22 11.28
N PRO A 99 6.06 7.37 11.30
CA PRO A 99 5.97 8.35 12.40
C PRO A 99 4.58 8.97 12.57
N VAL A 100 4.54 10.26 12.88
CA VAL A 100 3.28 10.95 13.17
C VAL A 100 2.30 10.82 12.01
N CYS A 101 2.82 10.53 10.81
CA CYS A 101 1.98 10.27 9.64
C CYS A 101 1.02 9.12 9.91
N ALA A 102 1.49 8.08 10.60
CA ALA A 102 0.65 6.95 10.95
C ALA A 102 -0.36 7.35 12.02
N ALA A 103 0.08 8.19 12.95
CA ALA A 103 -0.77 8.70 14.01
C ALA A 103 -1.93 9.50 13.41
N ARG A 104 -1.61 10.30 12.41
CA ARG A 104 -2.63 11.06 11.68
C ARG A 104 -3.53 10.13 10.87
N ALA A 105 -2.98 9.00 10.44
CA ALA A 105 -3.67 8.10 9.53
C ALA A 105 -4.56 7.09 10.27
N GLY A 106 -4.25 6.85 11.54
CA GLY A 106 -5.01 5.88 12.31
C GLY A 106 -4.26 4.57 12.50
N ALA A 107 -3.16 4.62 13.23
CA ALA A 107 -2.29 3.48 13.45
C ALA A 107 -2.97 2.46 14.36
N ARG A 108 -2.65 1.18 14.14
CA ARG A 108 -3.32 0.10 14.86
C ARG A 108 -2.62 -1.23 14.62
N ASN A 1 -50.68 -22.83 8.49
CA ASN A 1 -49.77 -21.83 9.05
C ASN A 1 -49.52 -20.70 8.07
N VAL A 2 -50.24 -19.62 8.28
CA VAL A 2 -50.11 -18.43 7.45
C VAL A 2 -48.74 -17.79 7.64
N VAL A 3 -48.19 -17.92 8.85
CA VAL A 3 -46.87 -17.40 9.14
C VAL A 3 -45.80 -18.39 8.67
N VAL A 4 -45.32 -18.18 7.47
CA VAL A 4 -44.30 -19.05 6.91
C VAL A 4 -42.93 -18.65 7.43
N THR A 5 -42.06 -19.62 7.60
CA THR A 5 -40.70 -19.39 8.05
C THR A 5 -39.71 -19.99 7.05
N PRO A 6 -39.08 -19.13 6.24
CA PRO A 6 -38.19 -19.56 5.17
C PRO A 6 -36.80 -19.90 5.69
N ALA A 7 -36.07 -20.58 4.84
CA ALA A 7 -34.73 -21.02 5.14
C ALA A 7 -33.72 -20.14 4.45
N HIS A 8 -33.31 -19.11 5.16
CA HIS A 8 -32.24 -18.24 4.73
C HIS A 8 -30.94 -18.85 5.18
N GLU A 9 -31.06 -19.87 6.03
CA GLU A 9 -29.91 -20.55 6.60
C GLU A 9 -29.33 -21.57 5.66
N ALA A 10 -28.26 -22.15 6.16
CA ALA A 10 -27.42 -23.06 5.40
C ALA A 10 -26.73 -22.30 4.30
N VAL A 11 -26.13 -21.21 4.72
CA VAL A 11 -25.39 -20.33 3.82
C VAL A 11 -24.16 -21.05 3.29
N VAL A 12 -23.67 -22.00 4.10
CA VAL A 12 -22.53 -22.84 3.78
C VAL A 12 -21.44 -22.12 3.01
N ARG A 13 -20.55 -21.52 3.76
CA ARG A 13 -19.38 -20.88 3.22
C ARG A 13 -18.20 -21.81 3.30
N VAL A 14 -17.74 -22.22 2.15
CA VAL A 14 -16.61 -23.09 2.01
C VAL A 14 -15.49 -22.33 1.33
N GLY A 15 -14.29 -22.81 1.51
CA GLY A 15 -13.13 -22.17 0.95
C GLY A 15 -12.56 -21.17 1.91
N THR A 16 -11.74 -21.65 2.83
CA THR A 16 -11.20 -20.81 3.87
C THR A 16 -10.18 -19.84 3.31
N LYS A 17 -9.53 -20.27 2.25
CA LYS A 17 -8.60 -19.42 1.52
C LYS A 17 -9.17 -19.06 0.14
N PRO A 18 -9.77 -17.87 0.04
CA PRO A 18 -10.41 -17.41 -1.19
C PRO A 18 -9.42 -16.98 -2.24
N GLY A 19 -9.40 -17.73 -3.31
CA GLY A 19 -8.50 -17.50 -4.41
C GLY A 19 -9.18 -16.82 -5.57
N THR A 20 -10.48 -16.84 -5.49
CA THR A 20 -11.36 -16.29 -6.51
C THR A 20 -11.04 -14.81 -6.79
N GLU A 21 -10.89 -14.05 -5.73
CA GLU A 21 -10.66 -12.62 -5.82
C GLU A 21 -9.61 -12.22 -4.82
N VAL A 22 -8.75 -11.30 -5.21
CA VAL A 22 -7.83 -10.68 -4.28
C VAL A 22 -8.49 -9.48 -3.63
N PRO A 23 -8.86 -9.59 -2.35
CA PRO A 23 -9.56 -8.53 -1.63
C PRO A 23 -8.74 -7.26 -1.52
N PRO A 24 -9.34 -6.11 -1.90
CA PRO A 24 -8.73 -4.81 -1.68
C PRO A 24 -8.42 -4.60 -0.21
N VAL A 25 -7.28 -4.01 0.05
CA VAL A 25 -6.78 -3.90 1.41
C VAL A 25 -7.44 -2.74 2.15
N ILE A 26 -8.00 -3.07 3.30
CA ILE A 26 -8.91 -2.18 4.04
C ILE A 26 -8.18 -1.04 4.75
N ASP A 27 -6.97 -1.30 5.20
CA ASP A 27 -6.22 -0.34 5.99
C ASP A 27 -5.48 0.60 5.07
N GLY A 28 -5.78 0.48 3.80
CA GLY A 28 -5.24 1.39 2.82
C GLY A 28 -5.72 2.79 3.08
N SER A 29 -6.65 2.92 3.99
CA SER A 29 -7.14 4.22 4.42
C SER A 29 -6.06 4.90 5.24
N ILE A 30 -5.47 4.12 6.13
CA ILE A 30 -4.39 4.60 6.99
C ILE A 30 -3.17 4.85 6.12
N TRP A 31 -2.99 3.94 5.17
CA TRP A 31 -1.85 3.98 4.29
C TRP A 31 -1.94 5.18 3.37
N ASP A 32 -3.15 5.51 2.95
CA ASP A 32 -3.36 6.66 2.10
C ASP A 32 -3.16 7.94 2.89
N ALA A 33 -3.67 7.97 4.12
CA ALA A 33 -3.53 9.14 4.96
C ALA A 33 -2.07 9.36 5.33
N ILE A 34 -1.34 8.26 5.51
CA ILE A 34 0.11 8.33 5.72
C ILE A 34 0.78 8.90 4.47
N ALA A 35 0.39 8.39 3.31
CA ALA A 35 0.88 8.90 2.05
C ALA A 35 0.56 10.37 1.91
N GLY A 36 -0.61 10.76 2.38
CA GLY A 36 -1.02 12.15 2.33
C GLY A 36 -0.15 13.03 3.21
N CYS A 37 0.38 12.44 4.26
CA CYS A 37 1.20 13.15 5.21
C CYS A 37 2.62 13.39 4.67
N GLU A 38 3.35 12.32 4.44
CA GLU A 38 4.76 12.42 4.14
C GLU A 38 5.00 12.60 2.66
N ALA A 39 4.12 12.01 1.86
CA ALA A 39 4.30 12.04 0.41
C ALA A 39 3.49 13.15 -0.24
N GLY A 40 2.63 13.79 0.54
CA GLY A 40 1.79 14.84 0.00
C GLY A 40 0.64 14.23 -0.74
N GLY A 41 0.43 12.96 -0.47
CA GLY A 41 -0.58 12.18 -1.13
C GLY A 41 -0.26 11.95 -2.57
N ASN A 42 0.87 11.29 -2.82
CA ASN A 42 1.28 10.99 -4.17
C ASN A 42 2.02 9.68 -4.18
N TRP A 43 1.51 8.77 -4.96
CA TRP A 43 2.02 7.41 -4.98
C TRP A 43 2.99 7.22 -6.12
N ALA A 44 3.09 8.27 -6.93
CA ALA A 44 3.96 8.25 -8.09
C ALA A 44 5.14 9.20 -7.91
N ILE A 45 5.31 9.71 -6.69
CA ILE A 45 6.40 10.60 -6.39
C ILE A 45 7.71 9.82 -6.37
N ASN A 46 8.76 10.44 -6.84
CA ASN A 46 10.05 9.78 -6.96
C ASN A 46 11.15 10.79 -7.18
N THR A 47 11.81 11.18 -6.10
CA THR A 47 12.88 12.16 -6.19
C THR A 47 14.20 11.49 -6.59
N GLY A 48 14.22 10.17 -6.55
CA GLY A 48 15.40 9.43 -6.93
C GLY A 48 16.31 9.21 -5.74
N ASN A 49 15.74 9.28 -4.55
CA ASN A 49 16.53 9.17 -3.33
C ASN A 49 16.67 7.71 -2.90
N GLY A 50 16.18 6.81 -3.74
CA GLY A 50 16.22 5.40 -3.43
C GLY A 50 14.93 4.91 -2.81
N TYR A 51 14.08 5.86 -2.42
CA TYR A 51 12.75 5.53 -1.94
C TYR A 51 11.74 6.06 -2.95
N TYR A 52 10.55 5.54 -2.89
CA TYR A 52 9.55 5.79 -3.89
C TYR A 52 8.27 6.33 -3.26
N GLY A 53 7.36 6.79 -4.10
CA GLY A 53 6.18 7.48 -3.62
C GLY A 53 5.19 6.60 -2.91
N GLY A 54 4.04 7.17 -2.61
CA GLY A 54 3.00 6.45 -1.90
C GLY A 54 3.26 6.42 -0.41
N VAL A 55 3.58 5.25 0.10
CA VAL A 55 3.80 5.08 1.54
C VAL A 55 5.29 5.27 1.87
N GLN A 56 5.99 5.94 0.95
CA GLN A 56 7.38 6.37 1.16
C GLN A 56 8.31 5.20 1.45
N PHE A 57 8.23 4.19 0.60
CA PHE A 57 9.08 3.02 0.72
C PHE A 57 10.46 3.23 0.14
N ASP A 58 11.47 2.76 0.82
CA ASP A 58 12.75 2.60 0.20
C ASP A 58 12.75 1.34 -0.63
N GLN A 59 13.60 1.26 -1.64
CA GLN A 59 13.65 0.10 -2.50
C GLN A 59 13.84 -1.17 -1.67
N GLY A 60 14.62 -1.04 -0.61
CA GLY A 60 15.02 -2.17 0.20
C GLY A 60 13.87 -2.76 0.99
N THR A 61 13.13 -1.92 1.70
CA THR A 61 12.01 -2.38 2.50
C THR A 61 10.89 -2.90 1.61
N TRP A 62 10.67 -2.19 0.51
CA TRP A 62 9.70 -2.60 -0.47
C TRP A 62 10.04 -3.99 -0.98
N GLU A 63 11.30 -4.15 -1.34
CA GLU A 63 11.78 -5.42 -1.84
C GLU A 63 11.77 -6.48 -0.76
N ALA A 64 12.03 -6.06 0.48
CA ALA A 64 12.08 -6.97 1.62
C ALA A 64 10.73 -7.62 1.85
N ASN A 65 9.67 -6.83 1.73
CA ASN A 65 8.31 -7.34 1.85
C ASN A 65 7.93 -8.13 0.60
N GLY A 66 8.69 -7.89 -0.47
CA GLY A 66 8.43 -8.54 -1.73
C GLY A 66 7.47 -7.75 -2.58
N GLY A 67 7.69 -6.45 -2.66
CA GLY A 67 6.74 -5.57 -3.31
C GLY A 67 6.86 -5.63 -4.82
N LEU A 68 7.95 -6.17 -5.29
CA LEU A 68 8.25 -6.22 -6.70
C LEU A 68 7.21 -6.99 -7.51
N ARG A 69 6.54 -7.94 -6.86
CA ARG A 69 5.45 -8.67 -7.49
C ARG A 69 4.30 -7.72 -7.79
N TYR A 70 4.16 -6.73 -6.93
CA TYR A 70 3.15 -5.70 -7.08
C TYR A 70 3.65 -4.73 -8.13
N ALA A 71 4.96 -4.57 -8.10
CA ALA A 71 5.74 -3.72 -8.97
C ALA A 71 7.07 -3.48 -8.29
N PRO A 72 8.19 -3.68 -8.98
CA PRO A 72 9.52 -3.54 -8.39
C PRO A 72 9.79 -2.15 -7.81
N ARG A 73 8.84 -1.24 -7.99
CA ARG A 73 8.93 0.08 -7.42
C ARG A 73 7.52 0.55 -7.03
N ALA A 74 7.43 1.14 -5.84
CA ALA A 74 6.17 1.61 -5.28
C ALA A 74 5.45 2.58 -6.19
N ASP A 75 6.18 3.34 -6.98
CA ASP A 75 5.59 4.36 -7.83
C ASP A 75 5.18 3.78 -9.18
N LEU A 76 5.25 2.47 -9.30
CA LEU A 76 4.71 1.76 -10.45
C LEU A 76 3.48 0.97 -10.00
N ALA A 77 3.53 0.51 -8.76
CA ALA A 77 2.41 -0.15 -8.14
C ALA A 77 1.43 0.90 -7.65
N THR A 78 0.21 0.48 -7.37
CA THR A 78 -0.81 1.40 -6.93
C THR A 78 -0.95 1.35 -5.42
N ARG A 79 -1.94 2.07 -4.91
CA ARG A 79 -2.17 2.16 -3.47
C ARG A 79 -2.22 0.78 -2.84
N GLU A 80 -3.07 -0.07 -3.36
CA GLU A 80 -3.34 -1.37 -2.76
C GLU A 80 -2.08 -2.24 -2.72
N GLU A 81 -1.31 -2.22 -3.79
CA GLU A 81 -0.01 -2.87 -3.82
C GLU A 81 0.93 -2.33 -2.74
N GLN A 82 1.08 -1.01 -2.69
CA GLN A 82 1.96 -0.37 -1.71
C GLN A 82 1.48 -0.72 -0.32
N ILE A 83 0.18 -0.73 -0.18
CA ILE A 83 -0.48 -1.05 1.06
C ILE A 83 -0.14 -2.46 1.51
N ALA A 84 -0.17 -3.42 0.58
CA ALA A 84 0.12 -4.81 0.90
C ALA A 84 1.58 -4.98 1.33
N VAL A 85 2.45 -4.22 0.70
CA VAL A 85 3.85 -4.19 1.07
C VAL A 85 4.01 -3.60 2.46
N ALA A 86 3.36 -2.46 2.68
CA ALA A 86 3.30 -1.83 4.00
C ALA A 86 2.67 -2.77 5.01
N GLU A 87 1.78 -3.62 4.52
CA GLU A 87 1.08 -4.59 5.37
C GLU A 87 2.09 -5.50 6.04
N VAL A 88 3.09 -5.97 5.28
CA VAL A 88 4.13 -6.81 5.85
C VAL A 88 4.92 -6.07 6.91
N THR A 89 5.34 -4.86 6.58
CA THR A 89 6.17 -4.07 7.47
C THR A 89 5.39 -3.65 8.72
N ARG A 90 4.12 -3.25 8.54
CA ARG A 90 3.29 -2.82 9.65
C ARG A 90 2.96 -4.00 10.53
N LEU A 91 2.84 -5.14 9.89
CA LEU A 91 2.51 -6.39 10.56
C LEU A 91 3.51 -6.71 11.66
N ARG A 92 4.72 -6.22 11.47
CA ARG A 92 5.81 -6.50 12.37
C ARG A 92 5.91 -5.45 13.45
N GLN A 93 5.92 -4.19 13.03
CA GLN A 93 6.22 -3.11 13.96
C GLN A 93 4.97 -2.29 14.37
N GLY A 94 3.88 -2.45 13.63
CA GLY A 94 2.66 -1.73 13.94
C GLY A 94 2.51 -0.57 13.00
N TRP A 95 2.91 0.58 13.47
CA TRP A 95 3.00 1.78 12.66
C TRP A 95 4.18 2.57 13.18
N GLY A 96 5.05 1.85 13.89
CA GLY A 96 6.21 2.46 14.52
C GLY A 96 7.21 2.99 13.51
N ALA A 97 7.22 2.39 12.33
CA ALA A 97 8.09 2.85 11.26
C ALA A 97 7.48 4.05 10.56
N TRP A 98 6.20 4.24 10.79
CA TRP A 98 5.49 5.37 10.23
C TRP A 98 5.21 6.39 11.33
N PRO A 99 5.94 7.52 11.28
CA PRO A 99 5.88 8.57 12.31
C PRO A 99 4.51 9.22 12.49
N VAL A 100 4.49 10.54 12.64
CA VAL A 100 3.24 11.28 12.89
C VAL A 100 2.21 10.99 11.81
N CYS A 101 2.69 10.65 10.65
CA CYS A 101 1.85 10.30 9.52
C CYS A 101 0.90 9.16 9.86
N ALA A 102 1.35 8.22 10.67
CA ALA A 102 0.51 7.10 11.09
C ALA A 102 -0.58 7.57 12.05
N ALA A 103 -0.19 8.38 13.03
CA ALA A 103 -1.14 8.94 13.98
C ALA A 103 -2.19 9.77 13.26
N ARG A 104 -1.74 10.55 12.30
CA ARG A 104 -2.60 11.39 11.48
C ARG A 104 -3.50 10.54 10.58
N ALA A 105 -3.10 9.29 10.39
CA ALA A 105 -3.82 8.39 9.50
C ALA A 105 -4.80 7.50 10.26
N GLY A 106 -4.56 7.35 11.55
CA GLY A 106 -5.37 6.45 12.36
C GLY A 106 -4.65 5.14 12.64
N ALA A 107 -3.46 5.26 13.22
CA ALA A 107 -2.62 4.12 13.56
C ALA A 107 -3.34 3.16 14.48
N ARG A 108 -3.01 1.88 14.37
CA ARG A 108 -3.74 0.85 15.08
C ARG A 108 -2.77 -0.12 15.73
N ASN A 1 -49.09 12.56 -20.08
CA ASN A 1 -48.03 11.70 -19.47
C ASN A 1 -48.63 10.88 -18.34
N VAL A 2 -48.75 9.58 -18.56
CA VAL A 2 -49.30 8.69 -17.55
C VAL A 2 -48.23 7.78 -17.00
N VAL A 3 -47.59 7.03 -17.90
CA VAL A 3 -46.59 6.07 -17.50
C VAL A 3 -45.23 6.73 -17.34
N VAL A 4 -45.07 7.41 -16.23
CA VAL A 4 -43.81 8.05 -15.90
C VAL A 4 -43.37 7.58 -14.52
N THR A 5 -42.08 7.39 -14.37
CA THR A 5 -41.55 6.88 -13.13
C THR A 5 -40.42 7.76 -12.60
N PRO A 6 -40.71 8.58 -11.59
CA PRO A 6 -39.72 9.39 -10.91
C PRO A 6 -38.94 8.55 -9.93
N ALA A 7 -37.65 8.77 -9.95
CA ALA A 7 -36.69 7.98 -9.19
C ALA A 7 -36.84 6.50 -9.50
N HIS A 8 -37.03 6.23 -10.78
CA HIS A 8 -37.03 4.87 -11.28
C HIS A 8 -35.62 4.32 -11.20
N GLU A 9 -34.67 5.24 -11.00
CA GLU A 9 -33.28 4.85 -10.81
C GLU A 9 -32.99 4.77 -9.32
N ALA A 10 -32.45 3.64 -8.90
CA ALA A 10 -32.18 3.41 -7.50
C ALA A 10 -30.75 2.98 -7.30
N VAL A 11 -29.87 3.92 -7.56
CA VAL A 11 -28.44 3.69 -7.40
C VAL A 11 -28.11 3.43 -5.94
N VAL A 12 -28.80 4.18 -5.06
CA VAL A 12 -28.63 4.19 -3.62
C VAL A 12 -27.48 3.33 -3.11
N ARG A 13 -26.31 3.85 -3.38
CA ARG A 13 -25.04 3.24 -3.02
C ARG A 13 -23.98 4.31 -3.03
N VAL A 14 -23.14 4.31 -2.03
CA VAL A 14 -22.14 5.34 -1.90
C VAL A 14 -21.07 5.12 -2.96
N GLY A 15 -20.50 6.21 -3.37
CA GLY A 15 -19.53 6.18 -4.42
C GLY A 15 -18.17 6.59 -3.94
N THR A 16 -17.70 5.87 -2.95
CA THR A 16 -16.39 6.08 -2.38
C THR A 16 -15.33 5.61 -3.35
N LYS A 17 -15.68 4.56 -4.06
CA LYS A 17 -14.83 3.94 -5.05
C LYS A 17 -14.60 4.87 -6.23
N PRO A 18 -13.33 5.20 -6.46
CA PRO A 18 -12.89 5.93 -7.65
C PRO A 18 -12.99 5.06 -8.89
N GLY A 19 -12.54 5.60 -9.99
CA GLY A 19 -12.51 4.84 -11.23
C GLY A 19 -11.61 3.64 -11.08
N THR A 20 -10.66 3.82 -10.19
CA THR A 20 -9.69 2.80 -9.82
C THR A 20 -10.38 1.55 -9.26
N GLU A 21 -11.41 1.77 -8.45
CA GLU A 21 -12.11 0.73 -7.71
C GLU A 21 -11.19 -0.37 -7.20
N VAL A 22 -10.53 -0.05 -6.13
CA VAL A 22 -9.72 -0.99 -5.39
C VAL A 22 -10.56 -1.64 -4.28
N PRO A 23 -10.61 -2.98 -4.27
CA PRO A 23 -11.20 -3.74 -3.16
C PRO A 23 -10.55 -3.33 -1.83
N PRO A 24 -11.36 -3.00 -0.82
CA PRO A 24 -10.88 -2.47 0.44
C PRO A 24 -9.85 -3.34 1.12
N VAL A 25 -8.86 -2.68 1.70
CA VAL A 25 -7.81 -3.34 2.44
C VAL A 25 -7.87 -2.89 3.89
N ILE A 26 -7.44 -3.73 4.80
CA ILE A 26 -7.69 -3.54 6.23
C ILE A 26 -7.19 -2.17 6.70
N ASP A 27 -6.01 -1.81 6.25
CA ASP A 27 -5.34 -0.60 6.70
C ASP A 27 -5.04 0.31 5.54
N GLY A 28 -5.60 -0.02 4.40
CA GLY A 28 -5.35 0.74 3.19
C GLY A 28 -5.79 2.17 3.34
N SER A 29 -6.56 2.42 4.38
CA SER A 29 -7.03 3.76 4.68
C SER A 29 -5.92 4.57 5.30
N ILE A 30 -5.19 3.91 6.19
CA ILE A 30 -4.09 4.51 6.89
C ILE A 30 -2.99 4.80 5.89
N TRP A 31 -2.85 3.86 4.96
CA TRP A 31 -1.81 3.96 3.94
C TRP A 31 -2.05 5.12 3.02
N ASP A 32 -3.32 5.38 2.75
CA ASP A 32 -3.70 6.49 1.90
C ASP A 32 -3.45 7.81 2.62
N ALA A 33 -3.79 7.87 3.90
CA ALA A 33 -3.57 9.08 4.66
C ALA A 33 -2.09 9.32 4.89
N ILE A 34 -1.34 8.22 5.04
CA ILE A 34 0.11 8.30 5.15
C ILE A 34 0.72 8.87 3.87
N ALA A 35 0.22 8.39 2.74
CA ALA A 35 0.64 8.90 1.44
C ALA A 35 0.31 10.37 1.32
N GLY A 36 -0.80 10.75 1.91
CA GLY A 36 -1.23 12.13 1.87
C GLY A 36 -0.39 13.01 2.77
N CYS A 37 0.34 12.37 3.68
CA CYS A 37 1.16 13.07 4.64
C CYS A 37 2.50 13.49 4.05
N GLU A 38 3.30 12.52 3.63
CA GLU A 38 4.66 12.80 3.20
C GLU A 38 4.70 13.13 1.71
N ALA A 39 3.81 12.49 0.95
CA ALA A 39 3.84 12.61 -0.49
C ALA A 39 2.81 13.62 -0.98
N GLY A 40 1.93 14.05 -0.09
CA GLY A 40 0.86 14.96 -0.48
C GLY A 40 -0.19 14.21 -1.25
N GLY A 41 -0.12 12.90 -1.11
CA GLY A 41 -0.96 12.02 -1.87
C GLY A 41 -0.46 11.83 -3.28
N ASN A 42 0.74 11.29 -3.40
CA ASN A 42 1.36 11.07 -4.69
C ASN A 42 2.12 9.77 -4.64
N TRP A 43 1.47 8.72 -5.10
CA TRP A 43 2.03 7.37 -5.01
C TRP A 43 3.07 7.17 -6.10
N ALA A 44 3.22 8.18 -6.94
CA ALA A 44 4.16 8.12 -8.05
C ALA A 44 5.33 9.11 -7.85
N ILE A 45 5.47 9.62 -6.64
CA ILE A 45 6.54 10.56 -6.33
C ILE A 45 7.87 9.82 -6.21
N ASN A 46 8.93 10.46 -6.63
CA ASN A 46 10.25 9.87 -6.55
C ASN A 46 11.28 10.96 -6.30
N THR A 47 11.50 11.26 -5.03
CA THR A 47 12.46 12.27 -4.66
C THR A 47 13.88 11.80 -4.96
N GLY A 48 14.06 10.49 -4.94
CA GLY A 48 15.35 9.91 -5.23
C GLY A 48 16.08 9.53 -3.95
N ASN A 49 15.32 9.43 -2.87
CA ASN A 49 15.91 9.18 -1.56
C ASN A 49 15.95 7.70 -1.24
N GLY A 50 15.67 6.87 -2.24
CA GLY A 50 15.68 5.43 -2.06
C GLY A 50 14.32 4.91 -1.64
N TYR A 51 13.43 5.83 -1.30
CA TYR A 51 12.07 5.49 -0.93
C TYR A 51 11.19 6.05 -2.03
N TYR A 52 9.97 5.57 -2.11
CA TYR A 52 9.16 5.87 -3.27
C TYR A 52 7.82 6.49 -2.90
N GLY A 53 7.13 6.97 -3.92
CA GLY A 53 5.88 7.68 -3.71
C GLY A 53 4.82 6.85 -3.05
N GLY A 54 3.85 7.54 -2.48
CA GLY A 54 2.80 6.86 -1.77
C GLY A 54 3.12 6.72 -0.30
N VAL A 55 3.40 5.50 0.14
CA VAL A 55 3.61 5.24 1.56
C VAL A 55 5.08 5.48 1.94
N GLN A 56 5.79 6.13 1.04
CA GLN A 56 7.10 6.75 1.30
C GLN A 56 8.12 5.83 1.96
N PHE A 57 8.10 4.53 1.65
CA PHE A 57 9.09 3.64 2.25
C PHE A 57 10.05 3.07 1.22
N ASP A 58 11.10 2.43 1.71
CA ASP A 58 12.28 2.14 0.91
C ASP A 58 12.15 0.87 0.08
N GLN A 59 13.07 0.79 -0.89
CA GLN A 59 13.16 -0.33 -1.81
C GLN A 59 13.48 -1.64 -1.09
N GLY A 60 14.36 -1.55 -0.11
CA GLY A 60 14.80 -2.75 0.59
C GLY A 60 13.68 -3.41 1.36
N THR A 61 12.95 -2.61 2.11
CA THR A 61 11.79 -3.08 2.83
C THR A 61 10.69 -3.54 1.88
N TRP A 62 10.50 -2.77 0.82
CA TRP A 62 9.56 -3.10 -0.23
C TRP A 62 9.89 -4.47 -0.81
N GLU A 63 11.15 -4.63 -1.14
CA GLU A 63 11.64 -5.85 -1.75
C GLU A 63 11.59 -7.00 -0.75
N ALA A 64 11.80 -6.67 0.52
CA ALA A 64 11.79 -7.68 1.58
C ALA A 64 10.40 -8.26 1.76
N ASN A 65 9.39 -7.41 1.70
CA ASN A 65 8.01 -7.85 1.80
C ASN A 65 7.52 -8.34 0.45
N GLY A 66 8.38 -8.25 -0.56
CA GLY A 66 8.10 -8.80 -1.87
C GLY A 66 7.19 -7.90 -2.69
N GLY A 67 7.55 -6.62 -2.75
CA GLY A 67 6.72 -5.67 -3.45
C GLY A 67 6.91 -5.69 -4.94
N LEU A 68 8.02 -6.26 -5.39
CA LEU A 68 8.40 -6.21 -6.78
C LEU A 68 7.38 -6.87 -7.70
N ARG A 69 6.66 -7.84 -7.16
CA ARG A 69 5.59 -8.50 -7.89
C ARG A 69 4.43 -7.53 -8.12
N TYR A 70 4.29 -6.58 -7.20
CA TYR A 70 3.30 -5.54 -7.32
C TYR A 70 3.85 -4.52 -8.28
N ALA A 71 5.17 -4.38 -8.19
CA ALA A 71 5.98 -3.47 -8.97
C ALA A 71 7.26 -3.28 -8.20
N PRO A 72 8.42 -3.46 -8.85
CA PRO A 72 9.73 -3.38 -8.19
C PRO A 72 9.96 -2.05 -7.47
N ARG A 73 9.04 -1.13 -7.63
CA ARG A 73 9.11 0.16 -6.95
C ARG A 73 7.70 0.65 -6.63
N ALA A 74 7.55 1.21 -5.44
CA ALA A 74 6.25 1.66 -4.93
C ALA A 74 5.62 2.75 -5.78
N ASP A 75 6.43 3.48 -6.54
CA ASP A 75 5.90 4.56 -7.38
C ASP A 75 5.41 4.02 -8.71
N LEU A 76 5.68 2.76 -8.95
CA LEU A 76 5.16 2.07 -10.11
C LEU A 76 3.92 1.29 -9.72
N ALA A 77 3.92 0.82 -8.48
CA ALA A 77 2.78 0.12 -7.92
C ALA A 77 1.72 1.12 -7.52
N THR A 78 0.49 0.67 -7.47
CA THR A 78 -0.61 1.54 -7.17
C THR A 78 -1.00 1.42 -5.71
N ARG A 79 -2.09 2.08 -5.32
CA ARG A 79 -2.54 2.09 -3.94
C ARG A 79 -2.64 0.68 -3.38
N GLU A 80 -3.37 -0.17 -4.08
CA GLU A 80 -3.59 -1.53 -3.62
C GLU A 80 -2.29 -2.31 -3.50
N GLU A 81 -1.47 -2.21 -4.53
CA GLU A 81 -0.17 -2.87 -4.54
C GLU A 81 0.73 -2.40 -3.41
N GLN A 82 0.88 -1.10 -3.31
CA GLN A 82 1.78 -0.51 -2.35
C GLN A 82 1.26 -0.68 -0.94
N ILE A 83 -0.06 -0.65 -0.81
CA ILE A 83 -0.71 -0.93 0.45
C ILE A 83 -0.37 -2.34 0.91
N ALA A 84 -0.40 -3.29 -0.01
CA ALA A 84 -0.21 -4.70 0.34
C ALA A 84 1.20 -4.94 0.88
N VAL A 85 2.16 -4.28 0.27
CA VAL A 85 3.56 -4.36 0.71
C VAL A 85 3.74 -3.70 2.07
N ALA A 86 3.24 -2.47 2.22
CA ALA A 86 3.24 -1.77 3.49
C ALA A 86 2.48 -2.57 4.53
N GLU A 87 1.50 -3.33 4.07
CA GLU A 87 0.69 -4.17 4.96
C GLU A 87 1.58 -5.15 5.69
N VAL A 88 2.51 -5.77 4.96
CA VAL A 88 3.46 -6.68 5.59
C VAL A 88 4.31 -5.92 6.59
N THR A 89 4.80 -4.76 6.19
CA THR A 89 5.71 -3.98 6.99
C THR A 89 5.09 -3.58 8.32
N ARG A 90 3.86 -3.06 8.26
CA ARG A 90 3.20 -2.48 9.43
C ARG A 90 3.01 -3.53 10.52
N LEU A 91 2.80 -4.77 10.10
CA LEU A 91 2.49 -5.85 11.04
C LEU A 91 3.69 -6.13 11.92
N ARG A 92 4.85 -5.82 11.38
CA ARG A 92 6.10 -6.17 12.02
C ARG A 92 6.53 -5.08 12.97
N GLN A 93 6.53 -3.86 12.48
CA GLN A 93 7.10 -2.76 13.23
C GLN A 93 6.04 -1.93 13.98
N GLY A 94 4.79 -1.95 13.52
CA GLY A 94 3.71 -1.30 14.25
C GLY A 94 3.66 0.18 13.98
N TRP A 95 3.74 0.53 12.69
CA TRP A 95 3.72 1.92 12.24
C TRP A 95 4.90 2.68 12.86
N GLY A 96 5.89 1.91 13.29
CA GLY A 96 7.12 2.51 13.79
C GLY A 96 8.03 2.99 12.67
N ALA A 97 7.78 2.49 11.47
CA ALA A 97 8.53 2.92 10.29
C ALA A 97 7.93 4.21 9.77
N TRP A 98 6.62 4.35 9.95
CA TRP A 98 5.92 5.55 9.55
C TRP A 98 5.57 6.36 10.80
N PRO A 99 6.31 7.45 11.07
CA PRO A 99 6.15 8.22 12.31
C PRO A 99 4.93 9.14 12.34
N VAL A 100 5.08 10.40 11.90
CA VAL A 100 4.02 11.38 12.04
C VAL A 100 2.87 11.05 11.13
N CYS A 101 3.21 10.41 10.03
CA CYS A 101 2.26 10.12 8.98
C CYS A 101 1.30 9.01 9.37
N ALA A 102 1.81 8.00 10.07
CA ALA A 102 0.94 6.90 10.52
C ALA A 102 0.01 7.38 11.61
N ALA A 103 0.55 8.16 12.54
CA ALA A 103 -0.25 8.72 13.63
C ALA A 103 -1.39 9.57 13.08
N ARG A 104 -1.07 10.41 12.11
CA ARG A 104 -2.04 11.28 11.47
C ARG A 104 -2.99 10.51 10.57
N ALA A 105 -2.60 9.29 10.18
CA ALA A 105 -3.42 8.45 9.33
C ALA A 105 -4.32 7.52 10.15
N GLY A 106 -3.93 7.30 11.41
CA GLY A 106 -4.68 6.40 12.26
C GLY A 106 -3.90 5.13 12.56
N ALA A 107 -2.76 5.28 13.22
CA ALA A 107 -1.88 4.16 13.56
C ALA A 107 -2.56 3.21 14.53
N ARG A 108 -2.22 1.93 14.45
CA ARG A 108 -2.94 0.92 15.19
C ARG A 108 -1.96 0.00 15.90
N ASN A 1 -42.80 -18.46 -36.82
CA ASN A 1 -43.44 -17.27 -37.40
C ASN A 1 -43.50 -16.16 -36.36
N VAL A 2 -43.11 -14.96 -36.78
CA VAL A 2 -43.01 -13.81 -35.91
C VAL A 2 -42.06 -14.12 -34.74
N VAL A 3 -40.78 -13.86 -34.99
CA VAL A 3 -39.73 -14.19 -34.06
C VAL A 3 -39.83 -13.40 -32.75
N VAL A 4 -39.96 -14.13 -31.66
CA VAL A 4 -39.80 -13.55 -30.33
C VAL A 4 -38.48 -14.03 -29.78
N THR A 5 -37.77 -13.17 -29.09
CA THR A 5 -36.42 -13.48 -28.66
C THR A 5 -36.38 -14.14 -27.28
N PRO A 6 -35.88 -15.37 -27.23
CA PRO A 6 -35.62 -16.06 -25.99
C PRO A 6 -34.25 -15.70 -25.46
N ALA A 7 -34.02 -16.03 -24.21
CA ALA A 7 -32.78 -15.69 -23.49
C ALA A 7 -32.47 -14.20 -23.54
N HIS A 8 -33.50 -13.42 -23.78
CA HIS A 8 -33.41 -11.97 -23.64
C HIS A 8 -33.56 -11.62 -22.17
N GLU A 9 -33.85 -12.66 -21.38
CA GLU A 9 -34.12 -12.49 -19.96
C GLU A 9 -32.90 -11.96 -19.22
N ALA A 10 -33.14 -11.15 -18.20
CA ALA A 10 -32.09 -10.55 -17.43
C ALA A 10 -31.98 -11.26 -16.09
N VAL A 11 -31.63 -12.52 -16.18
CA VAL A 11 -31.45 -13.38 -15.02
C VAL A 11 -30.39 -12.81 -14.07
N VAL A 12 -29.45 -12.05 -14.63
CA VAL A 12 -28.36 -11.42 -13.91
C VAL A 12 -27.76 -12.36 -12.86
N ARG A 13 -26.76 -13.07 -13.29
CA ARG A 13 -26.04 -13.99 -12.44
C ARG A 13 -24.90 -13.24 -11.79
N VAL A 14 -25.00 -13.11 -10.49
CA VAL A 14 -24.04 -12.35 -9.72
C VAL A 14 -22.79 -13.15 -9.48
N GLY A 15 -21.75 -12.44 -9.14
CA GLY A 15 -20.47 -13.02 -8.89
C GLY A 15 -19.37 -12.03 -9.16
N THR A 16 -19.05 -11.22 -8.15
CA THR A 16 -18.02 -10.21 -8.26
C THR A 16 -16.66 -10.87 -8.45
N LYS A 17 -16.51 -12.01 -7.78
CA LYS A 17 -15.33 -12.87 -7.89
C LYS A 17 -14.03 -12.08 -8.00
N PRO A 18 -13.51 -11.55 -6.88
CA PRO A 18 -12.25 -10.84 -6.86
C PRO A 18 -11.07 -11.71 -7.23
N GLY A 19 -9.99 -11.06 -7.56
CA GLY A 19 -8.82 -11.73 -8.06
C GLY A 19 -8.28 -11.01 -9.27
N THR A 20 -9.17 -10.79 -10.23
CA THR A 20 -8.89 -9.90 -11.34
C THR A 20 -8.76 -8.47 -10.82
N GLU A 21 -9.49 -8.20 -9.76
CA GLU A 21 -9.47 -6.94 -9.08
C GLU A 21 -9.19 -7.20 -7.61
N VAL A 22 -8.34 -6.39 -7.04
CA VAL A 22 -7.92 -6.56 -5.66
C VAL A 22 -8.97 -6.01 -4.69
N PRO A 23 -9.41 -6.85 -3.74
CA PRO A 23 -10.40 -6.47 -2.72
C PRO A 23 -9.97 -5.23 -1.96
N PRO A 24 -10.94 -4.34 -1.67
CA PRO A 24 -10.68 -3.08 -0.98
C PRO A 24 -9.98 -3.26 0.35
N VAL A 25 -9.05 -2.38 0.60
CA VAL A 25 -8.30 -2.36 1.84
C VAL A 25 -8.93 -1.39 2.82
N ILE A 26 -9.14 -1.85 4.04
CA ILE A 26 -9.71 -1.01 5.08
C ILE A 26 -8.63 -0.15 5.73
N ASP A 27 -7.41 -0.68 5.75
CA ASP A 27 -6.29 0.01 6.37
C ASP A 27 -5.65 0.94 5.37
N GLY A 28 -6.18 0.89 4.17
CA GLY A 28 -5.67 1.72 3.11
C GLY A 28 -6.02 3.14 3.34
N SER A 29 -6.83 3.36 4.36
CA SER A 29 -7.16 4.70 4.79
C SER A 29 -5.99 5.26 5.58
N ILE A 30 -5.39 4.39 6.37
CA ILE A 30 -4.21 4.73 7.14
C ILE A 30 -3.05 4.85 6.17
N TRP A 31 -3.07 3.97 5.18
CA TRP A 31 -2.02 3.92 4.19
C TRP A 31 -2.10 5.13 3.27
N ASP A 32 -3.31 5.54 2.94
CA ASP A 32 -3.52 6.69 2.10
C ASP A 32 -3.35 7.98 2.90
N ALA A 33 -3.65 7.95 4.19
CA ALA A 33 -3.45 9.12 5.02
C ALA A 33 -1.95 9.36 5.24
N ILE A 34 -1.19 8.27 5.31
CA ILE A 34 0.26 8.35 5.31
C ILE A 34 0.76 8.92 4.00
N ALA A 35 0.22 8.40 2.91
CA ALA A 35 0.52 8.91 1.58
C ALA A 35 0.19 10.38 1.48
N GLY A 36 -0.93 10.75 2.08
CA GLY A 36 -1.37 12.13 2.07
C GLY A 36 -0.58 12.98 3.03
N CYS A 37 0.24 12.33 3.82
CA CYS A 37 1.06 12.99 4.81
C CYS A 37 2.43 13.36 4.24
N GLU A 38 3.23 12.35 3.90
CA GLU A 38 4.58 12.61 3.43
C GLU A 38 4.63 12.78 1.92
N ALA A 39 3.77 12.05 1.23
CA ALA A 39 3.80 12.08 -0.22
C ALA A 39 2.89 13.18 -0.78
N GLY A 40 2.07 13.76 0.09
CA GLY A 40 1.17 14.80 -0.34
C GLY A 40 0.00 14.22 -1.09
N GLY A 41 -0.10 12.91 -0.97
CA GLY A 41 -1.10 12.16 -1.68
C GLY A 41 -0.70 11.90 -3.12
N ASN A 42 0.46 11.27 -3.29
CA ASN A 42 1.01 10.99 -4.60
C ASN A 42 1.77 9.70 -4.56
N TRP A 43 1.19 8.67 -5.13
CA TRP A 43 1.75 7.33 -5.05
C TRP A 43 2.80 7.14 -6.12
N ALA A 44 2.83 8.08 -7.05
CA ALA A 44 3.78 8.02 -8.15
C ALA A 44 4.88 9.06 -7.98
N ILE A 45 4.97 9.61 -6.77
CA ILE A 45 6.00 10.57 -6.45
C ILE A 45 7.31 9.82 -6.21
N ASN A 46 8.41 10.43 -6.60
CA ASN A 46 9.71 9.79 -6.47
C ASN A 46 10.80 10.84 -6.44
N THR A 47 11.26 11.15 -5.24
CA THR A 47 12.31 12.13 -5.05
C THR A 47 13.64 11.58 -5.53
N GLY A 48 13.76 10.26 -5.52
CA GLY A 48 14.95 9.61 -5.98
C GLY A 48 15.86 9.26 -4.83
N ASN A 49 15.30 9.27 -3.63
CA ASN A 49 16.12 9.11 -2.42
C ASN A 49 16.26 7.63 -2.04
N GLY A 50 15.81 6.75 -2.92
CA GLY A 50 15.87 5.33 -2.64
C GLY A 50 14.57 4.81 -2.06
N TYR A 51 13.71 5.73 -1.68
CA TYR A 51 12.39 5.41 -1.21
C TYR A 51 11.42 5.97 -2.24
N TYR A 52 10.21 5.45 -2.26
CA TYR A 52 9.30 5.76 -3.34
C TYR A 52 8.01 6.35 -2.82
N GLY A 53 7.18 6.84 -3.73
CA GLY A 53 6.00 7.57 -3.35
C GLY A 53 4.91 6.73 -2.71
N GLY A 54 3.75 7.32 -2.58
CA GLY A 54 2.62 6.62 -1.98
C GLY A 54 2.80 6.50 -0.49
N VAL A 55 3.07 5.29 -0.03
CA VAL A 55 3.27 5.05 1.39
C VAL A 55 4.71 5.37 1.80
N GLN A 56 5.48 5.79 0.80
CA GLN A 56 6.76 6.46 1.00
C GLN A 56 7.79 5.65 1.79
N PHE A 57 8.07 4.41 1.39
CA PHE A 57 9.16 3.69 2.04
C PHE A 57 10.17 3.14 1.04
N ASP A 58 11.27 2.62 1.58
CA ASP A 58 12.48 2.38 0.78
C ASP A 58 12.41 1.14 -0.09
N GLN A 59 13.31 1.11 -1.06
CA GLN A 59 13.45 -0.01 -1.97
C GLN A 59 13.73 -1.31 -1.20
N GLY A 60 14.59 -1.21 -0.21
CA GLY A 60 15.06 -2.40 0.48
C GLY A 60 13.98 -3.08 1.27
N THR A 61 13.26 -2.31 2.04
CA THR A 61 12.15 -2.82 2.84
C THR A 61 11.02 -3.30 1.92
N TRP A 62 10.75 -2.54 0.87
CA TRP A 62 9.77 -2.90 -0.15
C TRP A 62 10.15 -4.25 -0.74
N GLU A 63 11.41 -4.36 -1.09
CA GLU A 63 11.94 -5.56 -1.70
C GLU A 63 11.92 -6.72 -0.71
N ALA A 64 12.18 -6.41 0.55
CA ALA A 64 12.23 -7.43 1.61
C ALA A 64 10.85 -8.04 1.83
N ASN A 65 9.83 -7.20 1.82
CA ASN A 65 8.47 -7.67 1.98
C ASN A 65 7.98 -8.30 0.67
N GLY A 66 8.72 -8.06 -0.40
CA GLY A 66 8.42 -8.67 -1.69
C GLY A 66 7.53 -7.82 -2.54
N GLY A 67 7.84 -6.53 -2.63
CA GLY A 67 6.98 -5.60 -3.32
C GLY A 67 7.17 -5.64 -4.82
N LEU A 68 8.31 -6.16 -5.25
CA LEU A 68 8.69 -6.13 -6.65
C LEU A 68 7.75 -6.94 -7.52
N ARG A 69 7.07 -7.91 -6.92
CA ARG A 69 6.07 -8.69 -7.63
C ARG A 69 4.92 -7.78 -8.04
N TYR A 70 4.69 -6.77 -7.21
CA TYR A 70 3.68 -5.78 -7.46
C TYR A 70 4.25 -4.77 -8.42
N ALA A 71 5.54 -4.54 -8.21
CA ALA A 71 6.33 -3.60 -8.97
C ALA A 71 7.61 -3.36 -8.19
N PRO A 72 8.77 -3.52 -8.85
CA PRO A 72 10.07 -3.35 -8.18
C PRO A 72 10.27 -1.97 -7.57
N ARG A 73 9.31 -1.10 -7.78
CA ARG A 73 9.31 0.22 -7.20
C ARG A 73 7.87 0.59 -6.84
N ALA A 74 7.69 1.11 -5.64
CA ALA A 74 6.38 1.44 -5.10
C ALA A 74 5.63 2.42 -5.98
N ASP A 75 6.35 3.26 -6.70
CA ASP A 75 5.71 4.29 -7.50
C ASP A 75 5.29 3.76 -8.87
N LEU A 76 5.61 2.51 -9.12
CA LEU A 76 5.09 1.82 -10.29
C LEU A 76 3.88 1.01 -9.87
N ALA A 77 3.89 0.62 -8.60
CA ALA A 77 2.76 -0.04 -7.98
C ALA A 77 1.71 1.00 -7.57
N THR A 78 0.47 0.57 -7.48
CA THR A 78 -0.61 1.45 -7.08
C THR A 78 -0.93 1.26 -5.62
N ARG A 79 -2.01 1.89 -5.15
CA ARG A 79 -2.42 1.82 -3.75
C ARG A 79 -2.45 0.40 -3.27
N GLU A 80 -3.16 -0.43 -3.99
CA GLU A 80 -3.37 -1.81 -3.61
C GLU A 80 -2.05 -2.59 -3.49
N GLU A 81 -1.11 -2.37 -4.42
CA GLU A 81 0.21 -2.96 -4.31
C GLU A 81 1.00 -2.41 -3.13
N GLN A 82 1.09 -1.09 -3.06
CA GLN A 82 1.90 -0.43 -2.02
C GLN A 82 1.40 -0.81 -0.64
N ILE A 83 0.08 -0.79 -0.51
CA ILE A 83 -0.56 -1.14 0.74
C ILE A 83 -0.24 -2.58 1.12
N ALA A 84 -0.23 -3.48 0.15
CA ALA A 84 0.03 -4.90 0.43
C ALA A 84 1.45 -5.11 0.99
N VAL A 85 2.40 -4.41 0.41
CA VAL A 85 3.78 -4.49 0.84
C VAL A 85 3.94 -3.84 2.21
N ALA A 86 3.39 -2.65 2.34
CA ALA A 86 3.34 -1.94 3.62
C ALA A 86 2.61 -2.79 4.66
N GLU A 87 1.68 -3.60 4.19
CA GLU A 87 0.93 -4.50 5.07
C GLU A 87 1.85 -5.46 5.78
N VAL A 88 2.84 -5.96 5.05
CA VAL A 88 3.88 -6.78 5.67
C VAL A 88 4.65 -5.96 6.68
N THR A 89 5.06 -4.78 6.27
CA THR A 89 5.90 -3.93 7.08
C THR A 89 5.20 -3.49 8.36
N ARG A 90 3.96 -3.02 8.25
CA ARG A 90 3.22 -2.51 9.39
C ARG A 90 3.04 -3.60 10.41
N LEU A 91 2.91 -4.80 9.88
CA LEU A 91 2.58 -5.97 10.68
C LEU A 91 3.70 -6.32 11.64
N ARG A 92 4.92 -6.05 11.25
CA ARG A 92 6.08 -6.42 12.02
C ARG A 92 6.37 -5.37 13.08
N GLN A 93 6.35 -4.12 12.64
CA GLN A 93 6.83 -3.04 13.47
C GLN A 93 5.72 -2.24 14.14
N GLY A 94 4.54 -2.21 13.53
CA GLY A 94 3.40 -1.58 14.17
C GLY A 94 3.27 -0.13 13.78
N TRP A 95 3.53 0.15 12.49
CA TRP A 95 3.49 1.50 11.93
C TRP A 95 4.68 2.30 12.45
N GLY A 96 5.56 1.61 13.17
CA GLY A 96 6.76 2.24 13.73
C GLY A 96 7.65 2.91 12.70
N ALA A 97 7.78 2.28 11.52
CA ALA A 97 8.61 2.85 10.45
C ALA A 97 7.97 4.11 9.90
N TRP A 98 6.66 4.24 10.09
CA TRP A 98 5.97 5.43 9.68
C TRP A 98 5.73 6.32 10.91
N PRO A 99 6.51 7.40 11.06
CA PRO A 99 6.51 8.23 12.26
C PRO A 99 5.27 9.10 12.45
N VAL A 100 5.31 10.32 11.92
CA VAL A 100 4.25 11.29 12.16
C VAL A 100 3.00 10.89 11.41
N CYS A 101 3.20 10.23 10.29
CA CYS A 101 2.12 9.97 9.35
C CYS A 101 1.22 8.84 9.83
N ALA A 102 1.76 7.92 10.62
CA ALA A 102 0.98 6.80 11.11
C ALA A 102 -0.05 7.27 12.13
N ALA A 103 0.39 8.10 13.07
CA ALA A 103 -0.51 8.62 14.10
C ALA A 103 -1.55 9.55 13.49
N ARG A 104 -1.15 10.24 12.42
CA ARG A 104 -2.05 11.14 11.69
C ARG A 104 -3.04 10.34 10.84
N ALA A 105 -2.67 9.10 10.54
CA ALA A 105 -3.46 8.25 9.66
C ALA A 105 -4.38 7.32 10.46
N GLY A 106 -4.03 7.07 11.72
CA GLY A 106 -4.80 6.15 12.54
C GLY A 106 -4.06 4.85 12.80
N ALA A 107 -2.87 4.96 13.38
CA ALA A 107 -1.98 3.83 13.61
C ALA A 107 -2.62 2.81 14.53
N ARG A 108 -2.25 1.55 14.35
CA ARG A 108 -2.87 0.46 15.07
C ARG A 108 -1.82 -0.48 15.62
N ASN A 1 -31.63 -32.53 -22.22
CA ASN A 1 -30.61 -33.09 -23.13
C ASN A 1 -29.66 -34.00 -22.37
N VAL A 2 -29.60 -35.25 -22.80
CA VAL A 2 -28.78 -36.25 -22.13
C VAL A 2 -27.38 -36.29 -22.76
N VAL A 3 -26.91 -35.11 -23.17
CA VAL A 3 -25.65 -34.96 -23.84
C VAL A 3 -24.47 -35.29 -22.94
N VAL A 4 -23.67 -36.26 -23.36
CA VAL A 4 -22.41 -36.54 -22.70
C VAL A 4 -21.28 -35.99 -23.54
N THR A 5 -20.25 -35.50 -22.90
CA THR A 5 -19.12 -34.93 -23.60
C THR A 5 -18.07 -36.00 -23.89
N PRO A 6 -17.72 -36.17 -25.16
CA PRO A 6 -16.70 -37.13 -25.56
C PRO A 6 -15.32 -36.57 -25.30
N ALA A 7 -14.40 -37.48 -25.09
CA ALA A 7 -13.01 -37.11 -24.80
C ALA A 7 -12.35 -36.52 -26.02
N HIS A 8 -12.29 -35.21 -25.97
CA HIS A 8 -11.89 -34.37 -27.07
C HIS A 8 -12.34 -32.96 -26.67
N GLU A 9 -13.14 -32.92 -25.61
CA GLU A 9 -13.63 -31.65 -25.08
C GLU A 9 -12.45 -30.81 -24.59
N ALA A 10 -12.47 -29.54 -24.93
CA ALA A 10 -11.35 -28.66 -24.62
C ALA A 10 -11.81 -27.46 -23.83
N VAL A 11 -12.22 -27.74 -22.61
CA VAL A 11 -12.63 -26.70 -21.68
C VAL A 11 -11.42 -25.84 -21.29
N VAL A 12 -10.25 -26.50 -21.30
CA VAL A 12 -8.94 -25.92 -21.09
C VAL A 12 -8.97 -24.50 -20.57
N ARG A 13 -9.09 -24.41 -19.28
CA ARG A 13 -8.99 -23.15 -18.59
C ARG A 13 -7.60 -23.00 -18.01
N VAL A 14 -6.88 -22.07 -18.56
CA VAL A 14 -5.55 -21.77 -18.12
C VAL A 14 -5.61 -20.69 -17.06
N GLY A 15 -4.55 -20.60 -16.30
CA GLY A 15 -4.49 -19.70 -15.19
C GLY A 15 -5.03 -20.34 -13.95
N THR A 16 -4.24 -21.26 -13.42
CA THR A 16 -4.63 -22.05 -12.28
C THR A 16 -4.57 -21.23 -11.01
N LYS A 17 -3.59 -20.33 -10.98
CA LYS A 17 -3.39 -19.42 -9.87
C LYS A 17 -3.92 -18.04 -10.21
N PRO A 18 -5.11 -17.67 -9.72
CA PRO A 18 -5.69 -16.36 -9.93
C PRO A 18 -5.10 -15.33 -8.99
N GLY A 19 -5.47 -14.10 -9.24
CA GLY A 19 -4.97 -12.98 -8.46
C GLY A 19 -4.23 -11.98 -9.32
N THR A 20 -4.85 -11.63 -10.42
CA THR A 20 -4.29 -10.66 -11.36
C THR A 20 -4.29 -9.26 -10.74
N GLU A 21 -5.27 -9.01 -9.88
CA GLU A 21 -5.44 -7.73 -9.26
C GLU A 21 -5.29 -7.89 -7.76
N VAL A 22 -4.71 -6.88 -7.16
CA VAL A 22 -4.45 -6.88 -5.73
C VAL A 22 -5.68 -6.39 -4.98
N PRO A 23 -6.32 -7.28 -4.18
CA PRO A 23 -7.51 -6.95 -3.41
C PRO A 23 -7.29 -5.80 -2.43
N PRO A 24 -8.18 -4.80 -2.44
CA PRO A 24 -8.13 -3.67 -1.52
C PRO A 24 -8.11 -4.12 -0.07
N VAL A 25 -7.32 -3.42 0.71
CA VAL A 25 -7.12 -3.73 2.11
C VAL A 25 -7.70 -2.61 2.97
N ILE A 26 -8.34 -3.00 4.06
CA ILE A 26 -9.07 -2.08 4.94
C ILE A 26 -8.15 -1.02 5.55
N ASP A 27 -6.88 -1.35 5.66
CA ASP A 27 -5.90 -0.45 6.26
C ASP A 27 -5.35 0.46 5.21
N GLY A 28 -5.84 0.31 4.01
CA GLY A 28 -5.46 1.15 2.92
C GLY A 28 -5.89 2.57 3.18
N SER A 29 -6.72 2.73 4.19
CA SER A 29 -7.18 4.03 4.61
C SER A 29 -6.08 4.72 5.42
N ILE A 30 -5.38 3.92 6.19
CA ILE A 30 -4.23 4.39 6.96
C ILE A 30 -3.12 4.68 5.99
N TRP A 31 -3.01 3.79 5.02
CA TRP A 31 -1.96 3.83 4.04
C TRP A 31 -2.13 5.02 3.13
N ASP A 32 -3.37 5.35 2.84
CA ASP A 32 -3.66 6.47 1.97
C ASP A 32 -3.49 7.78 2.72
N ALA A 33 -3.87 7.81 4.00
CA ALA A 33 -3.69 9.01 4.79
C ALA A 33 -2.20 9.25 5.08
N ILE A 34 -1.44 8.16 5.24
CA ILE A 34 0.01 8.26 5.42
C ILE A 34 0.66 8.83 4.17
N ALA A 35 0.28 8.30 3.01
CA ALA A 35 0.78 8.80 1.75
C ALA A 35 0.37 10.25 1.56
N GLY A 36 -0.81 10.58 2.04
CA GLY A 36 -1.30 11.95 1.97
C GLY A 36 -0.60 12.84 2.98
N CYS A 37 0.14 12.22 3.87
CA CYS A 37 0.83 12.91 4.93
C CYS A 37 2.23 13.33 4.51
N GLU A 38 3.10 12.38 4.22
CA GLU A 38 4.49 12.70 3.91
C GLU A 38 4.68 12.95 2.43
N ALA A 39 3.92 12.24 1.61
CA ALA A 39 4.07 12.37 0.17
C ALA A 39 3.18 13.47 -0.38
N GLY A 40 2.29 14.00 0.46
CA GLY A 40 1.38 15.03 0.04
C GLY A 40 0.28 14.43 -0.79
N GLY A 41 0.18 13.12 -0.69
CA GLY A 41 -0.73 12.36 -1.50
C GLY A 41 -0.21 12.21 -2.90
N ASN A 42 0.96 11.59 -3.03
CA ASN A 42 1.59 11.40 -4.32
C ASN A 42 2.26 10.04 -4.35
N TRP A 43 1.56 9.06 -4.87
CA TRP A 43 2.04 7.70 -4.91
C TRP A 43 3.03 7.51 -6.05
N ALA A 44 3.19 8.57 -6.82
CA ALA A 44 4.10 8.57 -7.96
C ALA A 44 5.29 9.50 -7.71
N ILE A 45 5.49 9.89 -6.47
CA ILE A 45 6.58 10.77 -6.10
C ILE A 45 7.89 9.98 -6.06
N ASN A 46 8.96 10.61 -6.52
CA ASN A 46 10.26 9.95 -6.56
C ASN A 46 11.33 10.95 -6.21
N THR A 47 11.71 10.92 -4.94
CA THR A 47 12.72 11.83 -4.44
C THR A 47 14.07 11.53 -5.08
N GLY A 48 14.22 10.29 -5.52
CA GLY A 48 15.47 9.86 -6.11
C GLY A 48 16.39 9.33 -5.05
N ASN A 49 15.80 9.08 -3.89
CA ASN A 49 16.59 8.69 -2.72
C ASN A 49 16.63 7.17 -2.57
N GLY A 50 16.06 6.48 -3.54
CA GLY A 50 15.97 5.04 -3.46
C GLY A 50 14.63 4.61 -2.92
N TYR A 51 13.81 5.60 -2.59
CA TYR A 51 12.48 5.37 -2.07
C TYR A 51 11.50 5.81 -3.12
N TYR A 52 10.27 5.34 -3.01
CA TYR A 52 9.31 5.53 -4.07
C TYR A 52 8.00 6.09 -3.56
N GLY A 53 7.14 6.47 -4.49
CA GLY A 53 5.96 7.25 -4.16
C GLY A 53 4.99 6.59 -3.21
N GLY A 54 4.10 7.40 -2.67
CA GLY A 54 3.07 6.90 -1.78
C GLY A 54 3.52 6.91 -0.34
N VAL A 55 3.99 5.77 0.13
CA VAL A 55 4.37 5.62 1.53
C VAL A 55 5.89 5.71 1.72
N GLN A 56 6.56 6.15 0.66
CA GLN A 56 8.01 6.42 0.70
C GLN A 56 8.83 5.18 1.05
N PHE A 57 8.45 4.07 0.43
CA PHE A 57 9.22 2.84 0.54
C PHE A 57 10.60 2.97 -0.05
N ASP A 58 11.62 2.62 0.70
CA ASP A 58 12.91 2.39 0.10
C ASP A 58 12.85 1.07 -0.66
N GLN A 59 13.72 0.90 -1.63
CA GLN A 59 13.71 -0.28 -2.45
C GLN A 59 13.88 -1.54 -1.59
N GLY A 60 14.68 -1.43 -0.54
CA GLY A 60 15.01 -2.56 0.29
C GLY A 60 13.82 -3.06 1.07
N THR A 61 13.14 -2.14 1.75
CA THR A 61 11.96 -2.47 2.52
C THR A 61 10.82 -2.90 1.61
N TRP A 62 10.66 -2.20 0.49
CA TRP A 62 9.66 -2.56 -0.49
C TRP A 62 9.90 -3.99 -0.96
N GLU A 63 11.15 -4.27 -1.28
CA GLU A 63 11.54 -5.58 -1.75
C GLU A 63 11.41 -6.61 -0.63
N ALA A 64 11.64 -6.18 0.60
CA ALA A 64 11.63 -7.09 1.76
C ALA A 64 10.24 -7.65 2.00
N ASN A 65 9.22 -6.81 1.91
CA ASN A 65 7.85 -7.27 2.05
C ASN A 65 7.34 -7.85 0.72
N GLY A 66 8.16 -7.72 -0.32
CA GLY A 66 7.89 -8.39 -1.57
C GLY A 66 7.07 -7.55 -2.52
N GLY A 67 7.47 -6.30 -2.70
CA GLY A 67 6.70 -5.39 -3.52
C GLY A 67 6.95 -5.60 -5.00
N LEU A 68 8.15 -6.06 -5.33
CA LEU A 68 8.57 -6.21 -6.71
C LEU A 68 7.65 -7.10 -7.52
N ARG A 69 6.90 -7.95 -6.84
CA ARG A 69 5.95 -8.82 -7.51
C ARG A 69 4.77 -8.00 -8.02
N TYR A 70 4.47 -6.92 -7.32
CA TYR A 70 3.43 -6.01 -7.73
C TYR A 70 4.03 -5.05 -8.72
N ALA A 71 5.28 -4.72 -8.42
CA ALA A 71 6.05 -3.75 -9.15
C ALA A 71 7.31 -3.50 -8.38
N PRO A 72 8.48 -3.64 -9.02
CA PRO A 72 9.78 -3.45 -8.37
C PRO A 72 9.95 -2.09 -7.71
N ARG A 73 8.98 -1.22 -7.91
CA ARG A 73 8.99 0.09 -7.27
C ARG A 73 7.56 0.53 -6.99
N ALA A 74 7.37 1.10 -5.82
CA ALA A 74 6.07 1.53 -5.33
C ALA A 74 5.35 2.49 -6.27
N ASP A 75 6.10 3.30 -7.02
CA ASP A 75 5.48 4.28 -7.89
C ASP A 75 5.00 3.64 -9.19
N LEU A 76 5.43 2.42 -9.41
CA LEU A 76 4.96 1.62 -10.54
C LEU A 76 3.74 0.83 -10.09
N ALA A 77 3.74 0.47 -8.82
CA ALA A 77 2.62 -0.18 -8.18
C ALA A 77 1.56 0.86 -7.81
N THR A 78 0.36 0.38 -7.54
CA THR A 78 -0.74 1.25 -7.16
C THR A 78 -0.98 1.19 -5.66
N ARG A 79 -1.92 2.01 -5.16
CA ARG A 79 -2.18 2.16 -3.73
C ARG A 79 -2.28 0.81 -3.06
N GLU A 80 -3.11 -0.06 -3.62
CA GLU A 80 -3.37 -1.37 -3.05
C GLU A 80 -2.08 -2.20 -2.95
N GLU A 81 -1.15 -1.99 -3.87
CA GLU A 81 0.13 -2.65 -3.83
C GLU A 81 1.01 -2.11 -2.71
N GLN A 82 1.11 -0.78 -2.59
CA GLN A 82 1.85 -0.18 -1.48
C GLN A 82 1.22 -0.61 -0.17
N ILE A 83 -0.10 -0.70 -0.19
CA ILE A 83 -0.87 -1.12 0.96
C ILE A 83 -0.48 -2.54 1.37
N ALA A 84 -0.44 -3.44 0.41
CA ALA A 84 -0.09 -4.83 0.67
C ALA A 84 1.32 -4.95 1.25
N VAL A 85 2.26 -4.24 0.65
CA VAL A 85 3.65 -4.29 1.07
C VAL A 85 3.84 -3.62 2.44
N ALA A 86 3.30 -2.41 2.58
CA ALA A 86 3.40 -1.68 3.82
C ALA A 86 2.67 -2.39 4.93
N GLU A 87 1.60 -3.08 4.59
CA GLU A 87 0.80 -3.75 5.59
C GLU A 87 1.57 -4.95 6.16
N VAL A 88 2.43 -5.55 5.35
CA VAL A 88 3.38 -6.52 5.88
C VAL A 88 4.33 -5.82 6.83
N THR A 89 4.77 -4.64 6.43
CA THR A 89 5.71 -3.87 7.21
C THR A 89 5.11 -3.45 8.55
N ARG A 90 3.89 -2.92 8.50
CA ARG A 90 3.21 -2.39 9.67
C ARG A 90 3.01 -3.45 10.74
N LEU A 91 2.78 -4.67 10.30
CA LEU A 91 2.47 -5.76 11.22
C LEU A 91 3.72 -6.15 12.00
N ARG A 92 4.87 -5.83 11.44
CA ARG A 92 6.13 -6.21 12.05
C ARG A 92 6.53 -5.17 13.08
N GLN A 93 6.52 -3.92 12.67
CA GLN A 93 7.07 -2.86 13.51
C GLN A 93 5.98 -2.09 14.28
N GLY A 94 4.75 -2.10 13.79
CA GLY A 94 3.63 -1.56 14.55
C GLY A 94 3.34 -0.12 14.19
N TRP A 95 3.53 0.20 12.91
CA TRP A 95 3.35 1.54 12.38
C TRP A 95 4.42 2.46 12.97
N GLY A 96 5.37 1.87 13.70
CA GLY A 96 6.44 2.64 14.31
C GLY A 96 7.34 3.28 13.27
N ALA A 97 7.51 2.60 12.14
CA ALA A 97 8.33 3.12 11.06
C ALA A 97 7.69 4.35 10.44
N TRP A 98 6.37 4.42 10.49
CA TRP A 98 5.66 5.58 10.02
C TRP A 98 5.29 6.47 11.21
N PRO A 99 6.01 7.59 11.40
CA PRO A 99 5.88 8.43 12.59
C PRO A 99 4.58 9.25 12.65
N VAL A 100 4.62 10.47 12.13
CA VAL A 100 3.50 11.38 12.27
C VAL A 100 2.33 10.92 11.42
N CYS A 101 2.65 10.23 10.36
CA CYS A 101 1.67 9.86 9.36
C CYS A 101 0.78 8.73 9.83
N ALA A 102 1.35 7.76 10.54
CA ALA A 102 0.55 6.63 11.02
C ALA A 102 -0.42 7.10 12.08
N ALA A 103 0.05 7.93 13.01
CA ALA A 103 -0.78 8.46 14.07
C ALA A 103 -1.96 9.25 13.49
N ARG A 104 -1.69 9.97 12.42
CA ARG A 104 -2.67 10.76 11.74
C ARG A 104 -3.64 9.88 10.94
N ALA A 105 -3.13 8.79 10.40
CA ALA A 105 -3.89 7.94 9.49
C ALA A 105 -4.70 6.88 10.23
N GLY A 106 -4.28 6.53 11.44
CA GLY A 106 -4.96 5.50 12.19
C GLY A 106 -4.05 4.34 12.56
N ALA A 107 -2.98 4.65 13.27
CA ALA A 107 -2.00 3.66 13.68
C ALA A 107 -2.60 2.68 14.67
N ARG A 108 -2.12 1.46 14.65
CA ARG A 108 -2.73 0.41 15.41
C ARG A 108 -1.71 -0.27 16.32
N ASN A 1 29.08 -29.71 -8.60
CA ASN A 1 27.88 -29.59 -9.45
C ASN A 1 27.65 -28.14 -9.86
N VAL A 2 27.44 -27.92 -11.15
CA VAL A 2 27.10 -26.61 -11.68
C VAL A 2 25.60 -26.55 -11.98
N VAL A 3 24.88 -27.51 -11.41
CA VAL A 3 23.45 -27.65 -11.62
C VAL A 3 22.67 -26.42 -11.16
N VAL A 4 22.07 -25.73 -12.12
CA VAL A 4 21.18 -24.62 -11.83
C VAL A 4 19.74 -25.11 -11.98
N THR A 5 18.84 -24.50 -11.23
CA THR A 5 17.44 -24.91 -11.24
C THR A 5 16.70 -24.29 -12.42
N PRO A 6 16.25 -25.13 -13.37
CA PRO A 6 15.50 -24.69 -14.55
C PRO A 6 14.22 -24.02 -14.16
N ALA A 7 14.24 -22.73 -14.32
CA ALA A 7 13.14 -21.88 -13.93
C ALA A 7 12.48 -21.26 -15.15
N HIS A 8 12.43 -22.04 -16.21
CA HIS A 8 11.64 -21.69 -17.38
C HIS A 8 10.16 -21.84 -17.04
N GLU A 9 9.89 -22.46 -15.91
CA GLU A 9 8.55 -22.67 -15.43
C GLU A 9 8.34 -21.88 -14.15
N ALA A 10 7.23 -21.17 -14.07
CA ALA A 10 6.92 -20.35 -12.91
C ALA A 10 5.43 -20.25 -12.70
N VAL A 11 4.85 -21.37 -12.32
CA VAL A 11 3.43 -21.46 -12.08
C VAL A 11 3.12 -21.02 -10.65
N VAL A 12 4.09 -21.22 -9.76
CA VAL A 12 3.98 -20.94 -8.33
C VAL A 12 2.57 -21.14 -7.79
N ARG A 13 2.27 -22.42 -7.57
CA ARG A 13 0.94 -22.93 -7.20
C ARG A 13 -0.20 -22.38 -8.09
N VAL A 14 -0.94 -23.30 -8.69
CA VAL A 14 -2.11 -22.91 -9.46
C VAL A 14 -3.14 -22.34 -8.52
N GLY A 15 -3.94 -21.47 -9.03
CA GLY A 15 -4.88 -20.75 -8.22
C GLY A 15 -6.28 -20.84 -8.72
N THR A 16 -6.82 -22.04 -8.67
CA THR A 16 -8.19 -22.28 -9.01
C THR A 16 -9.08 -21.99 -7.81
N LYS A 17 -8.52 -22.24 -6.64
CA LYS A 17 -9.19 -22.01 -5.38
C LYS A 17 -9.44 -20.52 -5.15
N PRO A 18 -10.71 -20.12 -5.14
CA PRO A 18 -11.11 -18.74 -4.92
C PRO A 18 -10.83 -18.28 -3.51
N GLY A 19 -10.81 -16.99 -3.36
CA GLY A 19 -10.50 -16.38 -2.09
C GLY A 19 -9.09 -15.83 -2.09
N THR A 20 -8.31 -16.46 -2.93
CA THR A 20 -6.93 -16.07 -3.16
C THR A 20 -6.84 -14.63 -3.66
N GLU A 21 -7.82 -14.24 -4.47
CA GLU A 21 -7.90 -12.89 -5.00
C GLU A 21 -8.10 -11.91 -3.89
N VAL A 22 -7.04 -11.18 -3.62
CA VAL A 22 -7.04 -10.18 -2.56
C VAL A 22 -7.67 -8.89 -3.04
N PRO A 23 -8.83 -8.51 -2.45
CA PRO A 23 -9.45 -7.21 -2.67
C PRO A 23 -8.53 -6.09 -2.20
N PRO A 24 -8.67 -4.88 -2.77
CA PRO A 24 -7.87 -3.74 -2.36
C PRO A 24 -7.92 -3.55 -0.86
N VAL A 25 -6.78 -3.22 -0.31
CA VAL A 25 -6.55 -3.34 1.11
C VAL A 25 -7.18 -2.18 1.89
N ILE A 26 -8.00 -2.56 2.86
CA ILE A 26 -8.84 -1.64 3.62
C ILE A 26 -8.04 -0.71 4.51
N ASP A 27 -6.90 -1.16 4.99
CA ASP A 27 -6.08 -0.39 5.91
C ASP A 27 -5.24 0.57 5.11
N GLY A 28 -5.45 0.52 3.81
CA GLY A 28 -4.84 1.47 2.93
C GLY A 28 -5.40 2.84 3.15
N SER A 29 -6.34 2.93 4.07
CA SER A 29 -6.87 4.22 4.49
C SER A 29 -5.84 4.92 5.36
N ILE A 30 -5.17 4.14 6.18
CA ILE A 30 -4.08 4.64 7.01
C ILE A 30 -2.92 4.93 6.09
N TRP A 31 -2.75 4.06 5.12
CA TRP A 31 -1.65 4.13 4.18
C TRP A 31 -1.81 5.33 3.26
N ASP A 32 -3.05 5.60 2.89
CA ASP A 32 -3.35 6.72 2.01
C ASP A 32 -3.24 8.04 2.78
N ALA A 33 -3.60 8.01 4.06
CA ALA A 33 -3.44 9.19 4.88
C ALA A 33 -1.97 9.44 5.15
N ILE A 34 -1.19 8.36 5.29
CA ILE A 34 0.25 8.46 5.40
C ILE A 34 0.83 9.01 4.10
N ALA A 35 0.32 8.52 2.99
CA ALA A 35 0.69 9.03 1.68
C ALA A 35 0.40 10.52 1.61
N GLY A 36 -0.70 10.92 2.22
CA GLY A 36 -1.08 12.31 2.23
C GLY A 36 -0.22 13.13 3.17
N CYS A 37 0.54 12.44 4.00
CA CYS A 37 1.41 13.08 4.99
C CYS A 37 2.83 13.24 4.44
N GLU A 38 3.46 12.13 4.10
CA GLU A 38 4.87 12.14 3.77
C GLU A 38 5.04 12.41 2.29
N ALA A 39 4.12 11.91 1.49
CA ALA A 39 4.21 12.05 0.05
C ALA A 39 3.47 13.28 -0.43
N GLY A 40 2.61 13.81 0.43
CA GLY A 40 1.78 14.95 0.04
C GLY A 40 0.55 14.47 -0.68
N GLY A 41 0.44 13.16 -0.73
CA GLY A 41 -0.66 12.51 -1.41
C GLY A 41 -0.34 12.23 -2.86
N ASN A 42 0.72 11.45 -3.07
CA ASN A 42 1.12 11.05 -4.41
C ASN A 42 1.82 9.73 -4.34
N TRP A 43 1.35 8.80 -5.12
CA TRP A 43 1.85 7.44 -5.07
C TRP A 43 2.87 7.20 -6.16
N ALA A 44 2.92 8.14 -7.08
CA ALA A 44 3.82 8.07 -8.21
C ALA A 44 5.02 9.00 -8.01
N ILE A 45 5.09 9.60 -6.83
CA ILE A 45 6.13 10.53 -6.50
C ILE A 45 7.43 9.78 -6.25
N ASN A 46 8.53 10.35 -6.69
CA ASN A 46 9.83 9.74 -6.51
C ASN A 46 10.89 10.81 -6.51
N THR A 47 11.33 11.20 -5.32
CA THR A 47 12.30 12.25 -5.17
C THR A 47 13.69 11.77 -5.55
N GLY A 48 13.85 10.45 -5.63
CA GLY A 48 15.12 9.86 -6.01
C GLY A 48 15.94 9.50 -4.80
N ASN A 49 15.26 9.37 -3.66
CA ASN A 49 15.93 9.10 -2.40
C ASN A 49 15.94 7.60 -2.08
N GLY A 50 15.40 6.80 -3.00
CA GLY A 50 15.37 5.37 -2.82
C GLY A 50 14.05 4.92 -2.24
N TYR A 51 13.26 5.89 -1.78
CA TYR A 51 11.95 5.60 -1.23
C TYR A 51 10.94 6.06 -2.24
N TYR A 52 9.98 5.22 -2.50
CA TYR A 52 9.09 5.44 -3.62
C TYR A 52 7.74 5.98 -3.18
N GLY A 53 6.96 6.41 -4.16
CA GLY A 53 5.74 7.16 -3.89
C GLY A 53 4.72 6.42 -3.05
N GLY A 54 3.68 7.14 -2.69
CA GLY A 54 2.61 6.58 -1.91
C GLY A 54 2.94 6.57 -0.44
N VAL A 55 3.38 5.41 0.05
CA VAL A 55 3.69 5.26 1.47
C VAL A 55 5.10 5.74 1.76
N GLN A 56 5.78 6.12 0.67
CA GLN A 56 7.08 6.79 0.70
C GLN A 56 8.13 5.99 1.47
N PHE A 57 8.26 4.72 1.14
CA PHE A 57 9.28 3.91 1.79
C PHE A 57 10.21 3.25 0.78
N ASP A 58 11.31 2.77 1.30
CA ASP A 58 12.50 2.42 0.51
C ASP A 58 12.36 1.11 -0.25
N GLN A 59 13.09 1.07 -1.36
CA GLN A 59 13.19 -0.08 -2.24
C GLN A 59 13.54 -1.35 -1.50
N GLY A 60 14.45 -1.23 -0.55
CA GLY A 60 14.92 -2.38 0.19
C GLY A 60 13.85 -2.97 1.08
N THR A 61 13.20 -2.12 1.84
CA THR A 61 12.10 -2.52 2.70
C THR A 61 10.92 -3.02 1.87
N TRP A 62 10.66 -2.32 0.77
CA TRP A 62 9.65 -2.72 -0.19
C TRP A 62 9.96 -4.12 -0.69
N GLU A 63 11.20 -4.31 -1.07
CA GLU A 63 11.68 -5.59 -1.57
C GLU A 63 11.61 -6.66 -0.50
N ALA A 64 11.90 -6.25 0.73
CA ALA A 64 11.92 -7.17 1.85
C ALA A 64 10.52 -7.68 2.16
N ASN A 65 9.54 -6.81 1.97
CA ASN A 65 8.15 -7.18 2.14
C ASN A 65 7.65 -7.94 0.91
N GLY A 66 8.45 -7.88 -0.14
CA GLY A 66 8.14 -8.60 -1.37
C GLY A 66 7.27 -7.79 -2.30
N GLY A 67 7.60 -6.52 -2.45
CA GLY A 67 6.76 -5.62 -3.19
C GLY A 67 6.93 -5.79 -4.69
N LEU A 68 8.07 -6.34 -5.09
CA LEU A 68 8.42 -6.46 -6.48
C LEU A 68 7.43 -7.30 -7.28
N ARG A 69 6.67 -8.14 -6.58
CA ARG A 69 5.62 -8.90 -7.22
C ARG A 69 4.48 -7.98 -7.63
N TYR A 70 4.27 -6.95 -6.82
CA TYR A 70 3.24 -5.98 -7.10
C TYR A 70 3.78 -5.01 -8.13
N ALA A 71 5.09 -4.79 -7.99
CA ALA A 71 5.88 -3.92 -8.82
C ALA A 71 7.17 -3.66 -8.08
N PRO A 72 8.31 -3.86 -8.74
CA PRO A 72 9.63 -3.70 -8.11
C PRO A 72 9.86 -2.33 -7.48
N ARG A 73 8.92 -1.43 -7.69
CA ARG A 73 8.97 -0.11 -7.08
C ARG A 73 7.55 0.36 -6.79
N ALA A 74 7.39 1.03 -5.66
CA ALA A 74 6.08 1.49 -5.21
C ALA A 74 5.43 2.42 -6.20
N ASP A 75 6.22 3.20 -6.92
CA ASP A 75 5.68 4.20 -7.82
C ASP A 75 5.32 3.62 -9.17
N LEU A 76 5.37 2.30 -9.25
CA LEU A 76 4.94 1.57 -10.43
C LEU A 76 3.67 0.77 -10.09
N ALA A 77 3.61 0.32 -8.85
CA ALA A 77 2.44 -0.33 -8.30
C ALA A 77 1.42 0.73 -7.91
N THR A 78 0.18 0.32 -7.69
CA THR A 78 -0.84 1.27 -7.31
C THR A 78 -1.08 1.21 -5.81
N ARG A 79 -2.05 1.99 -5.33
CA ARG A 79 -2.31 2.13 -3.91
C ARG A 79 -2.40 0.78 -3.23
N GLU A 80 -3.24 -0.08 -3.76
CA GLU A 80 -3.52 -1.37 -3.16
C GLU A 80 -2.23 -2.21 -3.00
N GLU A 81 -1.38 -2.21 -4.02
CA GLU A 81 -0.07 -2.86 -3.94
C GLU A 81 0.82 -2.22 -2.90
N GLN A 82 0.97 -0.91 -2.99
CA GLN A 82 1.86 -0.15 -2.10
C GLN A 82 1.42 -0.33 -0.66
N ILE A 83 0.12 -0.36 -0.50
CA ILE A 83 -0.51 -0.63 0.78
C ILE A 83 -0.15 -2.03 1.27
N ALA A 84 -0.30 -3.03 0.40
CA ALA A 84 -0.07 -4.43 0.76
C ALA A 84 1.39 -4.68 1.17
N VAL A 85 2.30 -4.04 0.48
CA VAL A 85 3.72 -4.13 0.84
C VAL A 85 3.96 -3.50 2.21
N ALA A 86 3.42 -2.31 2.41
CA ALA A 86 3.46 -1.65 3.70
C ALA A 86 2.78 -2.50 4.75
N GLU A 87 1.79 -3.27 4.32
CA GLU A 87 1.05 -4.15 5.20
C GLU A 87 1.98 -5.17 5.84
N VAL A 88 2.87 -5.76 5.06
CA VAL A 88 3.75 -6.79 5.57
C VAL A 88 4.62 -6.25 6.69
N THR A 89 5.26 -5.12 6.43
CA THR A 89 6.17 -4.57 7.40
C THR A 89 5.41 -3.96 8.59
N ARG A 90 4.21 -3.40 8.36
CA ARG A 90 3.39 -2.88 9.46
C ARG A 90 3.05 -4.00 10.43
N LEU A 91 2.91 -5.22 9.92
CA LEU A 91 2.63 -6.38 10.78
C LEU A 91 3.79 -6.60 11.73
N ARG A 92 4.98 -6.27 11.25
CA ARG A 92 6.20 -6.55 11.99
C ARG A 92 6.51 -5.44 12.96
N GLN A 93 6.55 -4.22 12.46
CA GLN A 93 6.97 -3.11 13.30
C GLN A 93 5.86 -2.08 13.50
N GLY A 94 4.69 -2.36 12.96
CA GLY A 94 3.52 -1.56 13.22
C GLY A 94 3.59 -0.27 12.48
N TRP A 95 3.56 0.78 13.25
CA TRP A 95 3.62 2.11 12.73
C TRP A 95 4.74 2.81 13.45
N GLY A 96 5.74 2.01 13.82
CA GLY A 96 6.96 2.54 14.36
C GLY A 96 7.89 3.00 13.26
N ALA A 97 7.74 2.41 12.08
CA ALA A 97 8.48 2.84 10.91
C ALA A 97 7.80 4.06 10.31
N TRP A 98 6.51 4.20 10.58
CA TRP A 98 5.76 5.34 10.11
C TRP A 98 5.45 6.26 11.27
N PRO A 99 6.13 7.42 11.33
CA PRO A 99 6.00 8.39 12.42
C PRO A 99 4.59 9.00 12.56
N VAL A 100 4.55 10.30 12.77
CA VAL A 100 3.29 11.02 12.97
C VAL A 100 2.31 10.78 11.82
N CYS A 101 2.85 10.52 10.65
CA CYS A 101 2.03 10.25 9.47
C CYS A 101 1.08 9.09 9.72
N ALA A 102 1.57 8.06 10.41
CA ALA A 102 0.74 6.91 10.73
C ALA A 102 -0.30 7.26 11.79
N ALA A 103 0.13 7.99 12.81
CA ALA A 103 -0.75 8.39 13.89
C ALA A 103 -1.88 9.27 13.37
N ARG A 104 -1.53 10.22 12.51
CA ARG A 104 -2.50 11.10 11.88
C ARG A 104 -3.40 10.33 10.91
N ALA A 105 -2.94 9.16 10.50
CA ALA A 105 -3.66 8.32 9.55
C ALA A 105 -4.59 7.33 10.27
N GLY A 106 -4.29 7.07 11.54
CA GLY A 106 -5.07 6.09 12.30
C GLY A 106 -4.24 4.86 12.63
N ALA A 107 -3.16 5.07 13.38
CA ALA A 107 -2.23 4.00 13.73
C ALA A 107 -2.90 2.94 14.59
N ARG A 108 -2.44 1.70 14.47
CA ARG A 108 -3.10 0.59 15.13
C ARG A 108 -2.05 -0.35 15.71
N ASN A 1 -26.16 -40.72 23.39
CA ASN A 1 -26.13 -40.65 21.91
C ASN A 1 -25.68 -41.97 21.32
N VAL A 2 -26.50 -42.51 20.43
CA VAL A 2 -26.20 -43.76 19.75
C VAL A 2 -25.35 -43.49 18.53
N VAL A 3 -25.72 -42.43 17.81
CA VAL A 3 -24.97 -41.99 16.65
C VAL A 3 -23.66 -41.35 17.10
N VAL A 4 -22.59 -41.65 16.37
CA VAL A 4 -21.31 -41.04 16.63
C VAL A 4 -21.23 -39.72 15.90
N THR A 5 -20.62 -38.73 16.54
CA THR A 5 -20.53 -37.40 15.97
C THR A 5 -19.14 -37.13 15.42
N PRO A 6 -18.97 -37.22 14.11
CA PRO A 6 -17.72 -36.97 13.42
C PRO A 6 -17.70 -35.61 12.73
N ALA A 7 -16.54 -35.22 12.29
CA ALA A 7 -16.37 -34.02 11.50
C ALA A 7 -15.78 -34.34 10.15
N HIS A 8 -16.59 -34.94 9.32
CA HIS A 8 -16.23 -35.18 7.94
C HIS A 8 -16.60 -33.95 7.14
N GLU A 9 -17.40 -33.11 7.77
CA GLU A 9 -17.91 -31.90 7.15
C GLU A 9 -16.83 -30.84 7.02
N ALA A 10 -16.57 -30.44 5.80
CA ALA A 10 -15.68 -29.34 5.53
C ALA A 10 -16.07 -28.69 4.23
N VAL A 11 -17.26 -28.11 4.24
CA VAL A 11 -17.79 -27.42 3.07
C VAL A 11 -16.80 -26.39 2.52
N VAL A 12 -16.28 -25.54 3.42
CA VAL A 12 -15.29 -24.51 3.12
C VAL A 12 -15.37 -23.97 1.69
N ARG A 13 -16.23 -23.01 1.53
CA ARG A 13 -16.45 -22.38 0.25
C ARG A 13 -15.43 -21.27 0.03
N VAL A 14 -14.57 -21.51 -0.92
CA VAL A 14 -13.51 -20.60 -1.25
C VAL A 14 -13.71 -20.08 -2.67
N GLY A 15 -13.04 -18.99 -2.95
CA GLY A 15 -13.10 -18.37 -4.26
C GLY A 15 -13.86 -17.09 -4.23
N THR A 16 -13.42 -16.23 -3.34
CA THR A 16 -14.03 -14.93 -3.16
C THR A 16 -13.32 -13.90 -4.03
N LYS A 17 -12.07 -14.19 -4.30
CA LYS A 17 -11.19 -13.33 -5.07
C LYS A 17 -11.53 -13.37 -6.55
N PRO A 18 -11.96 -12.23 -7.10
CA PRO A 18 -12.18 -12.06 -8.52
C PRO A 18 -10.89 -11.76 -9.25
N GLY A 19 -10.98 -11.81 -10.55
CA GLY A 19 -9.84 -11.53 -11.41
C GLY A 19 -10.04 -10.24 -12.16
N THR A 20 -11.29 -10.00 -12.48
CA THR A 20 -11.70 -8.80 -13.19
C THR A 20 -11.45 -7.55 -12.35
N GLU A 21 -11.57 -7.70 -11.04
CA GLU A 21 -11.46 -6.60 -10.12
C GLU A 21 -10.54 -6.97 -8.98
N VAL A 22 -9.70 -6.03 -8.60
CA VAL A 22 -8.83 -6.20 -7.45
C VAL A 22 -9.58 -5.81 -6.18
N PRO A 23 -9.65 -6.73 -5.20
CA PRO A 23 -10.40 -6.50 -3.96
C PRO A 23 -10.02 -5.21 -3.26
N PRO A 24 -11.03 -4.38 -2.93
CA PRO A 24 -10.84 -3.10 -2.26
C PRO A 24 -10.07 -3.22 -0.96
N VAL A 25 -9.26 -2.22 -0.71
CA VAL A 25 -8.40 -2.21 0.46
C VAL A 25 -9.15 -1.67 1.68
N ILE A 26 -9.14 -2.46 2.75
CA ILE A 26 -9.82 -2.10 3.98
C ILE A 26 -8.96 -1.19 4.84
N ASP A 27 -7.65 -1.34 4.75
CA ASP A 27 -6.71 -0.65 5.62
C ASP A 27 -6.01 0.43 4.84
N GLY A 28 -6.45 0.62 3.62
CA GLY A 28 -5.77 1.53 2.74
C GLY A 28 -6.20 2.94 3.01
N SER A 29 -7.03 3.08 4.03
CA SER A 29 -7.47 4.40 4.46
C SER A 29 -6.35 5.07 5.22
N ILE A 30 -5.80 4.31 6.16
CA ILE A 30 -4.67 4.75 6.93
C ILE A 30 -3.43 4.76 6.07
N TRP A 31 -3.37 3.81 5.15
CA TRP A 31 -2.27 3.74 4.21
C TRP A 31 -2.29 4.93 3.29
N ASP A 32 -3.48 5.37 2.93
CA ASP A 32 -3.65 6.55 2.09
C ASP A 32 -3.39 7.81 2.91
N ALA A 33 -3.77 7.80 4.19
CA ALA A 33 -3.52 8.93 5.05
C ALA A 33 -2.01 9.11 5.25
N ILE A 34 -1.29 8.00 5.33
CA ILE A 34 0.16 8.04 5.40
C ILE A 34 0.75 8.56 4.09
N ALA A 35 0.23 8.05 2.98
CA ALA A 35 0.66 8.52 1.66
C ALA A 35 0.40 10.01 1.51
N GLY A 36 -0.68 10.45 2.12
CA GLY A 36 -1.01 11.86 2.11
C GLY A 36 -0.14 12.64 3.07
N CYS A 37 0.46 11.91 4.01
CA CYS A 37 1.28 12.49 5.05
C CYS A 37 2.73 12.67 4.59
N GLU A 38 3.37 11.58 4.18
CA GLU A 38 4.79 11.63 3.83
C GLU A 38 4.97 12.00 2.38
N ALA A 39 4.05 11.58 1.53
CA ALA A 39 4.20 11.77 0.11
C ALA A 39 3.48 13.01 -0.39
N GLY A 40 2.64 13.58 0.46
CA GLY A 40 1.85 14.73 0.06
C GLY A 40 0.65 14.29 -0.73
N GLY A 41 0.47 12.98 -0.75
CA GLY A 41 -0.62 12.38 -1.45
C GLY A 41 -0.30 12.09 -2.90
N ASN A 42 0.76 11.34 -3.13
CA ASN A 42 1.15 10.94 -4.47
C ASN A 42 1.93 9.65 -4.40
N TRP A 43 1.44 8.66 -5.11
CA TRP A 43 2.00 7.33 -5.04
C TRP A 43 2.97 7.11 -6.17
N ALA A 44 2.94 8.02 -7.13
CA ALA A 44 3.79 7.92 -8.30
C ALA A 44 4.98 8.86 -8.20
N ILE A 45 5.15 9.44 -7.01
CA ILE A 45 6.24 10.35 -6.76
C ILE A 45 7.55 9.56 -6.66
N ASN A 46 8.62 10.15 -7.14
CA ASN A 46 9.93 9.50 -7.11
C ASN A 46 11.01 10.55 -7.27
N THR A 47 11.63 10.90 -6.15
CA THR A 47 12.66 11.92 -6.15
C THR A 47 14.01 11.31 -6.53
N GLY A 48 14.09 9.98 -6.45
CA GLY A 48 15.31 9.30 -6.81
C GLY A 48 16.23 9.13 -5.63
N ASN A 49 15.64 9.19 -4.43
CA ASN A 49 16.42 9.12 -3.22
C ASN A 49 16.53 7.69 -2.69
N GLY A 50 16.12 6.74 -3.51
CA GLY A 50 16.14 5.35 -3.11
C GLY A 50 14.80 4.91 -2.55
N TYR A 51 13.93 5.88 -2.30
CA TYR A 51 12.59 5.62 -1.82
C TYR A 51 11.63 6.06 -2.90
N TYR A 52 10.41 5.59 -2.81
CA TYR A 52 9.44 5.81 -3.85
C TYR A 52 8.16 6.38 -3.26
N GLY A 53 7.27 6.82 -4.11
CA GLY A 53 6.11 7.55 -3.68
C GLY A 53 5.11 6.74 -2.91
N GLY A 54 3.96 7.33 -2.66
CA GLY A 54 2.91 6.66 -1.95
C GLY A 54 3.19 6.59 -0.47
N VAL A 55 3.52 5.40 0.01
CA VAL A 55 3.77 5.20 1.43
C VAL A 55 5.24 5.47 1.76
N GLN A 56 5.95 6.04 0.78
CA GLN A 56 7.34 6.47 0.95
C GLN A 56 8.27 5.33 1.35
N PHE A 57 8.19 4.25 0.60
CA PHE A 57 9.06 3.10 0.80
C PHE A 57 10.45 3.34 0.25
N ASP A 58 11.46 3.02 1.05
CA ASP A 58 12.76 2.80 0.47
C ASP A 58 12.75 1.48 -0.28
N GLN A 59 13.61 1.34 -1.28
CA GLN A 59 13.67 0.14 -2.09
C GLN A 59 13.86 -1.11 -1.22
N GLY A 60 14.64 -0.96 -0.17
CA GLY A 60 15.01 -2.09 0.66
C GLY A 60 13.82 -2.66 1.42
N THR A 61 13.08 -1.79 2.09
CA THR A 61 11.91 -2.19 2.85
C THR A 61 10.82 -2.72 1.93
N TRP A 62 10.66 -2.03 0.80
CA TRP A 62 9.71 -2.44 -0.21
C TRP A 62 10.05 -3.83 -0.69
N GLU A 63 11.32 -4.02 -1.01
CA GLU A 63 11.79 -5.29 -1.52
C GLU A 63 11.73 -6.37 -0.44
N ALA A 64 11.98 -5.96 0.81
CA ALA A 64 12.05 -6.89 1.92
C ALA A 64 10.69 -7.57 2.17
N ASN A 65 9.61 -6.79 2.07
CA ASN A 65 8.29 -7.35 2.24
C ASN A 65 7.78 -7.92 0.91
N GLY A 66 8.54 -7.66 -0.16
CA GLY A 66 8.27 -8.26 -1.44
C GLY A 66 7.35 -7.43 -2.32
N GLY A 67 7.70 -6.17 -2.51
CA GLY A 67 6.89 -5.28 -3.30
C GLY A 67 7.10 -5.48 -4.78
N LEU A 68 8.28 -5.96 -5.14
CA LEU A 68 8.67 -6.06 -6.54
C LEU A 68 7.73 -6.92 -7.37
N ARG A 69 6.99 -7.81 -6.72
CA ARG A 69 6.01 -8.62 -7.41
C ARG A 69 4.84 -7.75 -7.86
N TYR A 70 4.55 -6.73 -7.08
CA TYR A 70 3.50 -5.79 -7.41
C TYR A 70 4.07 -4.80 -8.39
N ALA A 71 5.35 -4.55 -8.16
CA ALA A 71 6.16 -3.61 -8.92
C ALA A 71 7.41 -3.35 -8.13
N PRO A 72 8.58 -3.47 -8.75
CA PRO A 72 9.87 -3.31 -8.07
C PRO A 72 10.06 -1.92 -7.47
N ARG A 73 9.06 -1.07 -7.63
CA ARG A 73 9.09 0.26 -7.08
C ARG A 73 7.67 0.72 -6.80
N ALA A 74 7.49 1.34 -5.65
CA ALA A 74 6.20 1.80 -5.18
C ALA A 74 5.49 2.74 -6.16
N ASP A 75 6.26 3.49 -6.94
CA ASP A 75 5.68 4.47 -7.85
C ASP A 75 5.22 3.83 -9.15
N LEU A 76 5.47 2.54 -9.27
CA LEU A 76 4.95 1.76 -10.39
C LEU A 76 3.74 0.97 -9.90
N ALA A 77 3.79 0.61 -8.62
CA ALA A 77 2.70 -0.05 -7.96
C ALA A 77 1.63 0.97 -7.58
N THR A 78 0.46 0.48 -7.28
CA THR A 78 -0.66 1.35 -6.97
C THR A 78 -0.90 1.42 -5.46
N ARG A 79 -1.97 2.09 -5.06
CA ARG A 79 -2.32 2.22 -3.65
C ARG A 79 -2.40 0.85 -3.00
N GLU A 80 -3.21 0.00 -3.59
CA GLU A 80 -3.47 -1.33 -3.06
C GLU A 80 -2.20 -2.15 -2.98
N GLU A 81 -1.36 -2.03 -3.99
CA GLU A 81 -0.05 -2.68 -4.02
C GLU A 81 0.85 -2.20 -2.90
N GLN A 82 1.00 -0.88 -2.77
CA GLN A 82 1.86 -0.32 -1.73
C GLN A 82 1.29 -0.67 -0.37
N ILE A 83 -0.03 -0.68 -0.29
CA ILE A 83 -0.73 -1.06 0.92
C ILE A 83 -0.38 -2.48 1.31
N ALA A 84 -0.38 -3.38 0.35
CA ALA A 84 -0.08 -4.79 0.61
C ALA A 84 1.31 -4.94 1.20
N VAL A 85 2.26 -4.23 0.61
CA VAL A 85 3.64 -4.25 1.05
C VAL A 85 3.80 -3.58 2.41
N ALA A 86 3.24 -2.37 2.54
CA ALA A 86 3.30 -1.61 3.78
C ALA A 86 2.62 -2.36 4.90
N GLU A 87 1.56 -3.06 4.55
CA GLU A 87 0.78 -3.76 5.55
C GLU A 87 1.54 -4.96 6.07
N VAL A 88 2.42 -5.54 5.25
CA VAL A 88 3.37 -6.53 5.76
C VAL A 88 4.28 -5.87 6.79
N THR A 89 4.72 -4.67 6.48
CA THR A 89 5.69 -3.98 7.32
C THR A 89 5.06 -3.52 8.63
N ARG A 90 3.83 -3.00 8.53
CA ARG A 90 3.14 -2.42 9.68
C ARG A 90 2.97 -3.45 10.78
N LEU A 91 2.73 -4.69 10.38
CA LEU A 91 2.34 -5.74 11.30
C LEU A 91 3.52 -6.21 12.13
N ARG A 92 4.71 -6.06 11.58
CA ARG A 92 5.92 -6.54 12.23
C ARG A 92 6.42 -5.52 13.22
N GLN A 93 6.45 -4.28 12.77
CA GLN A 93 7.13 -3.24 13.52
C GLN A 93 6.18 -2.39 14.37
N GLY A 94 4.94 -2.25 13.92
CA GLY A 94 3.95 -1.54 14.72
C GLY A 94 3.91 -0.08 14.36
N TRP A 95 4.11 0.20 13.08
CA TRP A 95 4.04 1.56 12.55
C TRP A 95 5.22 2.38 13.07
N GLY A 96 6.27 1.67 13.47
CA GLY A 96 7.48 2.32 13.91
C GLY A 96 8.22 2.98 12.75
N ALA A 97 8.04 2.44 11.55
CA ALA A 97 8.65 3.03 10.37
C ALA A 97 7.92 4.30 9.95
N TRP A 98 6.62 4.35 10.23
CA TRP A 98 5.82 5.50 9.88
C TRP A 98 5.55 6.33 11.13
N PRO A 99 6.24 7.48 11.28
CA PRO A 99 6.19 8.30 12.49
C PRO A 99 4.86 9.05 12.70
N VAL A 100 4.77 10.29 12.23
CA VAL A 100 3.60 11.11 12.52
C VAL A 100 2.41 10.61 11.74
N CYS A 101 2.71 9.99 10.62
CA CYS A 101 1.69 9.51 9.70
C CYS A 101 0.86 8.40 10.33
N ALA A 102 1.49 7.58 11.14
CA ALA A 102 0.79 6.49 11.79
C ALA A 102 -0.25 7.03 12.75
N ALA A 103 0.17 8.00 13.57
CA ALA A 103 -0.73 8.62 14.53
C ALA A 103 -1.86 9.35 13.82
N ARG A 104 -1.52 10.03 12.74
CA ARG A 104 -2.50 10.78 11.95
C ARG A 104 -3.44 9.86 11.18
N ALA A 105 -2.92 8.76 10.66
CA ALA A 105 -3.73 7.86 9.84
C ALA A 105 -4.56 6.90 10.67
N GLY A 106 -4.09 6.59 11.88
CA GLY A 106 -4.76 5.58 12.69
C GLY A 106 -3.94 4.30 12.80
N ALA A 107 -2.80 4.41 13.47
CA ALA A 107 -1.90 3.29 13.70
C ALA A 107 -2.59 2.16 14.45
N ARG A 108 -2.14 0.95 14.18
CA ARG A 108 -2.78 -0.24 14.69
C ARG A 108 -1.90 -1.46 14.48
N ASN A 1 -50.82 -16.04 -2.58
CA ASN A 1 -49.89 -16.72 -1.67
C ASN A 1 -48.99 -15.70 -1.00
N VAL A 2 -49.39 -15.27 0.17
CA VAL A 2 -48.62 -14.32 0.94
C VAL A 2 -47.51 -15.04 1.70
N VAL A 3 -47.65 -16.36 1.79
CA VAL A 3 -46.69 -17.20 2.45
C VAL A 3 -45.34 -17.20 1.71
N VAL A 4 -44.42 -16.37 2.17
CA VAL A 4 -43.07 -16.41 1.68
C VAL A 4 -42.21 -17.20 2.65
N THR A 5 -41.32 -17.99 2.12
CA THR A 5 -40.54 -18.89 2.95
C THR A 5 -39.06 -18.53 2.93
N PRO A 6 -38.44 -18.46 4.11
CA PRO A 6 -37.00 -18.32 4.25
C PRO A 6 -36.32 -19.64 3.93
N ALA A 7 -35.03 -19.56 3.75
CA ALA A 7 -34.24 -20.69 3.28
C ALA A 7 -34.75 -21.19 1.93
N HIS A 8 -34.32 -22.38 1.52
CA HIS A 8 -34.61 -22.90 0.19
C HIS A 8 -33.96 -22.01 -0.85
N GLU A 9 -33.12 -21.12 -0.34
CA GLU A 9 -32.40 -20.15 -1.14
C GLU A 9 -31.42 -20.80 -2.11
N ALA A 10 -31.08 -20.05 -3.14
CA ALA A 10 -30.13 -20.48 -4.15
C ALA A 10 -29.39 -19.28 -4.71
N VAL A 11 -28.39 -18.85 -3.98
CA VAL A 11 -27.61 -17.67 -4.36
C VAL A 11 -26.95 -17.85 -5.73
N VAL A 12 -26.60 -19.11 -6.06
CA VAL A 12 -25.95 -19.48 -7.31
C VAL A 12 -24.99 -18.42 -7.84
N ARG A 13 -23.79 -18.49 -7.31
CA ARG A 13 -22.76 -17.54 -7.64
C ARG A 13 -21.96 -18.01 -8.83
N VAL A 14 -22.10 -17.27 -9.90
CA VAL A 14 -21.39 -17.53 -11.13
C VAL A 14 -20.16 -16.64 -11.20
N GLY A 15 -19.26 -17.01 -12.05
CA GLY A 15 -18.03 -16.26 -12.23
C GLY A 15 -16.82 -17.16 -12.14
N THR A 16 -16.36 -17.63 -13.30
CA THR A 16 -15.24 -18.54 -13.36
C THR A 16 -13.91 -17.81 -13.27
N LYS A 17 -13.88 -16.61 -13.81
CA LYS A 17 -12.66 -15.81 -13.85
C LYS A 17 -12.81 -14.59 -12.96
N PRO A 18 -12.29 -14.66 -11.72
CA PRO A 18 -12.28 -13.55 -10.81
C PRO A 18 -11.07 -12.67 -11.00
N GLY A 19 -11.05 -11.58 -10.27
CA GLY A 19 -9.93 -10.67 -10.30
C GLY A 19 -10.09 -9.65 -11.39
N THR A 20 -11.33 -9.31 -11.64
CA THR A 20 -11.69 -8.28 -12.60
C THR A 20 -11.27 -6.92 -12.05
N GLU A 21 -11.30 -6.82 -10.73
CA GLU A 21 -10.96 -5.63 -10.00
C GLU A 21 -10.14 -6.05 -8.80
N VAL A 22 -9.15 -5.27 -8.46
CA VAL A 22 -8.31 -5.55 -7.30
C VAL A 22 -9.11 -5.24 -6.03
N PRO A 23 -9.21 -6.22 -5.12
CA PRO A 23 -10.05 -6.11 -3.92
C PRO A 23 -9.73 -4.87 -3.10
N PRO A 24 -10.78 -4.11 -2.74
CA PRO A 24 -10.65 -2.87 -1.98
C PRO A 24 -9.91 -3.07 -0.67
N VAL A 25 -9.10 -2.09 -0.34
CA VAL A 25 -8.29 -2.14 0.85
C VAL A 25 -9.03 -1.55 2.05
N ILE A 26 -9.07 -2.32 3.14
CA ILE A 26 -9.75 -1.90 4.35
C ILE A 26 -8.85 -1.01 5.22
N ASP A 27 -7.54 -1.17 5.07
CA ASP A 27 -6.58 -0.52 5.94
C ASP A 27 -5.84 0.53 5.16
N GLY A 28 -6.28 0.72 3.94
CA GLY A 28 -5.60 1.60 3.04
C GLY A 28 -5.96 3.03 3.34
N SER A 29 -6.73 3.21 4.38
CA SER A 29 -7.05 4.54 4.87
C SER A 29 -5.86 5.06 5.65
N ILE A 30 -5.24 4.16 6.39
CA ILE A 30 -4.05 4.49 7.14
C ILE A 30 -2.93 4.67 6.15
N TRP A 31 -2.97 3.84 5.12
CA TRP A 31 -1.94 3.83 4.11
C TRP A 31 -2.08 5.02 3.19
N ASP A 32 -3.31 5.39 2.88
CA ASP A 32 -3.56 6.53 2.04
C ASP A 32 -3.42 7.83 2.83
N ALA A 33 -3.77 7.82 4.12
CA ALA A 33 -3.58 9.00 4.93
C ALA A 33 -2.09 9.28 5.16
N ILE A 34 -1.31 8.21 5.30
CA ILE A 34 0.14 8.35 5.39
C ILE A 34 0.70 8.85 4.07
N ALA A 35 0.25 8.24 2.98
CA ALA A 35 0.66 8.68 1.65
C ALA A 35 0.29 10.13 1.43
N GLY A 36 -0.83 10.53 2.02
CA GLY A 36 -1.30 11.90 1.90
C GLY A 36 -0.58 12.82 2.87
N CYS A 37 0.16 12.22 3.80
CA CYS A 37 0.85 12.98 4.83
C CYS A 37 2.31 13.19 4.46
N GLU A 38 3.00 12.13 4.10
CA GLU A 38 4.42 12.20 3.83
C GLU A 38 4.67 12.56 2.39
N ALA A 39 3.77 12.12 1.51
CA ALA A 39 3.93 12.37 0.09
C ALA A 39 3.01 13.49 -0.38
N GLY A 40 2.11 13.92 0.47
CA GLY A 40 1.16 14.95 0.10
C GLY A 40 0.06 14.35 -0.74
N GLY A 41 0.07 13.02 -0.78
CA GLY A 41 -0.85 12.28 -1.59
C GLY A 41 -0.33 12.12 -3.00
N ASN A 42 0.84 11.51 -3.12
CA ASN A 42 1.49 11.36 -4.41
C ASN A 42 2.12 9.98 -4.48
N TRP A 43 1.35 9.02 -4.97
CA TRP A 43 1.80 7.64 -5.04
C TRP A 43 2.78 7.46 -6.18
N ALA A 44 2.91 8.51 -6.96
CA ALA A 44 3.81 8.50 -8.10
C ALA A 44 5.08 9.31 -7.83
N ILE A 45 5.26 9.70 -6.58
CA ILE A 45 6.39 10.53 -6.19
C ILE A 45 7.67 9.71 -6.15
N ASN A 46 8.77 10.32 -6.56
CA ASN A 46 10.06 9.65 -6.56
C ASN A 46 11.15 10.65 -6.30
N THR A 47 11.44 10.86 -5.03
CA THR A 47 12.46 11.80 -4.61
C THR A 47 13.85 11.26 -4.91
N GLY A 48 13.96 9.94 -5.00
CA GLY A 48 15.23 9.32 -5.31
C GLY A 48 15.93 8.86 -4.06
N ASN A 49 15.18 8.77 -2.96
CA ASN A 49 15.75 8.43 -1.66
C ASN A 49 15.97 6.93 -1.54
N GLY A 50 15.69 6.20 -2.61
CA GLY A 50 15.63 4.76 -2.52
C GLY A 50 14.25 4.33 -2.08
N TYR A 51 13.43 5.33 -1.77
CA TYR A 51 12.05 5.14 -1.36
C TYR A 51 11.17 5.61 -2.51
N TYR A 52 9.96 5.11 -2.59
CA TYR A 52 9.14 5.35 -3.77
C TYR A 52 7.75 5.86 -3.41
N GLY A 53 7.02 6.27 -4.45
CA GLY A 53 5.74 6.95 -4.29
C GLY A 53 4.77 6.30 -3.33
N GLY A 54 3.89 7.13 -2.80
CA GLY A 54 2.84 6.66 -1.92
C GLY A 54 3.21 6.84 -0.47
N VAL A 55 3.48 5.73 0.21
CA VAL A 55 3.88 5.77 1.62
C VAL A 55 5.38 5.99 1.75
N GLN A 56 6.02 6.04 0.58
CA GLN A 56 7.40 6.49 0.43
C GLN A 56 8.39 5.73 1.31
N PHE A 57 8.38 4.41 1.25
CA PHE A 57 9.39 3.64 1.97
C PHE A 57 10.35 2.96 1.00
N ASP A 58 11.40 2.37 1.56
CA ASP A 58 12.60 2.03 0.82
C ASP A 58 12.47 0.76 -0.01
N GLN A 59 13.32 0.70 -1.04
CA GLN A 59 13.42 -0.40 -1.96
C GLN A 59 13.71 -1.71 -1.25
N GLY A 60 14.55 -1.64 -0.23
CA GLY A 60 14.99 -2.82 0.46
C GLY A 60 13.88 -3.50 1.22
N THR A 61 13.16 -2.71 2.00
CA THR A 61 12.01 -3.21 2.73
C THR A 61 10.90 -3.62 1.77
N TRP A 62 10.71 -2.80 0.74
CA TRP A 62 9.75 -3.07 -0.30
C TRP A 62 10.02 -4.42 -0.93
N GLU A 63 11.26 -4.63 -1.29
CA GLU A 63 11.70 -5.86 -1.93
C GLU A 63 11.62 -7.02 -0.96
N ALA A 64 11.92 -6.74 0.30
CA ALA A 64 11.93 -7.77 1.35
C ALA A 64 10.54 -8.33 1.58
N ASN A 65 9.55 -7.46 1.58
CA ASN A 65 8.17 -7.88 1.75
C ASN A 65 7.61 -8.37 0.40
N GLY A 66 8.31 -8.01 -0.67
CA GLY A 66 8.02 -8.55 -1.98
C GLY A 66 7.12 -7.67 -2.82
N GLY A 67 7.41 -6.38 -2.86
CA GLY A 67 6.61 -5.48 -3.64
C GLY A 67 6.96 -5.56 -5.09
N LEU A 68 8.19 -5.98 -5.36
CA LEU A 68 8.74 -6.05 -6.70
C LEU A 68 7.83 -6.86 -7.60
N ARG A 69 7.09 -7.76 -6.98
CA ARG A 69 6.23 -8.67 -7.71
C ARG A 69 5.06 -7.93 -8.29
N TYR A 70 4.67 -6.85 -7.63
CA TYR A 70 3.59 -6.04 -8.11
C TYR A 70 4.22 -4.94 -8.94
N ALA A 71 5.40 -4.55 -8.48
CA ALA A 71 6.18 -3.48 -9.09
C ALA A 71 7.46 -3.31 -8.28
N PRO A 72 8.63 -3.43 -8.93
CA PRO A 72 9.92 -3.27 -8.26
C PRO A 72 10.12 -1.87 -7.68
N ARG A 73 9.12 -1.03 -7.82
CA ARG A 73 9.12 0.29 -7.23
C ARG A 73 7.68 0.70 -6.93
N ALA A 74 7.49 1.31 -5.77
CA ALA A 74 6.15 1.65 -5.28
C ALA A 74 5.40 2.56 -6.24
N ASP A 75 6.12 3.37 -6.99
CA ASP A 75 5.48 4.32 -7.87
C ASP A 75 5.19 3.71 -9.23
N LEU A 76 5.34 2.40 -9.32
CA LEU A 76 5.02 1.68 -10.53
C LEU A 76 3.66 0.99 -10.39
N ALA A 77 3.39 0.43 -9.21
CA ALA A 77 2.11 -0.18 -8.94
C ALA A 77 1.27 0.72 -8.05
N THR A 78 0.00 0.37 -7.92
CA THR A 78 -0.98 1.27 -7.33
C THR A 78 -1.11 1.10 -5.83
N ARG A 79 -2.03 1.87 -5.25
CA ARG A 79 -2.19 2.00 -3.80
C ARG A 79 -2.26 0.64 -3.11
N GLU A 80 -3.08 -0.23 -3.66
CA GLU A 80 -3.31 -1.53 -3.07
C GLU A 80 -2.02 -2.36 -3.00
N GLU A 81 -1.11 -2.13 -3.94
CA GLU A 81 0.17 -2.80 -3.91
C GLU A 81 1.03 -2.23 -2.77
N GLN A 82 1.15 -0.89 -2.71
CA GLN A 82 1.96 -0.25 -1.67
C GLN A 82 1.41 -0.62 -0.32
N ILE A 83 0.10 -0.75 -0.26
CA ILE A 83 -0.59 -1.19 0.92
C ILE A 83 -0.15 -2.59 1.31
N ALA A 84 -0.12 -3.51 0.34
CA ALA A 84 0.21 -4.90 0.62
C ALA A 84 1.63 -5.04 1.20
N VAL A 85 2.56 -4.32 0.61
CA VAL A 85 3.94 -4.35 1.07
C VAL A 85 4.07 -3.67 2.44
N ALA A 86 3.48 -2.48 2.55
CA ALA A 86 3.39 -1.78 3.82
C ALA A 86 2.69 -2.62 4.86
N GLU A 87 1.79 -3.48 4.39
CA GLU A 87 1.06 -4.39 5.28
C GLU A 87 2.04 -5.28 6.01
N VAL A 88 3.01 -5.81 5.29
CA VAL A 88 4.05 -6.60 5.91
C VAL A 88 4.94 -5.71 6.76
N THR A 89 5.28 -4.54 6.24
CA THR A 89 6.15 -3.63 6.93
C THR A 89 5.56 -3.20 8.28
N ARG A 90 4.28 -2.81 8.26
CA ARG A 90 3.60 -2.28 9.44
C ARG A 90 3.48 -3.34 10.53
N LEU A 91 3.29 -4.57 10.11
CA LEU A 91 3.03 -5.66 11.05
C LEU A 91 4.27 -5.99 11.86
N ARG A 92 5.44 -5.64 11.32
CA ARG A 92 6.69 -5.92 11.99
C ARG A 92 7.00 -4.83 13.00
N GLN A 93 6.98 -3.59 12.54
CA GLN A 93 7.47 -2.50 13.35
C GLN A 93 6.38 -1.75 14.13
N GLY A 94 5.14 -1.79 13.63
CA GLY A 94 4.03 -1.16 14.35
C GLY A 94 3.98 0.32 14.11
N TRP A 95 4.02 0.68 12.83
CA TRP A 95 3.93 2.08 12.40
C TRP A 95 5.02 2.90 13.07
N GLY A 96 6.13 2.24 13.36
CA GLY A 96 7.29 2.92 13.90
C GLY A 96 8.15 3.52 12.79
N ALA A 97 8.04 2.96 11.60
CA ALA A 97 8.74 3.49 10.44
C ALA A 97 7.97 4.66 9.87
N TRP A 98 6.68 4.68 10.15
CA TRP A 98 5.81 5.78 9.75
C TRP A 98 5.59 6.67 10.96
N PRO A 99 6.21 7.86 10.96
CA PRO A 99 6.15 8.80 12.08
C PRO A 99 4.75 9.34 12.39
N VAL A 100 4.64 10.65 12.58
CA VAL A 100 3.38 11.28 12.99
C VAL A 100 2.24 10.93 12.04
N CYS A 101 2.59 10.61 10.79
CA CYS A 101 1.60 10.30 9.78
C CYS A 101 0.82 9.03 10.12
N ALA A 102 1.43 8.15 10.90
CA ALA A 102 0.76 6.93 11.34
C ALA A 102 -0.37 7.26 12.31
N ALA A 103 -0.09 8.14 13.25
CA ALA A 103 -1.08 8.56 14.23
C ALA A 103 -2.18 9.37 13.54
N ARG A 104 -1.77 10.15 12.56
CA ARG A 104 -2.69 10.94 11.75
C ARG A 104 -3.61 10.04 10.93
N ALA A 105 -3.09 8.88 10.53
CA ALA A 105 -3.83 7.97 9.68
C ALA A 105 -4.67 6.98 10.49
N GLY A 106 -4.28 6.77 11.74
CA GLY A 106 -4.97 5.81 12.59
C GLY A 106 -4.20 4.52 12.74
N ALA A 107 -3.07 4.58 13.43
CA ALA A 107 -2.17 3.45 13.59
C ALA A 107 -2.83 2.34 14.39
N ARG A 108 -2.40 1.12 14.14
CA ARG A 108 -2.88 -0.05 14.85
C ARG A 108 -4.35 -0.33 14.55
N ASN A 1 -24.49 31.57 -27.56
CA ASN A 1 -25.13 30.60 -28.46
C ASN A 1 -26.60 30.40 -28.10
N VAL A 2 -27.45 31.05 -28.86
CA VAL A 2 -28.89 30.85 -28.73
C VAL A 2 -29.24 29.51 -29.34
N VAL A 3 -28.76 29.29 -30.54
CA VAL A 3 -28.86 28.01 -31.20
C VAL A 3 -27.55 27.24 -30.99
N VAL A 4 -27.68 25.98 -30.61
CA VAL A 4 -26.50 25.15 -30.36
C VAL A 4 -26.01 24.53 -31.65
N THR A 5 -24.69 24.44 -31.79
CA THR A 5 -24.07 23.87 -32.97
C THR A 5 -23.52 22.49 -32.68
N PRO A 6 -24.16 21.45 -33.24
CA PRO A 6 -23.73 20.08 -33.08
C PRO A 6 -22.80 19.65 -34.21
N ALA A 7 -22.04 18.60 -33.93
CA ALA A 7 -21.06 18.05 -34.85
C ALA A 7 -20.10 19.12 -35.33
N HIS A 8 -19.47 18.87 -36.48
CA HIS A 8 -18.39 19.70 -37.01
C HIS A 8 -17.12 19.48 -36.17
N GLU A 9 -17.29 18.99 -34.95
CA GLU A 9 -16.17 18.76 -34.07
C GLU A 9 -15.86 17.27 -33.98
N ALA A 10 -14.58 16.98 -33.81
CA ALA A 10 -14.11 15.60 -33.77
C ALA A 10 -13.31 15.37 -32.50
N VAL A 11 -14.05 15.28 -31.42
CA VAL A 11 -13.48 15.05 -30.11
C VAL A 11 -12.71 13.73 -30.07
N VAL A 12 -13.42 12.63 -30.40
CA VAL A 12 -12.90 11.27 -30.42
C VAL A 12 -11.85 11.01 -29.32
N ARG A 13 -12.35 10.64 -28.18
CA ARG A 13 -11.53 10.37 -27.02
C ARG A 13 -11.57 8.90 -26.67
N VAL A 14 -10.44 8.24 -26.86
CA VAL A 14 -10.27 6.85 -26.56
C VAL A 14 -9.31 6.71 -25.39
N GLY A 15 -9.29 5.54 -24.81
CA GLY A 15 -8.41 5.27 -23.71
C GLY A 15 -9.05 4.37 -22.67
N THR A 16 -8.79 3.08 -22.80
CA THR A 16 -9.31 2.10 -21.87
C THR A 16 -8.73 2.31 -20.48
N LYS A 17 -7.44 2.08 -20.39
CA LYS A 17 -6.63 2.26 -19.19
C LYS A 17 -7.39 1.94 -17.89
N PRO A 18 -7.54 0.66 -17.55
CA PRO A 18 -8.21 0.24 -16.34
C PRO A 18 -7.32 0.46 -15.12
N GLY A 19 -7.96 0.41 -13.97
CA GLY A 19 -7.28 0.66 -12.72
C GLY A 19 -6.85 2.08 -12.61
N THR A 20 -7.74 2.98 -13.00
CA THR A 20 -7.48 4.40 -13.03
C THR A 20 -7.18 4.92 -11.62
N GLU A 21 -8.06 4.58 -10.69
CA GLU A 21 -7.89 4.95 -9.29
C GLU A 21 -8.34 3.78 -8.43
N VAL A 22 -7.56 3.48 -7.42
CA VAL A 22 -7.82 2.31 -6.58
C VAL A 22 -8.62 2.70 -5.34
N PRO A 23 -9.83 2.12 -5.20
CA PRO A 23 -10.68 2.32 -4.02
C PRO A 23 -9.96 1.97 -2.72
N PRO A 24 -10.23 2.74 -1.66
CA PRO A 24 -9.61 2.56 -0.34
C PRO A 24 -9.78 1.16 0.23
N VAL A 25 -8.76 0.77 0.98
CA VAL A 25 -8.69 -0.54 1.61
C VAL A 25 -8.83 -0.39 3.13
N ILE A 26 -9.21 -1.45 3.82
CA ILE A 26 -9.47 -1.38 5.26
C ILE A 26 -8.27 -0.82 6.01
N ASP A 27 -7.06 -1.16 5.57
CA ASP A 27 -5.86 -0.61 6.18
C ASP A 27 -5.29 0.43 5.25
N GLY A 28 -5.82 0.41 4.05
CA GLY A 28 -5.37 1.29 2.99
C GLY A 28 -5.79 2.71 3.24
N SER A 29 -6.52 2.90 4.31
CA SER A 29 -6.90 4.23 4.75
C SER A 29 -5.75 4.89 5.45
N ILE A 30 -5.17 4.12 6.36
CA ILE A 30 -3.99 4.50 7.09
C ILE A 30 -2.86 4.67 6.09
N TRP A 31 -2.90 3.83 5.08
CA TRP A 31 -1.88 3.81 4.06
C TRP A 31 -2.04 5.02 3.13
N ASP A 32 -3.28 5.38 2.86
CA ASP A 32 -3.56 6.50 1.98
C ASP A 32 -3.37 7.81 2.74
N ALA A 33 -3.69 7.83 4.04
CA ALA A 33 -3.47 9.01 4.84
C ALA A 33 -1.98 9.24 5.05
N ILE A 34 -1.22 8.15 5.16
CA ILE A 34 0.23 8.23 5.19
C ILE A 34 0.76 8.76 3.87
N ALA A 35 0.21 8.23 2.78
CA ALA A 35 0.57 8.70 1.45
C ALA A 35 0.28 10.19 1.32
N GLY A 36 -0.80 10.61 1.96
CA GLY A 36 -1.17 12.02 1.94
C GLY A 36 -0.26 12.87 2.82
N CYS A 37 0.39 12.22 3.76
CA CYS A 37 1.23 12.90 4.73
C CYS A 37 2.70 12.94 4.28
N GLU A 38 3.23 11.77 3.94
CA GLU A 38 4.65 11.61 3.67
C GLU A 38 4.93 11.90 2.20
N ALA A 39 3.96 11.57 1.36
CA ALA A 39 4.13 11.74 -0.06
C ALA A 39 3.41 12.99 -0.56
N GLY A 40 2.54 13.55 0.28
CA GLY A 40 1.76 14.70 -0.13
C GLY A 40 0.58 14.26 -0.96
N GLY A 41 0.35 12.96 -0.93
CA GLY A 41 -0.70 12.35 -1.70
C GLY A 41 -0.29 12.12 -3.13
N ASN A 42 0.78 11.36 -3.30
CA ASN A 42 1.31 11.08 -4.62
C ASN A 42 1.99 9.73 -4.60
N TRP A 43 1.28 8.71 -5.04
CA TRP A 43 1.78 7.34 -5.00
C TRP A 43 2.80 7.13 -6.10
N ALA A 44 2.79 8.03 -7.05
CA ALA A 44 3.71 7.95 -8.19
C ALA A 44 4.86 8.93 -8.01
N ILE A 45 5.02 9.42 -6.78
CA ILE A 45 6.07 10.37 -6.49
C ILE A 45 7.40 9.65 -6.36
N ASN A 46 8.45 10.29 -6.82
CA ASN A 46 9.77 9.71 -6.75
C ASN A 46 10.77 10.81 -6.52
N THR A 47 10.99 11.08 -5.25
CA THR A 47 11.89 12.12 -4.81
C THR A 47 13.34 11.77 -5.14
N GLY A 48 13.58 10.48 -5.31
CA GLY A 48 14.91 10.02 -5.66
C GLY A 48 15.73 9.74 -4.44
N ASN A 49 15.05 9.46 -3.33
CA ASN A 49 15.74 9.22 -2.07
C ASN A 49 15.84 7.74 -1.73
N GLY A 50 15.59 6.88 -2.71
CA GLY A 50 15.71 5.44 -2.50
C GLY A 50 14.37 4.84 -2.12
N TYR A 51 13.44 5.72 -1.82
CA TYR A 51 12.11 5.34 -1.38
C TYR A 51 11.15 5.87 -2.41
N TYR A 52 10.04 5.20 -2.60
CA TYR A 52 9.19 5.52 -3.72
C TYR A 52 7.80 5.95 -3.28
N GLY A 53 7.01 6.43 -4.24
CA GLY A 53 5.79 7.16 -3.94
C GLY A 53 4.77 6.40 -3.13
N GLY A 54 3.79 7.15 -2.66
CA GLY A 54 2.72 6.59 -1.90
C GLY A 54 3.06 6.52 -0.43
N VAL A 55 3.41 5.32 0.02
CA VAL A 55 3.75 5.11 1.42
C VAL A 55 5.23 5.41 1.68
N GLN A 56 5.94 5.77 0.61
CA GLN A 56 7.26 6.38 0.69
C GLN A 56 8.26 5.59 1.56
N PHE A 57 8.42 4.31 1.27
CA PHE A 57 9.47 3.55 1.92
C PHE A 57 10.45 2.97 0.90
N ASP A 58 11.61 2.57 1.39
CA ASP A 58 12.78 2.29 0.58
C ASP A 58 12.68 0.99 -0.21
N GLN A 59 13.43 0.97 -1.31
CA GLN A 59 13.50 -0.15 -2.23
C GLN A 59 13.83 -1.47 -1.52
N GLY A 60 14.74 -1.39 -0.56
CA GLY A 60 15.20 -2.56 0.15
C GLY A 60 14.12 -3.14 1.03
N THR A 61 13.49 -2.28 1.82
CA THR A 61 12.38 -2.67 2.66
C THR A 61 11.19 -3.08 1.80
N TRP A 62 11.00 -2.36 0.71
CA TRP A 62 10.00 -2.68 -0.28
C TRP A 62 10.22 -4.09 -0.79
N GLU A 63 11.47 -4.36 -1.14
CA GLU A 63 11.87 -5.67 -1.64
C GLU A 63 11.76 -6.73 -0.54
N ALA A 64 12.03 -6.30 0.69
CA ALA A 64 12.01 -7.21 1.83
C ALA A 64 10.61 -7.79 2.06
N ASN A 65 9.59 -6.94 1.95
CA ASN A 65 8.22 -7.40 2.10
C ASN A 65 7.68 -7.93 0.76
N GLY A 66 8.43 -7.66 -0.31
CA GLY A 66 8.13 -8.26 -1.59
C GLY A 66 7.23 -7.42 -2.48
N GLY A 67 7.58 -6.16 -2.68
CA GLY A 67 6.78 -5.31 -3.52
C GLY A 67 7.04 -5.53 -4.99
N LEU A 68 8.25 -5.96 -5.32
CA LEU A 68 8.70 -6.01 -6.71
C LEU A 68 7.81 -6.89 -7.56
N ARG A 69 7.08 -7.78 -6.91
CA ARG A 69 6.20 -8.69 -7.59
C ARG A 69 4.99 -7.95 -8.12
N TYR A 70 4.63 -6.87 -7.45
CA TYR A 70 3.54 -6.05 -7.89
C TYR A 70 4.13 -4.97 -8.77
N ALA A 71 5.34 -4.60 -8.38
CA ALA A 71 6.14 -3.60 -9.06
C ALA A 71 7.41 -3.36 -8.25
N PRO A 72 8.58 -3.47 -8.88
CA PRO A 72 9.87 -3.29 -8.20
C PRO A 72 10.06 -1.89 -7.62
N ARG A 73 9.05 -1.07 -7.73
CA ARG A 73 9.07 0.28 -7.17
C ARG A 73 7.64 0.73 -6.89
N ALA A 74 7.47 1.44 -5.78
CA ALA A 74 6.15 1.89 -5.34
C ALA A 74 5.48 2.80 -6.35
N ASP A 75 6.27 3.53 -7.10
CA ASP A 75 5.73 4.52 -8.03
C ASP A 75 5.39 3.89 -9.38
N LEU A 76 5.40 2.56 -9.40
CA LEU A 76 5.01 1.81 -10.57
C LEU A 76 3.66 1.14 -10.35
N ALA A 77 3.46 0.54 -9.17
CA ALA A 77 2.19 -0.11 -8.87
C ALA A 77 1.32 0.79 -8.02
N THR A 78 0.07 0.40 -7.90
CA THR A 78 -0.97 1.26 -7.35
C THR A 78 -1.14 1.09 -5.85
N ARG A 79 -2.06 1.88 -5.28
CA ARG A 79 -2.29 1.93 -3.83
C ARG A 79 -2.36 0.54 -3.21
N GLU A 80 -3.05 -0.36 -3.89
CA GLU A 80 -3.24 -1.71 -3.40
C GLU A 80 -1.91 -2.39 -3.13
N GLU A 81 -0.93 -2.14 -3.99
CA GLU A 81 0.37 -2.76 -3.85
C GLU A 81 1.11 -2.16 -2.66
N GLN A 82 1.17 -0.83 -2.58
CA GLN A 82 1.88 -0.17 -1.48
C GLN A 82 1.25 -0.55 -0.16
N ILE A 83 -0.06 -0.73 -0.20
CA ILE A 83 -0.80 -1.16 0.97
C ILE A 83 -0.34 -2.54 1.39
N ALA A 84 -0.23 -3.46 0.43
CA ALA A 84 0.13 -4.84 0.73
C ALA A 84 1.56 -4.95 1.27
N VAL A 85 2.49 -4.31 0.58
CA VAL A 85 3.90 -4.41 0.93
C VAL A 85 4.22 -3.71 2.25
N ALA A 86 3.74 -2.48 2.39
CA ALA A 86 3.95 -1.72 3.60
C ALA A 86 3.23 -2.37 4.77
N GLU A 87 2.12 -3.02 4.47
CA GLU A 87 1.30 -3.63 5.52
C GLU A 87 2.01 -4.83 6.13
N VAL A 88 2.83 -5.53 5.33
CA VAL A 88 3.68 -6.56 5.89
C VAL A 88 4.63 -5.92 6.90
N THR A 89 5.15 -4.77 6.53
CA THR A 89 6.08 -4.07 7.38
C THR A 89 5.37 -3.55 8.63
N ARG A 90 4.18 -2.99 8.44
CA ARG A 90 3.41 -2.42 9.54
C ARG A 90 3.04 -3.48 10.55
N LEU A 91 2.79 -4.69 10.09
CA LEU A 91 2.24 -5.74 10.94
C LEU A 91 3.31 -6.26 11.90
N ARG A 92 4.56 -6.10 11.52
CA ARG A 92 5.67 -6.59 12.33
C ARG A 92 6.01 -5.57 13.39
N GLN A 93 6.13 -4.33 12.96
CA GLN A 93 6.68 -3.28 13.81
C GLN A 93 5.60 -2.42 14.46
N GLY A 94 4.45 -2.28 13.82
CA GLY A 94 3.36 -1.54 14.43
C GLY A 94 3.36 -0.09 14.03
N TRP A 95 3.67 0.15 12.74
CA TRP A 95 3.70 1.49 12.17
C TRP A 95 4.85 2.28 12.74
N GLY A 96 5.74 1.58 13.45
CA GLY A 96 6.91 2.21 14.04
C GLY A 96 7.82 2.89 13.03
N ALA A 97 7.83 2.38 11.80
CA ALA A 97 8.64 2.98 10.74
C ALA A 97 7.92 4.17 10.13
N TRP A 98 6.62 4.26 10.36
CA TRP A 98 5.84 5.37 9.87
C TRP A 98 5.51 6.32 11.02
N PRO A 99 6.15 7.50 11.02
CA PRO A 99 6.02 8.50 12.09
C PRO A 99 4.62 9.10 12.23
N VAL A 100 4.54 10.42 12.38
CA VAL A 100 3.29 11.13 12.59
C VAL A 100 2.26 10.81 11.52
N CYS A 101 2.73 10.46 10.34
CA CYS A 101 1.86 10.10 9.23
C CYS A 101 0.99 8.89 9.56
N ALA A 102 1.57 7.91 10.24
CA ALA A 102 0.83 6.73 10.66
C ALA A 102 -0.12 7.08 11.79
N ALA A 103 0.39 7.89 12.72
CA ALA A 103 -0.41 8.33 13.86
C ALA A 103 -1.65 9.09 13.40
N ARG A 104 -1.45 10.00 12.46
CA ARG A 104 -2.55 10.79 11.92
C ARG A 104 -3.43 9.97 11.00
N ALA A 105 -2.89 8.88 10.47
CA ALA A 105 -3.63 8.00 9.59
C ALA A 105 -4.47 7.01 10.38
N GLY A 106 -4.11 6.79 11.64
CA GLY A 106 -4.83 5.84 12.48
C GLY A 106 -4.07 4.54 12.67
N ALA A 107 -2.88 4.64 13.24
CA ALA A 107 -2.00 3.49 13.44
C ALA A 107 -2.61 2.45 14.37
N ARG A 108 -2.39 1.17 14.04
CA ARG A 108 -2.95 0.05 14.79
C ARG A 108 -2.37 -1.27 14.30
N ASN A 1 0.05 -54.24 5.93
CA ASN A 1 0.11 -53.23 4.85
C ASN A 1 -0.99 -52.20 5.03
N VAL A 2 -0.63 -50.95 4.87
CA VAL A 2 -1.57 -49.86 4.97
C VAL A 2 -1.63 -49.16 3.62
N VAL A 3 -2.42 -49.77 2.73
CA VAL A 3 -2.64 -49.28 1.36
C VAL A 3 -2.55 -47.75 1.25
N VAL A 4 -1.66 -47.29 0.40
CA VAL A 4 -1.40 -45.87 0.25
C VAL A 4 -2.32 -45.28 -0.80
N THR A 5 -2.71 -44.03 -0.58
CA THR A 5 -3.62 -43.35 -1.47
C THR A 5 -2.86 -42.61 -2.56
N PRO A 6 -3.21 -42.88 -3.83
CA PRO A 6 -2.63 -42.20 -4.97
C PRO A 6 -3.42 -40.95 -5.29
N ALA A 7 -2.74 -40.02 -5.95
CA ALA A 7 -3.30 -38.70 -6.25
C ALA A 7 -3.87 -38.08 -4.99
N HIS A 8 -3.08 -38.17 -3.94
CA HIS A 8 -3.40 -37.57 -2.67
C HIS A 8 -3.11 -36.08 -2.74
N GLU A 9 -2.50 -35.67 -3.85
CA GLU A 9 -2.10 -34.28 -4.03
C GLU A 9 -3.27 -33.33 -3.89
N ALA A 10 -3.01 -32.23 -3.22
CA ALA A 10 -3.97 -31.15 -3.09
C ALA A 10 -3.34 -29.89 -3.65
N VAL A 11 -3.00 -29.97 -4.92
CA VAL A 11 -2.38 -28.87 -5.63
C VAL A 11 -3.33 -27.68 -5.69
N VAL A 12 -4.59 -27.97 -6.02
CA VAL A 12 -5.64 -26.97 -6.20
C VAL A 12 -5.13 -25.66 -6.79
N ARG A 13 -5.01 -25.70 -8.11
CA ARG A 13 -4.49 -24.61 -8.91
C ARG A 13 -3.02 -24.30 -8.62
N VAL A 14 -2.25 -24.16 -9.68
CA VAL A 14 -0.87 -23.77 -9.57
C VAL A 14 -0.78 -22.26 -9.58
N GLY A 15 0.30 -21.76 -9.06
CA GLY A 15 0.50 -20.35 -8.96
C GLY A 15 1.94 -19.98 -8.69
N THR A 16 2.71 -19.89 -9.77
CA THR A 16 4.10 -19.49 -9.70
C THR A 16 4.21 -18.06 -9.19
N LYS A 17 3.27 -17.26 -9.63
CA LYS A 17 3.16 -15.87 -9.19
C LYS A 17 1.77 -15.63 -8.61
N PRO A 18 1.57 -15.93 -7.31
CA PRO A 18 0.31 -15.68 -6.63
C PRO A 18 -0.05 -14.22 -6.60
N GLY A 19 -1.14 -13.94 -7.24
CA GLY A 19 -1.65 -12.58 -7.28
C GLY A 19 -2.31 -12.23 -8.59
N THR A 20 -3.25 -13.06 -9.00
CA THR A 20 -4.10 -12.73 -10.13
C THR A 20 -5.04 -11.59 -9.72
N GLU A 21 -5.42 -11.61 -8.46
CA GLU A 21 -6.25 -10.57 -7.88
C GLU A 21 -5.54 -9.98 -6.69
N VAL A 22 -5.39 -8.69 -6.70
CA VAL A 22 -4.67 -7.97 -5.65
C VAL A 22 -5.49 -7.96 -4.37
N PRO A 23 -4.84 -8.33 -3.24
CA PRO A 23 -5.49 -8.40 -1.94
C PRO A 23 -6.20 -7.10 -1.56
N PRO A 24 -7.47 -7.21 -1.15
CA PRO A 24 -8.30 -6.07 -0.78
C PRO A 24 -7.68 -5.22 0.31
N VAL A 25 -7.86 -3.93 0.18
CA VAL A 25 -7.34 -2.96 1.13
C VAL A 25 -8.25 -2.86 2.36
N ILE A 26 -7.68 -3.17 3.51
CA ILE A 26 -8.37 -3.08 4.79
C ILE A 26 -8.22 -1.69 5.40
N ASP A 27 -6.98 -1.29 5.56
CA ASP A 27 -6.60 -0.10 6.29
C ASP A 27 -5.71 0.75 5.42
N GLY A 28 -6.00 0.73 4.14
CA GLY A 28 -5.26 1.54 3.21
C GLY A 28 -5.62 2.99 3.35
N SER A 29 -6.55 3.24 4.26
CA SER A 29 -6.91 4.59 4.63
C SER A 29 -5.77 5.23 5.40
N ILE A 30 -5.14 4.41 6.22
CA ILE A 30 -3.97 4.82 6.98
C ILE A 30 -2.85 5.02 6.00
N TRP A 31 -2.84 4.16 5.00
CA TRP A 31 -1.80 4.16 3.99
C TRP A 31 -1.95 5.37 3.08
N ASP A 32 -3.17 5.75 2.79
CA ASP A 32 -3.45 6.91 1.97
C ASP A 32 -3.25 8.19 2.76
N ALA A 33 -3.55 8.17 4.06
CA ALA A 33 -3.32 9.33 4.89
C ALA A 33 -1.82 9.54 5.09
N ILE A 34 -1.08 8.44 5.17
CA ILE A 34 0.37 8.48 5.20
C ILE A 34 0.91 8.99 3.86
N ALA A 35 0.31 8.51 2.78
CA ALA A 35 0.64 9.01 1.45
C ALA A 35 0.39 10.50 1.37
N GLY A 36 -0.69 10.92 2.00
CA GLY A 36 -1.04 12.32 2.03
C GLY A 36 -0.14 13.10 2.96
N CYS A 37 0.64 12.37 3.74
CA CYS A 37 1.53 12.96 4.71
C CYS A 37 2.91 13.21 4.12
N GLU A 38 3.63 12.15 3.77
CA GLU A 38 5.01 12.32 3.31
C GLU A 38 5.06 12.52 1.81
N ALA A 39 4.16 11.86 1.10
CA ALA A 39 4.16 11.91 -0.34
C ALA A 39 3.43 13.14 -0.85
N GLY A 40 2.60 13.72 0.01
CA GLY A 40 1.81 14.87 -0.39
C GLY A 40 0.60 14.41 -1.15
N GLY A 41 0.37 13.11 -1.06
CA GLY A 41 -0.71 12.48 -1.77
C GLY A 41 -0.33 12.17 -3.20
N ASN A 42 0.69 11.33 -3.36
CA ASN A 42 1.17 10.95 -4.66
C ASN A 42 1.84 9.61 -4.55
N TRP A 43 1.38 8.68 -5.35
CA TRP A 43 1.86 7.30 -5.27
C TRP A 43 2.93 7.04 -6.30
N ALA A 44 3.09 7.99 -7.20
CA ALA A 44 4.08 7.90 -8.26
C ALA A 44 5.22 8.90 -8.04
N ILE A 45 5.22 9.52 -6.86
CA ILE A 45 6.21 10.51 -6.53
C ILE A 45 7.57 9.86 -6.24
N ASN A 46 8.62 10.53 -6.65
CA ASN A 46 9.98 10.05 -6.43
C ASN A 46 10.84 11.19 -5.95
N THR A 47 10.97 11.28 -4.65
CA THR A 47 11.73 12.35 -4.04
C THR A 47 13.22 12.13 -4.23
N GLY A 48 13.58 10.93 -4.66
CA GLY A 48 14.95 10.63 -5.00
C GLY A 48 15.73 10.21 -3.78
N ASN A 49 15.01 9.77 -2.77
CA ASN A 49 15.65 9.44 -1.49
C ASN A 49 15.79 7.94 -1.31
N GLY A 50 15.54 7.19 -2.38
CA GLY A 50 15.61 5.74 -2.30
C GLY A 50 14.30 5.13 -1.85
N TYR A 51 13.34 6.00 -1.55
CA TYR A 51 12.03 5.58 -1.13
C TYR A 51 11.06 6.07 -2.20
N TYR A 52 10.02 5.32 -2.42
CA TYR A 52 9.16 5.62 -3.55
C TYR A 52 7.78 6.06 -3.13
N GLY A 53 7.06 6.66 -4.05
CA GLY A 53 5.84 7.37 -3.74
C GLY A 53 4.76 6.52 -3.10
N GLY A 54 3.66 7.17 -2.77
CA GLY A 54 2.56 6.51 -2.12
C GLY A 54 2.75 6.47 -0.63
N VAL A 55 3.03 5.29 -0.09
CA VAL A 55 3.26 5.14 1.34
C VAL A 55 4.69 5.49 1.66
N GLN A 56 5.44 5.83 0.62
CA GLN A 56 6.72 6.50 0.73
C GLN A 56 7.73 5.74 1.59
N PHE A 57 7.92 4.46 1.33
CA PHE A 57 8.99 3.74 2.02
C PHE A 57 10.02 3.19 1.04
N ASP A 58 11.14 2.72 1.57
CA ASP A 58 12.34 2.48 0.77
C ASP A 58 12.25 1.26 -0.12
N GLN A 59 13.15 1.25 -1.10
CA GLN A 59 13.28 0.16 -2.04
C GLN A 59 13.53 -1.16 -1.31
N GLY A 60 14.38 -1.09 -0.29
CA GLY A 60 14.82 -2.28 0.41
C GLY A 60 13.70 -2.93 1.20
N THR A 61 13.00 -2.13 1.98
CA THR A 61 11.88 -2.59 2.77
C THR A 61 10.75 -3.07 1.86
N TRP A 62 10.52 -2.34 0.78
CA TRP A 62 9.54 -2.74 -0.21
C TRP A 62 9.89 -4.12 -0.73
N GLU A 63 11.15 -4.27 -1.09
CA GLU A 63 11.67 -5.51 -1.61
C GLU A 63 11.62 -6.61 -0.56
N ALA A 64 11.85 -6.23 0.69
CA ALA A 64 11.95 -7.20 1.79
C ALA A 64 10.63 -7.91 2.02
N ASN A 65 9.53 -7.16 1.98
CA ASN A 65 8.21 -7.74 2.12
C ASN A 65 7.75 -8.31 0.78
N GLY A 66 8.49 -8.03 -0.27
CA GLY A 66 8.24 -8.64 -1.57
C GLY A 66 7.33 -7.81 -2.43
N GLY A 67 7.67 -6.53 -2.57
CA GLY A 67 6.83 -5.62 -3.31
C GLY A 67 7.03 -5.75 -4.80
N LEU A 68 8.19 -6.23 -5.21
CA LEU A 68 8.57 -6.26 -6.60
C LEU A 68 7.62 -7.09 -7.45
N ARG A 69 6.91 -8.01 -6.81
CA ARG A 69 5.92 -8.81 -7.50
C ARG A 69 4.76 -7.94 -7.92
N TYR A 70 4.46 -6.94 -7.10
CA TYR A 70 3.40 -6.02 -7.38
C TYR A 70 3.92 -4.99 -8.35
N ALA A 71 5.20 -4.70 -8.15
CA ALA A 71 5.96 -3.73 -8.91
C ALA A 71 7.26 -3.50 -8.18
N PRO A 72 8.40 -3.69 -8.85
CA PRO A 72 9.72 -3.55 -8.24
C PRO A 72 9.96 -2.20 -7.56
N ARG A 73 9.03 -1.29 -7.73
CA ARG A 73 9.09 0.00 -7.09
C ARG A 73 7.67 0.46 -6.77
N ALA A 74 7.51 1.01 -5.57
CA ALA A 74 6.21 1.45 -5.07
C ALA A 74 5.53 2.45 -5.99
N ASP A 75 6.33 3.27 -6.68
CA ASP A 75 5.77 4.33 -7.51
C ASP A 75 5.26 3.78 -8.83
N LEU A 76 5.57 2.51 -9.07
CA LEU A 76 5.04 1.81 -10.23
C LEU A 76 3.76 1.09 -9.82
N ALA A 77 3.74 0.66 -8.57
CA ALA A 77 2.58 0.02 -7.99
C ALA A 77 1.55 1.06 -7.58
N THR A 78 0.31 0.64 -7.46
CA THR A 78 -0.76 1.52 -7.07
C THR A 78 -1.08 1.32 -5.59
N ARG A 79 -2.15 1.97 -5.12
CA ARG A 79 -2.52 1.95 -3.72
C ARG A 79 -2.57 0.53 -3.19
N GLU A 80 -3.31 -0.30 -3.88
CA GLU A 80 -3.53 -1.67 -3.48
C GLU A 80 -2.21 -2.45 -3.33
N GLU A 81 -1.34 -2.36 -4.32
CA GLU A 81 -0.03 -3.01 -4.22
C GLU A 81 0.79 -2.46 -3.07
N GLN A 82 0.90 -1.14 -2.99
CA GLN A 82 1.70 -0.50 -1.96
C GLN A 82 1.16 -0.86 -0.58
N ILE A 83 -0.15 -0.91 -0.48
CA ILE A 83 -0.82 -1.27 0.76
C ILE A 83 -0.44 -2.69 1.15
N ALA A 84 -0.47 -3.62 0.19
CA ALA A 84 -0.17 -5.02 0.48
C ALA A 84 1.24 -5.18 1.05
N VAL A 85 2.20 -4.48 0.44
CA VAL A 85 3.58 -4.52 0.87
C VAL A 85 3.74 -3.86 2.23
N ALA A 86 3.16 -2.67 2.37
CA ALA A 86 3.15 -1.96 3.63
C ALA A 86 2.45 -2.76 4.71
N GLU A 87 1.50 -3.57 4.27
CA GLU A 87 0.72 -4.42 5.18
C GLU A 87 1.63 -5.38 5.91
N VAL A 88 2.54 -6.01 5.17
CA VAL A 88 3.50 -6.92 5.79
C VAL A 88 4.41 -6.15 6.73
N THR A 89 4.82 -4.97 6.28
CA THR A 89 5.76 -4.17 7.04
C THR A 89 5.14 -3.65 8.34
N ARG A 90 3.93 -3.12 8.24
CA ARG A 90 3.27 -2.50 9.38
C ARG A 90 2.99 -3.52 10.48
N LEU A 91 2.69 -4.74 10.07
CA LEU A 91 2.22 -5.76 11.01
C LEU A 91 3.37 -6.25 11.90
N ARG A 92 4.59 -6.10 11.41
CA ARG A 92 5.76 -6.56 12.15
C ARG A 92 6.18 -5.51 13.15
N GLN A 93 6.27 -4.28 12.65
CA GLN A 93 6.90 -3.22 13.41
C GLN A 93 5.91 -2.30 14.14
N GLY A 94 4.70 -2.17 13.60
CA GLY A 94 3.70 -1.34 14.26
C GLY A 94 3.88 0.11 13.92
N TRP A 95 4.02 0.38 12.62
CA TRP A 95 4.12 1.74 12.09
C TRP A 95 5.36 2.42 12.64
N GLY A 96 6.35 1.62 13.03
CA GLY A 96 7.62 2.15 13.50
C GLY A 96 8.42 2.79 12.38
N ALA A 97 8.16 2.37 11.15
CA ALA A 97 8.82 2.97 9.98
C ALA A 97 8.11 4.23 9.58
N TRP A 98 6.79 4.25 9.75
CA TRP A 98 5.99 5.40 9.39
C TRP A 98 5.76 6.26 10.64
N PRO A 99 6.48 7.38 10.75
CA PRO A 99 6.52 8.20 11.97
C PRO A 99 5.24 9.02 12.24
N VAL A 100 5.25 10.30 11.88
CA VAL A 100 4.16 11.20 12.24
C VAL A 100 2.92 10.84 11.42
N CYS A 101 3.16 10.26 10.26
CA CYS A 101 2.10 9.96 9.32
C CYS A 101 1.19 8.89 9.86
N ALA A 102 1.74 7.94 10.61
CA ALA A 102 0.95 6.87 11.18
C ALA A 102 -0.06 7.42 12.19
N ALA A 103 0.41 8.30 13.07
CA ALA A 103 -0.45 8.92 14.07
C ALA A 103 -1.51 9.78 13.40
N ARG A 104 -1.12 10.43 12.31
CA ARG A 104 -2.02 11.28 11.55
C ARG A 104 -3.02 10.46 10.73
N ALA A 105 -2.65 9.21 10.44
CA ALA A 105 -3.45 8.36 9.58
C ALA A 105 -4.38 7.43 10.36
N GLY A 106 -4.04 7.18 11.62
CA GLY A 106 -4.82 6.26 12.44
C GLY A 106 -4.14 4.92 12.60
N ALA A 107 -3.00 4.93 13.28
CA ALA A 107 -2.15 3.76 13.44
C ALA A 107 -2.77 2.75 14.38
N ARG A 108 -2.43 1.48 14.18
CA ARG A 108 -2.83 0.37 15.05
C ARG A 108 -4.33 0.11 14.94
N ASN A 1 -39.62 -40.66 9.54
CA ASN A 1 -39.99 -39.48 8.73
C ASN A 1 -40.55 -39.93 7.41
N VAL A 2 -41.86 -39.84 7.30
CA VAL A 2 -42.57 -40.23 6.09
C VAL A 2 -42.43 -39.14 5.03
N VAL A 3 -42.07 -37.94 5.48
CA VAL A 3 -41.87 -36.81 4.60
C VAL A 3 -40.73 -37.09 3.62
N VAL A 4 -41.00 -36.89 2.35
CA VAL A 4 -40.00 -37.07 1.31
C VAL A 4 -39.40 -35.72 0.97
N THR A 5 -38.18 -35.75 0.46
CA THR A 5 -37.45 -34.53 0.14
C THR A 5 -37.94 -33.89 -1.16
N PRO A 6 -38.56 -32.71 -1.06
CA PRO A 6 -39.05 -31.97 -2.20
C PRO A 6 -38.02 -30.99 -2.70
N ALA A 7 -38.30 -30.40 -3.84
CA ALA A 7 -37.43 -29.41 -4.44
C ALA A 7 -37.82 -28.03 -4.00
N HIS A 8 -37.70 -27.82 -2.70
CA HIS A 8 -37.88 -26.52 -2.10
C HIS A 8 -36.53 -25.85 -1.95
N GLU A 9 -35.49 -26.58 -2.36
CA GLU A 9 -34.12 -26.13 -2.23
C GLU A 9 -33.90 -24.79 -2.93
N ALA A 10 -33.07 -23.97 -2.32
CA ALA A 10 -32.69 -22.68 -2.89
C ALA A 10 -31.25 -22.39 -2.53
N VAL A 11 -30.36 -23.13 -3.15
CA VAL A 11 -28.95 -23.08 -2.82
C VAL A 11 -28.31 -21.78 -3.33
N VAL A 12 -28.95 -21.19 -4.35
CA VAL A 12 -28.49 -19.97 -5.01
C VAL A 12 -26.96 -19.82 -4.99
N ARG A 13 -26.36 -20.57 -5.87
CA ARG A 13 -24.92 -20.65 -5.96
C ARG A 13 -24.41 -19.83 -7.13
N VAL A 14 -23.81 -18.72 -6.79
CA VAL A 14 -23.28 -17.78 -7.75
C VAL A 14 -21.91 -17.33 -7.27
N GLY A 15 -21.16 -16.74 -8.17
CA GLY A 15 -19.88 -16.19 -7.84
C GLY A 15 -19.31 -15.40 -8.99
N THR A 16 -20.00 -14.32 -9.31
CA THR A 16 -19.66 -13.48 -10.43
C THR A 16 -18.44 -12.62 -10.15
N LYS A 17 -18.30 -12.27 -8.89
CA LYS A 17 -17.25 -11.37 -8.42
C LYS A 17 -15.86 -11.91 -8.75
N PRO A 18 -15.17 -11.25 -9.69
CA PRO A 18 -13.82 -11.61 -10.09
C PRO A 18 -12.78 -10.95 -9.20
N GLY A 19 -11.56 -11.42 -9.37
CA GLY A 19 -10.45 -10.89 -8.62
C GLY A 19 -9.57 -10.03 -9.48
N THR A 20 -10.20 -9.45 -10.47
CA THR A 20 -9.54 -8.57 -11.41
C THR A 20 -9.14 -7.26 -10.72
N GLU A 21 -10.03 -6.77 -9.87
CA GLU A 21 -9.79 -5.57 -9.12
C GLU A 21 -9.73 -5.93 -7.65
N VAL A 22 -8.62 -5.62 -7.04
CA VAL A 22 -8.38 -5.97 -5.64
C VAL A 22 -9.24 -5.14 -4.70
N PRO A 23 -10.11 -5.80 -3.93
CA PRO A 23 -10.97 -5.14 -2.93
C PRO A 23 -10.16 -4.33 -1.93
N PRO A 24 -10.65 -3.15 -1.55
CA PRO A 24 -9.96 -2.24 -0.66
C PRO A 24 -9.57 -2.88 0.65
N VAL A 25 -8.38 -2.54 1.10
CA VAL A 25 -7.82 -3.06 2.32
C VAL A 25 -8.23 -2.19 3.49
N ILE A 26 -8.59 -2.84 4.59
CA ILE A 26 -9.16 -2.19 5.77
C ILE A 26 -8.18 -1.19 6.39
N ASP A 27 -6.91 -1.42 6.19
CA ASP A 27 -5.89 -0.57 6.75
C ASP A 27 -5.33 0.32 5.66
N GLY A 28 -5.85 0.13 4.47
CA GLY A 28 -5.44 0.91 3.33
C GLY A 28 -5.84 2.34 3.48
N SER A 29 -6.62 2.59 4.51
CA SER A 29 -7.04 3.94 4.85
C SER A 29 -5.89 4.66 5.53
N ILE A 30 -5.18 3.91 6.36
CA ILE A 30 -4.01 4.42 7.05
C ILE A 30 -2.93 4.65 6.02
N TRP A 31 -2.89 3.73 5.08
CA TRP A 31 -1.88 3.76 4.03
C TRP A 31 -2.11 4.94 3.10
N ASP A 32 -3.38 5.24 2.85
CA ASP A 32 -3.75 6.34 2.01
C ASP A 32 -3.51 7.65 2.72
N ALA A 33 -3.86 7.70 4.00
CA ALA A 33 -3.68 8.90 4.80
C ALA A 33 -2.19 9.16 5.05
N ILE A 34 -1.41 8.10 5.18
CA ILE A 34 0.04 8.22 5.30
C ILE A 34 0.64 8.83 4.05
N ALA A 35 0.28 8.28 2.90
CA ALA A 35 0.77 8.79 1.63
C ALA A 35 0.24 10.19 1.39
N GLY A 36 -0.98 10.43 1.85
CA GLY A 36 -1.57 11.75 1.75
C GLY A 36 -0.90 12.72 2.69
N CYS A 37 -0.27 12.18 3.72
CA CYS A 37 0.39 12.96 4.74
C CYS A 37 1.72 13.50 4.24
N GLU A 38 2.70 12.64 4.03
CA GLU A 38 4.04 13.12 3.73
C GLU A 38 4.25 13.26 2.24
N ALA A 39 3.60 12.39 1.47
CA ALA A 39 3.75 12.43 0.03
C ALA A 39 2.80 13.43 -0.59
N GLY A 40 1.82 13.89 0.20
CA GLY A 40 0.85 14.83 -0.29
C GLY A 40 -0.13 14.14 -1.20
N GLY A 41 -0.19 12.84 -1.03
CA GLY A 41 -0.95 12.00 -1.90
C GLY A 41 -0.29 11.87 -3.25
N ASN A 42 0.89 11.28 -3.25
CA ASN A 42 1.68 11.14 -4.46
C ASN A 42 2.35 9.78 -4.45
N TRP A 43 1.62 8.78 -4.90
CA TRP A 43 2.10 7.40 -4.91
C TRP A 43 3.14 7.24 -6.02
N ALA A 44 3.21 8.23 -6.88
CA ALA A 44 4.15 8.22 -7.99
C ALA A 44 5.31 9.19 -7.76
N ILE A 45 5.45 9.64 -6.51
CA ILE A 45 6.51 10.55 -6.14
C ILE A 45 7.82 9.81 -6.04
N ASN A 46 8.91 10.44 -6.41
CA ASN A 46 10.20 9.79 -6.37
C ASN A 46 11.30 10.82 -6.21
N THR A 47 11.69 11.03 -4.97
CA THR A 47 12.76 11.96 -4.67
C THR A 47 14.12 11.35 -4.99
N GLY A 48 14.15 10.02 -5.08
CA GLY A 48 15.37 9.32 -5.40
C GLY A 48 16.15 9.02 -4.14
N ASN A 49 15.45 8.97 -3.02
CA ASN A 49 16.09 8.81 -1.72
C ASN A 49 16.08 7.35 -1.27
N GLY A 50 15.79 6.46 -2.21
CA GLY A 50 15.74 5.04 -1.93
C GLY A 50 14.39 4.60 -1.43
N TYR A 51 13.59 5.57 -1.02
CA TYR A 51 12.19 5.33 -0.73
C TYR A 51 11.38 5.86 -1.89
N TYR A 52 10.45 5.05 -2.35
CA TYR A 52 9.71 5.37 -3.55
C TYR A 52 8.31 5.84 -3.20
N GLY A 53 7.61 6.36 -4.20
CA GLY A 53 6.35 7.05 -3.99
C GLY A 53 5.33 6.29 -3.18
N GLY A 54 4.40 7.06 -2.61
CA GLY A 54 3.29 6.49 -1.90
C GLY A 54 3.54 6.49 -0.41
N VAL A 55 3.68 5.32 0.16
CA VAL A 55 3.96 5.18 1.57
C VAL A 55 5.46 5.25 1.84
N GLN A 56 6.23 5.27 0.75
CA GLN A 56 7.67 5.60 0.78
C GLN A 56 8.47 4.88 1.89
N PHE A 57 8.36 3.57 2.00
CA PHE A 57 9.02 2.86 3.09
C PHE A 57 10.28 2.12 2.65
N ASP A 58 10.82 2.57 1.54
CA ASP A 58 12.14 2.19 1.05
C ASP A 58 12.09 0.95 0.17
N GLN A 59 12.82 1.04 -0.94
CA GLN A 59 12.91 -0.02 -1.93
C GLN A 59 13.44 -1.29 -1.31
N GLY A 60 14.33 -1.14 -0.35
CA GLY A 60 14.86 -2.29 0.35
C GLY A 60 13.81 -2.98 1.18
N THR A 61 13.02 -2.18 1.89
CA THR A 61 11.94 -2.68 2.70
C THR A 61 10.80 -3.19 1.83
N TRP A 62 10.53 -2.45 0.76
CA TRP A 62 9.59 -2.87 -0.26
C TRP A 62 9.99 -4.23 -0.82
N GLU A 63 11.26 -4.34 -1.20
CA GLU A 63 11.81 -5.57 -1.74
C GLU A 63 11.75 -6.68 -0.70
N ALA A 64 12.05 -6.32 0.54
CA ALA A 64 12.10 -7.30 1.63
C ALA A 64 10.73 -7.95 1.83
N ASN A 65 9.69 -7.14 1.76
CA ASN A 65 8.34 -7.62 1.89
C ASN A 65 7.85 -8.24 0.58
N GLY A 66 8.64 -8.04 -0.47
CA GLY A 66 8.35 -8.64 -1.76
C GLY A 66 7.39 -7.81 -2.59
N GLY A 67 7.65 -6.52 -2.65
CA GLY A 67 6.74 -5.62 -3.32
C GLY A 67 6.87 -5.67 -4.82
N LEU A 68 8.00 -6.18 -5.28
CA LEU A 68 8.32 -6.20 -6.70
C LEU A 68 7.30 -6.96 -7.52
N ARG A 69 6.59 -7.90 -6.89
CA ARG A 69 5.52 -8.63 -7.56
C ARG A 69 4.38 -7.68 -7.88
N TYR A 70 4.20 -6.68 -7.03
CA TYR A 70 3.18 -5.68 -7.21
C TYR A 70 3.72 -4.66 -8.19
N ALA A 71 5.03 -4.48 -8.08
CA ALA A 71 5.80 -3.54 -8.88
C ALA A 71 7.14 -3.39 -8.22
N PRO A 72 8.24 -3.59 -8.94
CA PRO A 72 9.59 -3.48 -8.39
C PRO A 72 9.89 -2.12 -7.77
N ARG A 73 8.96 -1.19 -7.92
CA ARG A 73 9.10 0.12 -7.34
C ARG A 73 7.73 0.62 -6.89
N ALA A 74 7.71 1.21 -5.71
CA ALA A 74 6.49 1.70 -5.09
C ALA A 74 5.78 2.74 -5.94
N ASP A 75 6.53 3.48 -6.75
CA ASP A 75 5.93 4.55 -7.55
C ASP A 75 5.43 4.04 -8.89
N LEU A 76 5.53 2.74 -9.09
CA LEU A 76 4.87 2.09 -10.21
C LEU A 76 3.60 1.43 -9.70
N ALA A 77 3.67 1.01 -8.45
CA ALA A 77 2.53 0.43 -7.76
C ALA A 77 1.58 1.50 -7.30
N THR A 78 0.30 1.19 -7.36
CA THR A 78 -0.73 2.10 -6.94
C THR A 78 -1.10 1.81 -5.48
N ARG A 79 -2.16 2.42 -4.99
CA ARG A 79 -2.58 2.25 -3.60
C ARG A 79 -2.63 0.77 -3.23
N GLU A 80 -3.31 -0.01 -4.05
CA GLU A 80 -3.55 -1.42 -3.76
C GLU A 80 -2.25 -2.21 -3.55
N GLU A 81 -1.28 -2.05 -4.47
CA GLU A 81 0.00 -2.72 -4.31
C GLU A 81 0.76 -2.21 -3.10
N GLN A 82 0.90 -0.89 -2.98
CA GLN A 82 1.70 -0.30 -1.91
C GLN A 82 1.13 -0.65 -0.56
N ILE A 83 -0.20 -0.66 -0.49
CA ILE A 83 -0.88 -1.03 0.72
C ILE A 83 -0.52 -2.45 1.11
N ALA A 84 -0.50 -3.35 0.12
CA ALA A 84 -0.22 -4.76 0.38
C ALA A 84 1.22 -4.98 0.87
N VAL A 85 2.15 -4.28 0.25
CA VAL A 85 3.56 -4.38 0.64
C VAL A 85 3.77 -3.76 2.01
N ALA A 86 3.24 -2.55 2.21
CA ALA A 86 3.24 -1.88 3.50
C ALA A 86 2.52 -2.73 4.54
N GLU A 87 1.58 -3.54 4.06
CA GLU A 87 0.81 -4.44 4.93
C GLU A 87 1.76 -5.39 5.62
N VAL A 88 2.72 -5.92 4.88
CA VAL A 88 3.74 -6.77 5.47
C VAL A 88 4.57 -5.98 6.46
N THR A 89 4.92 -4.77 6.08
CA THR A 89 5.78 -3.92 6.88
C THR A 89 5.15 -3.57 8.22
N ARG A 90 3.88 -3.16 8.19
CA ARG A 90 3.16 -2.77 9.41
C ARG A 90 3.09 -3.94 10.39
N LEU A 91 3.10 -5.14 9.85
CA LEU A 91 3.03 -6.34 10.70
C LEU A 91 4.30 -6.46 11.51
N ARG A 92 5.40 -6.05 10.90
CA ARG A 92 6.70 -6.27 11.48
C ARG A 92 7.07 -5.11 12.38
N GLN A 93 6.96 -3.91 11.83
CA GLN A 93 7.41 -2.73 12.50
C GLN A 93 6.24 -1.86 12.97
N GLY A 94 5.06 -2.11 12.45
CA GLY A 94 3.89 -1.37 12.87
C GLY A 94 3.77 -0.09 12.13
N TRP A 95 4.05 0.99 12.85
CA TRP A 95 3.99 2.32 12.30
C TRP A 95 5.13 3.10 12.93
N GLY A 96 6.16 2.35 13.31
CA GLY A 96 7.38 2.96 13.79
C GLY A 96 8.24 3.46 12.66
N ALA A 97 8.01 2.90 11.47
CA ALA A 97 8.67 3.36 10.26
C ALA A 97 7.88 4.52 9.68
N TRP A 98 6.57 4.50 9.87
CA TRP A 98 5.74 5.62 9.46
C TRP A 98 5.40 6.45 10.70
N PRO A 99 6.10 7.58 10.91
CA PRO A 99 5.99 8.37 12.15
C PRO A 99 4.76 9.28 12.21
N VAL A 100 4.89 10.51 11.72
CA VAL A 100 3.85 11.51 11.89
C VAL A 100 2.63 11.14 11.05
N CYS A 101 2.89 10.43 9.96
CA CYS A 101 1.85 10.06 9.04
C CYS A 101 0.94 9.00 9.63
N ALA A 102 1.48 8.19 10.54
CA ALA A 102 0.68 7.20 11.23
C ALA A 102 -0.28 7.87 12.19
N ALA A 103 0.21 8.91 12.87
CA ALA A 103 -0.64 9.66 13.80
C ALA A 103 -1.77 10.34 13.03
N ARG A 104 -1.45 10.82 11.84
CA ARG A 104 -2.42 11.45 10.95
C ARG A 104 -3.37 10.42 10.35
N ALA A 105 -2.89 9.20 10.15
CA ALA A 105 -3.65 8.19 9.42
C ALA A 105 -4.43 7.25 10.34
N GLY A 106 -3.99 7.14 11.59
CA GLY A 106 -4.62 6.22 12.53
C GLY A 106 -3.79 4.97 12.75
N ALA A 107 -2.66 5.14 13.43
CA ALA A 107 -1.75 4.04 13.73
C ALA A 107 -2.45 2.98 14.56
N ARG A 108 -2.07 1.72 14.35
CA ARG A 108 -2.79 0.61 14.92
C ARG A 108 -1.83 -0.42 15.51
N ASN A 1 -34.42 7.95 -3.04
CA ASN A 1 -33.47 7.57 -4.09
C ASN A 1 -34.19 6.89 -5.24
N VAL A 2 -34.56 7.67 -6.21
CA VAL A 2 -35.19 7.18 -7.42
C VAL A 2 -34.25 7.37 -8.60
N VAL A 3 -33.07 7.92 -8.32
CA VAL A 3 -32.03 8.12 -9.31
C VAL A 3 -31.62 6.80 -9.96
N VAL A 4 -31.41 6.83 -11.27
CA VAL A 4 -30.99 5.66 -12.02
C VAL A 4 -29.65 5.14 -11.52
N THR A 5 -29.54 3.83 -11.51
CA THR A 5 -28.37 3.18 -10.93
C THR A 5 -27.33 2.85 -12.03
N PRO A 6 -26.06 3.18 -11.76
CA PRO A 6 -24.95 2.87 -12.64
C PRO A 6 -24.43 1.47 -12.42
N ALA A 7 -23.43 1.11 -13.20
CA ALA A 7 -22.79 -0.20 -13.15
C ALA A 7 -23.79 -1.31 -13.40
N HIS A 8 -24.45 -1.19 -14.53
CA HIS A 8 -25.33 -2.22 -15.04
C HIS A 8 -24.48 -3.25 -15.80
N GLU A 9 -23.22 -2.90 -16.02
CA GLU A 9 -22.31 -3.77 -16.74
C GLU A 9 -22.08 -5.06 -15.95
N ALA A 10 -22.11 -6.18 -16.64
CA ALA A 10 -22.05 -7.47 -16.00
C ALA A 10 -20.68 -8.08 -16.16
N VAL A 11 -19.73 -7.44 -15.53
CA VAL A 11 -18.38 -7.96 -15.44
C VAL A 11 -18.30 -8.98 -14.32
N VAL A 12 -18.58 -8.50 -13.10
CA VAL A 12 -18.58 -9.28 -11.87
C VAL A 12 -17.56 -10.41 -11.86
N ARG A 13 -16.35 -10.04 -11.50
CA ARG A 13 -15.22 -10.94 -11.36
C ARG A 13 -14.81 -11.60 -12.69
N VAL A 14 -13.52 -11.72 -12.88
CA VAL A 14 -12.96 -12.44 -13.99
C VAL A 14 -12.47 -13.79 -13.50
N GLY A 15 -12.32 -14.69 -14.43
CA GLY A 15 -11.94 -16.03 -14.10
C GLY A 15 -10.67 -16.44 -14.77
N THR A 16 -10.68 -16.29 -16.08
CA THR A 16 -9.53 -16.60 -16.88
C THR A 16 -8.38 -15.65 -16.57
N LYS A 17 -8.72 -14.41 -16.36
CA LYS A 17 -7.76 -13.40 -15.95
C LYS A 17 -7.93 -13.10 -14.46
N PRO A 18 -7.08 -13.68 -13.60
CA PRO A 18 -7.11 -13.39 -12.18
C PRO A 18 -6.58 -12.01 -11.90
N GLY A 19 -6.99 -11.48 -10.79
CA GLY A 19 -6.61 -10.14 -10.42
C GLY A 19 -7.52 -9.12 -11.06
N THR A 20 -8.81 -9.34 -10.89
CA THR A 20 -9.82 -8.44 -11.42
C THR A 20 -9.62 -7.03 -10.88
N GLU A 21 -9.31 -6.98 -9.61
CA GLU A 21 -8.98 -5.77 -8.91
C GLU A 21 -7.93 -6.13 -7.88
N VAL A 22 -6.94 -5.28 -7.71
CA VAL A 22 -5.93 -5.52 -6.70
C VAL A 22 -6.58 -5.32 -5.33
N PRO A 23 -6.69 -6.41 -4.55
CA PRO A 23 -7.58 -6.46 -3.39
C PRO A 23 -7.36 -5.32 -2.40
N PRO A 24 -8.44 -4.59 -2.08
CA PRO A 24 -8.43 -3.58 -1.04
C PRO A 24 -8.01 -4.15 0.29
N VAL A 25 -7.22 -3.37 0.98
CA VAL A 25 -6.72 -3.75 2.29
C VAL A 25 -7.29 -2.81 3.33
N ILE A 26 -7.71 -3.38 4.46
CA ILE A 26 -8.47 -2.65 5.49
C ILE A 26 -7.67 -1.50 6.08
N ASP A 27 -6.36 -1.58 5.98
CA ASP A 27 -5.48 -0.57 6.55
C ASP A 27 -5.04 0.39 5.48
N GLY A 28 -5.56 0.17 4.29
CA GLY A 28 -5.24 1.01 3.16
C GLY A 28 -5.72 2.42 3.38
N SER A 29 -6.54 2.57 4.40
CA SER A 29 -7.04 3.88 4.78
C SER A 29 -5.95 4.66 5.48
N ILE A 30 -5.24 3.93 6.32
CA ILE A 30 -4.11 4.47 7.06
C ILE A 30 -3.02 4.79 6.08
N TRP A 31 -2.87 3.91 5.11
CA TRP A 31 -1.84 4.03 4.11
C TRP A 31 -2.10 5.21 3.21
N ASP A 32 -3.37 5.47 2.93
CA ASP A 32 -3.76 6.56 2.08
C ASP A 32 -3.57 7.89 2.79
N ALA A 33 -3.86 7.92 4.09
CA ALA A 33 -3.64 9.10 4.88
C ALA A 33 -2.16 9.35 5.09
N ILE A 34 -1.38 8.27 5.21
CA ILE A 34 0.08 8.36 5.31
C ILE A 34 0.68 8.87 4.00
N ALA A 35 0.24 8.29 2.90
CA ALA A 35 0.70 8.71 1.59
C ALA A 35 0.30 10.14 1.31
N GLY A 36 -0.86 10.51 1.82
CA GLY A 36 -1.32 11.88 1.70
C GLY A 36 -0.53 12.81 2.59
N CYS A 37 0.18 12.22 3.53
CA CYS A 37 0.94 12.96 4.52
C CYS A 37 2.34 13.30 4.01
N GLU A 38 3.16 12.28 3.77
CA GLU A 38 4.55 12.50 3.41
C GLU A 38 4.74 12.64 1.91
N ALA A 39 3.88 12.00 1.14
CA ALA A 39 4.02 12.03 -0.30
C ALA A 39 3.21 13.16 -0.90
N GLY A 40 2.35 13.75 -0.09
CA GLY A 40 1.46 14.77 -0.59
C GLY A 40 0.33 14.15 -1.36
N GLY A 41 0.21 12.84 -1.17
CA GLY A 41 -0.77 12.07 -1.88
C GLY A 41 -0.34 11.82 -3.32
N ASN A 42 0.88 11.32 -3.50
CA ASN A 42 1.40 11.03 -4.81
C ASN A 42 2.19 9.74 -4.76
N TRP A 43 1.55 8.68 -5.19
CA TRP A 43 2.11 7.34 -5.07
C TRP A 43 3.09 7.06 -6.19
N ALA A 44 3.06 7.93 -7.19
CA ALA A 44 3.91 7.76 -8.36
C ALA A 44 5.08 8.75 -8.34
N ILE A 45 5.27 9.41 -7.20
CA ILE A 45 6.35 10.35 -7.03
C ILE A 45 7.68 9.61 -6.91
N ASN A 46 8.73 10.19 -7.46
CA ASN A 46 10.05 9.58 -7.43
C ASN A 46 11.10 10.65 -7.26
N THR A 47 11.37 11.00 -6.01
CA THR A 47 12.36 12.02 -5.72
C THR A 47 13.77 11.47 -5.95
N GLY A 48 13.90 10.16 -5.85
CA GLY A 48 15.19 9.53 -6.00
C GLY A 48 15.86 9.36 -4.66
N ASN A 49 15.05 9.42 -3.62
CA ASN A 49 15.55 9.39 -2.23
C ASN A 49 16.00 7.98 -1.84
N GLY A 50 15.72 7.02 -2.71
CA GLY A 50 15.95 5.63 -2.41
C GLY A 50 14.67 5.00 -1.91
N TYR A 51 13.73 5.89 -1.60
CA TYR A 51 12.39 5.51 -1.24
C TYR A 51 11.50 6.05 -2.34
N TYR A 52 10.31 5.51 -2.44
CA TYR A 52 9.48 5.82 -3.60
C TYR A 52 8.15 6.39 -3.19
N GLY A 53 7.41 6.90 -4.16
CA GLY A 53 6.18 7.61 -3.88
C GLY A 53 5.15 6.79 -3.15
N GLY A 54 4.09 7.45 -2.73
CA GLY A 54 3.04 6.78 -2.01
C GLY A 54 3.32 6.74 -0.53
N VAL A 55 3.66 5.57 -0.01
CA VAL A 55 3.90 5.41 1.41
C VAL A 55 5.33 5.81 1.76
N GLN A 56 6.07 6.22 0.72
CA GLN A 56 7.39 6.82 0.88
C GLN A 56 8.39 5.92 1.60
N PHE A 57 8.42 4.64 1.25
CA PHE A 57 9.39 3.76 1.87
C PHE A 57 10.36 3.17 0.86
N ASP A 58 11.45 2.62 1.38
CA ASP A 58 12.63 2.33 0.58
C ASP A 58 12.48 1.12 -0.31
N GLN A 59 13.40 1.00 -1.25
CA GLN A 59 13.44 -0.10 -2.16
C GLN A 59 13.59 -1.43 -1.42
N GLY A 60 14.44 -1.42 -0.40
CA GLY A 60 14.80 -2.64 0.29
C GLY A 60 13.66 -3.23 1.08
N THR A 61 13.01 -2.40 1.86
CA THR A 61 11.87 -2.82 2.66
C THR A 61 10.73 -3.28 1.76
N TRP A 62 10.52 -2.53 0.69
CA TRP A 62 9.54 -2.87 -0.33
C TRP A 62 9.85 -4.26 -0.88
N GLU A 63 11.10 -4.42 -1.27
CA GLU A 63 11.59 -5.64 -1.86
C GLU A 63 11.53 -6.80 -0.88
N ALA A 64 11.83 -6.52 0.38
CA ALA A 64 11.91 -7.55 1.41
C ALA A 64 10.54 -8.15 1.70
N ASN A 65 9.52 -7.31 1.78
CA ASN A 65 8.17 -7.78 1.99
C ASN A 65 7.60 -8.30 0.68
N GLY A 66 8.35 -8.08 -0.40
CA GLY A 66 8.01 -8.65 -1.69
C GLY A 66 7.10 -7.75 -2.49
N GLY A 67 7.46 -6.48 -2.58
CA GLY A 67 6.64 -5.51 -3.27
C GLY A 67 6.84 -5.56 -4.76
N LEU A 68 7.92 -6.19 -5.17
CA LEU A 68 8.37 -6.18 -6.53
C LEU A 68 7.38 -6.90 -7.45
N ARG A 69 6.67 -7.86 -6.89
CA ARG A 69 5.62 -8.56 -7.61
C ARG A 69 4.49 -7.60 -7.96
N TYR A 70 4.29 -6.62 -7.08
CA TYR A 70 3.27 -5.61 -7.28
C TYR A 70 3.80 -4.63 -8.29
N ALA A 71 5.11 -4.45 -8.18
CA ALA A 71 5.89 -3.55 -8.99
C ALA A 71 7.22 -3.38 -8.30
N PRO A 72 8.33 -3.68 -8.99
CA PRO A 72 9.67 -3.58 -8.42
C PRO A 72 9.99 -2.25 -7.74
N ARG A 73 9.09 -1.30 -7.86
CA ARG A 73 9.22 -0.03 -7.17
C ARG A 73 7.82 0.47 -6.81
N ALA A 74 7.72 1.09 -5.63
CA ALA A 74 6.45 1.57 -5.11
C ALA A 74 5.77 2.57 -6.04
N ASP A 75 6.55 3.37 -6.76
CA ASP A 75 5.99 4.44 -7.57
C ASP A 75 5.45 3.91 -8.89
N LEU A 76 5.76 2.65 -9.18
CA LEU A 76 5.20 1.98 -10.34
C LEU A 76 3.88 1.34 -9.95
N ALA A 77 3.80 0.93 -8.70
CA ALA A 77 2.60 0.37 -8.13
C ALA A 77 1.66 1.49 -7.68
N THR A 78 0.41 1.15 -7.50
CA THR A 78 -0.58 2.11 -7.06
C THR A 78 -0.85 1.94 -5.57
N ARG A 79 -1.87 2.63 -5.07
CA ARG A 79 -2.21 2.60 -3.65
C ARG A 79 -2.27 1.17 -3.13
N GLU A 80 -3.05 0.37 -3.81
CA GLU A 80 -3.38 -0.97 -3.35
C GLU A 80 -2.14 -1.88 -3.22
N GLU A 81 -1.22 -1.82 -4.18
CA GLU A 81 0.03 -2.57 -4.06
C GLU A 81 0.87 -2.08 -2.88
N GLN A 82 1.07 -0.77 -2.80
CA GLN A 82 1.90 -0.20 -1.74
C GLN A 82 1.28 -0.49 -0.39
N ILE A 83 -0.03 -0.45 -0.35
CA ILE A 83 -0.79 -0.76 0.85
C ILE A 83 -0.49 -2.18 1.30
N ALA A 84 -0.45 -3.10 0.35
CA ALA A 84 -0.18 -4.50 0.63
C ALA A 84 1.25 -4.71 1.13
N VAL A 85 2.20 -4.08 0.46
CA VAL A 85 3.61 -4.20 0.82
C VAL A 85 3.91 -3.54 2.18
N ALA A 86 3.48 -2.29 2.34
CA ALA A 86 3.67 -1.57 3.58
C ALA A 86 2.93 -2.24 4.72
N GLU A 87 1.82 -2.89 4.39
CA GLU A 87 1.01 -3.53 5.42
C GLU A 87 1.73 -4.76 5.98
N VAL A 88 2.55 -5.42 5.15
CA VAL A 88 3.42 -6.47 5.66
C VAL A 88 4.39 -5.87 6.66
N THR A 89 4.92 -4.72 6.30
CA THR A 89 5.89 -4.04 7.13
C THR A 89 5.25 -3.58 8.44
N ARG A 90 4.05 -3.03 8.35
CA ARG A 90 3.34 -2.54 9.52
C ARG A 90 3.00 -3.70 10.42
N LEU A 91 2.74 -4.83 9.80
CA LEU A 91 2.28 -6.03 10.47
C LEU A 91 3.27 -6.44 11.53
N ARG A 92 4.53 -6.21 11.24
CA ARG A 92 5.61 -6.69 12.07
C ARG A 92 5.99 -5.64 13.08
N GLN A 93 6.00 -4.41 12.61
CA GLN A 93 6.55 -3.30 13.37
C GLN A 93 5.51 -2.53 14.19
N GLY A 94 4.27 -2.49 13.71
CA GLY A 94 3.21 -1.81 14.44
C GLY A 94 3.15 -0.32 14.14
N TRP A 95 3.50 0.04 12.89
CA TRP A 95 3.46 1.43 12.43
C TRP A 95 4.50 2.26 13.17
N GLY A 96 5.44 1.59 13.80
CA GLY A 96 6.48 2.24 14.56
C GLY A 96 7.40 3.09 13.69
N ALA A 97 7.78 2.59 12.52
CA ALA A 97 8.69 3.30 11.64
C ALA A 97 7.96 4.40 10.88
N TRP A 98 6.64 4.28 10.75
CA TRP A 98 5.85 5.38 10.22
C TRP A 98 5.50 6.32 11.39
N PRO A 99 6.19 7.47 11.45
CA PRO A 99 6.09 8.36 12.60
C PRO A 99 4.80 9.20 12.67
N VAL A 100 4.85 10.43 12.18
CA VAL A 100 3.77 11.38 12.39
C VAL A 100 2.54 10.99 11.60
N CYS A 101 2.80 10.35 10.47
CA CYS A 101 1.74 10.10 9.51
C CYS A 101 0.91 8.89 9.89
N ALA A 102 1.51 7.95 10.63
CA ALA A 102 0.76 6.80 11.10
C ALA A 102 -0.25 7.22 12.15
N ALA A 103 0.18 8.06 13.08
CA ALA A 103 -0.71 8.58 14.12
C ALA A 103 -1.83 9.40 13.49
N ARG A 104 -1.48 10.16 12.47
CA ARG A 104 -2.44 10.96 11.73
C ARG A 104 -3.45 10.09 10.98
N ALA A 105 -2.95 8.99 10.43
CA ALA A 105 -3.75 8.12 9.57
C ALA A 105 -4.59 7.13 10.37
N GLY A 106 -4.17 6.85 11.60
CA GLY A 106 -4.89 5.92 12.44
C GLY A 106 -4.14 4.60 12.62
N ALA A 107 -2.94 4.68 13.20
CA ALA A 107 -2.07 3.53 13.37
C ALA A 107 -2.70 2.47 14.25
N ARG A 108 -2.36 1.22 13.99
CA ARG A 108 -2.99 0.10 14.66
C ARG A 108 -1.94 -0.89 15.14
N ASN A 1 26.93 25.03 -12.35
CA ASN A 1 25.76 25.93 -12.43
C ASN A 1 25.42 26.48 -11.04
N VAL A 2 25.43 27.79 -10.92
CA VAL A 2 25.11 28.44 -9.67
C VAL A 2 23.59 28.55 -9.48
N VAL A 3 22.94 29.14 -10.47
CA VAL A 3 21.51 29.33 -10.42
C VAL A 3 20.78 28.17 -11.11
N VAL A 4 20.16 27.33 -10.28
CA VAL A 4 19.32 26.19 -10.69
C VAL A 4 19.98 25.24 -11.71
N THR A 5 19.35 24.10 -11.84
CA THR A 5 19.72 23.09 -12.81
C THR A 5 18.73 23.08 -13.97
N PRO A 6 19.24 23.19 -15.21
CA PRO A 6 18.41 23.25 -16.41
C PRO A 6 17.71 21.93 -16.68
N ALA A 7 16.86 21.97 -17.68
CA ALA A 7 16.03 20.84 -18.08
C ALA A 7 15.10 20.39 -16.96
N HIS A 8 14.05 21.17 -16.80
CA HIS A 8 12.96 20.84 -15.91
C HIS A 8 11.77 20.42 -16.77
N GLU A 9 12.06 20.29 -18.06
CA GLU A 9 11.09 19.86 -19.07
C GLU A 9 10.30 18.63 -18.62
N ALA A 10 9.06 18.57 -19.06
CA ALA A 10 8.16 17.51 -18.66
C ALA A 10 7.90 16.59 -19.83
N VAL A 11 8.94 15.89 -20.21
CA VAL A 11 8.87 14.88 -21.24
C VAL A 11 7.98 13.73 -20.77
N VAL A 12 7.91 13.56 -19.44
CA VAL A 12 7.05 12.62 -18.75
C VAL A 12 6.81 11.31 -19.47
N ARG A 13 7.66 10.37 -19.15
CA ARG A 13 7.51 9.00 -19.57
C ARG A 13 6.35 8.40 -18.79
N VAL A 14 5.30 8.11 -19.54
CA VAL A 14 4.02 7.68 -19.00
C VAL A 14 4.13 6.75 -17.80
N GLY A 15 3.57 7.24 -16.71
CA GLY A 15 3.52 6.51 -15.48
C GLY A 15 2.25 6.81 -14.73
N THR A 16 1.15 6.48 -15.38
CA THR A 16 -0.17 6.76 -14.87
C THR A 16 -0.75 5.53 -14.20
N LYS A 17 -0.22 4.38 -14.60
CA LYS A 17 -0.67 3.09 -14.11
C LYS A 17 -2.18 2.92 -14.21
N PRO A 18 -2.67 2.44 -15.37
CA PRO A 18 -4.09 2.16 -15.60
C PRO A 18 -4.73 1.47 -14.42
N GLY A 19 -5.60 2.20 -13.80
CA GLY A 19 -6.24 1.79 -12.58
C GLY A 19 -6.67 3.00 -11.79
N THR A 20 -7.45 3.84 -12.44
CA THR A 20 -7.86 5.13 -11.90
C THR A 20 -8.58 4.97 -10.56
N GLU A 21 -9.43 3.96 -10.45
CA GLU A 21 -10.12 3.70 -9.21
C GLU A 21 -9.75 2.36 -8.63
N VAL A 22 -8.64 2.35 -7.95
CA VAL A 22 -8.17 1.19 -7.21
C VAL A 22 -8.98 1.01 -5.94
N PRO A 23 -9.59 -0.16 -5.75
CA PRO A 23 -10.43 -0.45 -4.57
C PRO A 23 -9.69 -0.22 -3.26
N PRO A 24 -10.27 0.60 -2.37
CA PRO A 24 -9.74 0.83 -1.05
C PRO A 24 -9.56 -0.44 -0.24
N VAL A 25 -8.49 -0.47 0.50
CA VAL A 25 -8.19 -1.58 1.39
C VAL A 25 -8.57 -1.18 2.80
N ILE A 26 -8.80 -2.14 3.68
CA ILE A 26 -9.35 -1.88 5.00
C ILE A 26 -8.50 -0.87 5.77
N ASP A 27 -7.20 -0.99 5.62
CA ASP A 27 -6.26 -0.11 6.31
C ASP A 27 -5.58 0.78 5.31
N GLY A 28 -6.08 0.73 4.09
CA GLY A 28 -5.55 1.53 3.03
C GLY A 28 -5.89 2.99 3.23
N SER A 29 -6.68 3.23 4.26
CA SER A 29 -7.02 4.58 4.67
C SER A 29 -5.83 5.17 5.42
N ILE A 30 -5.26 4.35 6.28
CA ILE A 30 -4.10 4.72 7.06
C ILE A 30 -2.94 4.91 6.12
N TRP A 31 -2.90 4.03 5.13
CA TRP A 31 -1.84 4.04 4.14
C TRP A 31 -1.97 5.25 3.23
N ASP A 32 -3.20 5.64 2.95
CA ASP A 32 -3.46 6.76 2.08
C ASP A 32 -3.20 8.07 2.82
N ALA A 33 -3.55 8.12 4.11
CA ALA A 33 -3.29 9.31 4.90
C ALA A 33 -1.78 9.46 5.16
N ILE A 34 -1.09 8.33 5.31
CA ILE A 34 0.37 8.35 5.42
C ILE A 34 0.98 8.83 4.11
N ALA A 35 0.47 8.30 3.02
CA ALA A 35 0.87 8.75 1.69
C ALA A 35 0.60 10.24 1.53
N GLY A 36 -0.51 10.67 2.09
CA GLY A 36 -0.89 12.07 2.03
C GLY A 36 -0.02 12.92 2.92
N CYS A 37 0.74 12.25 3.78
CA CYS A 37 1.59 12.93 4.73
C CYS A 37 2.97 13.20 4.14
N GLU A 38 3.69 12.15 3.80
CA GLU A 38 5.06 12.29 3.34
C GLU A 38 5.13 12.46 1.83
N ALA A 39 4.21 11.81 1.13
CA ALA A 39 4.25 11.82 -0.32
C ALA A 39 3.39 12.93 -0.90
N GLY A 40 2.61 13.59 -0.05
CA GLY A 40 1.72 14.63 -0.51
C GLY A 40 0.48 14.04 -1.11
N GLY A 41 0.37 12.73 -0.95
CA GLY A 41 -0.73 11.98 -1.48
C GLY A 41 -0.56 11.66 -2.95
N ASN A 42 0.60 11.10 -3.30
CA ASN A 42 0.87 10.70 -4.67
C ASN A 42 1.69 9.44 -4.62
N TRP A 43 1.24 8.46 -5.34
CA TRP A 43 1.85 7.14 -5.30
C TRP A 43 2.72 6.92 -6.52
N ALA A 44 2.77 7.92 -7.38
CA ALA A 44 3.58 7.89 -8.59
C ALA A 44 4.73 8.89 -8.51
N ILE A 45 4.79 9.63 -7.41
CA ILE A 45 5.84 10.59 -7.17
C ILE A 45 7.17 9.87 -6.97
N ASN A 46 8.24 10.45 -7.46
CA ASN A 46 9.57 9.85 -7.35
C ASN A 46 10.59 10.93 -7.12
N THR A 47 10.84 11.20 -5.87
CA THR A 47 11.84 12.17 -5.50
C THR A 47 13.25 11.62 -5.73
N GLY A 48 13.33 10.28 -5.82
CA GLY A 48 14.57 9.64 -6.16
C GLY A 48 15.45 9.46 -4.95
N ASN A 49 14.81 9.47 -3.78
CA ASN A 49 15.56 9.49 -2.53
C ASN A 49 15.79 8.08 -1.97
N GLY A 50 15.59 7.08 -2.81
CA GLY A 50 15.80 5.70 -2.41
C GLY A 50 14.50 5.07 -1.95
N TYR A 51 13.52 5.93 -1.74
CA TYR A 51 12.18 5.52 -1.40
C TYR A 51 11.31 6.10 -2.49
N TYR A 52 10.13 5.59 -2.64
CA TYR A 52 9.33 5.95 -3.79
C TYR A 52 7.96 6.44 -3.38
N GLY A 53 7.25 7.04 -4.33
CA GLY A 53 5.96 7.63 -4.06
C GLY A 53 4.97 6.68 -3.44
N GLY A 54 3.92 7.26 -2.89
CA GLY A 54 2.92 6.48 -2.19
C GLY A 54 3.17 6.49 -0.70
N VAL A 55 3.52 5.34 -0.16
CA VAL A 55 3.75 5.21 1.28
C VAL A 55 5.18 5.63 1.62
N GLN A 56 5.92 5.94 0.54
CA GLN A 56 7.26 6.50 0.60
C GLN A 56 8.21 5.72 1.51
N PHE A 57 8.27 4.42 1.33
CA PHE A 57 9.27 3.63 2.03
C PHE A 57 10.28 3.05 1.05
N ASP A 58 11.44 2.69 1.58
CA ASP A 58 12.62 2.44 0.75
C ASP A 58 12.51 1.16 -0.05
N GLN A 59 13.30 1.12 -1.12
CA GLN A 59 13.38 0.00 -2.02
C GLN A 59 13.73 -1.28 -1.28
N GLY A 60 14.57 -1.14 -0.27
CA GLY A 60 15.07 -2.28 0.47
C GLY A 60 13.98 -2.95 1.27
N THR A 61 13.26 -2.15 2.03
CA THR A 61 12.13 -2.63 2.80
C THR A 61 11.02 -3.13 1.89
N TRP A 62 10.79 -2.39 0.82
CA TRP A 62 9.83 -2.77 -0.20
C TRP A 62 10.19 -4.15 -0.73
N GLU A 63 11.45 -4.31 -1.07
CA GLU A 63 11.96 -5.55 -1.61
C GLU A 63 11.94 -6.66 -0.55
N ALA A 64 12.15 -6.26 0.70
CA ALA A 64 12.19 -7.21 1.81
C ALA A 64 10.84 -7.86 2.01
N ASN A 65 9.78 -7.06 1.90
CA ASN A 65 8.43 -7.58 1.98
C ASN A 65 8.02 -8.16 0.62
N GLY A 66 8.88 -7.94 -0.37
CA GLY A 66 8.70 -8.50 -1.69
C GLY A 66 7.71 -7.73 -2.54
N GLY A 67 7.89 -6.42 -2.61
CA GLY A 67 6.95 -5.58 -3.33
C GLY A 67 7.16 -5.64 -4.82
N LEU A 68 8.35 -6.10 -5.21
CA LEU A 68 8.73 -6.14 -6.62
C LEU A 68 7.78 -7.01 -7.44
N ARG A 69 7.06 -7.90 -6.76
CA ARG A 69 6.09 -8.74 -7.42
C ARG A 69 4.89 -7.90 -7.85
N TYR A 70 4.60 -6.87 -7.07
CA TYR A 70 3.52 -5.96 -7.38
C TYR A 70 4.05 -4.92 -8.34
N ALA A 71 5.33 -4.61 -8.12
CA ALA A 71 6.06 -3.60 -8.87
C ALA A 71 7.39 -3.38 -8.18
N PRO A 72 8.50 -3.57 -8.89
CA PRO A 72 9.84 -3.43 -8.32
C PRO A 72 10.09 -2.06 -7.69
N ARG A 73 9.15 -1.15 -7.86
CA ARG A 73 9.23 0.16 -7.26
C ARG A 73 7.83 0.60 -6.83
N ALA A 74 7.75 1.17 -5.64
CA ALA A 74 6.49 1.55 -5.03
C ALA A 74 5.72 2.55 -5.87
N ASP A 75 6.44 3.35 -6.65
CA ASP A 75 5.80 4.40 -7.44
C ASP A 75 5.29 3.86 -8.75
N LEU A 76 5.66 2.63 -9.06
CA LEU A 76 5.05 1.92 -10.18
C LEU A 76 3.77 1.28 -9.70
N ALA A 77 3.79 0.89 -8.44
CA ALA A 77 2.64 0.31 -7.79
C ALA A 77 1.64 1.39 -7.40
N THR A 78 0.38 1.00 -7.32
CA THR A 78 -0.68 1.89 -6.89
C THR A 78 -1.00 1.64 -5.43
N ARG A 79 -2.08 2.24 -4.95
CA ARG A 79 -2.47 2.14 -3.55
C ARG A 79 -2.46 0.69 -3.07
N GLU A 80 -3.13 -0.17 -3.82
CA GLU A 80 -3.33 -1.55 -3.40
C GLU A 80 -1.99 -2.31 -3.23
N GLU A 81 -1.08 -2.20 -4.22
CA GLU A 81 0.21 -2.86 -4.11
C GLU A 81 0.98 -2.34 -2.90
N GLN A 82 1.09 -1.02 -2.81
CA GLN A 82 1.86 -0.40 -1.76
C GLN A 82 1.28 -0.70 -0.39
N ILE A 83 -0.04 -0.74 -0.33
CA ILE A 83 -0.71 -1.13 0.90
C ILE A 83 -0.30 -2.55 1.27
N ALA A 84 -0.27 -3.46 0.29
CA ALA A 84 0.06 -4.86 0.54
C ALA A 84 1.48 -5.02 1.08
N VAL A 85 2.43 -4.31 0.49
CA VAL A 85 3.81 -4.36 0.94
C VAL A 85 3.94 -3.75 2.33
N ALA A 86 3.35 -2.57 2.49
CA ALA A 86 3.29 -1.90 3.78
C ALA A 86 2.58 -2.78 4.81
N GLU A 87 1.66 -3.60 4.32
CA GLU A 87 0.91 -4.52 5.17
C GLU A 87 1.85 -5.47 5.87
N VAL A 88 2.84 -5.99 5.13
CA VAL A 88 3.84 -6.84 5.73
C VAL A 88 4.64 -6.08 6.77
N THR A 89 5.09 -4.90 6.42
CA THR A 89 5.93 -4.11 7.28
C THR A 89 5.20 -3.70 8.55
N ARG A 90 4.00 -3.18 8.39
CA ARG A 90 3.24 -2.65 9.51
C ARG A 90 2.94 -3.76 10.52
N LEU A 91 2.75 -4.96 10.02
CA LEU A 91 2.28 -6.06 10.88
C LEU A 91 3.39 -6.53 11.81
N ARG A 92 4.63 -6.29 11.41
CA ARG A 92 5.78 -6.73 12.18
C ARG A 92 6.08 -5.71 13.26
N GLN A 93 6.07 -4.44 12.86
CA GLN A 93 6.56 -3.39 13.72
C GLN A 93 5.45 -2.56 14.39
N GLY A 94 4.29 -2.46 13.74
CA GLY A 94 3.18 -1.72 14.32
C GLY A 94 3.29 -0.25 14.04
N TRP A 95 3.48 0.09 12.76
CA TRP A 95 3.56 1.47 12.30
C TRP A 95 4.70 2.19 12.99
N GLY A 96 5.67 1.40 13.46
CA GLY A 96 6.84 1.95 14.11
C GLY A 96 7.81 2.55 13.13
N ALA A 97 7.72 2.16 11.86
CA ALA A 97 8.56 2.73 10.82
C ALA A 97 7.87 3.94 10.22
N TRP A 98 6.58 4.04 10.44
CA TRP A 98 5.79 5.15 9.94
C TRP A 98 5.58 6.15 11.06
N PRO A 99 6.18 7.34 10.91
CA PRO A 99 6.19 8.38 11.94
C PRO A 99 4.80 8.92 12.32
N VAL A 100 4.73 10.21 12.63
CA VAL A 100 3.48 10.86 13.02
C VAL A 100 2.40 10.65 11.94
N CYS A 101 2.84 10.43 10.72
CA CYS A 101 1.93 10.17 9.60
C CYS A 101 1.02 8.99 9.91
N ALA A 102 1.56 7.98 10.59
CA ALA A 102 0.77 6.80 10.95
C ALA A 102 -0.26 7.15 12.02
N ALA A 103 0.15 7.95 13.00
CA ALA A 103 -0.74 8.37 14.07
C ALA A 103 -1.85 9.26 13.50
N ARG A 104 -1.47 10.15 12.61
CA ARG A 104 -2.41 11.02 11.91
C ARG A 104 -3.42 10.19 11.11
N ALA A 105 -2.92 9.13 10.50
CA ALA A 105 -3.73 8.29 9.62
C ALA A 105 -4.64 7.34 10.41
N GLY A 106 -4.27 7.07 11.66
CA GLY A 106 -5.03 6.15 12.49
C GLY A 106 -4.37 4.79 12.59
N ALA A 107 -3.19 4.76 13.20
CA ALA A 107 -2.40 3.54 13.28
C ALA A 107 -3.01 2.53 14.23
N ARG A 108 -2.74 1.26 13.98
CA ARG A 108 -3.15 0.17 14.87
C ARG A 108 -4.66 -0.03 14.89
N ASN A 1 -36.37 -31.77 -13.82
CA ASN A 1 -35.14 -32.20 -14.53
C ASN A 1 -33.93 -32.08 -13.63
N VAL A 2 -33.22 -33.18 -13.47
CA VAL A 2 -32.00 -33.21 -12.68
C VAL A 2 -30.77 -33.08 -13.59
N VAL A 3 -30.97 -33.38 -14.86
CA VAL A 3 -29.90 -33.37 -15.83
C VAL A 3 -29.50 -31.94 -16.20
N VAL A 4 -28.22 -31.63 -16.06
CA VAL A 4 -27.71 -30.35 -16.51
C VAL A 4 -27.47 -30.39 -18.00
N THR A 5 -27.87 -29.34 -18.67
CA THR A 5 -27.87 -29.32 -20.12
C THR A 5 -27.16 -28.08 -20.65
N PRO A 6 -26.09 -28.27 -21.43
CA PRO A 6 -25.37 -27.18 -22.07
C PRO A 6 -26.11 -26.69 -23.30
N ALA A 7 -25.70 -25.52 -23.76
CA ALA A 7 -26.33 -24.83 -24.87
C ALA A 7 -27.81 -24.60 -24.61
N HIS A 8 -28.49 -24.03 -25.60
CA HIS A 8 -29.89 -23.60 -25.46
C HIS A 8 -29.97 -22.41 -24.50
N GLU A 9 -28.85 -22.12 -23.86
CA GLU A 9 -28.77 -21.03 -22.90
C GLU A 9 -28.63 -19.71 -23.64
N ALA A 10 -29.29 -18.69 -23.11
CA ALA A 10 -29.27 -17.37 -23.73
C ALA A 10 -28.63 -16.37 -22.79
N VAL A 11 -27.34 -16.57 -22.60
CA VAL A 11 -26.54 -15.73 -21.73
C VAL A 11 -26.61 -14.27 -22.17
N VAL A 12 -26.19 -14.03 -23.42
CA VAL A 12 -26.14 -12.71 -24.04
C VAL A 12 -25.87 -11.59 -23.03
N ARG A 13 -24.61 -11.44 -22.72
CA ARG A 13 -24.14 -10.47 -21.78
C ARG A 13 -23.00 -9.67 -22.39
N VAL A 14 -23.03 -8.38 -22.18
CA VAL A 14 -21.91 -7.54 -22.51
C VAL A 14 -21.03 -7.41 -21.28
N GLY A 15 -19.79 -7.10 -21.51
CA GLY A 15 -18.86 -7.00 -20.43
C GLY A 15 -17.46 -6.75 -20.91
N THR A 16 -17.22 -5.52 -21.31
CA THR A 16 -15.90 -5.08 -21.67
C THR A 16 -15.25 -4.43 -20.46
N LYS A 17 -16.11 -3.99 -19.55
CA LYS A 17 -15.71 -3.42 -18.28
C LYS A 17 -14.96 -4.43 -17.42
N PRO A 18 -13.66 -4.21 -17.24
CA PRO A 18 -12.81 -5.03 -16.39
C PRO A 18 -12.87 -4.60 -14.94
N GLY A 19 -12.24 -5.39 -14.10
CA GLY A 19 -12.22 -5.11 -12.68
C GLY A 19 -11.09 -4.18 -12.31
N THR A 20 -10.83 -3.29 -13.24
CA THR A 20 -9.76 -2.31 -13.10
C THR A 20 -10.01 -1.41 -11.90
N GLU A 21 -11.26 -0.99 -11.74
CA GLU A 21 -11.66 -0.18 -10.61
C GLU A 21 -11.99 -1.06 -9.42
N VAL A 22 -10.93 -1.58 -8.87
CA VAL A 22 -10.99 -2.49 -7.75
C VAL A 22 -11.37 -1.74 -6.47
N PRO A 23 -12.27 -2.35 -5.66
CA PRO A 23 -12.65 -1.79 -4.36
C PRO A 23 -11.43 -1.51 -3.48
N PRO A 24 -11.38 -0.33 -2.85
CA PRO A 24 -10.26 0.11 -2.04
C PRO A 24 -9.91 -0.88 -0.94
N VAL A 25 -8.62 -1.02 -0.72
CA VAL A 25 -8.10 -1.95 0.25
C VAL A 25 -8.18 -1.32 1.65
N ILE A 26 -8.78 -2.09 2.56
CA ILE A 26 -9.20 -1.60 3.88
C ILE A 26 -8.08 -0.98 4.70
N ASP A 27 -6.91 -1.57 4.64
CA ASP A 27 -5.80 -1.13 5.47
C ASP A 27 -5.16 0.06 4.84
N GLY A 28 -5.49 0.21 3.58
CA GLY A 28 -4.96 1.28 2.77
C GLY A 28 -5.59 2.59 3.11
N SER A 29 -6.39 2.58 4.15
CA SER A 29 -6.94 3.83 4.67
C SER A 29 -5.87 4.55 5.47
N ILE A 30 -5.15 3.77 6.25
CA ILE A 30 -4.02 4.30 7.01
C ILE A 30 -2.92 4.59 6.02
N TRP A 31 -2.80 3.70 5.05
CA TRP A 31 -1.77 3.78 4.04
C TRP A 31 -1.98 4.99 3.14
N ASP A 32 -3.24 5.29 2.87
CA ASP A 32 -3.60 6.44 2.06
C ASP A 32 -3.39 7.73 2.84
N ALA A 33 -3.80 7.75 4.11
CA ALA A 33 -3.65 8.95 4.91
C ALA A 33 -2.17 9.21 5.19
N ILE A 34 -1.39 8.13 5.33
CA ILE A 34 0.06 8.25 5.46
C ILE A 34 0.66 8.76 4.17
N ALA A 35 0.19 8.21 3.04
CA ALA A 35 0.62 8.67 1.72
C ALA A 35 0.32 10.15 1.56
N GLY A 36 -0.78 10.57 2.13
CA GLY A 36 -1.16 11.98 2.06
C GLY A 36 -0.31 12.83 2.98
N CYS A 37 0.27 12.19 3.98
CA CYS A 37 1.07 12.86 4.99
C CYS A 37 2.52 12.99 4.56
N GLU A 38 3.13 11.88 4.18
CA GLU A 38 4.55 11.84 3.90
C GLU A 38 4.81 12.21 2.45
N ALA A 39 3.88 11.82 1.58
CA ALA A 39 4.08 12.02 0.15
C ALA A 39 3.26 13.18 -0.38
N GLY A 40 2.39 13.72 0.46
CA GLY A 40 1.53 14.80 0.03
C GLY A 40 0.39 14.25 -0.79
N GLY A 41 0.25 12.95 -0.72
CA GLY A 41 -0.74 12.24 -1.48
C GLY A 41 -0.33 12.09 -2.92
N ASN A 42 0.80 11.46 -3.15
CA ASN A 42 1.30 11.25 -4.49
C ASN A 42 2.03 9.91 -4.53
N TRP A 43 1.38 8.92 -5.08
CA TRP A 43 1.88 7.56 -5.07
C TRP A 43 2.90 7.35 -6.16
N ALA A 44 3.04 8.36 -7.01
CA ALA A 44 3.98 8.31 -8.11
C ALA A 44 5.13 9.30 -7.91
N ILE A 45 5.27 9.81 -6.69
CA ILE A 45 6.31 10.75 -6.38
C ILE A 45 7.63 10.01 -6.17
N ASN A 46 8.71 10.56 -6.65
CA ASN A 46 9.98 9.86 -6.59
C ASN A 46 11.10 10.85 -6.46
N THR A 47 11.67 10.90 -5.28
CA THR A 47 12.77 11.78 -5.01
C THR A 47 14.08 11.15 -5.49
N GLY A 48 14.05 9.82 -5.58
CA GLY A 48 15.21 9.09 -6.05
C GLY A 48 16.10 8.70 -4.89
N ASN A 49 15.53 8.69 -3.70
CA ASN A 49 16.32 8.47 -2.50
C ASN A 49 16.34 7.00 -2.09
N GLY A 50 15.87 6.14 -2.97
CA GLY A 50 15.81 4.73 -2.66
C GLY A 50 14.45 4.34 -2.11
N TYR A 51 13.68 5.35 -1.76
CA TYR A 51 12.30 5.17 -1.36
C TYR A 51 11.43 5.69 -2.49
N TYR A 52 10.17 5.30 -2.52
CA TYR A 52 9.33 5.60 -3.67
C TYR A 52 8.00 6.19 -3.22
N GLY A 53 7.23 6.68 -4.17
CA GLY A 53 6.03 7.42 -3.86
C GLY A 53 4.97 6.65 -3.09
N GLY A 54 3.89 7.34 -2.77
CA GLY A 54 2.82 6.72 -2.03
C GLY A 54 3.08 6.71 -0.55
N VAL A 55 3.43 5.54 -0.03
CA VAL A 55 3.71 5.39 1.39
C VAL A 55 5.16 5.79 1.67
N GLN A 56 5.84 6.13 0.58
CA GLN A 56 7.19 6.71 0.60
C GLN A 56 8.19 5.89 1.39
N PHE A 57 8.28 4.60 1.10
CA PHE A 57 9.27 3.78 1.77
C PHE A 57 10.25 3.13 0.79
N ASP A 58 11.25 2.48 1.36
CA ASP A 58 12.48 2.12 0.66
C ASP A 58 12.38 0.82 -0.13
N GLN A 59 13.22 0.77 -1.16
CA GLN A 59 13.35 -0.36 -2.06
C GLN A 59 13.68 -1.64 -1.31
N GLY A 60 14.57 -1.55 -0.35
CA GLY A 60 15.00 -2.71 0.38
C GLY A 60 13.88 -3.33 1.17
N THR A 61 13.17 -2.49 1.90
CA THR A 61 12.01 -2.89 2.66
C THR A 61 10.87 -3.34 1.75
N TRP A 62 10.65 -2.57 0.69
CA TRP A 62 9.66 -2.89 -0.32
C TRP A 62 9.94 -4.27 -0.90
N GLU A 63 11.19 -4.49 -1.27
CA GLU A 63 11.63 -5.72 -1.86
C GLU A 63 11.55 -6.86 -0.84
N ALA A 64 11.79 -6.52 0.42
CA ALA A 64 11.81 -7.51 1.50
C ALA A 64 10.43 -8.09 1.74
N ASN A 65 9.42 -7.23 1.71
CA ASN A 65 8.04 -7.68 1.84
C ASN A 65 7.55 -8.31 0.53
N GLY A 66 8.31 -8.07 -0.54
CA GLY A 66 8.00 -8.66 -1.83
C GLY A 66 7.16 -7.75 -2.69
N GLY A 67 7.57 -6.49 -2.79
CA GLY A 67 6.79 -5.51 -3.49
C GLY A 67 6.95 -5.58 -4.99
N LEU A 68 8.09 -6.08 -5.43
CA LEU A 68 8.44 -6.09 -6.83
C LEU A 68 7.45 -6.87 -7.68
N ARG A 69 6.77 -7.83 -7.07
CA ARG A 69 5.73 -8.57 -7.77
C ARG A 69 4.59 -7.63 -8.13
N TYR A 70 4.36 -6.66 -7.25
CA TYR A 70 3.35 -5.67 -7.46
C TYR A 70 3.89 -4.67 -8.45
N ALA A 71 5.20 -4.46 -8.30
CA ALA A 71 5.98 -3.53 -9.10
C ALA A 71 7.26 -3.28 -8.32
N PRO A 72 8.41 -3.40 -8.97
CA PRO A 72 9.72 -3.25 -8.32
C PRO A 72 9.89 -1.89 -7.61
N ARG A 73 8.94 -1.02 -7.79
CA ARG A 73 8.93 0.27 -7.12
C ARG A 73 7.49 0.69 -6.83
N ALA A 74 7.32 1.34 -5.68
CA ALA A 74 5.99 1.75 -5.21
C ALA A 74 5.30 2.71 -6.18
N ASP A 75 6.08 3.44 -6.98
CA ASP A 75 5.50 4.43 -7.90
C ASP A 75 4.85 3.73 -9.08
N LEU A 76 5.32 2.54 -9.38
CA LEU A 76 4.81 1.77 -10.51
C LEU A 76 3.60 0.96 -10.07
N ALA A 77 3.59 0.57 -8.82
CA ALA A 77 2.45 -0.08 -8.20
C ALA A 77 1.45 0.96 -7.74
N THR A 78 0.21 0.57 -7.52
CA THR A 78 -0.81 1.50 -7.10
C THR A 78 -1.03 1.38 -5.60
N ARG A 79 -2.06 2.07 -5.11
CA ARG A 79 -2.37 2.09 -3.68
C ARG A 79 -2.41 0.69 -3.09
N GLU A 80 -3.19 -0.19 -3.69
CA GLU A 80 -3.43 -1.51 -3.12
C GLU A 80 -2.14 -2.32 -2.99
N GLU A 81 -1.27 -2.23 -4.00
CA GLU A 81 0.04 -2.86 -3.96
C GLU A 81 0.88 -2.31 -2.81
N GLN A 82 0.99 -0.98 -2.76
CA GLN A 82 1.80 -0.33 -1.72
C GLN A 82 1.28 -0.68 -0.35
N ILE A 83 -0.03 -0.82 -0.27
CA ILE A 83 -0.69 -1.22 0.96
C ILE A 83 -0.19 -2.58 1.39
N ALA A 84 -0.19 -3.52 0.46
CA ALA A 84 0.19 -4.90 0.75
C ALA A 84 1.63 -4.98 1.25
N VAL A 85 2.51 -4.25 0.59
CA VAL A 85 3.91 -4.25 0.97
C VAL A 85 4.14 -3.53 2.30
N ALA A 86 3.58 -2.33 2.44
CA ALA A 86 3.72 -1.57 3.66
C ALA A 86 3.02 -2.25 4.82
N GLU A 87 1.95 -2.95 4.51
CA GLU A 87 1.16 -3.59 5.56
C GLU A 87 1.91 -4.76 6.16
N VAL A 88 2.75 -5.42 5.36
CA VAL A 88 3.63 -6.45 5.90
C VAL A 88 4.56 -5.82 6.92
N THR A 89 5.04 -4.65 6.57
CA THR A 89 6.00 -3.94 7.38
C THR A 89 5.37 -3.47 8.69
N ARG A 90 4.15 -2.93 8.59
CA ARG A 90 3.47 -2.34 9.74
C ARG A 90 3.26 -3.36 10.85
N LEU A 91 3.06 -4.60 10.46
CA LEU A 91 2.77 -5.69 11.40
C LEU A 91 3.99 -5.97 12.26
N ARG A 92 5.14 -5.63 11.72
CA ARG A 92 6.40 -6.01 12.33
C ARG A 92 6.86 -4.94 13.28
N GLN A 93 6.88 -3.70 12.78
CA GLN A 93 7.47 -2.64 13.56
C GLN A 93 6.44 -1.82 14.34
N GLY A 94 5.18 -1.83 13.90
CA GLY A 94 4.13 -1.15 14.63
C GLY A 94 4.16 0.34 14.38
N TRP A 95 4.19 0.69 13.11
CA TRP A 95 4.12 2.08 12.66
C TRP A 95 5.28 2.89 13.21
N GLY A 96 6.36 2.20 13.55
CA GLY A 96 7.58 2.85 13.96
C GLY A 96 8.35 3.40 12.78
N ALA A 97 8.02 2.90 11.60
CA ALA A 97 8.62 3.37 10.36
C ALA A 97 7.84 4.56 9.83
N TRP A 98 6.58 4.64 10.22
CA TRP A 98 5.71 5.71 9.81
C TRP A 98 5.42 6.62 10.99
N PRO A 99 5.98 7.84 10.97
CA PRO A 99 5.89 8.81 12.07
C PRO A 99 4.46 9.26 12.40
N VAL A 100 4.28 10.57 12.60
CA VAL A 100 2.98 11.13 12.95
C VAL A 100 1.92 10.76 11.90
N CYS A 101 2.39 10.46 10.69
CA CYS A 101 1.51 10.04 9.60
C CYS A 101 0.64 8.86 10.02
N ALA A 102 1.22 7.94 10.79
CA ALA A 102 0.49 6.75 11.23
C ALA A 102 -0.58 7.12 12.23
N ALA A 103 -0.22 7.96 13.20
CA ALA A 103 -1.16 8.41 14.22
C ALA A 103 -2.29 9.21 13.59
N ARG A 104 -1.95 9.98 12.57
CA ARG A 104 -2.92 10.77 11.83
C ARG A 104 -3.83 9.88 10.99
N ALA A 105 -3.30 8.76 10.52
CA ALA A 105 -4.00 7.89 9.59
C ALA A 105 -4.87 6.84 10.29
N GLY A 106 -4.53 6.54 11.54
CA GLY A 106 -5.28 5.52 12.27
C GLY A 106 -4.44 4.28 12.57
N ALA A 107 -3.34 4.49 13.27
CA ALA A 107 -2.37 3.44 13.57
C ALA A 107 -2.94 2.39 14.50
N ARG A 108 -2.39 1.17 14.42
CA ARG A 108 -2.80 0.06 15.28
C ARG A 108 -4.20 -0.42 14.94
N ASN A 1 -30.72 27.61 33.83
CA ASN A 1 -30.45 26.23 33.36
C ASN A 1 -29.01 26.09 32.87
N VAL A 2 -28.20 25.39 33.66
CA VAL A 2 -26.84 25.10 33.28
C VAL A 2 -26.79 23.72 32.61
N VAL A 3 -27.89 22.99 32.74
CA VAL A 3 -28.05 21.70 32.13
C VAL A 3 -28.11 21.83 30.60
N VAL A 4 -27.50 20.88 29.90
CA VAL A 4 -27.55 20.85 28.45
C VAL A 4 -28.32 19.62 27.99
N THR A 5 -29.03 19.76 26.90
CA THR A 5 -29.85 18.68 26.38
C THR A 5 -29.42 18.33 24.96
N PRO A 6 -28.67 17.22 24.80
CA PRO A 6 -28.18 16.79 23.49
C PRO A 6 -29.28 16.16 22.66
N ALA A 7 -29.82 16.99 21.82
CA ALA A 7 -30.92 16.63 20.95
C ALA A 7 -31.05 17.65 19.85
N HIS A 8 -32.15 17.59 19.11
CA HIS A 8 -32.37 18.43 17.94
C HIS A 8 -31.45 18.00 16.79
N GLU A 9 -30.51 17.11 17.11
CA GLU A 9 -29.57 16.61 16.13
C GLU A 9 -30.26 15.70 15.12
N ALA A 10 -29.92 15.86 13.86
CA ALA A 10 -30.54 15.10 12.79
C ALA A 10 -29.51 14.76 11.73
N VAL A 11 -28.75 13.73 12.01
CA VAL A 11 -27.76 13.23 11.06
C VAL A 11 -28.46 12.63 9.86
N VAL A 12 -29.33 11.65 10.14
CA VAL A 12 -30.17 10.95 9.19
C VAL A 12 -29.60 10.96 7.78
N ARG A 13 -28.67 10.07 7.57
CA ARG A 13 -28.03 9.90 6.30
C ARG A 13 -27.72 8.42 6.06
N VAL A 14 -28.14 7.92 4.91
CA VAL A 14 -27.85 6.57 4.53
C VAL A 14 -27.25 6.58 3.13
N GLY A 15 -26.59 5.51 2.79
CA GLY A 15 -26.02 5.37 1.49
C GLY A 15 -24.64 4.74 1.51
N THR A 16 -24.59 3.46 1.17
CA THR A 16 -23.33 2.75 1.05
C THR A 16 -22.68 3.04 -0.29
N LYS A 17 -23.52 3.01 -1.31
CA LYS A 17 -23.14 3.29 -2.70
C LYS A 17 -21.79 2.69 -3.11
N PRO A 18 -21.69 1.34 -3.16
CA PRO A 18 -20.55 0.68 -3.72
C PRO A 18 -20.66 0.58 -5.22
N GLY A 19 -19.56 0.29 -5.85
CA GLY A 19 -19.51 0.24 -7.30
C GLY A 19 -19.06 1.56 -7.83
N THR A 20 -19.57 2.59 -7.19
CA THR A 20 -19.11 3.94 -7.39
C THR A 20 -17.69 4.07 -6.83
N GLU A 21 -17.51 3.50 -5.64
CA GLU A 21 -16.21 3.45 -5.01
C GLU A 21 -15.78 2.01 -4.87
N VAL A 22 -14.72 1.65 -5.57
CA VAL A 22 -14.12 0.34 -5.42
C VAL A 22 -13.39 0.28 -4.09
N PRO A 23 -13.81 -0.64 -3.20
CA PRO A 23 -13.29 -0.70 -1.83
C PRO A 23 -11.77 -0.78 -1.77
N PRO A 24 -11.17 0.15 -1.02
CA PRO A 24 -9.75 0.15 -0.71
C PRO A 24 -9.31 -1.13 0.00
N VAL A 25 -8.03 -1.36 0.01
CA VAL A 25 -7.47 -2.52 0.67
C VAL A 25 -7.47 -2.25 2.17
N ILE A 26 -7.44 -3.31 2.95
CA ILE A 26 -7.90 -3.33 4.35
C ILE A 26 -7.28 -2.23 5.24
N ASP A 27 -6.10 -1.77 4.88
CA ASP A 27 -5.41 -0.78 5.69
C ASP A 27 -5.02 0.39 4.82
N GLY A 28 -5.63 0.45 3.65
CA GLY A 28 -5.34 1.50 2.70
C GLY A 28 -5.81 2.83 3.19
N SER A 29 -6.52 2.82 4.30
CA SER A 29 -6.96 4.06 4.91
C SER A 29 -5.79 4.75 5.57
N ILE A 30 -5.04 3.94 6.30
CA ILE A 30 -3.85 4.40 7.00
C ILE A 30 -2.79 4.73 5.98
N TRP A 31 -2.74 3.90 4.95
CA TRP A 31 -1.75 4.05 3.90
C TRP A 31 -2.03 5.27 3.05
N ASP A 32 -3.31 5.55 2.83
CA ASP A 32 -3.70 6.71 2.06
C ASP A 32 -3.47 7.98 2.87
N ALA A 33 -3.77 7.93 4.16
CA ALA A 33 -3.58 9.09 5.01
C ALA A 33 -2.10 9.37 5.20
N ILE A 34 -1.29 8.32 5.31
CA ILE A 34 0.16 8.49 5.41
C ILE A 34 0.72 9.02 4.09
N ALA A 35 0.26 8.44 2.98
CA ALA A 35 0.66 8.92 1.67
C ALA A 35 0.25 10.36 1.47
N GLY A 36 -0.85 10.73 2.09
CA GLY A 36 -1.32 12.10 2.03
C GLY A 36 -0.54 13.01 2.95
N CYS A 37 0.07 12.39 3.95
CA CYS A 37 0.86 13.12 4.94
C CYS A 37 2.22 13.51 4.38
N GLU A 38 2.99 12.52 3.95
CA GLU A 38 4.37 12.74 3.56
C GLU A 38 4.48 13.10 2.10
N ALA A 39 3.60 12.55 1.28
CA ALA A 39 3.66 12.80 -0.15
C ALA A 39 2.63 13.82 -0.60
N GLY A 40 1.63 14.04 0.23
CA GLY A 40 0.54 14.93 -0.15
C GLY A 40 -0.44 14.19 -1.01
N GLY A 41 -0.24 12.88 -1.06
CA GLY A 41 -1.04 12.01 -1.88
C GLY A 41 -0.47 11.88 -3.28
N ASN A 42 0.74 11.33 -3.37
CA ASN A 42 1.43 11.21 -4.64
C ASN A 42 2.12 9.86 -4.71
N TRP A 43 1.41 8.85 -5.17
CA TRP A 43 1.89 7.48 -5.14
C TRP A 43 2.92 7.24 -6.23
N ALA A 44 3.02 8.17 -7.14
CA ALA A 44 3.97 8.07 -8.24
C ALA A 44 5.18 8.95 -7.98
N ILE A 45 5.34 9.37 -6.73
CA ILE A 45 6.42 10.24 -6.35
C ILE A 45 7.73 9.46 -6.23
N ASN A 46 8.80 10.06 -6.69
CA ASN A 46 10.11 9.45 -6.63
C ASN A 46 11.17 10.54 -6.54
N THR A 47 11.53 10.88 -5.31
CA THR A 47 12.47 11.95 -5.05
C THR A 47 13.91 11.53 -5.34
N GLY A 48 14.11 10.22 -5.46
CA GLY A 48 15.44 9.71 -5.74
C GLY A 48 16.17 9.35 -4.47
N ASN A 49 15.39 9.12 -3.41
CA ASN A 49 15.95 8.84 -2.10
C ASN A 49 16.15 7.34 -1.89
N GLY A 50 15.77 6.56 -2.89
CA GLY A 50 15.77 5.12 -2.73
C GLY A 50 14.46 4.65 -2.14
N TYR A 51 13.65 5.61 -1.73
CA TYR A 51 12.31 5.35 -1.22
C TYR A 51 11.33 5.97 -2.20
N TYR A 52 10.23 5.29 -2.47
CA TYR A 52 9.33 5.73 -3.55
C TYR A 52 7.87 5.59 -3.18
N GLY A 53 7.03 6.27 -3.96
CA GLY A 53 5.60 6.02 -4.01
C GLY A 53 4.83 6.30 -2.74
N GLY A 54 4.07 7.41 -2.74
CA GLY A 54 3.05 7.65 -1.73
C GLY A 54 3.56 7.65 -0.30
N VAL A 55 3.69 6.47 0.29
CA VAL A 55 4.21 6.35 1.65
C VAL A 55 5.73 6.37 1.64
N GLN A 56 6.28 6.36 0.43
CA GLN A 56 7.69 6.65 0.18
C GLN A 56 8.63 5.86 1.07
N PHE A 57 8.48 4.54 1.12
CA PHE A 57 9.43 3.74 1.86
C PHE A 57 10.42 3.06 0.92
N ASP A 58 11.49 2.54 1.50
CA ASP A 58 12.67 2.18 0.72
C ASP A 58 12.50 0.93 -0.11
N GLN A 59 13.31 0.88 -1.15
CA GLN A 59 13.35 -0.20 -2.10
C GLN A 59 13.63 -1.54 -1.43
N GLY A 60 14.52 -1.50 -0.45
CA GLY A 60 14.93 -2.72 0.24
C GLY A 60 13.81 -3.32 1.06
N THR A 61 13.17 -2.49 1.85
CA THR A 61 12.03 -2.90 2.66
C THR A 61 10.86 -3.31 1.77
N TRP A 62 10.66 -2.55 0.70
CA TRP A 62 9.66 -2.88 -0.29
C TRP A 62 9.91 -4.28 -0.82
N GLU A 63 11.17 -4.52 -1.18
CA GLU A 63 11.60 -5.79 -1.69
C GLU A 63 11.46 -6.88 -0.63
N ALA A 64 11.73 -6.50 0.62
CA ALA A 64 11.70 -7.44 1.73
C ALA A 64 10.28 -7.97 1.97
N ASN A 65 9.31 -7.07 1.87
CA ASN A 65 7.91 -7.44 2.03
C ASN A 65 7.37 -8.04 0.74
N GLY A 66 8.19 -7.97 -0.31
CA GLY A 66 7.85 -8.62 -1.56
C GLY A 66 7.02 -7.73 -2.46
N GLY A 67 7.43 -6.49 -2.61
CA GLY A 67 6.65 -5.54 -3.38
C GLY A 67 6.83 -5.72 -4.86
N LEU A 68 7.97 -6.29 -5.23
CA LEU A 68 8.33 -6.45 -6.63
C LEU A 68 7.31 -7.26 -7.41
N ARG A 69 6.53 -8.07 -6.72
CA ARG A 69 5.49 -8.86 -7.36
C ARG A 69 4.36 -7.95 -7.81
N TYR A 70 4.19 -6.86 -7.09
CA TYR A 70 3.19 -5.88 -7.41
C TYR A 70 3.81 -4.92 -8.39
N ALA A 71 5.09 -4.70 -8.16
CA ALA A 71 5.91 -3.77 -8.93
C ALA A 71 7.24 -3.63 -8.21
N PRO A 72 8.35 -3.87 -8.91
CA PRO A 72 9.69 -3.78 -8.32
C PRO A 72 10.02 -2.39 -7.76
N ARG A 73 9.10 -1.47 -7.93
CA ARG A 73 9.25 -0.13 -7.38
C ARG A 73 7.89 0.36 -6.93
N ALA A 74 7.89 1.00 -5.77
CA ALA A 74 6.67 1.48 -5.14
C ALA A 74 5.90 2.45 -6.01
N ASP A 75 6.59 3.21 -6.84
CA ASP A 75 5.95 4.23 -7.65
C ASP A 75 5.49 3.68 -9.00
N LEU A 76 5.56 2.37 -9.15
CA LEU A 76 4.96 1.70 -10.29
C LEU A 76 3.69 1.02 -9.83
N ALA A 77 3.69 0.64 -8.57
CA ALA A 77 2.54 0.05 -7.93
C ALA A 77 1.53 1.13 -7.53
N THR A 78 0.27 0.76 -7.44
CA THR A 78 -0.76 1.70 -7.07
C THR A 78 -1.11 1.52 -5.60
N ARG A 79 -2.17 2.20 -5.15
CA ARG A 79 -2.56 2.20 -3.74
C ARG A 79 -2.64 0.78 -3.22
N GLU A 80 -3.41 -0.05 -3.92
CA GLU A 80 -3.70 -1.40 -3.47
C GLU A 80 -2.40 -2.23 -3.30
N GLU A 81 -1.46 -2.06 -4.21
CA GLU A 81 -0.17 -2.71 -4.12
C GLU A 81 0.66 -2.18 -2.95
N GLN A 82 0.81 -0.86 -2.90
CA GLN A 82 1.65 -0.23 -1.88
C GLN A 82 1.08 -0.48 -0.49
N ILE A 83 -0.23 -0.58 -0.42
CA ILE A 83 -0.90 -0.96 0.79
C ILE A 83 -0.43 -2.34 1.24
N ALA A 84 -0.42 -3.28 0.29
CA ALA A 84 -0.04 -4.67 0.57
C ALA A 84 1.41 -4.77 1.06
N VAL A 85 2.31 -4.06 0.41
CA VAL A 85 3.71 -4.11 0.77
C VAL A 85 3.97 -3.46 2.13
N ALA A 86 3.45 -2.23 2.28
CA ALA A 86 3.62 -1.49 3.51
C ALA A 86 2.88 -2.17 4.65
N GLU A 87 1.78 -2.84 4.32
CA GLU A 87 0.98 -3.48 5.36
C GLU A 87 1.75 -4.63 5.96
N VAL A 88 2.59 -5.30 5.17
CA VAL A 88 3.47 -6.31 5.73
C VAL A 88 4.42 -5.66 6.74
N THR A 89 4.99 -4.54 6.33
CA THR A 89 5.93 -3.82 7.16
C THR A 89 5.29 -3.37 8.46
N ARG A 90 4.09 -2.82 8.36
CA ARG A 90 3.38 -2.27 9.50
C ARG A 90 3.12 -3.37 10.54
N LEU A 91 2.94 -4.60 10.06
CA LEU A 91 2.61 -5.73 10.94
C LEU A 91 3.74 -5.96 11.92
N ARG A 92 4.94 -5.89 11.38
CA ARG A 92 6.12 -6.35 12.06
C ARG A 92 6.56 -5.32 13.08
N GLN A 93 6.55 -4.08 12.64
CA GLN A 93 7.13 -3.01 13.42
C GLN A 93 6.10 -2.19 14.18
N GLY A 94 4.86 -2.14 13.66
CA GLY A 94 3.79 -1.47 14.37
C GLY A 94 3.72 -0.01 14.05
N TRP A 95 3.93 0.33 12.77
CA TRP A 95 3.91 1.70 12.28
C TRP A 95 5.04 2.50 12.92
N GLY A 96 6.01 1.77 13.45
CA GLY A 96 7.21 2.40 14.00
C GLY A 96 8.05 3.10 12.95
N ALA A 97 8.01 2.59 11.72
CA ALA A 97 8.76 3.22 10.63
C ALA A 97 8.01 4.40 10.06
N TRP A 98 6.70 4.42 10.29
CA TRP A 98 5.86 5.52 9.85
C TRP A 98 5.61 6.46 11.01
N PRO A 99 6.23 7.64 10.96
CA PRO A 99 6.19 8.62 12.05
C PRO A 99 4.79 9.17 12.36
N VAL A 100 4.70 10.47 12.62
CA VAL A 100 3.46 11.11 13.06
C VAL A 100 2.31 10.83 12.08
N CYS A 101 2.66 10.54 10.83
CA CYS A 101 1.67 10.28 9.79
C CYS A 101 0.85 9.03 10.12
N ALA A 102 1.47 8.06 10.79
CA ALA A 102 0.80 6.80 11.11
C ALA A 102 -0.29 7.00 12.14
N ALA A 103 0.02 7.74 13.19
CA ALA A 103 -0.96 8.00 14.25
C ALA A 103 -2.11 8.85 13.70
N ARG A 104 -1.78 9.78 12.83
CA ARG A 104 -2.77 10.62 12.18
C ARG A 104 -3.61 9.81 11.19
N ALA A 105 -3.06 8.73 10.70
CA ALA A 105 -3.72 7.89 9.71
C ALA A 105 -4.59 6.81 10.37
N GLY A 106 -4.27 6.50 11.63
CA GLY A 106 -4.98 5.47 12.34
C GLY A 106 -4.11 4.26 12.63
N ALA A 107 -3.05 4.46 13.41
CA ALA A 107 -2.11 3.41 13.77
C ALA A 107 -2.82 2.25 14.45
N ARG A 108 -2.38 1.04 14.15
CA ARG A 108 -3.10 -0.15 14.56
C ARG A 108 -2.16 -1.37 14.60
N ASN A 1 26.28 -25.05 -19.62
CA ASN A 1 25.20 -26.05 -19.71
C ASN A 1 24.62 -26.07 -21.10
N VAL A 2 24.57 -27.24 -21.71
CA VAL A 2 24.09 -27.38 -23.08
C VAL A 2 22.57 -27.62 -23.09
N VAL A 3 21.99 -27.78 -21.91
CA VAL A 3 20.57 -28.02 -21.77
C VAL A 3 19.76 -26.87 -22.37
N VAL A 4 18.88 -27.22 -23.31
CA VAL A 4 18.03 -26.25 -23.95
C VAL A 4 16.64 -26.28 -23.33
N THR A 5 15.93 -25.18 -23.41
CA THR A 5 14.59 -25.06 -22.87
C THR A 5 13.54 -25.46 -23.91
N PRO A 6 12.92 -26.64 -23.75
CA PRO A 6 11.85 -27.11 -24.64
C PRO A 6 10.60 -26.27 -24.52
N ALA A 7 10.51 -25.37 -25.43
CA ALA A 7 9.43 -24.39 -25.45
C ALA A 7 8.71 -24.41 -26.78
N HIS A 8 8.38 -25.62 -27.19
CA HIS A 8 7.53 -25.82 -28.35
C HIS A 8 6.08 -25.75 -27.90
N GLU A 9 5.90 -25.68 -26.59
CA GLU A 9 4.59 -25.63 -25.98
C GLU A 9 4.43 -24.34 -25.20
N ALA A 10 3.20 -23.96 -24.95
CA ALA A 10 2.91 -22.78 -24.15
C ALA A 10 1.75 -23.02 -23.22
N VAL A 11 1.96 -23.94 -22.30
CA VAL A 11 0.98 -24.26 -21.29
C VAL A 11 1.41 -23.67 -19.95
N VAL A 12 2.45 -24.28 -19.36
CA VAL A 12 3.08 -23.86 -18.12
C VAL A 12 2.14 -23.11 -17.19
N ARG A 13 1.32 -23.87 -16.52
CA ARG A 13 0.33 -23.31 -15.62
C ARG A 13 0.89 -23.24 -14.21
N VAL A 14 1.40 -22.09 -13.91
CA VAL A 14 1.98 -21.77 -12.63
C VAL A 14 1.29 -20.55 -12.08
N GLY A 15 1.45 -20.33 -10.82
CA GLY A 15 0.77 -19.26 -10.15
C GLY A 15 -0.57 -19.71 -9.64
N THR A 16 -0.54 -20.40 -8.52
CA THR A 16 -1.72 -21.01 -7.96
C THR A 16 -2.74 -19.96 -7.57
N LYS A 17 -2.24 -18.84 -7.08
CA LYS A 17 -3.07 -17.71 -6.71
C LYS A 17 -2.64 -16.48 -7.48
N PRO A 18 -3.37 -16.14 -8.57
CA PRO A 18 -3.06 -14.99 -9.40
C PRO A 18 -3.41 -13.68 -8.74
N GLY A 19 -2.89 -12.63 -9.34
CA GLY A 19 -3.08 -11.30 -8.81
C GLY A 19 -4.16 -10.59 -9.57
N THR A 20 -5.15 -11.36 -9.97
CA THR A 20 -6.27 -10.87 -10.75
C THR A 20 -7.06 -9.81 -9.99
N GLU A 21 -7.40 -10.12 -8.75
CA GLU A 21 -8.17 -9.20 -7.93
C GLU A 21 -7.54 -9.05 -6.56
N VAL A 22 -7.05 -7.87 -6.26
CA VAL A 22 -6.54 -7.56 -4.94
C VAL A 22 -7.68 -7.10 -4.04
N PRO A 23 -8.03 -7.90 -3.02
CA PRO A 23 -9.10 -7.57 -2.08
C PRO A 23 -8.89 -6.20 -1.44
N PRO A 24 -9.94 -5.37 -1.42
CA PRO A 24 -9.87 -4.00 -0.91
C PRO A 24 -9.33 -3.95 0.50
N VAL A 25 -8.50 -2.97 0.74
CA VAL A 25 -7.82 -2.82 2.01
C VAL A 25 -8.64 -1.96 2.97
N ILE A 26 -8.85 -2.48 4.16
CA ILE A 26 -9.63 -1.80 5.19
C ILE A 26 -8.81 -0.69 5.85
N ASP A 27 -7.50 -0.83 5.82
CA ASP A 27 -6.61 0.12 6.46
C ASP A 27 -5.85 0.89 5.40
N GLY A 28 -6.36 0.84 4.19
CA GLY A 28 -5.77 1.59 3.12
C GLY A 28 -6.01 3.05 3.31
N SER A 29 -6.83 3.35 4.31
CA SER A 29 -7.09 4.71 4.72
C SER A 29 -5.88 5.23 5.47
N ILE A 30 -5.31 4.36 6.29
CA ILE A 30 -4.12 4.67 7.05
C ILE A 30 -2.98 4.83 6.08
N TRP A 31 -2.99 3.96 5.09
CA TRP A 31 -1.95 3.91 4.09
C TRP A 31 -2.04 5.12 3.18
N ASP A 32 -3.26 5.53 2.87
CA ASP A 32 -3.48 6.67 2.01
C ASP A 32 -3.30 7.99 2.76
N ALA A 33 -3.66 8.01 4.04
CA ALA A 33 -3.45 9.20 4.85
C ALA A 33 -1.96 9.42 5.07
N ILE A 34 -1.21 8.33 5.17
CA ILE A 34 0.24 8.40 5.20
C ILE A 34 0.75 9.04 3.91
N ALA A 35 0.21 8.59 2.78
CA ALA A 35 0.56 9.15 1.48
C ALA A 35 0.22 10.62 1.43
N GLY A 36 -0.88 10.97 2.05
CA GLY A 36 -1.32 12.36 2.09
C GLY A 36 -0.45 13.18 3.01
N CYS A 37 0.26 12.48 3.87
CA CYS A 37 1.11 13.11 4.86
C CYS A 37 2.41 13.60 4.24
N GLU A 38 3.28 12.68 3.87
CA GLU A 38 4.62 13.07 3.42
C GLU A 38 4.65 13.30 1.92
N ALA A 39 3.85 12.53 1.21
CA ALA A 39 3.83 12.62 -0.23
C ALA A 39 2.92 13.74 -0.71
N GLY A 40 2.06 14.21 0.20
CA GLY A 40 1.10 15.23 -0.17
C GLY A 40 -0.01 14.62 -0.97
N GLY A 41 -0.04 13.30 -0.94
CA GLY A 41 -0.96 12.54 -1.73
C GLY A 41 -0.40 12.23 -3.09
N ASN A 42 0.69 11.47 -3.11
CA ASN A 42 1.37 11.12 -4.35
C ASN A 42 1.96 9.73 -4.23
N TRP A 43 1.31 8.78 -4.85
CA TRP A 43 1.79 7.40 -4.86
C TRP A 43 2.80 7.21 -5.97
N ALA A 44 2.94 8.24 -6.78
CA ALA A 44 3.89 8.23 -7.89
C ALA A 44 5.06 9.19 -7.63
N ILE A 45 5.20 9.64 -6.39
CA ILE A 45 6.24 10.57 -6.03
C ILE A 45 7.53 9.83 -5.66
N ASN A 46 8.66 10.41 -6.02
CA ASN A 46 9.95 9.84 -5.65
C ASN A 46 11.04 10.89 -5.77
N THR A 47 11.61 11.26 -4.64
CA THR A 47 12.59 12.33 -4.61
C THR A 47 13.98 11.83 -4.98
N GLY A 48 14.17 10.52 -4.88
CA GLY A 48 15.47 9.95 -5.11
C GLY A 48 16.15 9.61 -3.80
N ASN A 49 15.34 9.39 -2.77
CA ASN A 49 15.85 9.08 -1.44
C ASN A 49 15.89 7.57 -1.22
N GLY A 50 15.42 6.84 -2.22
CA GLY A 50 15.42 5.39 -2.16
C GLY A 50 14.08 4.85 -1.71
N TYR A 51 13.26 5.74 -1.17
CA TYR A 51 11.89 5.42 -0.79
C TYR A 51 10.97 5.90 -1.88
N TYR A 52 9.99 5.09 -2.22
CA TYR A 52 9.16 5.39 -3.36
C TYR A 52 7.77 5.83 -2.94
N GLY A 53 7.00 6.32 -3.91
CA GLY A 53 5.78 7.04 -3.63
C GLY A 53 4.70 6.24 -2.94
N GLY A 54 3.69 6.95 -2.50
CA GLY A 54 2.56 6.34 -1.85
C GLY A 54 2.79 6.12 -0.38
N VAL A 55 3.29 4.94 -0.04
CA VAL A 55 3.52 4.58 1.34
C VAL A 55 4.93 4.94 1.79
N GLN A 56 5.70 5.47 0.85
CA GLN A 56 6.96 6.18 1.14
C GLN A 56 7.97 5.35 1.89
N PHE A 57 8.21 4.12 1.48
CA PHE A 57 9.26 3.34 2.12
C PHE A 57 10.27 2.84 1.10
N ASP A 58 11.45 2.54 1.61
CA ASP A 58 12.63 2.28 0.79
C ASP A 58 12.47 1.04 -0.06
N GLN A 59 13.03 1.12 -1.26
CA GLN A 59 13.04 0.06 -2.24
C GLN A 59 13.54 -1.24 -1.65
N GLY A 60 14.52 -1.14 -0.76
CA GLY A 60 15.08 -2.31 -0.12
C GLY A 60 14.08 -2.97 0.80
N THR A 61 13.35 -2.15 1.54
CA THR A 61 12.30 -2.63 2.42
C THR A 61 11.11 -3.11 1.60
N TRP A 62 10.80 -2.39 0.53
CA TRP A 62 9.79 -2.81 -0.43
C TRP A 62 10.14 -4.20 -0.94
N GLU A 63 11.40 -4.35 -1.31
CA GLU A 63 11.91 -5.62 -1.78
C GLU A 63 11.87 -6.66 -0.67
N ALA A 64 12.07 -6.21 0.57
CA ALA A 64 12.14 -7.11 1.71
C ALA A 64 10.81 -7.81 1.96
N ASN A 65 9.70 -7.08 1.85
CA ASN A 65 8.38 -7.69 1.93
C ASN A 65 8.08 -8.46 0.64
N GLY A 66 8.82 -8.11 -0.41
CA GLY A 66 8.65 -8.77 -1.69
C GLY A 66 7.70 -8.02 -2.60
N GLY A 67 7.91 -6.71 -2.70
CA GLY A 67 6.98 -5.87 -3.41
C GLY A 67 7.16 -5.93 -4.90
N LEU A 68 8.31 -6.42 -5.35
CA LEU A 68 8.65 -6.40 -6.76
C LEU A 68 7.67 -7.20 -7.61
N ARG A 69 6.99 -8.15 -6.99
CA ARG A 69 5.96 -8.92 -7.67
C ARG A 69 4.74 -8.04 -7.95
N TYR A 70 4.52 -7.05 -7.08
CA TYR A 70 3.45 -6.10 -7.29
C TYR A 70 3.94 -5.10 -8.29
N ALA A 71 5.24 -4.87 -8.21
CA ALA A 71 5.99 -3.95 -9.05
C ALA A 71 7.31 -3.67 -8.35
N PRO A 72 8.44 -3.84 -9.04
CA PRO A 72 9.77 -3.65 -8.45
C PRO A 72 9.98 -2.27 -7.84
N ARG A 73 9.01 -1.40 -8.01
CA ARG A 73 9.04 -0.08 -7.41
C ARG A 73 7.62 0.32 -7.03
N ALA A 74 7.50 0.95 -5.87
CA ALA A 74 6.21 1.34 -5.33
C ALA A 74 5.44 2.23 -6.28
N ASP A 75 6.17 3.09 -6.99
CA ASP A 75 5.53 4.10 -7.82
C ASP A 75 5.16 3.54 -9.19
N LEU A 76 5.41 2.25 -9.37
CA LEU A 76 4.93 1.53 -10.55
C LEU A 76 3.67 0.80 -10.18
N ALA A 77 3.63 0.35 -8.93
CA ALA A 77 2.46 -0.30 -8.37
C ALA A 77 1.44 0.74 -7.95
N THR A 78 0.23 0.31 -7.74
CA THR A 78 -0.83 1.22 -7.33
C THR A 78 -1.07 1.10 -5.83
N ARG A 79 -2.00 1.90 -5.31
CA ARG A 79 -2.28 1.98 -3.88
C ARG A 79 -2.41 0.59 -3.28
N GLU A 80 -3.19 -0.25 -3.93
CA GLU A 80 -3.45 -1.59 -3.45
C GLU A 80 -2.18 -2.45 -3.35
N GLU A 81 -1.28 -2.37 -4.33
CA GLU A 81 0.02 -3.04 -4.23
C GLU A 81 0.88 -2.43 -3.13
N GLN A 82 1.01 -1.10 -3.15
CA GLN A 82 1.84 -0.40 -2.18
C GLN A 82 1.39 -0.70 -0.77
N ILE A 83 0.07 -0.74 -0.60
CA ILE A 83 -0.54 -1.04 0.66
C ILE A 83 -0.16 -2.45 1.10
N ALA A 84 -0.24 -3.41 0.19
CA ALA A 84 0.04 -4.80 0.50
C ALA A 84 1.49 -4.99 0.97
N VAL A 85 2.41 -4.37 0.26
CA VAL A 85 3.83 -4.46 0.62
C VAL A 85 4.12 -3.76 1.95
N ALA A 86 3.63 -2.53 2.09
CA ALA A 86 3.82 -1.78 3.31
C ALA A 86 3.10 -2.44 4.47
N GLU A 87 2.00 -3.11 4.16
CA GLU A 87 1.19 -3.74 5.20
C GLU A 87 1.91 -4.98 5.77
N VAL A 88 2.75 -5.61 4.96
CA VAL A 88 3.68 -6.61 5.51
C VAL A 88 4.60 -5.92 6.50
N THR A 89 5.03 -4.72 6.14
CA THR A 89 5.94 -3.96 6.98
C THR A 89 5.25 -3.52 8.28
N ARG A 90 4.01 -3.06 8.16
CA ARG A 90 3.24 -2.51 9.30
C ARG A 90 3.07 -3.56 10.40
N LEU A 91 2.94 -4.80 9.99
CA LEU A 91 2.64 -5.88 10.92
C LEU A 91 3.87 -6.21 11.76
N ARG A 92 5.03 -5.86 11.24
CA ARG A 92 6.29 -6.19 11.91
C ARG A 92 6.63 -5.12 12.92
N GLN A 93 6.60 -3.87 12.47
CA GLN A 93 7.11 -2.78 13.29
C GLN A 93 6.00 -2.03 14.05
N GLY A 94 4.78 -2.05 13.53
CA GLY A 94 3.66 -1.48 14.26
C GLY A 94 3.44 -0.03 13.92
N TRP A 95 3.61 0.30 12.64
CA TRP A 95 3.47 1.65 12.12
C TRP A 95 4.54 2.56 12.72
N GLY A 96 5.52 1.94 13.37
CA GLY A 96 6.63 2.69 13.94
C GLY A 96 7.57 3.24 12.87
N ALA A 97 7.64 2.54 11.74
CA ALA A 97 8.48 2.97 10.63
C ALA A 97 7.90 4.22 9.98
N TRP A 98 6.59 4.34 10.06
CA TRP A 98 5.91 5.53 9.59
C TRP A 98 5.63 6.44 10.79
N PRO A 99 6.42 7.51 10.94
CA PRO A 99 6.41 8.35 12.14
C PRO A 99 5.14 9.18 12.33
N VAL A 100 5.15 10.43 11.87
CA VAL A 100 4.03 11.33 12.11
C VAL A 100 2.84 10.90 11.29
N CYS A 101 3.13 10.29 10.16
CA CYS A 101 2.11 10.00 9.17
C CYS A 101 1.18 8.87 9.64
N ALA A 102 1.73 7.87 10.30
CA ALA A 102 0.92 6.77 10.78
C ALA A 102 0.01 7.22 11.91
N ALA A 103 0.57 8.01 12.83
CA ALA A 103 -0.21 8.54 13.94
C ALA A 103 -1.35 9.42 13.44
N ARG A 104 -1.06 10.16 12.38
CA ARG A 104 -2.05 11.00 11.73
C ARG A 104 -3.07 10.16 10.96
N ALA A 105 -2.62 9.05 10.39
CA ALA A 105 -3.46 8.21 9.54
C ALA A 105 -4.32 7.23 10.36
N GLY A 106 -3.89 6.95 11.58
CA GLY A 106 -4.61 6.01 12.42
C GLY A 106 -3.81 4.76 12.72
N ALA A 107 -2.64 4.94 13.33
CA ALA A 107 -1.76 3.85 13.69
C ALA A 107 -2.44 2.90 14.67
N ARG A 108 -2.10 1.63 14.59
CA ARG A 108 -2.78 0.61 15.36
C ARG A 108 -1.92 -0.65 15.42
N ASN A 1 19.02 -45.28 9.36
CA ASN A 1 19.57 -45.28 10.72
C ASN A 1 18.62 -44.55 11.66
N VAL A 2 18.00 -45.31 12.57
CA VAL A 2 16.96 -44.82 13.47
C VAL A 2 16.07 -43.77 12.80
N VAL A 3 15.46 -44.18 11.69
CA VAL A 3 14.64 -43.30 10.89
C VAL A 3 13.39 -42.81 11.64
N VAL A 4 13.46 -41.60 12.15
CA VAL A 4 12.33 -40.96 12.77
C VAL A 4 11.95 -39.69 12.00
N THR A 5 10.68 -39.40 12.02
CA THR A 5 10.17 -38.20 11.38
C THR A 5 9.28 -37.42 12.34
N PRO A 6 9.74 -36.20 12.73
CA PRO A 6 9.04 -35.34 13.67
C PRO A 6 7.56 -35.21 13.38
N ALA A 7 6.82 -35.83 14.23
CA ALA A 7 5.37 -35.87 14.12
C ALA A 7 4.74 -35.08 15.25
N HIS A 8 3.42 -34.90 15.15
CA HIS A 8 2.66 -34.07 16.06
C HIS A 8 3.05 -32.60 15.86
N GLU A 9 3.87 -32.38 14.84
CA GLU A 9 4.29 -31.03 14.46
C GLU A 9 3.08 -30.12 14.27
N ALA A 10 3.16 -28.92 14.82
CA ALA A 10 2.05 -27.98 14.77
C ALA A 10 2.47 -26.71 14.07
N VAL A 11 2.74 -26.85 12.80
CA VAL A 11 3.08 -25.73 11.96
C VAL A 11 1.81 -24.99 11.56
N VAL A 12 0.78 -25.78 11.25
CA VAL A 12 -0.55 -25.31 10.88
C VAL A 12 -0.53 -23.97 10.14
N ARG A 13 -0.24 -24.08 8.88
CA ARG A 13 -0.17 -22.92 8.01
C ARG A 13 -1.44 -22.85 7.17
N VAL A 14 -2.21 -21.83 7.41
CA VAL A 14 -3.44 -21.61 6.71
C VAL A 14 -3.30 -20.41 5.80
N GLY A 15 -4.18 -20.33 4.85
CA GLY A 15 -4.18 -19.25 3.91
C GLY A 15 -4.44 -19.72 2.50
N THR A 16 -5.68 -20.11 2.26
CA THR A 16 -6.10 -20.59 0.96
C THR A 16 -6.42 -19.42 0.04
N LYS A 17 -6.72 -18.30 0.67
CA LYS A 17 -7.03 -17.05 -0.02
C LYS A 17 -5.90 -16.63 -0.95
N PRO A 18 -6.14 -16.73 -2.26
CA PRO A 18 -5.19 -16.33 -3.29
C PRO A 18 -5.17 -14.83 -3.50
N GLY A 19 -4.11 -14.39 -4.12
CA GLY A 19 -3.94 -12.99 -4.43
C GLY A 19 -3.73 -12.78 -5.91
N THR A 20 -4.42 -13.59 -6.69
CA THR A 20 -4.38 -13.51 -8.14
C THR A 20 -4.90 -12.15 -8.60
N GLU A 21 -5.96 -11.70 -7.97
CA GLU A 21 -6.59 -10.44 -8.30
C GLU A 21 -6.89 -9.71 -7.02
N VAL A 22 -6.07 -8.71 -6.74
CA VAL A 22 -6.06 -8.05 -5.45
C VAL A 22 -7.29 -7.16 -5.24
N PRO A 23 -8.13 -7.52 -4.25
CA PRO A 23 -9.25 -6.70 -3.83
C PRO A 23 -8.79 -5.42 -3.15
N PRO A 24 -9.59 -4.34 -3.23
CA PRO A 24 -9.32 -3.10 -2.51
C PRO A 24 -9.16 -3.35 -1.03
N VAL A 25 -8.22 -2.66 -0.43
CA VAL A 25 -7.85 -2.89 0.95
C VAL A 25 -8.35 -1.76 1.84
N ILE A 26 -8.96 -2.15 2.95
CA ILE A 26 -9.62 -1.21 3.86
C ILE A 26 -8.61 -0.38 4.66
N ASP A 27 -7.41 -0.92 4.81
CA ASP A 27 -6.37 -0.27 5.59
C ASP A 27 -5.71 0.80 4.76
N GLY A 28 -6.11 0.83 3.52
CA GLY A 28 -5.58 1.79 2.57
C GLY A 28 -5.99 3.18 2.95
N SER A 29 -6.84 3.29 3.96
CA SER A 29 -7.25 4.57 4.48
C SER A 29 -6.13 5.17 5.33
N ILE A 30 -5.57 4.32 6.17
CA ILE A 30 -4.44 4.70 7.03
C ILE A 30 -3.22 4.89 6.16
N TRP A 31 -3.13 4.05 5.16
CA TRP A 31 -2.03 4.07 4.23
C TRP A 31 -2.10 5.30 3.34
N ASP A 32 -3.31 5.68 2.98
CA ASP A 32 -3.52 6.86 2.16
C ASP A 32 -3.36 8.12 2.98
N ALA A 33 -3.68 8.05 4.28
CA ALA A 33 -3.46 9.17 5.16
C ALA A 33 -1.96 9.40 5.33
N ILE A 34 -1.20 8.31 5.35
CA ILE A 34 0.26 8.40 5.38
C ILE A 34 0.79 8.97 4.06
N ALA A 35 0.31 8.41 2.96
CA ALA A 35 0.71 8.86 1.64
C ALA A 35 0.35 10.33 1.46
N GLY A 36 -0.82 10.69 1.93
CA GLY A 36 -1.27 12.07 1.84
C GLY A 36 -0.51 12.97 2.78
N CYS A 37 0.12 12.35 3.78
CA CYS A 37 0.85 13.07 4.80
C CYS A 37 2.28 13.40 4.34
N GLU A 38 3.07 12.36 4.10
CA GLU A 38 4.48 12.56 3.84
C GLU A 38 4.73 12.79 2.36
N ALA A 39 3.94 12.14 1.52
CA ALA A 39 4.09 12.26 0.08
C ALA A 39 3.25 13.39 -0.48
N GLY A 40 2.34 13.89 0.35
CA GLY A 40 1.46 14.96 -0.07
C GLY A 40 0.30 14.39 -0.85
N GLY A 41 0.27 13.07 -0.89
CA GLY A 41 -0.70 12.35 -1.65
C GLY A 41 -0.22 12.14 -3.07
N ASN A 42 0.89 11.44 -3.22
CA ASN A 42 1.47 11.22 -4.53
C ASN A 42 2.09 9.84 -4.56
N TRP A 43 1.35 8.88 -5.07
CA TRP A 43 1.77 7.49 -5.08
C TRP A 43 2.78 7.22 -6.19
N ALA A 44 2.88 8.16 -7.10
CA ALA A 44 3.80 8.05 -8.22
C ALA A 44 4.99 9.00 -8.06
N ILE A 45 5.16 9.54 -6.86
CA ILE A 45 6.22 10.47 -6.58
C ILE A 45 7.54 9.73 -6.40
N ASN A 46 8.62 10.34 -6.83
CA ASN A 46 9.92 9.73 -6.69
C ASN A 46 10.98 10.82 -6.56
N THR A 47 11.19 11.26 -5.33
CA THR A 47 12.14 12.32 -5.05
C THR A 47 13.58 11.87 -5.28
N GLY A 48 13.80 10.56 -5.16
CA GLY A 48 15.12 10.00 -5.36
C GLY A 48 15.79 9.71 -4.04
N ASN A 49 14.98 9.57 -3.00
CA ASN A 49 15.51 9.30 -1.66
C ASN A 49 15.82 7.81 -1.49
N GLY A 50 15.50 7.04 -2.51
CA GLY A 50 15.66 5.60 -2.47
C GLY A 50 14.37 4.95 -2.06
N TYR A 51 13.46 5.77 -1.57
CA TYR A 51 12.11 5.35 -1.25
C TYR A 51 11.21 5.83 -2.36
N TYR A 52 10.20 5.05 -2.68
CA TYR A 52 9.37 5.33 -3.83
C TYR A 52 7.99 5.81 -3.39
N GLY A 53 7.26 6.40 -4.32
CA GLY A 53 6.06 7.16 -4.01
C GLY A 53 4.98 6.41 -3.26
N GLY A 54 3.97 7.16 -2.84
CA GLY A 54 2.87 6.60 -2.09
C GLY A 54 3.12 6.68 -0.61
N VAL A 55 3.34 5.53 0.02
CA VAL A 55 3.66 5.49 1.44
C VAL A 55 5.16 5.73 1.65
N GLN A 56 5.84 5.87 0.52
CA GLN A 56 7.22 6.32 0.42
C GLN A 56 8.19 5.59 1.35
N PHE A 57 8.19 4.26 1.30
CA PHE A 57 9.22 3.55 2.02
C PHE A 57 10.25 2.98 1.04
N ASP A 58 11.43 2.71 1.57
CA ASP A 58 12.59 2.40 0.76
C ASP A 58 12.42 1.11 -0.03
N GLN A 59 12.98 1.11 -1.23
CA GLN A 59 12.89 -0.01 -2.15
C GLN A 59 13.59 -1.24 -1.59
N GLY A 60 14.60 -1.02 -0.78
CA GLY A 60 15.26 -2.14 -0.11
C GLY A 60 14.30 -2.81 0.86
N THR A 61 13.59 -1.99 1.61
CA THR A 61 12.56 -2.47 2.52
C THR A 61 11.34 -2.98 1.76
N TRP A 62 10.97 -2.27 0.71
CA TRP A 62 9.93 -2.69 -0.20
C TRP A 62 10.25 -4.09 -0.73
N GLU A 63 11.48 -4.26 -1.14
CA GLU A 63 11.96 -5.51 -1.67
C GLU A 63 12.00 -6.58 -0.58
N ALA A 64 12.32 -6.16 0.64
CA ALA A 64 12.42 -7.07 1.77
C ALA A 64 11.07 -7.68 2.10
N ASN A 65 10.03 -6.87 2.03
CA ASN A 65 8.67 -7.34 2.26
C ASN A 65 8.10 -7.99 1.00
N GLY A 66 8.83 -7.89 -0.10
CA GLY A 66 8.46 -8.58 -1.33
C GLY A 66 7.50 -7.78 -2.19
N GLY A 67 7.79 -6.49 -2.35
CA GLY A 67 6.91 -5.61 -3.07
C GLY A 67 7.04 -5.75 -4.57
N LEU A 68 8.19 -6.24 -5.02
CA LEU A 68 8.52 -6.27 -6.44
C LEU A 68 7.51 -7.09 -7.24
N ARG A 69 6.83 -8.00 -6.58
CA ARG A 69 5.85 -8.83 -7.24
C ARG A 69 4.61 -8.00 -7.57
N TYR A 70 4.39 -6.95 -6.78
CA TYR A 70 3.33 -6.02 -7.06
C TYR A 70 3.85 -5.03 -8.07
N ALA A 71 5.14 -4.78 -7.90
CA ALA A 71 5.91 -3.85 -8.73
C ALA A 71 7.25 -3.59 -8.06
N PRO A 72 8.37 -3.70 -8.78
CA PRO A 72 9.72 -3.45 -8.23
C PRO A 72 9.97 -1.99 -7.86
N ARG A 73 8.92 -1.29 -7.50
CA ARG A 73 8.98 0.10 -7.08
C ARG A 73 7.59 0.54 -6.65
N ALA A 74 7.54 1.33 -5.58
CA ALA A 74 6.28 1.74 -4.99
C ALA A 74 5.49 2.65 -5.92
N ASP A 75 6.19 3.38 -6.79
CA ASP A 75 5.54 4.35 -7.63
C ASP A 75 5.01 3.73 -8.91
N LEU A 76 5.30 2.45 -9.11
CA LEU A 76 4.69 1.70 -10.19
C LEU A 76 3.52 0.91 -9.65
N ALA A 77 3.61 0.57 -8.38
CA ALA A 77 2.54 -0.10 -7.67
C ALA A 77 1.46 0.91 -7.30
N THR A 78 0.24 0.44 -7.27
CA THR A 78 -0.89 1.29 -6.95
C THR A 78 -1.16 1.24 -5.46
N ARG A 79 -2.23 1.91 -5.02
CA ARG A 79 -2.57 1.96 -3.60
C ARG A 79 -2.65 0.56 -3.02
N GLU A 80 -3.46 -0.26 -3.65
CA GLU A 80 -3.72 -1.62 -3.18
C GLU A 80 -2.42 -2.42 -3.08
N GLU A 81 -1.52 -2.22 -4.03
CA GLU A 81 -0.21 -2.84 -4.00
C GLU A 81 0.65 -2.31 -2.87
N GLN A 82 0.75 -0.98 -2.77
CA GLN A 82 1.58 -0.38 -1.74
C GLN A 82 1.08 -0.75 -0.37
N ILE A 83 -0.23 -0.88 -0.24
CA ILE A 83 -0.82 -1.37 0.97
C ILE A 83 -0.32 -2.78 1.29
N ALA A 84 -0.31 -3.68 0.30
CA ALA A 84 0.01 -5.08 0.55
C ALA A 84 1.43 -5.26 1.10
N VAL A 85 2.38 -4.56 0.49
CA VAL A 85 3.76 -4.63 0.90
C VAL A 85 3.97 -3.94 2.25
N ALA A 86 3.36 -2.77 2.40
CA ALA A 86 3.36 -2.05 3.66
C ALA A 86 2.69 -2.89 4.73
N GLU A 87 1.77 -3.73 4.29
CA GLU A 87 1.05 -4.62 5.20
C GLU A 87 2.02 -5.55 5.89
N VAL A 88 2.97 -6.11 5.13
CA VAL A 88 3.99 -6.94 5.72
C VAL A 88 4.82 -6.14 6.71
N THR A 89 5.21 -4.95 6.31
CA THR A 89 6.08 -4.12 7.11
C THR A 89 5.38 -3.65 8.38
N ARG A 90 4.15 -3.17 8.23
CA ARG A 90 3.39 -2.64 9.34
C ARG A 90 3.13 -3.71 10.39
N LEU A 91 2.96 -4.95 9.95
CA LEU A 91 2.54 -6.02 10.85
C LEU A 91 3.68 -6.44 11.75
N ARG A 92 4.90 -6.20 11.32
CA ARG A 92 6.06 -6.58 12.09
C ARG A 92 6.33 -5.54 13.15
N GLN A 93 6.29 -4.28 12.71
CA GLN A 93 6.77 -3.19 13.53
C GLN A 93 5.66 -2.36 14.18
N GLY A 94 4.49 -2.31 13.55
CA GLY A 94 3.35 -1.61 14.14
C GLY A 94 3.27 -0.16 13.71
N TRP A 95 3.56 0.09 12.43
CA TRP A 95 3.54 1.43 11.85
C TRP A 95 4.69 2.25 12.40
N GLY A 96 5.58 1.56 13.11
CA GLY A 96 6.72 2.22 13.72
C GLY A 96 7.63 2.91 12.72
N ALA A 97 7.88 2.28 11.58
CA ALA A 97 8.74 2.86 10.55
C ALA A 97 8.05 4.06 9.90
N TRP A 98 6.74 4.13 10.06
CA TRP A 98 5.98 5.25 9.56
C TRP A 98 5.79 6.26 10.67
N PRO A 99 6.51 7.39 10.57
CA PRO A 99 6.56 8.42 11.62
C PRO A 99 5.21 9.11 11.91
N VAL A 100 5.22 10.44 11.97
CA VAL A 100 4.04 11.21 12.35
C VAL A 100 2.84 10.88 11.46
N CYS A 101 3.12 10.44 10.25
CA CYS A 101 2.06 10.12 9.30
C CYS A 101 1.21 8.94 9.77
N ALA A 102 1.83 7.99 10.45
CA ALA A 102 1.09 6.85 11.00
C ALA A 102 0.20 7.31 12.14
N ALA A 103 0.74 8.19 12.98
CA ALA A 103 -0.04 8.75 14.08
C ALA A 103 -1.21 9.55 13.55
N ARG A 104 -0.96 10.28 12.47
CA ARG A 104 -2.00 11.08 11.83
C ARG A 104 -3.02 10.20 11.10
N ALA A 105 -2.55 9.06 10.61
CA ALA A 105 -3.41 8.15 9.85
C ALA A 105 -4.26 7.29 10.77
N GLY A 106 -3.81 7.11 12.00
CA GLY A 106 -4.51 6.25 12.94
C GLY A 106 -3.90 4.85 13.00
N ALA A 107 -2.62 4.79 13.37
CA ALA A 107 -1.86 3.53 13.42
C ALA A 107 -2.50 2.52 14.36
N ARG A 108 -2.36 1.24 14.01
CA ARG A 108 -2.99 0.16 14.75
C ARG A 108 -2.47 -1.20 14.26
N ASN A 1 2.44 -51.82 20.69
CA ASN A 1 2.59 -50.45 21.21
C ASN A 1 1.43 -50.15 22.16
N VAL A 2 1.76 -49.64 23.34
CA VAL A 2 0.74 -49.31 24.33
C VAL A 2 0.02 -48.02 23.95
N VAL A 3 0.62 -47.26 23.04
CA VAL A 3 0.02 -46.06 22.52
C VAL A 3 -1.16 -46.38 21.62
N VAL A 4 -2.33 -45.88 21.99
CA VAL A 4 -3.54 -46.07 21.20
C VAL A 4 -3.68 -44.94 20.20
N THR A 5 -4.23 -45.26 19.05
CA THR A 5 -4.41 -44.27 17.99
C THR A 5 -5.86 -43.81 17.90
N PRO A 6 -6.12 -42.56 18.31
CA PRO A 6 -7.43 -41.95 18.21
C PRO A 6 -7.54 -41.05 16.99
N ALA A 7 -8.75 -40.69 16.66
CA ALA A 7 -9.03 -39.77 15.57
C ALA A 7 -8.91 -38.34 16.05
N HIS A 8 -7.81 -38.11 16.74
CA HIS A 8 -7.44 -36.80 17.23
C HIS A 8 -6.89 -35.97 16.08
N GLU A 9 -6.79 -36.62 14.92
CA GLU A 9 -6.26 -35.98 13.72
C GLU A 9 -7.01 -34.68 13.41
N ALA A 10 -6.24 -33.64 13.12
CA ALA A 10 -6.80 -32.34 12.80
C ALA A 10 -5.87 -31.61 11.85
N VAL A 11 -5.89 -32.06 10.60
CA VAL A 11 -5.02 -31.53 9.57
C VAL A 11 -5.46 -30.12 9.17
N VAL A 12 -6.75 -29.99 8.87
CA VAL A 12 -7.37 -28.76 8.40
C VAL A 12 -6.42 -27.92 7.54
N ARG A 13 -6.37 -28.29 6.28
CA ARG A 13 -5.50 -27.66 5.33
C ARG A 13 -6.13 -26.39 4.80
N VAL A 14 -5.45 -25.30 5.06
CA VAL A 14 -5.84 -24.01 4.55
C VAL A 14 -4.88 -23.59 3.46
N GLY A 15 -5.29 -22.62 2.70
CA GLY A 15 -4.48 -22.09 1.64
C GLY A 15 -5.32 -21.77 0.42
N THR A 16 -6.10 -20.73 0.54
CA THR A 16 -7.02 -20.33 -0.49
C THR A 16 -6.65 -18.98 -1.07
N LYS A 17 -5.99 -18.17 -0.27
CA LYS A 17 -5.64 -16.80 -0.62
C LYS A 17 -4.64 -16.77 -1.78
N PRO A 18 -5.11 -16.36 -2.96
CA PRO A 18 -4.29 -16.25 -4.15
C PRO A 18 -3.63 -14.88 -4.26
N GLY A 19 -2.77 -14.75 -5.25
CA GLY A 19 -2.12 -13.50 -5.51
C GLY A 19 -2.37 -13.00 -6.90
N THR A 20 -3.41 -13.54 -7.47
CA THR A 20 -3.87 -13.15 -8.80
C THR A 20 -4.45 -11.74 -8.75
N GLU A 21 -5.15 -11.47 -7.66
CA GLU A 21 -5.72 -10.18 -7.40
C GLU A 21 -5.41 -9.81 -5.96
N VAL A 22 -5.44 -8.54 -5.70
CA VAL A 22 -5.26 -8.06 -4.34
C VAL A 22 -6.59 -7.55 -3.81
N PRO A 23 -7.21 -8.30 -2.89
CA PRO A 23 -8.44 -7.88 -2.21
C PRO A 23 -8.26 -6.52 -1.56
N PRO A 24 -9.20 -5.59 -1.82
CA PRO A 24 -9.11 -4.23 -1.32
C PRO A 24 -8.97 -4.19 0.19
N VAL A 25 -8.13 -3.29 0.63
CA VAL A 25 -7.75 -3.20 2.03
C VAL A 25 -8.29 -1.92 2.65
N ILE A 26 -9.02 -2.08 3.73
CA ILE A 26 -9.65 -0.95 4.44
C ILE A 26 -8.58 -0.06 5.06
N ASP A 27 -7.42 -0.65 5.30
CA ASP A 27 -6.31 0.06 5.90
C ASP A 27 -5.63 0.91 4.87
N GLY A 28 -6.12 0.82 3.67
CA GLY A 28 -5.60 1.65 2.61
C GLY A 28 -5.98 3.09 2.85
N SER A 29 -6.84 3.30 3.83
CA SER A 29 -7.24 4.63 4.22
C SER A 29 -6.14 5.29 5.03
N ILE A 30 -5.64 4.55 6.01
CA ILE A 30 -4.56 4.99 6.85
C ILE A 30 -3.26 4.98 6.04
N TRP A 31 -3.16 4.01 5.14
CA TRP A 31 -2.03 3.92 4.23
C TRP A 31 -2.01 5.13 3.32
N ASP A 32 -3.20 5.58 2.92
CA ASP A 32 -3.32 6.73 2.06
C ASP A 32 -3.12 8.02 2.83
N ALA A 33 -3.51 8.04 4.11
CA ALA A 33 -3.28 9.21 4.93
C ALA A 33 -1.79 9.38 5.18
N ILE A 34 -1.07 8.26 5.29
CA ILE A 34 0.38 8.30 5.34
C ILE A 34 0.94 8.78 4.01
N ALA A 35 0.36 8.26 2.93
CA ALA A 35 0.72 8.68 1.58
C ALA A 35 0.52 10.18 1.42
N GLY A 36 -0.52 10.67 2.08
CA GLY A 36 -0.84 12.09 2.03
C GLY A 36 0.06 12.91 2.94
N CYS A 37 0.89 12.22 3.70
CA CYS A 37 1.78 12.86 4.64
C CYS A 37 3.21 12.90 4.10
N GLU A 38 3.73 11.73 3.73
CA GLU A 38 5.12 11.63 3.30
C GLU A 38 5.25 11.92 1.83
N ALA A 39 4.21 11.59 1.07
CA ALA A 39 4.24 11.81 -0.37
C ALA A 39 3.43 13.03 -0.75
N GLY A 40 2.67 13.55 0.21
CA GLY A 40 1.83 14.70 -0.06
C GLY A 40 0.61 14.26 -0.83
N GLY A 41 0.41 12.96 -0.83
CA GLY A 41 -0.66 12.35 -1.57
C GLY A 41 -0.30 12.18 -3.03
N ASN A 42 0.72 11.38 -3.28
CA ASN A 42 1.19 11.15 -4.63
C ASN A 42 1.92 9.81 -4.68
N TRP A 43 1.21 8.78 -5.11
CA TRP A 43 1.75 7.43 -5.10
C TRP A 43 2.78 7.25 -6.21
N ALA A 44 2.82 8.22 -7.09
CA ALA A 44 3.74 8.18 -8.23
C ALA A 44 4.91 9.15 -8.04
N ILE A 45 5.10 9.62 -6.81
CA ILE A 45 6.14 10.57 -6.52
C ILE A 45 7.49 9.86 -6.40
N ASN A 46 8.53 10.49 -6.88
CA ASN A 46 9.86 9.92 -6.80
C ASN A 46 10.89 11.02 -6.66
N THR A 47 11.19 11.38 -5.42
CA THR A 47 12.11 12.46 -5.13
C THR A 47 13.57 12.04 -5.34
N GLY A 48 13.79 10.73 -5.40
CA GLY A 48 15.14 10.21 -5.55
C GLY A 48 15.74 9.87 -4.22
N ASN A 49 14.87 9.65 -3.24
CA ASN A 49 15.27 9.41 -1.87
C ASN A 49 15.58 7.93 -1.63
N GLY A 50 15.20 7.10 -2.59
CA GLY A 50 15.35 5.67 -2.44
C GLY A 50 14.07 5.06 -1.92
N TYR A 51 13.16 5.94 -1.53
CA TYR A 51 11.84 5.56 -1.09
C TYR A 51 10.89 6.04 -2.16
N TYR A 52 9.83 5.31 -2.39
CA TYR A 52 9.03 5.57 -3.55
C TYR A 52 7.65 6.11 -3.22
N GLY A 53 6.98 6.60 -4.25
CA GLY A 53 5.73 7.30 -4.10
C GLY A 53 4.68 6.54 -3.34
N GLY A 54 3.74 7.27 -2.77
CA GLY A 54 2.70 6.66 -1.99
C GLY A 54 3.01 6.70 -0.52
N VAL A 55 3.30 5.55 0.06
CA VAL A 55 3.54 5.45 1.50
C VAL A 55 5.00 5.79 1.82
N GLN A 56 5.74 6.08 0.74
CA GLN A 56 7.08 6.67 0.80
C GLN A 56 8.05 5.83 1.64
N PHE A 57 8.13 4.54 1.35
CA PHE A 57 9.09 3.70 2.02
C PHE A 57 10.09 3.12 1.04
N ASP A 58 11.20 2.64 1.58
CA ASP A 58 12.40 2.39 0.80
C ASP A 58 12.32 1.13 -0.04
N GLN A 59 13.19 1.10 -1.05
CA GLN A 59 13.31 0.00 -1.97
C GLN A 59 13.61 -1.30 -1.24
N GLY A 60 14.45 -1.20 -0.22
CA GLY A 60 14.90 -2.39 0.49
C GLY A 60 13.77 -3.05 1.26
N THR A 61 13.05 -2.25 2.03
CA THR A 61 11.88 -2.73 2.77
C THR A 61 10.83 -3.27 1.81
N TRP A 62 10.61 -2.53 0.73
CA TRP A 62 9.69 -2.93 -0.30
C TRP A 62 10.09 -4.29 -0.85
N GLU A 63 11.37 -4.40 -1.17
CA GLU A 63 11.91 -5.62 -1.75
C GLU A 63 11.88 -6.77 -0.75
N ALA A 64 12.09 -6.44 0.52
CA ALA A 64 12.14 -7.44 1.57
C ALA A 64 10.79 -8.10 1.77
N ASN A 65 9.74 -7.31 1.74
CA ASN A 65 8.39 -7.83 1.85
C ASN A 65 7.95 -8.42 0.51
N GLY A 66 8.77 -8.20 -0.52
CA GLY A 66 8.54 -8.81 -1.82
C GLY A 66 7.64 -7.98 -2.70
N GLY A 67 7.89 -6.68 -2.74
CA GLY A 67 7.01 -5.77 -3.43
C GLY A 67 7.20 -5.79 -4.92
N LEU A 68 8.36 -6.26 -5.37
CA LEU A 68 8.72 -6.19 -6.78
C LEU A 68 7.74 -6.98 -7.66
N ARG A 69 7.07 -7.95 -7.07
CA ARG A 69 6.06 -8.71 -7.78
C ARG A 69 4.83 -7.84 -8.04
N TYR A 70 4.60 -6.89 -7.14
CA TYR A 70 3.53 -5.94 -7.29
C TYR A 70 3.99 -4.88 -8.27
N ALA A 71 5.29 -4.63 -8.16
CA ALA A 71 6.01 -3.64 -8.94
C ALA A 71 7.32 -3.38 -8.22
N PRO A 72 8.45 -3.48 -8.92
CA PRO A 72 9.78 -3.30 -8.31
C PRO A 72 9.97 -1.95 -7.62
N ARG A 73 8.95 -1.11 -7.68
CA ARG A 73 8.99 0.18 -7.01
C ARG A 73 7.57 0.62 -6.66
N ALA A 74 7.43 1.23 -5.50
CA ALA A 74 6.13 1.66 -4.98
C ALA A 74 5.46 2.71 -5.85
N ASP A 75 6.24 3.44 -6.65
CA ASP A 75 5.66 4.47 -7.51
C ASP A 75 5.24 3.89 -8.85
N LEU A 76 5.39 2.58 -8.98
CA LEU A 76 4.91 1.88 -10.15
C LEU A 76 3.66 1.08 -9.77
N ALA A 77 3.67 0.58 -8.54
CA ALA A 77 2.52 -0.09 -7.97
C ALA A 77 1.51 0.93 -7.48
N THR A 78 0.27 0.49 -7.36
CA THR A 78 -0.79 1.37 -6.92
C THR A 78 -1.09 1.12 -5.45
N ARG A 79 -2.15 1.74 -4.96
CA ARG A 79 -2.57 1.59 -3.57
C ARG A 79 -2.61 0.13 -3.15
N GLU A 80 -3.30 -0.68 -3.91
CA GLU A 80 -3.51 -2.08 -3.54
C GLU A 80 -2.18 -2.84 -3.34
N GLU A 81 -1.25 -2.69 -4.28
CA GLU A 81 0.06 -3.33 -4.14
C GLU A 81 0.84 -2.73 -2.98
N GLN A 82 0.93 -1.41 -2.96
CA GLN A 82 1.75 -0.71 -1.99
C GLN A 82 1.22 -0.91 -0.58
N ILE A 83 -0.09 -1.01 -0.45
CA ILE A 83 -0.71 -1.32 0.82
C ILE A 83 -0.26 -2.69 1.29
N ALA A 84 -0.28 -3.66 0.38
CA ALA A 84 0.07 -5.03 0.70
C ALA A 84 1.51 -5.14 1.20
N VAL A 85 2.42 -4.51 0.48
CA VAL A 85 3.84 -4.52 0.83
C VAL A 85 4.10 -3.79 2.15
N ALA A 86 3.59 -2.57 2.26
CA ALA A 86 3.78 -1.77 3.47
C ALA A 86 3.10 -2.43 4.65
N GLU A 87 2.02 -3.11 4.37
CA GLU A 87 1.25 -3.76 5.43
C GLU A 87 2.02 -4.97 5.99
N VAL A 88 2.87 -5.58 5.18
CA VAL A 88 3.80 -6.59 5.71
C VAL A 88 4.70 -5.92 6.73
N THR A 89 5.18 -4.75 6.37
CA THR A 89 6.06 -4.00 7.25
C THR A 89 5.34 -3.54 8.50
N ARG A 90 4.11 -3.04 8.33
CA ARG A 90 3.34 -2.49 9.43
C ARG A 90 3.09 -3.54 10.49
N LEU A 91 2.92 -4.78 10.07
CA LEU A 91 2.48 -5.84 10.97
C LEU A 91 3.63 -6.27 11.87
N ARG A 92 4.86 -6.06 11.42
CA ARG A 92 6.02 -6.47 12.16
C ARG A 92 6.34 -5.43 13.21
N GLN A 93 6.29 -4.18 12.80
CA GLN A 93 6.78 -3.10 13.64
C GLN A 93 5.67 -2.27 14.31
N GLY A 94 4.50 -2.21 13.67
CA GLY A 94 3.38 -1.53 14.27
C GLY A 94 3.35 -0.05 13.92
N TRP A 95 3.61 0.25 12.65
CA TRP A 95 3.59 1.62 12.14
C TRP A 95 4.74 2.40 12.76
N GLY A 96 5.67 1.68 13.38
CA GLY A 96 6.85 2.30 13.96
C GLY A 96 7.76 2.93 12.92
N ALA A 97 7.81 2.35 11.72
CA ALA A 97 8.63 2.90 10.65
C ALA A 97 7.98 4.13 10.05
N TRP A 98 6.68 4.23 10.24
CA TRP A 98 5.92 5.36 9.76
C TRP A 98 5.68 6.33 10.90
N PRO A 99 6.36 7.48 10.87
CA PRO A 99 6.35 8.47 11.95
C PRO A 99 4.97 9.07 12.23
N VAL A 100 4.94 10.38 12.47
CA VAL A 100 3.70 11.09 12.79
C VAL A 100 2.61 10.84 11.75
N CYS A 101 3.04 10.54 10.54
CA CYS A 101 2.13 10.24 9.46
C CYS A 101 1.20 9.08 9.81
N ALA A 102 1.74 8.06 10.48
CA ALA A 102 0.95 6.90 10.87
C ALA A 102 -0.03 7.27 11.97
N ALA A 103 0.45 8.02 12.95
CA ALA A 103 -0.36 8.45 14.07
C ALA A 103 -1.52 9.30 13.59
N ARG A 104 -1.23 10.21 12.68
CA ARG A 104 -2.25 11.05 12.07
C ARG A 104 -3.20 10.24 11.19
N ALA A 105 -2.67 9.19 10.56
CA ALA A 105 -3.46 8.39 9.62
C ALA A 105 -4.40 7.45 10.34
N GLY A 106 -4.05 7.06 11.56
CA GLY A 106 -4.83 6.08 12.29
C GLY A 106 -4.10 4.77 12.46
N ALA A 107 -2.95 4.82 13.12
CA ALA A 107 -2.12 3.65 13.36
C ALA A 107 -2.78 2.70 14.34
N ARG A 108 -2.52 1.41 14.17
CA ARG A 108 -3.13 0.39 14.99
C ARG A 108 -2.48 -0.97 14.72
N ASN A 1 23.76 -0.40 34.92
CA ASN A 1 23.58 0.17 33.57
C ASN A 1 22.82 1.48 33.64
N VAL A 2 23.50 2.56 33.29
CA VAL A 2 22.89 3.87 33.29
C VAL A 2 21.97 4.01 32.08
N VAL A 3 22.42 3.55 30.93
CA VAL A 3 21.62 3.55 29.74
C VAL A 3 20.60 2.41 29.77
N VAL A 4 19.33 2.77 29.82
CA VAL A 4 18.26 1.80 29.87
C VAL A 4 17.69 1.55 28.48
N THR A 5 17.23 0.33 28.25
CA THR A 5 16.65 -0.04 26.98
C THR A 5 15.19 0.40 26.91
N PRO A 6 14.86 1.35 26.01
CA PRO A 6 13.52 1.89 25.88
C PRO A 6 12.59 0.94 25.16
N ALA A 7 11.33 1.29 25.18
CA ALA A 7 10.29 0.47 24.60
C ALA A 7 9.94 0.94 23.20
N HIS A 8 10.97 1.39 22.50
CA HIS A 8 10.86 1.68 21.08
C HIS A 8 10.88 0.36 20.32
N GLU A 9 11.13 -0.71 21.07
CA GLU A 9 11.13 -2.05 20.53
C GLU A 9 9.73 -2.47 20.12
N ALA A 10 9.66 -3.43 19.23
CA ALA A 10 8.38 -3.90 18.72
C ALA A 10 8.47 -5.40 18.46
N VAL A 11 8.35 -6.15 19.54
CA VAL A 11 8.34 -7.60 19.47
C VAL A 11 7.05 -8.06 18.80
N VAL A 12 5.94 -7.99 19.57
CA VAL A 12 4.59 -8.23 19.11
C VAL A 12 4.50 -9.13 17.89
N ARG A 13 4.56 -10.41 18.16
CA ARG A 13 4.54 -11.39 17.11
C ARG A 13 3.14 -11.78 16.73
N VAL A 14 2.69 -11.20 15.64
CA VAL A 14 1.38 -11.45 15.09
C VAL A 14 1.53 -11.68 13.59
N GLY A 15 0.48 -12.19 12.99
CA GLY A 15 0.45 -12.42 11.57
C GLY A 15 -0.28 -13.68 11.23
N THR A 16 -1.58 -13.67 11.45
CA THR A 16 -2.41 -14.82 11.22
C THR A 16 -3.07 -14.76 9.86
N LYS A 17 -3.22 -13.53 9.38
CA LYS A 17 -3.90 -13.21 8.12
C LYS A 17 -3.47 -14.12 6.97
N PRO A 18 -4.41 -14.92 6.47
CA PRO A 18 -4.20 -15.78 5.31
C PRO A 18 -4.09 -14.98 4.03
N GLY A 19 -3.57 -15.64 3.03
CA GLY A 19 -3.34 -15.00 1.76
C GLY A 19 -3.86 -15.84 0.63
N THR A 20 -4.94 -16.54 0.91
CA THR A 20 -5.61 -17.36 -0.09
C THR A 20 -6.18 -16.47 -1.19
N GLU A 21 -6.96 -15.47 -0.79
CA GLU A 21 -7.46 -14.45 -1.68
C GLU A 21 -7.52 -13.15 -0.93
N VAL A 22 -6.61 -12.25 -1.27
CA VAL A 22 -6.49 -10.99 -0.58
C VAL A 22 -7.32 -9.89 -1.25
N PRO A 23 -8.39 -9.46 -0.58
CA PRO A 23 -9.24 -8.36 -1.03
C PRO A 23 -8.48 -7.05 -1.11
N PRO A 24 -8.93 -6.10 -1.96
CA PRO A 24 -8.39 -4.76 -1.99
C PRO A 24 -8.40 -4.17 -0.60
N VAL A 25 -7.35 -3.45 -0.28
CA VAL A 25 -7.04 -3.15 1.09
C VAL A 25 -7.87 -1.99 1.67
N ILE A 26 -8.52 -2.30 2.77
CA ILE A 26 -9.39 -1.37 3.47
C ILE A 26 -8.57 -0.43 4.36
N ASP A 27 -7.40 -0.91 4.78
CA ASP A 27 -6.55 -0.15 5.68
C ASP A 27 -5.70 0.80 4.87
N GLY A 28 -5.94 0.77 3.58
CA GLY A 28 -5.28 1.66 2.66
C GLY A 28 -5.70 3.08 2.91
N SER A 29 -6.66 3.25 3.81
CA SER A 29 -7.08 4.56 4.25
C SER A 29 -6.07 5.14 5.23
N ILE A 30 -5.56 4.29 6.11
CA ILE A 30 -4.49 4.67 7.02
C ILE A 30 -3.26 4.95 6.18
N TRP A 31 -3.12 4.12 5.17
CA TRP A 31 -1.98 4.15 4.29
C TRP A 31 -2.03 5.37 3.39
N ASP A 32 -3.24 5.73 2.97
CA ASP A 32 -3.43 6.90 2.13
C ASP A 32 -3.24 8.17 2.93
N ALA A 33 -3.63 8.13 4.20
CA ALA A 33 -3.43 9.27 5.07
C ALA A 33 -1.95 9.47 5.33
N ILE A 34 -1.21 8.37 5.44
CA ILE A 34 0.24 8.43 5.57
C ILE A 34 0.87 8.92 4.27
N ALA A 35 0.42 8.37 3.14
CA ALA A 35 0.90 8.78 1.84
C ALA A 35 0.62 10.27 1.62
N GLY A 36 -0.49 10.73 2.17
CA GLY A 36 -0.86 12.13 2.06
C GLY A 36 -0.07 12.98 3.04
N CYS A 37 0.67 12.32 3.90
CA CYS A 37 1.45 13.00 4.92
C CYS A 37 2.89 13.21 4.44
N GLU A 38 3.56 12.12 4.10
CA GLU A 38 4.97 12.17 3.76
C GLU A 38 5.18 12.42 2.28
N ALA A 39 4.20 12.03 1.47
CA ALA A 39 4.31 12.22 0.04
C ALA A 39 3.41 13.33 -0.48
N GLY A 40 2.50 13.78 0.38
CA GLY A 40 1.55 14.81 -0.03
C GLY A 40 0.45 14.19 -0.86
N GLY A 41 0.42 12.86 -0.81
CA GLY A 41 -0.52 12.10 -1.58
C GLY A 41 -0.08 11.95 -3.02
N ASN A 42 1.08 11.33 -3.21
CA ASN A 42 1.64 11.17 -4.55
C ASN A 42 2.37 9.83 -4.62
N TRP A 43 1.68 8.83 -5.14
CA TRP A 43 2.16 7.46 -5.09
C TRP A 43 3.15 7.18 -6.22
N ALA A 44 3.35 8.20 -7.03
CA ALA A 44 4.29 8.11 -8.14
C ALA A 44 5.48 9.05 -7.93
N ILE A 45 5.60 9.61 -6.73
CA ILE A 45 6.62 10.57 -6.44
C ILE A 45 7.99 9.90 -6.33
N ASN A 46 9.00 10.57 -6.80
CA ASN A 46 10.36 10.05 -6.71
C ASN A 46 11.34 11.21 -6.63
N THR A 47 11.74 11.53 -5.42
CA THR A 47 12.63 12.65 -5.18
C THR A 47 14.06 12.30 -5.59
N GLY A 48 14.31 11.00 -5.75
CA GLY A 48 15.62 10.55 -6.16
C GLY A 48 16.43 10.03 -5.00
N ASN A 49 15.77 9.83 -3.88
CA ASN A 49 16.44 9.41 -2.65
C ASN A 49 16.47 7.89 -2.52
N GLY A 50 15.96 7.21 -3.53
CA GLY A 50 15.93 5.76 -3.52
C GLY A 50 14.62 5.21 -3.00
N TYR A 51 13.73 6.11 -2.61
CA TYR A 51 12.40 5.71 -2.15
C TYR A 51 11.39 6.13 -3.20
N TYR A 52 10.21 5.55 -3.13
CA TYR A 52 9.23 5.71 -4.18
C TYR A 52 7.93 6.26 -3.65
N GLY A 53 7.06 6.65 -4.56
CA GLY A 53 5.86 7.38 -4.21
C GLY A 53 4.90 6.62 -3.35
N GLY A 54 4.06 7.37 -2.64
CA GLY A 54 3.08 6.77 -1.78
C GLY A 54 3.43 6.93 -0.31
N VAL A 55 3.77 5.83 0.35
CA VAL A 55 4.21 5.89 1.75
C VAL A 55 5.73 5.97 1.83
N GLN A 56 6.30 6.25 0.67
CA GLN A 56 7.72 6.53 0.51
C GLN A 56 8.60 5.36 0.96
N PHE A 57 8.26 4.18 0.45
CA PHE A 57 9.12 3.01 0.58
C PHE A 57 10.45 3.22 -0.07
N ASP A 58 11.52 2.86 0.61
CA ASP A 58 12.78 2.71 -0.06
C ASP A 58 12.75 1.43 -0.88
N GLN A 59 13.57 1.36 -1.91
CA GLN A 59 13.60 0.20 -2.77
C GLN A 59 13.79 -1.08 -1.96
N GLY A 60 14.62 -0.98 -0.93
CA GLY A 60 15.01 -2.14 -0.14
C GLY A 60 13.88 -2.68 0.71
N THR A 61 13.24 -1.80 1.48
CA THR A 61 12.13 -2.18 2.33
C THR A 61 10.94 -2.66 1.50
N TRP A 62 10.76 -2.05 0.34
CA TRP A 62 9.75 -2.48 -0.59
C TRP A 62 10.04 -3.90 -1.03
N GLU A 63 11.28 -4.13 -1.40
CA GLU A 63 11.72 -5.42 -1.86
C GLU A 63 11.70 -6.45 -0.72
N ALA A 64 11.99 -5.97 0.48
CA ALA A 64 12.11 -6.83 1.66
C ALA A 64 10.79 -7.52 1.99
N ASN A 65 9.70 -6.78 1.92
CA ASN A 65 8.38 -7.37 2.14
C ASN A 65 7.87 -8.03 0.86
N GLY A 66 8.56 -7.76 -0.25
CA GLY A 66 8.25 -8.44 -1.50
C GLY A 66 7.31 -7.64 -2.37
N GLY A 67 7.64 -6.38 -2.60
CA GLY A 67 6.78 -5.52 -3.35
C GLY A 67 6.90 -5.73 -4.84
N LEU A 68 8.03 -6.25 -5.28
CA LEU A 68 8.33 -6.37 -6.69
C LEU A 68 7.32 -7.21 -7.43
N ARG A 69 6.67 -8.13 -6.74
CA ARG A 69 5.63 -8.95 -7.35
C ARG A 69 4.46 -8.09 -7.75
N TYR A 70 4.23 -7.05 -6.96
CA TYR A 70 3.16 -6.13 -7.19
C TYR A 70 3.62 -5.14 -8.24
N ALA A 71 4.91 -4.86 -8.14
CA ALA A 71 5.62 -3.93 -8.99
C ALA A 71 6.93 -3.62 -8.31
N PRO A 72 8.06 -3.80 -9.01
CA PRO A 72 9.40 -3.59 -8.45
C PRO A 72 9.60 -2.20 -7.84
N ARG A 73 8.62 -1.33 -8.01
CA ARG A 73 8.66 -0.01 -7.41
C ARG A 73 7.26 0.45 -7.04
N ALA A 74 7.17 1.05 -5.86
CA ALA A 74 5.91 1.56 -5.30
C ALA A 74 5.25 2.60 -6.19
N ASP A 75 6.03 3.22 -7.06
CA ASP A 75 5.51 4.26 -7.94
C ASP A 75 4.72 3.64 -9.09
N LEU A 76 5.00 2.38 -9.37
CA LEU A 76 4.29 1.65 -10.40
C LEU A 76 3.11 0.91 -9.80
N ALA A 77 3.28 0.46 -8.56
CA ALA A 77 2.25 -0.24 -7.84
C ALA A 77 1.22 0.73 -7.30
N THR A 78 0.02 0.23 -7.10
CA THR A 78 -1.10 1.03 -6.66
C THR A 78 -1.28 0.94 -5.14
N ARG A 79 -2.35 1.54 -4.61
CA ARG A 79 -2.60 1.54 -3.17
C ARG A 79 -2.53 0.12 -2.62
N GLU A 80 -3.31 -0.77 -3.21
CA GLU A 80 -3.44 -2.14 -2.71
C GLU A 80 -2.09 -2.86 -2.72
N GLU A 81 -1.31 -2.60 -3.75
CA GLU A 81 0.01 -3.20 -3.91
C GLU A 81 1.02 -2.63 -2.95
N GLN A 82 1.13 -1.32 -2.94
CA GLN A 82 2.07 -0.63 -2.09
C GLN A 82 1.72 -0.87 -0.65
N ILE A 83 0.44 -0.97 -0.39
CA ILE A 83 -0.06 -1.24 0.92
C ILE A 83 0.26 -2.67 1.33
N ALA A 84 0.14 -3.64 0.41
CA ALA A 84 0.39 -5.03 0.77
C ALA A 84 1.81 -5.20 1.30
N VAL A 85 2.73 -4.43 0.71
CA VAL A 85 4.11 -4.41 1.16
C VAL A 85 4.21 -3.80 2.55
N ALA A 86 3.54 -2.67 2.73
CA ALA A 86 3.47 -2.01 4.01
C ALA A 86 2.78 -2.90 5.03
N GLU A 87 1.86 -3.72 4.56
CA GLU A 87 1.08 -4.61 5.41
C GLU A 87 1.99 -5.58 6.14
N VAL A 88 2.95 -6.15 5.41
CA VAL A 88 3.86 -7.11 6.03
C VAL A 88 4.67 -6.46 7.12
N THR A 89 5.29 -5.35 6.79
CA THR A 89 6.17 -4.69 7.73
C THR A 89 5.39 -3.98 8.85
N ARG A 90 4.21 -3.43 8.52
CA ARG A 90 3.40 -2.70 9.50
C ARG A 90 2.96 -3.61 10.64
N LEU A 91 2.66 -4.85 10.31
CA LEU A 91 2.08 -5.78 11.28
C LEU A 91 3.12 -6.24 12.30
N ARG A 92 4.38 -6.17 11.91
CA ARG A 92 5.47 -6.61 12.77
C ARG A 92 5.82 -5.51 13.75
N GLN A 93 5.87 -4.29 13.23
CA GLN A 93 6.38 -3.18 14.00
C GLN A 93 5.28 -2.31 14.60
N GLY A 94 4.10 -2.28 13.99
CA GLY A 94 2.96 -1.58 14.55
C GLY A 94 3.00 -0.12 14.21
N TRP A 95 3.23 0.17 12.93
CA TRP A 95 3.24 1.53 12.40
C TRP A 95 4.38 2.31 13.05
N GLY A 96 5.32 1.58 13.64
CA GLY A 96 6.46 2.20 14.28
C GLY A 96 7.37 2.89 13.29
N ALA A 97 7.53 2.29 12.11
CA ALA A 97 8.33 2.88 11.05
C ALA A 97 7.67 4.12 10.49
N TRP A 98 6.35 4.20 10.65
CA TRP A 98 5.60 5.33 10.18
C TRP A 98 5.34 6.29 11.33
N PRO A 99 6.02 7.44 11.32
CA PRO A 99 5.98 8.41 12.42
C PRO A 99 4.60 9.04 12.65
N VAL A 100 4.56 10.36 12.85
CA VAL A 100 3.33 11.07 13.18
C VAL A 100 2.24 10.82 12.12
N CYS A 101 2.67 10.47 10.92
CA CYS A 101 1.75 10.22 9.82
C CYS A 101 0.84 9.03 10.12
N ALA A 102 1.37 8.02 10.82
CA ALA A 102 0.56 6.86 11.19
C ALA A 102 -0.47 7.23 12.25
N ALA A 103 -0.05 8.05 13.21
CA ALA A 103 -0.94 8.52 14.27
C ALA A 103 -2.04 9.38 13.68
N ARG A 104 -1.69 10.14 12.65
CA ARG A 104 -2.64 10.96 11.92
C ARG A 104 -3.57 10.12 11.04
N ALA A 105 -3.14 8.91 10.74
CA ALA A 105 -3.85 8.07 9.80
C ALA A 105 -4.82 7.11 10.48
N GLY A 106 -4.59 6.85 11.77
CA GLY A 106 -5.41 5.91 12.50
C GLY A 106 -4.75 4.55 12.62
N ALA A 107 -3.66 4.50 13.37
CA ALA A 107 -2.84 3.31 13.50
C ALA A 107 -3.61 2.20 14.16
N ARG A 108 -3.24 0.95 13.82
CA ARG A 108 -3.83 -0.25 14.39
C ARG A 108 -5.28 -0.43 13.92
N ASN A 1 -50.43 -18.11 21.38
CA ASN A 1 -49.03 -17.76 21.04
C ASN A 1 -48.35 -17.09 22.22
N VAL A 2 -47.32 -17.73 22.74
CA VAL A 2 -46.57 -17.20 23.86
C VAL A 2 -45.30 -16.50 23.38
N VAL A 3 -44.71 -17.05 22.33
CA VAL A 3 -43.50 -16.52 21.76
C VAL A 3 -43.80 -15.37 20.79
N VAL A 4 -43.04 -14.28 20.93
CA VAL A 4 -43.17 -13.16 20.01
C VAL A 4 -42.29 -13.38 18.80
N THR A 5 -42.80 -13.06 17.64
CA THR A 5 -42.11 -13.34 16.39
C THR A 5 -42.05 -12.09 15.51
N PRO A 6 -40.87 -11.45 15.41
CA PRO A 6 -40.68 -10.29 14.56
C PRO A 6 -40.47 -10.67 13.11
N ALA A 7 -40.52 -9.67 12.27
CA ALA A 7 -40.38 -9.86 10.84
C ALA A 7 -39.57 -8.72 10.25
N HIS A 8 -39.51 -8.69 8.91
CA HIS A 8 -38.66 -7.76 8.17
C HIS A 8 -37.20 -8.12 8.39
N GLU A 9 -36.99 -9.25 9.06
CA GLU A 9 -35.66 -9.81 9.25
C GLU A 9 -34.92 -9.89 7.92
N ALA A 10 -33.67 -9.46 7.92
CA ALA A 10 -32.92 -9.32 6.69
C ALA A 10 -31.65 -10.13 6.73
N VAL A 11 -31.83 -11.43 6.67
CA VAL A 11 -30.73 -12.37 6.58
C VAL A 11 -29.98 -12.18 5.26
N VAL A 12 -30.77 -12.12 4.17
CA VAL A 12 -30.33 -11.76 2.86
C VAL A 12 -29.18 -10.76 2.85
N ARG A 13 -28.00 -11.32 2.75
CA ARG A 13 -26.77 -10.56 2.65
C ARG A 13 -25.97 -11.02 1.45
N VAL A 14 -25.83 -10.13 0.50
CA VAL A 14 -25.08 -10.39 -0.70
C VAL A 14 -23.67 -9.82 -0.57
N GLY A 15 -22.79 -10.33 -1.39
CA GLY A 15 -21.41 -9.90 -1.38
C GLY A 15 -20.47 -11.03 -1.68
N THR A 16 -20.06 -11.13 -2.93
CA THR A 16 -19.20 -12.20 -3.38
C THR A 16 -17.73 -11.88 -3.15
N LYS A 17 -17.41 -10.60 -3.29
CA LYS A 17 -16.04 -10.11 -3.21
C LYS A 17 -15.06 -11.03 -3.96
N PRO A 18 -15.06 -10.96 -5.31
CA PRO A 18 -14.19 -11.78 -6.13
C PRO A 18 -12.76 -11.31 -6.11
N GLY A 19 -11.89 -12.17 -6.58
CA GLY A 19 -10.47 -11.89 -6.55
C GLY A 19 -9.96 -11.38 -7.87
N THR A 20 -10.87 -10.82 -8.62
CA THR A 20 -10.56 -10.22 -9.90
C THR A 20 -9.76 -8.94 -9.67
N GLU A 21 -10.24 -8.18 -8.71
CA GLU A 21 -9.65 -6.96 -8.30
C GLU A 21 -9.52 -7.02 -6.80
N VAL A 22 -8.54 -6.34 -6.29
CA VAL A 22 -8.28 -6.34 -4.87
C VAL A 22 -9.32 -5.54 -4.12
N PRO A 23 -10.13 -6.21 -3.28
CA PRO A 23 -11.12 -5.55 -2.43
C PRO A 23 -10.48 -4.49 -1.55
N PRO A 24 -11.24 -3.44 -1.17
CA PRO A 24 -10.74 -2.36 -0.35
C PRO A 24 -10.09 -2.88 0.92
N VAL A 25 -8.98 -2.27 1.25
CA VAL A 25 -8.16 -2.71 2.37
C VAL A 25 -8.37 -1.78 3.54
N ILE A 26 -8.61 -2.37 4.70
CA ILE A 26 -8.94 -1.63 5.92
C ILE A 26 -7.77 -0.76 6.36
N ASP A 27 -6.57 -1.17 6.00
CA ASP A 27 -5.38 -0.43 6.34
C ASP A 27 -5.07 0.56 5.27
N GLY A 28 -5.75 0.38 4.16
CA GLY A 28 -5.53 1.22 3.01
C GLY A 28 -5.88 2.65 3.29
N SER A 29 -6.63 2.84 4.36
CA SER A 29 -7.02 4.16 4.79
C SER A 29 -5.85 4.84 5.48
N ILE A 30 -5.15 4.04 6.25
CA ILE A 30 -3.97 4.49 6.99
C ILE A 30 -2.88 4.75 5.98
N TRP A 31 -2.82 3.88 5.00
CA TRP A 31 -1.80 3.93 3.98
C TRP A 31 -2.00 5.14 3.09
N ASP A 32 -3.24 5.47 2.81
CA ASP A 32 -3.57 6.61 1.99
C ASP A 32 -3.39 7.91 2.77
N ALA A 33 -3.65 7.87 4.07
CA ALA A 33 -3.44 9.03 4.91
C ALA A 33 -1.95 9.30 5.09
N ILE A 34 -1.16 8.23 5.20
CA ILE A 34 0.29 8.37 5.27
C ILE A 34 0.83 8.88 3.95
N ALA A 35 0.29 8.34 2.86
CA ALA A 35 0.63 8.80 1.53
C ALA A 35 0.36 10.28 1.38
N GLY A 36 -0.72 10.72 2.00
CA GLY A 36 -1.12 12.12 1.95
C GLY A 36 -0.29 12.96 2.90
N CYS A 37 0.55 12.28 3.67
CA CYS A 37 1.39 12.94 4.66
C CYS A 37 2.78 13.22 4.11
N GLU A 38 3.49 12.15 3.74
CA GLU A 38 4.88 12.28 3.34
C GLU A 38 5.01 12.55 1.86
N ALA A 39 4.11 11.98 1.08
CA ALA A 39 4.18 12.12 -0.37
C ALA A 39 3.31 13.27 -0.86
N GLY A 40 2.43 13.74 0.00
CA GLY A 40 1.49 14.77 -0.40
C GLY A 40 0.37 14.15 -1.21
N GLY A 41 0.23 12.85 -1.01
CA GLY A 41 -0.73 12.06 -1.74
C GLY A 41 -0.35 11.90 -3.19
N ASN A 42 0.84 11.36 -3.42
CA ASN A 42 1.35 11.20 -4.77
C ASN A 42 2.09 9.87 -4.85
N TRP A 43 1.34 8.82 -5.16
CA TRP A 43 1.86 7.47 -5.14
C TRP A 43 2.85 7.24 -6.28
N ALA A 44 2.86 8.16 -7.23
CA ALA A 44 3.73 8.05 -8.40
C ALA A 44 4.96 8.95 -8.28
N ILE A 45 5.21 9.45 -7.08
CA ILE A 45 6.33 10.35 -6.84
C ILE A 45 7.61 9.55 -6.66
N ASN A 46 8.72 10.08 -7.14
CA ASN A 46 10.01 9.43 -6.99
C ASN A 46 11.12 10.45 -7.14
N THR A 47 11.52 11.03 -6.01
CA THR A 47 12.57 12.03 -6.00
C THR A 47 13.94 11.38 -6.13
N GLY A 48 14.01 10.12 -5.74
CA GLY A 48 15.25 9.39 -5.81
C GLY A 48 15.93 9.34 -4.45
N ASN A 49 15.13 9.48 -3.40
CA ASN A 49 15.67 9.44 -2.04
C ASN A 49 15.78 8.00 -1.52
N GLY A 50 15.49 7.05 -2.39
CA GLY A 50 15.57 5.65 -2.03
C GLY A 50 14.23 5.10 -1.62
N TYR A 51 13.27 6.01 -1.45
CA TYR A 51 11.93 5.63 -1.07
C TYR A 51 11.02 6.06 -2.20
N TYR A 52 9.88 5.45 -2.33
CA TYR A 52 9.07 5.67 -3.50
C TYR A 52 7.69 6.22 -3.16
N GLY A 53 7.04 6.72 -4.18
CA GLY A 53 5.81 7.48 -4.00
C GLY A 53 4.72 6.74 -3.29
N GLY A 54 3.80 7.50 -2.73
CA GLY A 54 2.72 6.92 -1.99
C GLY A 54 2.97 6.96 -0.50
N VAL A 55 3.23 5.80 0.08
CA VAL A 55 3.43 5.70 1.52
C VAL A 55 4.90 6.02 1.85
N GLN A 56 5.67 6.27 0.80
CA GLN A 56 6.99 6.86 0.88
C GLN A 56 7.95 6.05 1.74
N PHE A 57 8.05 4.76 1.48
CA PHE A 57 9.01 3.93 2.19
C PHE A 57 10.03 3.34 1.22
N ASP A 58 11.13 2.87 1.78
CA ASP A 58 12.34 2.60 1.00
C ASP A 58 12.27 1.30 0.21
N GLN A 59 13.18 1.22 -0.75
CA GLN A 59 13.31 0.09 -1.64
C GLN A 59 13.62 -1.19 -0.87
N GLY A 60 14.47 -1.09 0.13
CA GLY A 60 14.90 -2.26 0.88
C GLY A 60 13.75 -2.88 1.65
N THR A 61 12.98 -2.02 2.30
CA THR A 61 11.80 -2.45 3.03
C THR A 61 10.72 -2.97 2.08
N TRP A 62 10.52 -2.25 0.98
CA TRP A 62 9.59 -2.66 -0.06
C TRP A 62 9.98 -4.04 -0.57
N GLU A 63 11.25 -4.19 -0.87
CA GLU A 63 11.79 -5.42 -1.41
C GLU A 63 11.70 -6.55 -0.38
N ALA A 64 11.85 -6.18 0.89
CA ALA A 64 11.87 -7.15 1.98
C ALA A 64 10.50 -7.80 2.13
N ASN A 65 9.45 -7.00 2.05
CA ASN A 65 8.09 -7.52 2.09
C ASN A 65 7.72 -8.19 0.77
N GLY A 66 8.54 -7.94 -0.25
CA GLY A 66 8.36 -8.58 -1.53
C GLY A 66 7.49 -7.74 -2.45
N GLY A 67 7.78 -6.46 -2.54
CA GLY A 67 6.93 -5.55 -3.25
C GLY A 67 7.14 -5.60 -4.74
N LEU A 68 8.31 -6.08 -5.15
CA LEU A 68 8.71 -6.05 -6.55
C LEU A 68 7.73 -6.81 -7.45
N ARG A 69 7.09 -7.83 -6.91
CA ARG A 69 6.08 -8.57 -7.65
C ARG A 69 4.88 -7.69 -7.94
N TYR A 70 4.65 -6.73 -7.05
CA TYR A 70 3.62 -5.75 -7.22
C TYR A 70 4.12 -4.71 -8.21
N ALA A 71 5.42 -4.49 -8.06
CA ALA A 71 6.20 -3.54 -8.83
C ALA A 71 7.42 -3.23 -8.00
N PRO A 72 8.61 -3.29 -8.59
CA PRO A 72 9.87 -3.12 -7.86
C PRO A 72 9.98 -1.80 -7.09
N ARG A 73 9.00 -0.95 -7.24
CA ARG A 73 8.97 0.31 -6.51
C ARG A 73 7.55 0.81 -6.36
N ALA A 74 7.30 1.40 -5.20
CA ALA A 74 5.98 1.88 -4.79
C ALA A 74 5.37 2.88 -5.75
N ASP A 75 6.20 3.55 -6.55
CA ASP A 75 5.70 4.56 -7.49
C ASP A 75 5.30 3.92 -8.80
N LEU A 76 5.66 2.65 -8.95
CA LEU A 76 5.26 1.88 -10.10
C LEU A 76 4.06 1.01 -9.73
N ALA A 77 4.03 0.63 -8.47
CA ALA A 77 2.89 -0.07 -7.90
C ALA A 77 1.80 0.91 -7.58
N THR A 78 0.59 0.40 -7.44
CA THR A 78 -0.56 1.22 -7.18
C THR A 78 -0.93 1.18 -5.70
N ARG A 79 -1.99 1.87 -5.32
CA ARG A 79 -2.45 1.91 -3.93
C ARG A 79 -2.58 0.52 -3.36
N GLU A 80 -3.33 -0.30 -4.04
CA GLU A 80 -3.61 -1.66 -3.62
C GLU A 80 -2.31 -2.47 -3.44
N GLU A 81 -1.37 -2.27 -4.35
CA GLU A 81 -0.08 -2.94 -4.29
C GLU A 81 0.77 -2.42 -3.14
N GLN A 82 0.91 -1.11 -3.09
CA GLN A 82 1.73 -0.46 -2.09
C GLN A 82 1.17 -0.68 -0.70
N ILE A 83 -0.15 -0.74 -0.62
CA ILE A 83 -0.83 -1.06 0.62
C ILE A 83 -0.44 -2.46 1.06
N ALA A 84 -0.44 -3.40 0.14
CA ALA A 84 -0.15 -4.79 0.45
C ALA A 84 1.28 -4.96 0.96
N VAL A 85 2.22 -4.28 0.32
CA VAL A 85 3.62 -4.35 0.73
C VAL A 85 3.84 -3.69 2.08
N ALA A 86 3.31 -2.48 2.22
CA ALA A 86 3.45 -1.73 3.45
C ALA A 86 2.70 -2.41 4.58
N GLU A 87 1.61 -3.08 4.24
CA GLU A 87 0.78 -3.73 5.24
C GLU A 87 1.50 -4.93 5.83
N VAL A 88 2.38 -5.55 5.04
CA VAL A 88 3.27 -6.57 5.57
C VAL A 88 4.16 -5.94 6.64
N THR A 89 4.75 -4.80 6.30
CA THR A 89 5.68 -4.13 7.18
C THR A 89 5.01 -3.65 8.46
N ARG A 90 3.83 -3.05 8.32
CA ARG A 90 3.11 -2.48 9.46
C ARG A 90 2.81 -3.58 10.45
N LEU A 91 2.60 -4.76 9.89
CA LEU A 91 2.17 -5.92 10.64
C LEU A 91 3.29 -6.42 11.56
N ARG A 92 4.52 -6.16 11.17
CA ARG A 92 5.67 -6.65 11.89
C ARG A 92 6.11 -5.65 12.93
N GLN A 93 6.21 -4.40 12.50
CA GLN A 93 6.84 -3.37 13.31
C GLN A 93 5.82 -2.50 14.04
N GLY A 94 4.62 -2.35 13.49
CA GLY A 94 3.61 -1.56 14.14
C GLY A 94 3.69 -0.13 13.71
N TRP A 95 3.93 0.05 12.41
CA TRP A 95 3.98 1.37 11.79
C TRP A 95 5.19 2.13 12.31
N GLY A 96 6.14 1.38 12.86
CA GLY A 96 7.37 1.96 13.37
C GLY A 96 8.20 2.63 12.29
N ALA A 97 8.12 2.11 11.07
CA ALA A 97 8.82 2.70 9.95
C ALA A 97 8.11 3.97 9.49
N TRP A 98 6.84 4.07 9.86
CA TRP A 98 6.03 5.20 9.46
C TRP A 98 5.84 6.15 10.64
N PRO A 99 6.44 7.34 10.53
CA PRO A 99 6.46 8.34 11.60
C PRO A 99 5.07 8.85 12.01
N VAL A 100 4.99 10.17 12.26
CA VAL A 100 3.75 10.80 12.69
C VAL A 100 2.61 10.51 11.72
N CYS A 101 2.98 10.33 10.46
CA CYS A 101 2.03 10.05 9.41
C CYS A 101 1.17 8.82 9.73
N ALA A 102 1.76 7.83 10.37
CA ALA A 102 1.04 6.62 10.73
C ALA A 102 0.02 6.91 11.83
N ALA A 103 0.44 7.70 12.81
CA ALA A 103 -0.43 8.07 13.91
C ALA A 103 -1.56 8.96 13.42
N ARG A 104 -1.25 9.83 12.47
CA ARG A 104 -2.23 10.73 11.88
C ARG A 104 -3.18 9.97 10.95
N ALA A 105 -2.73 8.80 10.51
CA ALA A 105 -3.48 7.98 9.57
C ALA A 105 -4.39 6.99 10.30
N GLY A 106 -4.06 6.70 11.55
CA GLY A 106 -4.85 5.76 12.34
C GLY A 106 -4.17 4.41 12.47
N ALA A 107 -2.94 4.43 12.95
CA ALA A 107 -2.13 3.23 13.05
C ALA A 107 -2.68 2.25 14.08
N ARG A 108 -2.42 0.97 13.84
CA ARG A 108 -2.77 -0.10 14.76
C ARG A 108 -4.26 -0.10 15.10
N ASN A 1 -49.99 -11.37 -38.43
CA ASN A 1 -48.96 -11.92 -37.53
C ASN A 1 -49.62 -12.64 -36.37
N VAL A 2 -49.66 -13.96 -36.47
CA VAL A 2 -50.32 -14.78 -35.48
C VAL A 2 -49.30 -15.39 -34.51
N VAL A 3 -48.03 -15.36 -34.90
CA VAL A 3 -46.95 -15.86 -34.09
C VAL A 3 -46.86 -15.11 -32.77
N VAL A 4 -47.08 -15.81 -31.67
CA VAL A 4 -46.96 -15.21 -30.36
C VAL A 4 -45.50 -14.92 -30.07
N THR A 5 -45.25 -13.79 -29.43
CA THR A 5 -43.89 -13.36 -29.15
C THR A 5 -43.37 -14.03 -27.88
N PRO A 6 -42.24 -14.70 -27.99
CA PRO A 6 -41.61 -15.39 -26.88
C PRO A 6 -41.18 -14.44 -25.80
N ALA A 7 -41.57 -14.78 -24.61
CA ALA A 7 -41.28 -14.00 -23.42
C ALA A 7 -40.94 -14.91 -22.26
N HIS A 8 -40.84 -14.31 -21.07
CA HIS A 8 -40.37 -15.00 -19.87
C HIS A 8 -38.87 -15.26 -19.95
N GLU A 9 -38.31 -15.03 -21.14
CA GLU A 9 -36.89 -15.25 -21.34
C GLU A 9 -36.12 -13.96 -21.05
N ALA A 10 -35.06 -14.10 -20.30
CA ALA A 10 -34.18 -12.99 -20.01
C ALA A 10 -32.77 -13.50 -19.77
N VAL A 11 -32.18 -13.98 -20.85
CA VAL A 11 -30.84 -14.55 -20.81
C VAL A 11 -29.83 -13.47 -20.47
N VAL A 12 -29.77 -12.44 -21.34
CA VAL A 12 -28.87 -11.30 -21.20
C VAL A 12 -27.61 -11.62 -20.42
N ARG A 13 -26.73 -12.31 -21.10
CA ARG A 13 -25.50 -12.77 -20.52
C ARG A 13 -24.40 -11.75 -20.68
N VAL A 14 -24.21 -10.99 -19.64
CA VAL A 14 -23.16 -10.00 -19.60
C VAL A 14 -22.20 -10.38 -18.50
N GLY A 15 -21.00 -9.89 -18.62
CA GLY A 15 -19.99 -10.19 -17.66
C GLY A 15 -18.67 -9.55 -17.99
N THR A 16 -18.56 -8.29 -17.63
CA THR A 16 -17.32 -7.56 -17.80
C THR A 16 -16.36 -7.91 -16.68
N LYS A 17 -16.93 -7.95 -15.47
CA LYS A 17 -16.20 -8.26 -14.24
C LYS A 17 -14.76 -7.75 -14.26
N PRO A 18 -14.59 -6.42 -14.30
CA PRO A 18 -13.29 -5.80 -14.47
C PRO A 18 -12.46 -5.77 -13.20
N GLY A 19 -11.18 -5.59 -13.41
CA GLY A 19 -10.25 -5.45 -12.33
C GLY A 19 -9.46 -4.18 -12.47
N THR A 20 -10.16 -3.16 -12.93
CA THR A 20 -9.59 -1.85 -13.16
C THR A 20 -8.99 -1.28 -11.88
N GLU A 21 -9.73 -1.44 -10.79
CA GLU A 21 -9.26 -1.04 -9.47
C GLU A 21 -9.66 -2.11 -8.47
N VAL A 22 -8.69 -2.64 -7.75
CA VAL A 22 -8.96 -3.61 -6.71
C VAL A 22 -9.60 -2.91 -5.53
N PRO A 23 -10.73 -3.44 -5.02
CA PRO A 23 -11.45 -2.82 -3.90
C PRO A 23 -10.54 -2.55 -2.73
N PRO A 24 -10.56 -1.29 -2.24
CA PRO A 24 -9.65 -0.82 -1.22
C PRO A 24 -9.65 -1.65 0.05
N VAL A 25 -8.46 -1.80 0.57
CA VAL A 25 -8.25 -2.47 1.84
C VAL A 25 -8.58 -1.47 2.93
N ILE A 26 -9.25 -1.96 3.97
CA ILE A 26 -9.82 -1.09 5.00
C ILE A 26 -8.74 -0.33 5.76
N ASP A 27 -7.54 -0.87 5.79
CA ASP A 27 -6.45 -0.23 6.49
C ASP A 27 -5.67 0.60 5.51
N GLY A 28 -6.13 0.55 4.28
CA GLY A 28 -5.59 1.37 3.23
C GLY A 28 -5.98 2.81 3.42
N SER A 29 -6.79 3.02 4.45
CA SER A 29 -7.16 4.37 4.85
C SER A 29 -6.00 5.00 5.59
N ILE A 30 -5.32 4.17 6.36
CA ILE A 30 -4.12 4.58 7.07
C ILE A 30 -3.04 4.77 6.04
N TRP A 31 -3.07 3.89 5.06
CA TRP A 31 -2.09 3.86 3.99
C TRP A 31 -2.26 5.06 3.07
N ASP A 32 -3.50 5.45 2.85
CA ASP A 32 -3.80 6.57 2.00
C ASP A 32 -3.53 7.88 2.74
N ALA A 33 -3.81 7.91 4.04
CA ALA A 33 -3.52 9.09 4.83
C ALA A 33 -2.01 9.26 5.01
N ILE A 34 -1.30 8.16 5.16
CA ILE A 34 0.17 8.19 5.21
C ILE A 34 0.72 8.68 3.88
N ALA A 35 0.15 8.17 2.80
CA ALA A 35 0.53 8.60 1.46
C ALA A 35 0.33 10.10 1.32
N GLY A 36 -0.76 10.58 1.91
CA GLY A 36 -1.07 11.99 1.84
C GLY A 36 -0.15 12.82 2.73
N CYS A 37 0.51 12.14 3.64
CA CYS A 37 1.41 12.80 4.58
C CYS A 37 2.83 12.89 4.02
N GLU A 38 3.43 11.74 3.73
CA GLU A 38 4.83 11.70 3.41
C GLU A 38 5.04 11.91 1.91
N ALA A 39 4.10 11.42 1.12
CA ALA A 39 4.24 11.49 -0.32
C ALA A 39 3.49 12.70 -0.89
N GLY A 40 2.73 13.38 -0.04
CA GLY A 40 1.95 14.50 -0.49
C GLY A 40 0.73 14.01 -1.23
N GLY A 41 0.44 12.74 -1.01
CA GLY A 41 -0.65 12.08 -1.66
C GLY A 41 -0.36 11.80 -3.12
N ASN A 42 0.75 11.12 -3.37
CA ASN A 42 1.19 10.85 -4.72
C ASN A 42 1.91 9.51 -4.74
N TRP A 43 1.25 8.52 -5.27
CA TRP A 43 1.77 7.17 -5.22
C TRP A 43 2.77 6.93 -6.33
N ALA A 44 2.89 7.91 -7.20
CA ALA A 44 3.85 7.85 -8.31
C ALA A 44 4.99 8.85 -8.13
N ILE A 45 5.12 9.40 -6.92
CA ILE A 45 6.11 10.42 -6.65
C ILE A 45 7.45 9.79 -6.28
N ASN A 46 8.53 10.42 -6.68
CA ASN A 46 9.85 10.00 -6.28
C ASN A 46 10.80 11.17 -6.31
N THR A 47 11.24 11.58 -5.13
CA THR A 47 12.15 12.69 -5.02
C THR A 47 13.59 12.27 -5.26
N GLY A 48 13.83 10.95 -5.21
CA GLY A 48 15.18 10.44 -5.37
C GLY A 48 15.83 10.21 -4.03
N ASN A 49 15.01 10.09 -2.99
CA ASN A 49 15.51 9.94 -1.62
C ASN A 49 15.80 8.47 -1.30
N GLY A 50 15.47 7.60 -2.23
CA GLY A 50 15.72 6.18 -2.06
C GLY A 50 14.50 5.45 -1.56
N TYR A 51 13.53 6.20 -1.10
CA TYR A 51 12.24 5.65 -0.73
C TYR A 51 11.24 6.07 -1.76
N TYR A 52 10.39 5.17 -2.17
CA TYR A 52 9.57 5.39 -3.35
C TYR A 52 8.17 5.82 -2.96
N GLY A 53 7.49 6.51 -3.88
CA GLY A 53 6.26 7.22 -3.58
C GLY A 53 5.12 6.35 -3.10
N GLY A 54 3.97 6.98 -2.90
CA GLY A 54 2.82 6.29 -2.34
C GLY A 54 2.85 6.33 -0.84
N VAL A 55 3.20 5.21 -0.22
CA VAL A 55 3.32 5.15 1.22
C VAL A 55 4.70 5.65 1.61
N GLN A 56 5.49 5.93 0.57
CA GLN A 56 6.78 6.61 0.67
C GLN A 56 7.75 5.88 1.60
N PHE A 57 7.82 4.57 1.45
CA PHE A 57 8.80 3.81 2.21
C PHE A 57 9.87 3.24 1.29
N ASP A 58 10.93 2.73 1.88
CA ASP A 58 12.15 2.44 1.14
C ASP A 58 12.05 1.15 0.35
N GLN A 59 12.84 1.11 -0.72
CA GLN A 59 12.90 -0.01 -1.63
C GLN A 59 13.42 -1.25 -0.92
N GLY A 60 14.26 -1.04 0.06
CA GLY A 60 14.79 -2.16 0.83
C GLY A 60 13.70 -2.89 1.58
N THR A 61 12.89 -2.14 2.29
CA THR A 61 11.73 -2.66 2.99
C THR A 61 10.69 -3.20 2.01
N TRP A 62 10.48 -2.45 0.93
CA TRP A 62 9.57 -2.84 -0.11
C TRP A 62 9.96 -4.20 -0.65
N GLU A 63 11.24 -4.33 -0.95
CA GLU A 63 11.78 -5.55 -1.49
C GLU A 63 11.74 -6.66 -0.43
N ALA A 64 11.94 -6.27 0.83
CA ALA A 64 11.94 -7.23 1.93
C ALA A 64 10.57 -7.90 2.06
N ASN A 65 9.52 -7.12 1.90
CA ASN A 65 8.17 -7.64 1.95
C ASN A 65 7.79 -8.29 0.63
N GLY A 66 8.63 -8.08 -0.38
CA GLY A 66 8.42 -8.67 -1.67
C GLY A 66 7.47 -7.85 -2.53
N GLY A 67 7.72 -6.55 -2.59
CA GLY A 67 6.84 -5.66 -3.30
C GLY A 67 7.06 -5.69 -4.79
N LEU A 68 8.22 -6.18 -5.21
CA LEU A 68 8.63 -6.13 -6.60
C LEU A 68 7.70 -6.90 -7.51
N ARG A 69 6.98 -7.86 -6.93
CA ARG A 69 5.99 -8.64 -7.66
C ARG A 69 4.81 -7.76 -8.03
N TYR A 70 4.52 -6.79 -7.18
CA TYR A 70 3.45 -5.86 -7.41
C TYR A 70 3.98 -4.78 -8.33
N ALA A 71 5.26 -4.51 -8.12
CA ALA A 71 6.02 -3.51 -8.84
C ALA A 71 7.34 -3.34 -8.12
N PRO A 72 8.46 -3.53 -8.82
CA PRO A 72 9.80 -3.41 -8.22
C PRO A 72 10.05 -2.08 -7.54
N ARG A 73 9.12 -1.16 -7.68
CA ARG A 73 9.22 0.13 -7.04
C ARG A 73 7.82 0.59 -6.65
N ALA A 74 7.74 1.15 -5.45
CA ALA A 74 6.48 1.58 -4.86
C ALA A 74 5.73 2.55 -5.77
N ASP A 75 6.45 3.41 -6.46
CA ASP A 75 5.82 4.46 -7.24
C ASP A 75 5.31 3.95 -8.57
N LEU A 76 5.65 2.71 -8.88
CA LEU A 76 5.09 2.04 -10.04
C LEU A 76 3.79 1.37 -9.63
N ALA A 77 3.76 0.92 -8.38
CA ALA A 77 2.59 0.31 -7.80
C ALA A 77 1.59 1.38 -7.36
N THR A 78 0.33 1.01 -7.33
CA THR A 78 -0.73 1.91 -6.92
C THR A 78 -1.12 1.59 -5.48
N ARG A 79 -2.22 2.20 -5.02
CA ARG A 79 -2.68 2.03 -3.64
C ARG A 79 -2.75 0.56 -3.26
N GLU A 80 -3.39 -0.22 -4.13
CA GLU A 80 -3.64 -1.64 -3.86
C GLU A 80 -2.35 -2.42 -3.61
N GLU A 81 -1.34 -2.28 -4.48
CA GLU A 81 -0.07 -2.95 -4.29
C GLU A 81 0.66 -2.43 -3.05
N GLN A 82 0.79 -1.12 -2.95
CA GLN A 82 1.57 -0.52 -1.88
C GLN A 82 0.96 -0.85 -0.53
N ILE A 83 -0.36 -0.95 -0.48
CA ILE A 83 -1.02 -1.36 0.74
C ILE A 83 -0.54 -2.76 1.13
N ALA A 84 -0.55 -3.69 0.16
CA ALA A 84 -0.15 -5.07 0.41
C ALA A 84 1.28 -5.16 0.96
N VAL A 85 2.19 -4.45 0.32
CA VAL A 85 3.58 -4.45 0.73
C VAL A 85 3.76 -3.81 2.10
N ALA A 86 3.17 -2.63 2.28
CA ALA A 86 3.18 -1.96 3.56
C ALA A 86 2.54 -2.84 4.63
N GLU A 87 1.58 -3.65 4.19
CA GLU A 87 0.85 -4.54 5.10
C GLU A 87 1.80 -5.49 5.81
N VAL A 88 2.74 -6.06 5.06
CA VAL A 88 3.71 -6.98 5.66
C VAL A 88 4.59 -6.26 6.66
N THR A 89 5.18 -5.15 6.23
CA THR A 89 6.15 -4.48 7.07
C THR A 89 5.48 -3.76 8.25
N ARG A 90 4.26 -3.23 8.05
CA ARG A 90 3.57 -2.50 9.10
C ARG A 90 3.32 -3.39 10.31
N LEU A 91 2.97 -4.65 10.04
CA LEU A 91 2.57 -5.56 11.10
C LEU A 91 3.76 -6.01 11.94
N ARG A 92 4.94 -5.93 11.36
CA ARG A 92 6.15 -6.38 12.04
C ARG A 92 6.60 -5.33 13.02
N GLN A 93 6.65 -4.11 12.53
CA GLN A 93 7.26 -3.01 13.25
C GLN A 93 6.25 -2.16 14.02
N GLY A 94 5.02 -2.10 13.53
CA GLY A 94 3.97 -1.44 14.27
C GLY A 94 3.79 -0.01 13.82
N TRP A 95 3.87 0.16 12.50
CA TRP A 95 3.75 1.47 11.86
C TRP A 95 4.97 2.30 12.23
N GLY A 96 5.96 1.66 12.86
CA GLY A 96 7.15 2.33 13.32
C GLY A 96 7.96 2.94 12.19
N ALA A 97 7.94 2.30 11.03
CA ALA A 97 8.61 2.84 9.85
C ALA A 97 7.98 4.15 9.45
N TRP A 98 6.72 4.33 9.82
CA TRP A 98 6.02 5.55 9.51
C TRP A 98 5.81 6.38 10.79
N PRO A 99 6.59 7.46 10.95
CA PRO A 99 6.55 8.27 12.16
C PRO A 99 5.29 9.13 12.31
N VAL A 100 5.33 10.38 11.86
CA VAL A 100 4.22 11.30 12.05
C VAL A 100 3.05 10.90 11.16
N CYS A 101 3.37 10.26 10.06
CA CYS A 101 2.39 9.95 9.04
C CYS A 101 1.46 8.84 9.48
N ALA A 102 1.97 7.86 10.19
CA ALA A 102 1.14 6.76 10.66
C ALA A 102 0.20 7.25 11.75
N ALA A 103 0.73 8.05 12.68
CA ALA A 103 -0.07 8.59 13.76
C ALA A 103 -1.19 9.46 13.24
N ARG A 104 -0.90 10.20 12.17
CA ARG A 104 -1.88 11.05 11.51
C ARG A 104 -2.91 10.23 10.73
N ALA A 105 -2.53 9.02 10.36
CA ALA A 105 -3.36 8.17 9.52
C ALA A 105 -4.18 7.18 10.33
N GLY A 106 -3.74 6.89 11.54
CA GLY A 106 -4.41 5.92 12.38
C GLY A 106 -3.49 4.77 12.78
N ALA A 107 -2.39 5.11 13.44
CA ALA A 107 -1.36 4.15 13.83
C ALA A 107 -1.84 3.28 14.97
N ARG A 108 -1.34 2.06 15.01
CA ARG A 108 -1.80 1.07 15.96
C ARG A 108 -0.61 0.42 16.67
#